data_9E96
#
_entry.id   9E96
#
_cell.length_a   1.00
_cell.length_b   1.00
_cell.length_c   1.00
_cell.angle_alpha   90.00
_cell.angle_beta   90.00
_cell.angle_gamma   90.00
#
_symmetry.space_group_name_H-M   'P 1'
#
loop_
_entity.id
_entity.type
_entity.pdbx_description
1 polymer 'Structural polyprotein'
2 polymer 'Structural polyprotein'
3 polymer 'Capsid protein'
4 polymer Protocadherin-10
#
loop_
_entity_poly.entity_id
_entity_poly.type
_entity_poly.pdbx_seq_one_letter_code
_entity_poly.pdbx_strand_id
1 'polypeptide(L)'
;FEHATTVPNVPGIPYKALVERAGYAPLNLEITVVSSELTPSTNKEYVTCKFHTVVPSPQVKCCGSLECKASSKADYTCRV
FGGVYPFMWGGAQCFCDSENTQLSEAYVEFAPDCTIDHAVALKVHTAALKVGLRIVYGNTTARLDTFVNGVTPGSSRDLK
VIAGPISAAFSPFDHKVVIRKGLVYNYDFPEYGAMNPGAFGDIQASSLDATDIVARTDIRLLKPSVKNIHVPYTQAVSGY
EMWKNNSGRPLQETAPFGCKIEVEPLRATNCAYGHIPISIDIPDAAFVRSSESPTILEVSCTVADCIYSADFGGSLTLQY
KANREGHCPVHSHSTTAVLKEATTHVTATGSITLHFSTSSPQANFIVSLCGKKTTCNAECKPPADHIIGEPHKVDQEFQA
AVSKTSWNWLLALFGGASSLIVVGLIVLVCSSMLINTRR
;
A,F,J,N
2 'polypeptide(L)'
;PYLGFCPYCRHSAPCFSPIKIENVWDESDDGSIRIQVSAQFGYNQAGTADVTKFRYMSYDHDHDIKEDSMEKLAISTSGP
CRRLGHKGYFLLAQCPPGDSVTVSITSGASENSCTVEKKIRRKFVGREEYLFPPVHGKLVKCHVYDHLKETSAGYITMHR
PGPHAYKSYLEEASGEVYIKPPSGKNVTYECKCGDYSTGIVSTRTKMNGCTKAKQCIAYKRDQTKWVFNSPDLIRHTDHS
VQGKLHIPFRLTPTVCPVPLAHTPTVTKWFKGITLHLTATRPTLLTTRKLGLRADATAEWITGTTSRNFSVGREGLEYVW
GNHEPVRVWAQESAPGDPHGWPHEIIIHYYHRHPVYTVIVLCGVALAILVGTASSAACIAKARRDCLTPYALAPNATVPT
ALAVLCCI
;
B,G,K,O
3 'polypeptide(L)'
;ESDKTFPIMLNGQVNGYACVVGGRLMKPLHVEGKIDNEQLAAVKLKKASMYDLEYGDVPQNMKSDTLQYTSDKPPGFYNW
HHGAVQYENGRFTVPRGVGGKGDSGRPILDNRGRVVAIVLGGANEGTRTALSVVTWNQKGVTIKDTPEGSEPW
;
E,I,M,R
4 'polypeptide(L)'
;QLHYTVQEEQEHGTFVGNIAEDLGLDITKLSARGFQTVPNSRTPYLDLNLETGVLYVNEKIDREQICKQSPSCVLHLEVF
LENPLELFQVEIEVLDINDNPPSF
;
H,L,P,Q
#
# COMPACT_ATOMS: atom_id res chain seq x y z
N PHE A 1 -14.21 -61.72 30.85
CA PHE A 1 -13.10 -60.94 31.38
C PHE A 1 -13.40 -59.46 31.24
N GLU A 2 -13.11 -58.69 32.27
CA GLU A 2 -13.39 -57.27 32.31
C GLU A 2 -12.10 -56.47 32.16
N HIS A 3 -12.12 -55.48 31.29
CA HIS A 3 -10.99 -54.60 31.05
C HIS A 3 -11.40 -53.15 31.16
N ALA A 4 -10.49 -52.34 31.71
CA ALA A 4 -10.68 -50.91 31.85
C ALA A 4 -9.63 -50.15 31.04
N THR A 5 -10.06 -49.06 30.40
CA THR A 5 -9.18 -48.23 29.61
C THR A 5 -9.75 -46.81 29.60
N THR A 6 -9.01 -45.89 28.98
CA THR A 6 -9.47 -44.52 28.79
C THR A 6 -9.22 -44.10 27.34
N VAL A 7 -10.29 -44.06 26.56
CA VAL A 7 -10.21 -43.80 25.12
C VAL A 7 -10.37 -42.32 24.80
N PRO A 8 -9.48 -41.74 24.00
CA PRO A 8 -9.66 -40.35 23.59
C PRO A 8 -10.91 -40.21 22.75
N ASN A 9 -11.74 -39.22 23.09
CA ASN A 9 -13.00 -38.94 22.40
C ASN A 9 -12.76 -38.14 21.11
N VAL A 10 -12.18 -38.82 20.13
CA VAL A 10 -11.92 -38.15 18.85
C VAL A 10 -12.50 -38.96 17.71
N PRO A 11 -13.74 -38.68 17.30
CA PRO A 11 -14.39 -39.48 16.26
C PRO A 11 -13.53 -39.61 15.02
N GLY A 12 -13.40 -40.83 14.54
CA GLY A 12 -12.67 -41.10 13.31
C GLY A 12 -11.26 -41.60 13.51
N ILE A 13 -10.86 -41.94 14.73
CA ILE A 13 -9.51 -42.37 15.04
C ILE A 13 -9.61 -43.68 15.81
N PRO A 14 -9.12 -44.78 15.28
CA PRO A 14 -9.07 -45.99 16.09
C PRO A 14 -8.08 -45.85 17.22
N TYR A 15 -8.42 -46.46 18.35
CA TYR A 15 -7.51 -46.63 19.47
C TYR A 15 -7.28 -48.10 19.71
N LYS A 16 -6.01 -48.49 19.79
CA LYS A 16 -5.62 -49.88 19.92
C LYS A 16 -5.09 -50.15 21.32
N ALA A 17 -5.43 -51.31 21.86
CA ALA A 17 -4.88 -51.75 23.14
C ALA A 17 -4.70 -53.25 23.08
N LEU A 18 -3.84 -53.75 23.97
CA LEU A 18 -3.61 -55.18 24.10
C LEU A 18 -4.00 -55.66 25.48
N VAL A 19 -4.79 -56.72 25.53
CA VAL A 19 -5.15 -57.36 26.79
C VAL A 19 -4.31 -58.63 26.94
N GLU A 20 -3.52 -58.69 28.01
CA GLU A 20 -2.62 -59.81 28.25
C GLU A 20 -3.17 -60.58 29.45
N ARG A 21 -4.13 -61.46 29.18
CA ARG A 21 -4.61 -62.34 30.23
C ARG A 21 -3.55 -63.41 30.49
N ALA A 22 -3.25 -63.63 31.76
CA ALA A 22 -2.09 -64.46 32.13
C ALA A 22 -2.23 -65.88 31.60
N GLY A 23 -3.39 -66.50 31.79
CA GLY A 23 -3.59 -67.86 31.31
C GLY A 23 -3.65 -67.97 29.80
N TYR A 24 -4.25 -66.99 29.15
CA TYR A 24 -4.55 -67.11 27.73
C TYR A 24 -3.45 -66.45 26.91
N ALA A 25 -3.60 -66.54 25.59
CA ALA A 25 -2.75 -65.77 24.70
C ALA A 25 -3.16 -64.31 24.67
N PRO A 26 -2.24 -63.42 24.33
CA PRO A 26 -2.59 -62.00 24.21
C PRO A 26 -3.59 -61.77 23.09
N LEU A 27 -4.45 -60.78 23.30
CA LEU A 27 -5.50 -60.45 22.36
C LEU A 27 -5.46 -58.96 22.04
N ASN A 28 -5.80 -58.64 20.79
CA ASN A 28 -5.80 -57.24 20.38
C ASN A 28 -7.13 -56.61 20.75
N LEU A 29 -7.10 -55.29 20.86
CA LEU A 29 -8.32 -54.53 21.14
C LEU A 29 -8.14 -53.17 20.51
N GLU A 30 -8.90 -52.92 19.46
CA GLU A 30 -8.93 -51.62 18.79
C GLU A 30 -10.31 -51.02 18.93
N ILE A 31 -10.38 -49.77 19.36
CA ILE A 31 -11.62 -49.10 19.70
C ILE A 31 -11.75 -47.84 18.87
N THR A 32 -12.90 -47.64 18.25
CA THR A 32 -13.18 -46.43 17.49
C THR A 32 -14.51 -45.85 17.93
N VAL A 33 -14.53 -44.54 18.11
CA VAL A 33 -15.76 -43.79 18.36
C VAL A 33 -16.36 -43.38 17.02
N VAL A 34 -17.35 -44.14 16.55
CA VAL A 34 -17.95 -43.84 15.25
C VAL A 34 -18.70 -42.51 15.27
N SER A 35 -19.47 -42.25 16.31
CA SER A 35 -20.22 -40.99 16.38
C SER A 35 -20.52 -40.66 17.83
N SER A 36 -20.69 -39.37 18.09
CA SER A 36 -21.15 -38.90 19.38
C SER A 36 -22.33 -37.96 19.23
N GLU A 37 -23.11 -37.85 20.30
CA GLU A 37 -24.30 -37.00 20.31
C GLU A 37 -24.42 -36.46 21.73
N LEU A 38 -23.96 -35.23 21.93
CA LEU A 38 -24.14 -34.50 23.17
C LEU A 38 -25.45 -33.72 23.16
N THR A 39 -26.44 -34.23 23.88
CA THR A 39 -27.75 -33.61 23.91
C THR A 39 -28.12 -33.17 25.32
N PRO A 40 -28.46 -31.91 25.51
CA PRO A 40 -28.90 -31.40 26.80
C PRO A 40 -30.40 -31.57 27.02
N SER A 41 -30.83 -31.21 28.23
CA SER A 41 -32.24 -31.11 28.59
C SER A 41 -32.68 -29.65 28.59
N THR A 42 -33.78 -29.37 27.89
CA THR A 42 -34.22 -28.02 27.61
C THR A 42 -35.70 -27.82 27.88
N ASN A 43 -36.07 -26.59 28.22
CA ASN A 43 -37.47 -26.18 28.38
C ASN A 43 -37.71 -24.91 27.57
N LYS A 44 -38.85 -24.87 26.88
CA LYS A 44 -39.24 -23.75 26.02
C LYS A 44 -39.82 -22.60 26.85
N GLU A 45 -39.12 -21.47 26.88
CA GLU A 45 -39.66 -20.30 27.56
C GLU A 45 -40.73 -19.56 26.74
N TYR A 46 -40.47 -19.26 25.48
CA TYR A 46 -41.48 -18.61 24.64
C TYR A 46 -41.05 -18.63 23.19
N VAL A 47 -41.94 -18.14 22.33
CA VAL A 47 -41.70 -17.92 20.91
C VAL A 47 -41.96 -16.45 20.57
N THR A 48 -41.24 -15.95 19.58
CA THR A 48 -41.37 -14.51 19.21
C THR A 48 -41.21 -14.34 17.70
N CYS A 49 -41.69 -13.22 17.16
CA CYS A 49 -41.58 -12.96 15.70
C CYS A 49 -41.95 -11.50 15.44
N LYS A 50 -42.33 -11.17 14.20
CA LYS A 50 -42.75 -9.79 13.86
C LYS A 50 -44.18 -9.58 14.34
N PHE A 51 -44.43 -8.54 15.14
CA PHE A 51 -45.78 -8.24 15.55
C PHE A 51 -46.51 -7.52 14.42
N HIS A 52 -47.78 -7.85 14.27
CA HIS A 52 -48.71 -7.08 13.44
C HIS A 52 -49.49 -6.12 14.33
N THR A 53 -49.26 -4.83 14.13
CA THR A 53 -49.98 -3.85 14.94
C THR A 53 -51.38 -3.68 14.37
N VAL A 54 -52.32 -4.41 14.94
CA VAL A 54 -53.70 -4.35 14.52
C VAL A 54 -54.39 -3.17 15.18
N VAL A 55 -55.19 -2.45 14.41
CA VAL A 55 -55.89 -1.27 14.89
C VAL A 55 -57.37 -1.46 14.64
N PRO A 56 -58.15 -1.74 15.68
CA PRO A 56 -59.59 -1.87 15.49
C PRO A 56 -60.19 -0.61 14.92
N SER A 57 -61.27 -0.77 14.18
CA SER A 57 -61.97 0.37 13.64
C SER A 57 -62.47 1.27 14.77
N PRO A 58 -62.16 2.57 14.73
CA PRO A 58 -62.52 3.46 15.84
C PRO A 58 -64.02 3.63 15.99
N GLN A 59 -64.43 3.92 17.23
CA GLN A 59 -65.80 4.28 17.54
C GLN A 59 -65.83 5.71 18.08
N VAL A 60 -66.93 6.41 17.80
CA VAL A 60 -67.15 7.77 18.27
C VAL A 60 -68.47 7.85 19.02
N LYS A 61 -68.44 8.41 20.23
CA LYS A 61 -69.66 8.85 20.90
C LYS A 61 -69.95 10.26 20.42
N CYS A 62 -71.02 10.38 19.63
CA CYS A 62 -71.17 11.52 18.73
C CYS A 62 -71.31 12.85 19.48
N CYS A 63 -72.07 12.86 20.57
CA CYS A 63 -72.21 14.06 21.39
C CYS A 63 -72.22 13.69 22.87
N GLY A 64 -71.31 12.82 23.28
CA GLY A 64 -71.28 12.35 24.65
C GLY A 64 -69.88 12.18 25.16
N SER A 65 -69.59 11.04 25.78
CA SER A 65 -68.24 10.78 26.28
C SER A 65 -67.99 9.28 26.24
N LEU A 66 -66.70 8.93 26.21
CA LEU A 66 -66.27 7.54 26.24
C LEU A 66 -65.17 7.38 27.27
N GLU A 67 -65.04 6.17 27.78
CA GLU A 67 -64.04 5.83 28.78
C GLU A 67 -63.22 4.64 28.30
N CYS A 68 -61.92 4.69 28.57
CA CYS A 68 -61.04 3.60 28.19
C CYS A 68 -61.30 2.38 29.07
N LYS A 69 -61.62 1.25 28.45
CA LYS A 69 -61.81 0.01 29.15
C LYS A 69 -60.47 -0.60 29.52
N ALA A 70 -60.50 -1.77 30.16
CA ALA A 70 -59.30 -2.48 30.59
C ALA A 70 -59.37 -3.88 29.98
N SER A 71 -58.88 -4.01 28.75
CA SER A 71 -58.83 -5.27 28.05
C SER A 71 -57.56 -6.03 28.40
N SER A 72 -57.46 -7.24 27.87
CA SER A 72 -56.33 -8.12 28.09
C SER A 72 -55.68 -8.49 26.78
N LYS A 73 -55.59 -7.54 25.86
CA LYS A 73 -54.79 -7.77 24.68
C LYS A 73 -53.32 -7.52 24.99
N ALA A 74 -52.48 -7.86 24.03
CA ALA A 74 -51.04 -7.67 24.17
C ALA A 74 -50.69 -6.22 23.96
N ASP A 75 -50.05 -5.60 24.96
CA ASP A 75 -49.67 -4.18 24.91
C ASP A 75 -50.87 -3.29 24.62
N TYR A 76 -52.01 -3.63 25.21
CA TYR A 76 -53.26 -2.98 24.88
C TYR A 76 -53.18 -1.50 25.19
N THR A 77 -53.63 -0.66 24.26
CA THR A 77 -53.48 0.77 24.41
C THR A 77 -54.71 1.49 23.86
N CYS A 78 -55.37 2.25 24.74
CA CYS A 78 -56.59 2.97 24.39
C CYS A 78 -56.49 4.40 24.89
N ARG A 79 -56.92 5.35 24.06
CA ARG A 79 -57.03 6.74 24.49
C ARG A 79 -58.33 7.35 23.98
N VAL A 80 -58.73 8.43 24.63
CA VAL A 80 -59.92 9.19 24.29
C VAL A 80 -59.53 10.63 24.00
N PHE A 81 -60.03 11.16 22.89
CA PHE A 81 -59.79 12.54 22.49
C PHE A 81 -61.09 13.32 22.51
N GLY A 82 -60.98 14.63 22.71
CA GLY A 82 -62.13 15.52 22.71
C GLY A 82 -62.73 15.74 21.33
N GLY A 83 -63.40 16.88 21.13
CA GLY A 83 -64.11 17.12 19.90
C GLY A 83 -63.27 17.06 18.63
N VAL A 84 -63.66 16.20 17.69
CA VAL A 84 -62.93 15.99 16.45
C VAL A 84 -63.75 16.38 15.23
N TYR A 85 -65.05 16.15 15.27
CA TYR A 85 -65.98 16.50 14.20
C TYR A 85 -65.50 15.91 12.87
N PRO A 86 -65.51 14.58 12.76
CA PRO A 86 -64.85 13.90 11.64
C PRO A 86 -65.67 13.98 10.37
N PHE A 87 -64.98 13.85 9.24
CA PHE A 87 -65.65 13.80 7.95
C PHE A 87 -65.18 12.57 7.17
N MET A 88 -66.08 12.08 6.31
CA MET A 88 -65.82 10.92 5.48
C MET A 88 -66.19 11.26 4.04
N TRP A 89 -65.90 10.32 3.13
CA TRP A 89 -66.36 10.46 1.76
C TRP A 89 -67.84 10.80 1.69
N GLY A 90 -68.63 10.22 2.58
CA GLY A 90 -70.04 10.58 2.66
C GLY A 90 -70.24 11.99 3.16
N GLY A 91 -69.37 12.45 4.06
CA GLY A 91 -69.39 13.82 4.51
C GLY A 91 -69.13 13.91 5.99
N ALA A 92 -69.77 14.87 6.66
CA ALA A 92 -69.68 14.95 8.11
C ALA A 92 -70.23 13.69 8.74
N GLN A 93 -69.75 13.41 9.95
CA GLN A 93 -70.11 12.20 10.66
C GLN A 93 -70.83 12.46 11.97
N CYS A 94 -70.88 13.71 12.43
CA CYS A 94 -71.49 14.01 13.71
C CYS A 94 -72.13 15.39 13.66
N PHE A 95 -72.84 15.72 14.73
CA PHE A 95 -73.70 16.89 14.80
C PHE A 95 -73.32 17.83 15.93
N CYS A 96 -72.22 17.57 16.62
CA CYS A 96 -71.73 18.43 17.68
C CYS A 96 -70.29 18.78 17.34
N ASP A 97 -70.05 20.06 17.03
CA ASP A 97 -68.70 20.54 16.74
C ASP A 97 -67.76 20.37 17.92
N SER A 98 -68.29 20.42 19.14
CA SER A 98 -67.54 20.11 20.35
C SER A 98 -68.16 18.90 21.03
N GLU A 99 -67.54 18.48 22.12
CA GLU A 99 -67.93 17.31 22.90
C GLU A 99 -68.30 16.13 21.99
N ASN A 100 -67.41 15.88 21.03
CA ASN A 100 -67.64 14.94 19.95
C ASN A 100 -66.50 13.92 20.01
N THR A 101 -66.36 13.30 21.18
CA THR A 101 -65.20 12.49 21.51
C THR A 101 -65.00 11.33 20.54
N GLN A 102 -63.75 10.84 20.52
CA GLN A 102 -63.37 9.64 19.80
C GLN A 102 -62.56 8.74 20.72
N LEU A 103 -62.71 7.43 20.53
CA LEU A 103 -61.92 6.43 21.24
C LEU A 103 -60.95 5.74 20.27
N SER A 104 -59.66 5.90 20.53
CA SER A 104 -58.61 5.27 19.73
C SER A 104 -58.11 4.00 20.39
N GLU A 105 -58.10 2.90 19.64
CA GLU A 105 -57.78 1.59 20.18
C GLU A 105 -56.72 0.92 19.31
N ALA A 106 -55.75 0.27 19.95
CA ALA A 106 -54.76 -0.49 19.20
C ALA A 106 -54.16 -1.57 20.08
N TYR A 107 -53.77 -2.68 19.46
CA TYR A 107 -53.02 -3.74 20.12
C TYR A 107 -52.27 -4.51 19.06
N VAL A 108 -51.63 -5.60 19.47
CA VAL A 108 -50.83 -6.40 18.55
C VAL A 108 -51.23 -7.87 18.61
N GLU A 109 -50.98 -8.57 17.51
CA GLU A 109 -51.09 -10.01 17.41
C GLU A 109 -49.89 -10.50 16.61
N PHE A 110 -49.80 -11.81 16.44
CA PHE A 110 -48.74 -12.35 15.62
C PHE A 110 -49.04 -12.12 14.15
N ALA A 111 -48.00 -11.77 13.41
CA ALA A 111 -48.14 -11.59 11.98
C ALA A 111 -48.51 -12.92 11.33
N PRO A 112 -49.24 -12.94 10.18
CA PRO A 112 -49.67 -14.20 9.58
C PRO A 112 -48.49 -15.00 9.03
N ASP A 113 -47.31 -14.38 8.93
CA ASP A 113 -46.12 -15.06 8.36
C ASP A 113 -45.27 -15.63 9.51
N CYS A 114 -45.69 -15.40 10.75
CA CYS A 114 -44.90 -15.87 11.93
C CYS A 114 -44.89 -17.41 11.98
N THR A 115 -45.88 -18.05 11.35
CA THR A 115 -45.98 -19.53 11.40
C THR A 115 -44.62 -20.14 11.03
N ILE A 116 -43.98 -19.63 9.98
CA ILE A 116 -42.63 -20.12 9.57
C ILE A 116 -41.56 -19.20 10.16
N ASP A 117 -41.80 -17.89 10.11
CA ASP A 117 -40.78 -16.91 10.59
C ASP A 117 -40.99 -16.64 12.08
N HIS A 118 -40.41 -17.47 12.95
CA HIS A 118 -40.51 -17.26 14.41
C HIS A 118 -39.25 -17.81 15.11
N ALA A 119 -39.00 -17.37 16.33
CA ALA A 119 -37.80 -17.84 17.08
C ALA A 119 -38.23 -18.44 18.43
N VAL A 120 -37.56 -19.51 18.86
CA VAL A 120 -37.89 -20.16 20.12
C VAL A 120 -36.76 -19.90 21.10
N ALA A 121 -37.11 -19.51 22.32
CA ALA A 121 -36.15 -19.29 23.39
C ALA A 121 -36.14 -20.49 24.32
N LEU A 122 -34.95 -21.02 24.56
CA LEU A 122 -34.79 -22.19 25.40
C LEU A 122 -33.74 -21.94 26.46
N LYS A 123 -33.83 -22.68 27.56
CA LYS A 123 -32.72 -22.81 28.48
C LYS A 123 -32.18 -24.22 28.41
N VAL A 124 -30.87 -24.34 28.63
CA VAL A 124 -30.22 -25.64 28.67
C VAL A 124 -29.70 -25.91 30.07
N HIS A 125 -29.52 -27.19 30.36
CA HIS A 125 -28.96 -27.67 31.61
C HIS A 125 -27.75 -28.53 31.30
N THR A 126 -27.29 -29.25 32.31
CA THR A 126 -26.22 -30.21 32.12
C THR A 126 -26.60 -31.17 31.00
N ALA A 127 -25.65 -31.40 30.09
CA ALA A 127 -25.91 -32.23 28.93
C ALA A 127 -25.32 -33.61 29.15
N ALA A 128 -26.08 -34.63 28.76
CA ALA A 128 -25.62 -36.00 28.81
C ALA A 128 -25.05 -36.35 27.44
N LEU A 129 -23.86 -36.94 27.44
CA LEU A 129 -23.18 -37.29 26.21
C LEU A 129 -23.40 -38.75 25.88
N LYS A 130 -23.96 -39.00 24.69
CA LYS A 130 -24.20 -40.35 24.20
C LYS A 130 -23.26 -40.64 23.04
N VAL A 131 -22.73 -41.86 22.98
CA VAL A 131 -21.76 -42.24 21.96
C VAL A 131 -22.13 -43.57 21.31
N GLY A 132 -21.97 -43.61 19.98
CA GLY A 132 -21.94 -44.87 19.27
C GLY A 132 -20.52 -45.35 19.07
N LEU A 133 -20.26 -46.60 19.44
CA LEU A 133 -18.92 -47.18 19.40
C LEU A 133 -18.89 -48.36 18.47
N ARG A 134 -17.86 -48.43 17.63
CA ARG A 134 -17.48 -49.67 16.97
C ARG A 134 -16.21 -50.16 17.63
N ILE A 135 -16.30 -51.34 18.23
CA ILE A 135 -15.23 -51.93 19.00
C ILE A 135 -14.96 -53.33 18.45
N VAL A 136 -13.70 -53.65 18.21
CA VAL A 136 -13.33 -54.95 17.66
C VAL A 136 -12.34 -55.62 18.60
N TYR A 137 -12.58 -56.90 18.85
CA TYR A 137 -11.67 -57.75 19.61
C TYR A 137 -11.50 -59.04 18.84
N GLY A 138 -10.25 -59.37 18.51
CA GLY A 138 -9.94 -60.54 17.72
C GLY A 138 -10.61 -60.51 16.38
N ASN A 139 -11.68 -61.29 16.21
CA ASN A 139 -12.48 -61.22 15.01
C ASN A 139 -13.78 -60.43 15.18
N THR A 140 -14.42 -60.54 16.35
CA THR A 140 -15.71 -59.90 16.56
C THR A 140 -15.59 -58.39 16.48
N THR A 141 -16.66 -57.76 16.00
CA THR A 141 -16.64 -56.34 15.69
C THR A 141 -18.01 -55.72 15.90
N ALA A 142 -18.69 -56.09 16.99
CA ALA A 142 -20.04 -55.56 17.20
C ALA A 142 -19.97 -54.08 17.57
N ARG A 143 -21.08 -53.40 17.36
CA ARG A 143 -21.22 -52.00 17.74
C ARG A 143 -22.25 -51.87 18.85
N LEU A 144 -22.47 -50.64 19.29
CA LEU A 144 -23.35 -50.35 20.41
C LEU A 144 -23.46 -48.87 20.70
N ASP A 145 -24.64 -48.41 21.09
CA ASP A 145 -24.86 -47.07 21.59
C ASP A 145 -24.95 -47.08 23.10
N THR A 146 -24.22 -46.18 23.75
CA THR A 146 -24.20 -46.11 25.21
C THR A 146 -24.19 -44.68 25.68
N PHE A 147 -24.57 -44.49 26.94
CA PHE A 147 -24.54 -43.20 27.60
C PHE A 147 -23.29 -43.08 28.45
N VAL A 148 -22.57 -41.97 28.30
CA VAL A 148 -21.26 -41.78 28.90
C VAL A 148 -21.47 -41.06 30.22
N ASN A 149 -21.69 -41.82 31.27
CA ASN A 149 -21.93 -41.25 32.58
C ASN A 149 -21.21 -42.00 33.69
N GLY A 150 -20.63 -43.16 33.40
CA GLY A 150 -19.98 -43.97 34.39
C GLY A 150 -20.90 -44.91 35.12
N VAL A 151 -22.19 -44.94 34.77
CA VAL A 151 -23.13 -45.77 35.50
C VAL A 151 -23.89 -46.68 34.54
N THR A 152 -24.54 -46.08 33.57
CA THR A 152 -25.40 -46.83 32.65
C THR A 152 -24.56 -47.73 31.76
N PRO A 153 -24.82 -49.04 31.72
CA PRO A 153 -24.04 -49.93 30.88
C PRO A 153 -24.63 -50.09 29.49
N GLY A 154 -23.75 -50.12 28.51
CA GLY A 154 -24.16 -50.29 27.13
C GLY A 154 -24.15 -51.74 26.68
N SER A 155 -25.07 -52.51 27.23
CA SER A 155 -25.17 -53.93 26.89
C SER A 155 -25.31 -54.12 25.39
N SER A 156 -24.49 -55.01 24.84
CA SER A 156 -24.63 -55.41 23.45
C SER A 156 -25.05 -56.89 23.39
N ARG A 157 -24.81 -57.52 22.24
CA ARG A 157 -25.14 -58.93 22.04
C ARG A 157 -24.70 -59.79 23.22
N ASP A 158 -23.45 -59.64 23.63
CA ASP A 158 -22.93 -60.24 24.84
C ASP A 158 -21.87 -59.33 25.41
N LEU A 159 -21.25 -58.55 24.55
CA LEU A 159 -20.23 -57.62 24.99
C LEU A 159 -20.87 -56.59 25.91
N LYS A 160 -20.45 -56.59 27.17
CA LYS A 160 -20.92 -55.61 28.14
C LYS A 160 -19.87 -54.55 28.38
N VAL A 161 -20.31 -53.30 28.39
CA VAL A 161 -19.41 -52.16 28.53
C VAL A 161 -20.08 -51.10 29.38
N ILE A 162 -19.27 -50.45 30.21
CA ILE A 162 -19.63 -49.19 30.86
C ILE A 162 -18.60 -48.16 30.46
N ALA A 163 -19.08 -46.93 30.26
CA ALA A 163 -18.24 -45.84 29.79
C ALA A 163 -18.45 -44.61 30.65
N GLY A 164 -17.39 -43.83 30.77
CA GLY A 164 -17.46 -42.56 31.45
C GLY A 164 -17.19 -42.64 32.93
N PRO A 165 -17.40 -41.53 33.65
CA PRO A 165 -17.93 -40.24 33.19
C PRO A 165 -16.92 -39.51 32.33
N ILE A 166 -17.39 -38.51 31.57
CA ILE A 166 -16.48 -37.70 30.77
C ILE A 166 -15.42 -37.03 31.62
N SER A 167 -14.20 -36.98 31.07
CA SER A 167 -13.05 -36.47 31.81
C SER A 167 -13.21 -35.01 32.18
N ALA A 168 -13.83 -34.21 31.31
CA ALA A 168 -14.09 -32.81 31.62
C ALA A 168 -15.42 -32.40 31.01
N ALA A 169 -16.43 -32.19 31.85
CA ALA A 169 -17.74 -31.86 31.32
C ALA A 169 -17.66 -30.53 30.58
N PHE A 170 -18.36 -30.46 29.46
CA PHE A 170 -18.37 -29.26 28.63
C PHE A 170 -19.68 -29.15 27.87
N SER A 171 -20.11 -27.92 27.65
CA SER A 171 -21.34 -27.73 26.90
C SER A 171 -21.19 -26.55 25.95
N PRO A 172 -21.40 -26.74 24.65
CA PRO A 172 -21.30 -25.61 23.72
C PRO A 172 -22.40 -24.60 23.90
N PHE A 173 -23.50 -24.96 24.50
CA PHE A 173 -24.59 -24.02 24.72
C PHE A 173 -24.36 -23.20 25.97
N ASP A 174 -24.45 -21.89 25.85
CA ASP A 174 -24.53 -21.07 27.04
C ASP A 174 -25.89 -21.28 27.69
N HIS A 175 -26.09 -20.63 28.82
CA HIS A 175 -27.29 -20.90 29.61
C HIS A 175 -28.58 -20.60 28.86
N LYS A 176 -28.62 -19.53 28.07
CA LYS A 176 -29.80 -19.18 27.28
C LYS A 176 -29.54 -19.36 25.80
N VAL A 177 -30.48 -19.98 25.08
CA VAL A 177 -30.31 -20.25 23.66
C VAL A 177 -31.56 -19.86 22.87
N VAL A 178 -31.35 -19.47 21.61
CA VAL A 178 -32.43 -19.14 20.68
C VAL A 178 -32.23 -19.92 19.39
N ILE A 179 -33.28 -20.60 18.93
CA ILE A 179 -33.16 -21.42 17.69
C ILE A 179 -34.15 -20.87 16.65
N ARG A 180 -33.63 -20.41 15.50
CA ARG A 180 -34.50 -19.85 14.43
C ARG A 180 -34.17 -20.53 13.11
N LYS A 181 -35.15 -21.19 12.48
CA LYS A 181 -34.95 -21.81 11.14
C LYS A 181 -33.63 -22.59 11.13
N GLY A 182 -33.48 -23.58 12.01
CA GLY A 182 -32.27 -24.42 12.01
C GLY A 182 -31.09 -23.76 12.70
N LEU A 183 -30.88 -22.46 12.49
CA LEU A 183 -29.74 -21.78 13.07
C LEU A 183 -29.91 -21.66 14.58
N VAL A 184 -28.81 -21.76 15.30
CA VAL A 184 -28.79 -21.66 16.76
C VAL A 184 -27.96 -20.44 17.14
N TYR A 185 -28.46 -19.64 18.07
CA TYR A 185 -27.68 -18.54 18.62
C TYR A 185 -27.68 -18.58 20.15
N ASN A 186 -26.56 -18.11 20.72
CA ASN A 186 -26.40 -17.91 22.16
C ASN A 186 -26.65 -16.45 22.49
N TYR A 187 -27.91 -16.09 22.70
CA TYR A 187 -28.27 -14.72 23.02
C TYR A 187 -28.95 -14.69 24.37
N ASP A 188 -28.53 -13.80 25.27
CA ASP A 188 -29.20 -13.71 26.56
C ASP A 188 -30.49 -12.91 26.39
N PHE A 189 -31.49 -13.57 25.82
CA PHE A 189 -32.78 -12.91 25.66
C PHE A 189 -33.38 -12.57 27.02
N PRO A 190 -34.17 -11.51 27.10
CA PRO A 190 -34.82 -11.16 28.35
C PRO A 190 -35.88 -12.17 28.73
N GLU A 191 -36.10 -12.31 30.02
CA GLU A 191 -36.98 -13.33 30.56
C GLU A 191 -38.43 -13.06 30.16
N TYR A 192 -39.23 -14.11 30.28
CA TYR A 192 -40.65 -14.05 29.97
C TYR A 192 -41.38 -13.02 30.81
N GLY A 193 -42.09 -12.14 30.13
CA GLY A 193 -42.80 -11.06 30.77
C GLY A 193 -42.01 -9.78 30.88
N ALA A 194 -40.70 -9.84 30.75
CA ALA A 194 -39.87 -8.65 30.88
C ALA A 194 -39.58 -8.04 29.52
N MET A 195 -40.64 -7.80 28.75
CA MET A 195 -40.46 -7.26 27.42
C MET A 195 -39.91 -5.85 27.48
N ASN A 196 -38.98 -5.54 26.60
CA ASN A 196 -38.48 -4.21 26.47
C ASN A 196 -38.57 -3.84 25.01
N PRO A 197 -39.21 -2.74 24.67
CA PRO A 197 -39.47 -2.45 23.27
C PRO A 197 -38.19 -2.21 22.52
N GLY A 198 -38.21 -2.53 21.23
CA GLY A 198 -37.06 -2.26 20.42
C GLY A 198 -35.91 -3.21 20.63
N ALA A 199 -36.12 -4.30 21.34
CA ALA A 199 -35.08 -5.30 21.52
C ALA A 199 -35.71 -6.68 21.39
N PHE A 200 -34.84 -7.69 21.35
CA PHE A 200 -35.29 -9.02 21.04
C PHE A 200 -36.35 -9.45 22.03
N GLY A 201 -37.33 -10.21 21.56
CA GLY A 201 -38.34 -10.68 22.49
C GLY A 201 -39.21 -9.56 23.01
N ASP A 202 -39.50 -8.58 22.18
CA ASP A 202 -40.49 -7.60 22.58
C ASP A 202 -41.92 -8.12 22.60
N ILE A 203 -42.24 -9.14 21.82
CA ILE A 203 -43.51 -9.84 21.94
C ILE A 203 -43.25 -11.32 22.24
N GLN A 204 -43.91 -11.83 23.27
CA GLN A 204 -43.72 -13.23 23.65
C GLN A 204 -45.05 -13.91 23.87
N ALA A 205 -45.05 -15.22 23.63
CA ALA A 205 -46.18 -16.07 23.96
C ALA A 205 -45.70 -17.49 24.14
N SER A 206 -46.48 -18.27 24.88
CA SER A 206 -46.16 -19.67 25.11
C SER A 206 -46.29 -20.52 23.86
N SER A 207 -47.18 -20.16 22.93
CA SER A 207 -47.24 -20.92 21.70
C SER A 207 -47.88 -20.07 20.62
N LEU A 208 -47.70 -20.51 19.37
CA LEU A 208 -48.23 -19.74 18.26
C LEU A 208 -49.73 -19.55 18.37
N ASP A 209 -50.44 -20.57 18.82
CA ASP A 209 -51.88 -20.46 18.94
C ASP A 209 -52.32 -19.97 20.31
N ALA A 210 -51.39 -19.74 21.24
CA ALA A 210 -51.80 -19.32 22.57
C ALA A 210 -52.42 -17.92 22.51
N THR A 211 -53.51 -17.73 23.25
CA THR A 211 -54.22 -16.47 23.24
C THR A 211 -53.77 -15.50 24.32
N ASP A 212 -52.91 -15.91 25.24
CA ASP A 212 -52.40 -15.01 26.28
C ASP A 212 -51.06 -14.40 25.87
N ILE A 213 -51.05 -13.77 24.72
CA ILE A 213 -49.83 -13.15 24.22
C ILE A 213 -49.61 -11.85 24.99
N VAL A 214 -48.36 -11.61 25.40
CA VAL A 214 -48.00 -10.38 26.08
C VAL A 214 -46.84 -9.71 25.35
N ALA A 215 -46.95 -8.39 25.21
CA ALA A 215 -45.96 -7.60 24.49
C ALA A 215 -45.94 -6.21 25.11
N ARG A 216 -44.84 -5.50 24.90
CA ARG A 216 -44.72 -4.10 25.29
C ARG A 216 -43.90 -3.38 24.22
N THR A 217 -44.61 -2.79 23.26
CA THR A 217 -43.99 -2.16 22.10
C THR A 217 -43.96 -0.65 22.18
N ASP A 218 -44.35 -0.07 23.32
CA ASP A 218 -44.32 1.39 23.49
C ASP A 218 -45.23 2.11 22.49
N ILE A 219 -46.32 1.48 22.10
CA ILE A 219 -47.24 2.11 21.16
C ILE A 219 -47.95 3.27 21.86
N ARG A 220 -48.04 4.40 21.17
CA ARG A 220 -48.73 5.57 21.70
C ARG A 220 -49.56 6.24 20.62
N LEU A 221 -50.75 6.69 20.99
CA LEU A 221 -51.70 7.32 20.10
C LEU A 221 -51.67 8.83 20.21
N LEU A 222 -51.83 9.50 19.07
CA LEU A 222 -51.77 10.95 19.02
C LEU A 222 -53.14 11.52 18.68
N LYS A 223 -53.31 12.80 18.97
CA LYS A 223 -54.52 13.51 18.60
C LYS A 223 -54.68 13.56 17.08
N PRO A 224 -55.84 13.19 16.55
CA PRO A 224 -56.06 13.30 15.11
C PRO A 224 -56.22 14.76 14.71
N SER A 225 -55.32 15.24 13.86
CA SER A 225 -55.34 16.65 13.50
C SER A 225 -56.09 16.91 12.20
N VAL A 226 -55.93 16.03 11.21
CA VAL A 226 -56.71 16.15 9.99
C VAL A 226 -58.16 15.81 10.30
N LYS A 227 -59.08 16.42 9.54
CA LYS A 227 -60.50 16.20 9.78
C LYS A 227 -61.05 14.93 9.13
N ASN A 228 -60.28 14.27 8.28
CA ASN A 228 -60.70 12.95 7.85
C ASN A 228 -60.49 11.98 9.00
N ILE A 229 -61.44 11.07 9.20
CA ILE A 229 -61.26 10.10 10.25
C ILE A 229 -60.08 9.21 9.94
N HIS A 230 -59.18 9.10 10.91
CA HIS A 230 -58.06 8.18 10.89
C HIS A 230 -57.47 8.19 12.28
N VAL A 231 -56.89 7.08 12.68
CA VAL A 231 -56.18 7.01 13.95
C VAL A 231 -54.68 6.98 13.70
N PRO A 232 -53.95 7.98 14.15
CA PRO A 232 -52.49 7.97 14.08
C PRO A 232 -51.86 7.28 15.27
N TYR A 233 -50.67 6.74 15.06
CA TYR A 233 -49.92 6.08 16.11
C TYR A 233 -48.47 5.99 15.69
N THR A 234 -47.58 6.07 16.65
CA THR A 234 -46.18 5.80 16.44
C THR A 234 -45.72 4.71 17.40
N GLN A 235 -44.82 3.87 16.93
CA GLN A 235 -44.44 2.67 17.64
C GLN A 235 -43.00 2.35 17.31
N ALA A 236 -42.29 1.79 18.30
CA ALA A 236 -40.91 1.40 18.07
C ALA A 236 -40.83 0.29 17.04
N VAL A 237 -39.69 0.22 16.36
CA VAL A 237 -39.51 -0.81 15.36
C VAL A 237 -39.58 -2.18 16.00
N SER A 238 -39.86 -3.18 15.17
CA SER A 238 -39.89 -4.55 15.65
C SER A 238 -38.51 -4.99 16.08
N GLY A 239 -38.34 -5.21 17.39
CA GLY A 239 -37.04 -5.62 17.92
C GLY A 239 -36.62 -6.97 17.34
N TYR A 240 -37.60 -7.77 16.94
CA TYR A 240 -37.30 -9.09 16.33
C TYR A 240 -36.45 -8.86 15.09
N GLU A 241 -36.84 -7.89 14.27
CA GLU A 241 -36.09 -7.59 13.03
C GLU A 241 -34.72 -7.01 13.39
N MET A 242 -34.67 -6.10 14.37
CA MET A 242 -33.39 -5.57 14.80
C MET A 242 -32.42 -6.70 15.12
N TRP A 243 -32.89 -7.66 15.92
CA TRP A 243 -32.04 -8.82 16.28
C TRP A 243 -31.65 -9.56 15.00
N LYS A 244 -32.61 -9.81 14.12
CA LYS A 244 -32.34 -10.58 12.88
C LYS A 244 -31.18 -9.93 12.14
N ASN A 245 -31.15 -8.59 12.09
CA ASN A 245 -30.06 -7.87 11.39
C ASN A 245 -28.76 -7.99 12.19
N ASN A 246 -28.81 -7.70 13.49
CA ASN A 246 -27.61 -7.75 14.32
C ASN A 246 -27.37 -9.10 14.96
N SER A 247 -27.81 -10.18 14.30
CA SER A 247 -27.78 -11.48 14.93
C SER A 247 -26.36 -11.92 15.23
N GLY A 248 -25.43 -11.57 14.36
CA GLY A 248 -24.13 -12.19 14.39
C GLY A 248 -24.20 -13.53 13.70
N ARG A 249 -23.06 -14.19 13.63
CA ARG A 249 -23.01 -15.51 13.04
C ARG A 249 -23.67 -16.55 13.93
N PRO A 250 -24.27 -17.57 13.32
CA PRO A 250 -24.92 -18.62 14.11
C PRO A 250 -23.88 -19.56 14.72
N LEU A 251 -24.38 -20.45 15.57
CA LEU A 251 -23.51 -21.35 16.30
C LEU A 251 -22.91 -22.44 15.44
N GLN A 252 -23.47 -22.72 14.26
CA GLN A 252 -22.82 -23.64 13.34
C GLN A 252 -21.45 -23.17 12.90
N GLU A 253 -21.14 -21.89 13.05
CA GLU A 253 -19.86 -21.35 12.68
C GLU A 253 -19.06 -20.86 13.88
N THR A 254 -19.55 -21.12 15.09
CA THR A 254 -18.94 -20.52 16.27
C THR A 254 -18.80 -21.50 17.41
N ALA A 255 -19.45 -22.65 17.37
CA ALA A 255 -19.25 -23.64 18.41
C ALA A 255 -17.79 -24.08 18.38
N PRO A 256 -17.16 -24.23 19.51
CA PRO A 256 -15.77 -24.69 19.53
C PRO A 256 -15.68 -26.18 19.31
N PHE A 257 -14.45 -26.69 19.35
CA PHE A 257 -14.14 -28.10 19.27
C PHE A 257 -14.64 -28.74 17.98
N GLY A 258 -14.82 -27.95 16.94
CA GLY A 258 -15.31 -28.46 15.67
C GLY A 258 -16.62 -29.21 15.73
N CYS A 259 -17.57 -28.73 16.50
CA CYS A 259 -18.78 -29.48 16.79
C CYS A 259 -19.85 -29.12 15.76
N LYS A 260 -20.47 -30.13 15.16
CA LYS A 260 -21.52 -29.90 14.19
C LYS A 260 -22.89 -29.90 14.88
N ILE A 261 -23.48 -28.72 15.00
CA ILE A 261 -24.76 -28.49 15.66
C ILE A 261 -25.93 -28.88 14.78
N GLU A 262 -26.97 -29.44 15.39
CA GLU A 262 -28.18 -29.82 14.70
C GLU A 262 -29.34 -29.60 15.65
N VAL A 263 -30.56 -29.58 15.10
CA VAL A 263 -31.74 -29.20 15.86
C VAL A 263 -32.80 -30.27 15.76
N GLU A 264 -33.86 -30.09 16.55
CA GLU A 264 -35.03 -30.96 16.54
C GLU A 264 -34.67 -32.40 16.86
N PRO A 265 -34.27 -32.70 18.08
CA PRO A 265 -34.04 -31.82 19.22
C PRO A 265 -32.68 -31.17 19.17
N LEU A 266 -32.45 -30.18 20.04
CA LEU A 266 -31.14 -29.56 20.13
C LEU A 266 -30.10 -30.58 20.50
N ARG A 267 -28.98 -30.60 19.76
CA ARG A 267 -27.95 -31.57 20.04
C ARG A 267 -26.64 -31.12 19.43
N ALA A 268 -25.56 -31.77 19.85
CA ALA A 268 -24.22 -31.48 19.37
C ALA A 268 -23.48 -32.77 19.05
N THR A 269 -23.27 -33.04 17.76
CA THR A 269 -22.71 -34.30 17.32
C THR A 269 -21.22 -34.19 17.02
N ASN A 270 -20.55 -35.35 17.07
CA ASN A 270 -19.14 -35.49 16.71
C ASN A 270 -18.24 -34.48 17.40
N CYS A 271 -18.40 -34.34 18.71
CA CYS A 271 -17.71 -33.27 19.43
C CYS A 271 -16.48 -33.86 20.09
N ALA A 272 -15.31 -33.37 19.71
CA ALA A 272 -14.04 -33.99 20.07
C ALA A 272 -13.41 -33.20 21.20
N TYR A 273 -13.46 -33.75 22.41
CA TYR A 273 -12.87 -33.12 23.59
C TYR A 273 -12.84 -34.13 24.71
N GLY A 274 -11.77 -34.09 25.49
CA GLY A 274 -11.70 -34.90 26.69
C GLY A 274 -11.38 -36.36 26.44
N HIS A 275 -11.40 -37.12 27.52
CA HIS A 275 -11.19 -38.55 27.47
C HIS A 275 -12.40 -39.27 28.06
N ILE A 276 -12.70 -40.43 27.49
CA ILE A 276 -13.80 -41.27 27.95
C ILE A 276 -13.20 -42.51 28.60
N PRO A 277 -13.32 -42.68 29.91
CA PRO A 277 -13.02 -43.97 30.54
C PRO A 277 -14.02 -45.03 30.11
N ILE A 278 -13.51 -46.15 29.61
CA ILE A 278 -14.35 -47.27 29.19
C ILE A 278 -13.89 -48.51 29.93
N SER A 279 -14.83 -49.19 30.58
CA SER A 279 -14.61 -50.50 31.17
C SER A 279 -15.46 -51.51 30.43
N ILE A 280 -14.83 -52.56 29.89
CA ILE A 280 -15.50 -53.49 29.00
C ILE A 280 -15.24 -54.92 29.47
N ASP A 281 -16.29 -55.73 29.50
CA ASP A 281 -16.23 -57.15 29.84
C ASP A 281 -16.21 -57.96 28.54
N ILE A 282 -15.02 -58.19 28.00
CA ILE A 282 -14.90 -59.06 26.82
C ILE A 282 -15.10 -60.52 27.23
N PRO A 283 -15.97 -61.25 26.55
CA PRO A 283 -16.26 -62.63 26.96
C PRO A 283 -15.05 -63.52 26.71
N ASP A 284 -14.93 -64.56 27.52
CA ASP A 284 -13.80 -65.49 27.41
C ASP A 284 -13.90 -66.41 26.20
N ALA A 285 -15.06 -66.48 25.57
CA ALA A 285 -15.22 -67.33 24.39
C ALA A 285 -14.30 -66.89 23.25
N ALA A 286 -14.16 -65.59 23.06
CA ALA A 286 -13.21 -65.11 22.06
C ALA A 286 -11.77 -65.32 22.49
N PHE A 287 -11.49 -65.44 23.77
CA PHE A 287 -10.13 -65.72 24.19
C PHE A 287 -9.69 -67.11 23.72
N VAL A 288 -8.41 -67.21 23.38
CA VAL A 288 -7.79 -68.47 22.98
C VAL A 288 -6.52 -68.68 23.80
N ARG A 289 -6.40 -69.86 24.40
CA ARG A 289 -5.26 -70.13 25.28
C ARG A 289 -3.96 -70.27 24.48
N SER A 290 -2.86 -69.96 25.17
CA SER A 290 -1.54 -69.91 24.56
C SER A 290 -1.03 -71.28 24.14
N SER A 291 -1.56 -72.34 24.75
CA SER A 291 -1.20 -73.69 24.32
C SER A 291 -1.61 -73.95 22.89
N GLU A 292 -2.63 -73.25 22.40
CA GLU A 292 -3.07 -73.43 21.02
C GLU A 292 -2.58 -72.33 20.10
N SER A 293 -2.43 -71.12 20.62
CA SER A 293 -1.86 -70.04 19.83
C SER A 293 -0.36 -70.26 19.61
N PRO A 294 0.16 -69.85 18.46
CA PRO A 294 1.60 -69.95 18.21
C PRO A 294 2.39 -68.95 19.05
N THR A 295 3.20 -69.44 19.97
CA THR A 295 4.17 -68.61 20.67
C THR A 295 5.46 -68.56 19.86
N ILE A 296 5.78 -67.37 19.35
CA ILE A 296 6.97 -67.18 18.54
C ILE A 296 8.24 -67.34 19.36
N LEU A 297 9.31 -67.80 18.70
CA LEU A 297 10.56 -68.05 19.38
C LEU A 297 11.43 -66.79 19.44
N GLU A 298 11.75 -66.23 18.27
CA GLU A 298 12.66 -65.10 18.18
C GLU A 298 12.18 -64.11 17.14
N VAL A 299 12.02 -62.86 17.54
CA VAL A 299 11.69 -61.77 16.63
C VAL A 299 12.65 -60.62 16.87
N SER A 300 12.97 -59.89 15.81
CA SER A 300 13.78 -58.68 15.88
C SER A 300 13.15 -57.62 15.00
N CYS A 301 13.48 -56.36 15.28
CA CYS A 301 12.89 -55.23 14.59
C CYS A 301 13.93 -54.48 13.79
N THR A 302 13.62 -54.23 12.52
CA THR A 302 14.39 -53.36 11.65
C THR A 302 13.44 -52.32 11.07
N VAL A 303 13.75 -51.06 11.30
CA VAL A 303 12.84 -49.96 10.96
C VAL A 303 13.38 -49.22 9.75
N ALA A 304 12.50 -48.98 8.78
CA ALA A 304 12.90 -48.28 7.58
C ALA A 304 12.88 -46.79 7.86
N ASP A 305 12.85 -45.97 6.82
CA ASP A 305 12.61 -44.54 7.02
C ASP A 305 11.28 -44.35 7.71
N CYS A 306 11.24 -43.41 8.65
CA CYS A 306 10.02 -43.00 9.32
C CYS A 306 9.94 -41.49 9.43
N ILE A 307 8.72 -40.99 9.56
CA ILE A 307 8.45 -39.56 9.63
C ILE A 307 7.26 -39.38 10.57
N TYR A 308 7.29 -38.33 11.36
CA TYR A 308 6.26 -38.11 12.36
C TYR A 308 5.22 -37.17 11.78
N SER A 309 4.06 -37.72 11.48
CA SER A 309 2.97 -36.96 10.89
C SER A 309 1.67 -37.65 11.22
N ALA A 310 0.57 -36.96 10.94
CA ALA A 310 -0.74 -37.54 11.20
C ALA A 310 -0.97 -38.79 10.36
N ASP A 311 -0.52 -38.78 9.12
CA ASP A 311 -0.60 -39.95 8.28
C ASP A 311 0.37 -41.04 8.76
N PHE A 312 0.18 -42.24 8.22
CA PHE A 312 1.02 -43.39 8.52
C PHE A 312 2.29 -43.27 7.70
N GLY A 313 3.18 -42.42 8.18
CA GLY A 313 4.45 -42.14 7.53
C GLY A 313 5.63 -42.88 8.13
N GLY A 314 5.40 -44.12 8.57
CA GLY A 314 6.48 -44.96 9.04
C GLY A 314 6.34 -46.42 8.66
N SER A 315 7.48 -47.07 8.39
CA SER A 315 7.53 -48.47 8.02
C SER A 315 8.66 -49.17 8.75
N LEU A 316 8.45 -50.46 9.00
CA LEU A 316 9.45 -51.28 9.66
C LEU A 316 9.26 -52.73 9.22
N THR A 317 10.24 -53.55 9.55
CA THR A 317 10.22 -54.96 9.20
C THR A 317 10.52 -55.82 10.41
N LEU A 318 9.76 -56.89 10.57
CA LEU A 318 9.97 -57.88 11.62
C LEU A 318 10.41 -59.22 11.05
N GLN A 319 11.61 -59.66 11.43
CA GLN A 319 12.06 -61.01 11.11
C GLN A 319 11.72 -61.90 12.31
N TYR A 320 10.88 -62.90 12.08
CA TYR A 320 10.33 -63.69 13.17
C TYR A 320 10.61 -65.17 12.97
N LYS A 321 10.72 -65.88 14.10
CA LYS A 321 10.77 -67.33 14.12
C LYS A 321 9.73 -67.86 15.11
N ALA A 322 8.79 -68.66 14.61
CA ALA A 322 7.73 -69.18 15.45
C ALA A 322 7.59 -70.69 15.31
N ASN A 323 6.50 -71.24 15.84
CA ASN A 323 6.34 -72.68 15.90
C ASN A 323 5.09 -73.19 15.20
N ARG A 324 4.25 -72.31 14.67
CA ARG A 324 3.04 -72.75 14.01
C ARG A 324 2.58 -71.66 13.05
N GLU A 325 1.69 -72.04 12.14
CA GLU A 325 1.01 -71.07 11.32
C GLU A 325 -0.23 -70.60 12.07
N GLY A 326 -0.37 -69.29 12.22
CA GLY A 326 -1.54 -68.74 12.88
C GLY A 326 -1.80 -67.28 12.60
N HIS A 327 -2.51 -66.67 13.56
CA HIS A 327 -2.99 -65.30 13.46
C HIS A 327 -2.55 -64.49 14.69
N CYS A 328 -1.25 -64.38 14.89
CA CYS A 328 -0.75 -63.64 16.05
C CYS A 328 -1.21 -62.19 15.99
N PRO A 329 -1.55 -61.60 17.11
CA PRO A 329 -1.80 -60.15 17.16
C PRO A 329 -0.54 -59.35 17.36
N VAL A 330 -0.36 -58.30 16.57
CA VAL A 330 0.73 -57.35 16.75
C VAL A 330 0.17 -56.07 17.33
N HIS A 331 0.99 -55.41 18.12
CA HIS A 331 0.59 -54.22 18.86
C HIS A 331 1.80 -53.36 19.13
N SER A 332 1.55 -52.10 19.45
CA SER A 332 2.58 -51.20 19.93
C SER A 332 2.34 -50.87 21.40
N HIS A 333 3.36 -51.06 22.22
CA HIS A 333 3.25 -50.82 23.66
C HIS A 333 3.74 -49.43 24.02
N SER A 334 3.47 -48.45 23.17
CA SER A 334 3.78 -47.06 23.45
C SER A 334 2.59 -46.18 23.11
N THR A 335 2.50 -45.07 23.80
CA THR A 335 1.46 -44.10 23.56
C THR A 335 1.79 -43.14 22.43
N THR A 336 2.98 -43.21 21.86
CA THR A 336 3.38 -42.25 20.84
C THR A 336 3.68 -42.94 19.52
N ALA A 337 3.15 -44.13 19.32
CA ALA A 337 3.28 -44.83 18.05
C ALA A 337 2.17 -45.86 17.97
N VAL A 338 1.54 -45.96 16.82
CA VAL A 338 0.42 -46.86 16.64
C VAL A 338 0.56 -47.54 15.30
N LEU A 339 0.31 -48.84 15.27
CA LEU A 339 0.46 -49.56 14.02
C LEU A 339 -0.83 -49.47 13.23
N LYS A 340 -0.76 -49.83 11.96
CA LYS A 340 -1.96 -49.93 11.16
C LYS A 340 -2.58 -51.32 11.29
N GLU A 341 -1.82 -52.34 10.95
CA GLU A 341 -2.34 -53.69 10.99
C GLU A 341 -2.44 -54.17 12.42
N ALA A 342 -3.38 -55.08 12.66
CA ALA A 342 -3.51 -55.67 13.99
C ALA A 342 -3.11 -57.13 14.01
N THR A 343 -3.69 -57.95 13.15
CA THR A 343 -3.42 -59.37 13.07
C THR A 343 -2.74 -59.71 11.75
N THR A 344 -1.64 -60.45 11.83
CA THR A 344 -0.89 -60.85 10.66
C THR A 344 -0.82 -62.37 10.66
N HIS A 345 -1.02 -62.97 9.49
CA HIS A 345 -0.82 -64.41 9.39
C HIS A 345 0.66 -64.68 9.62
N VAL A 346 0.96 -65.47 10.63
CA VAL A 346 2.32 -65.82 11.02
C VAL A 346 2.63 -67.24 10.61
N THR A 347 3.82 -67.45 10.07
CA THR A 347 4.27 -68.76 9.65
C THR A 347 5.27 -69.28 10.67
N ALA A 348 5.86 -70.44 10.38
CA ALA A 348 6.93 -70.96 11.23
C ALA A 348 8.12 -70.00 11.26
N THR A 349 8.59 -69.58 10.09
CA THR A 349 9.67 -68.61 9.99
C THR A 349 9.44 -67.73 8.78
N GLY A 350 9.74 -66.44 8.93
CA GLY A 350 9.59 -65.51 7.83
C GLY A 350 9.71 -64.09 8.29
N SER A 351 9.02 -63.19 7.58
CA SER A 351 9.11 -61.78 7.90
C SER A 351 7.76 -61.13 7.63
N ILE A 352 7.52 -60.01 8.32
CA ILE A 352 6.35 -59.19 8.07
C ILE A 352 6.76 -57.74 8.02
N THR A 353 6.27 -57.03 7.03
CA THR A 353 6.40 -55.58 6.92
C THR A 353 5.13 -54.92 7.46
N LEU A 354 5.31 -53.87 8.24
CA LEU A 354 4.17 -53.19 8.84
C LEU A 354 4.29 -51.68 8.64
N HIS A 355 3.16 -50.99 8.74
CA HIS A 355 3.17 -49.54 8.73
C HIS A 355 2.79 -49.02 10.10
N PHE A 356 3.24 -47.80 10.39
CA PHE A 356 2.96 -47.18 11.66
C PHE A 356 3.00 -45.67 11.50
N SER A 357 2.33 -44.99 12.42
CA SER A 357 2.47 -43.55 12.60
C SER A 357 2.95 -43.21 14.01
N THR A 358 3.80 -42.20 14.09
CA THR A 358 4.34 -41.73 15.36
C THR A 358 4.25 -40.22 15.42
N SER A 359 4.27 -39.71 16.63
CA SER A 359 4.38 -38.29 16.87
C SER A 359 5.77 -37.87 17.32
N SER A 360 6.55 -38.77 17.70
CA SER A 360 7.84 -38.45 18.28
C SER A 360 8.89 -38.32 17.18
N PRO A 361 9.90 -37.47 17.39
CA PRO A 361 10.97 -37.36 16.38
C PRO A 361 11.78 -38.62 16.26
N GLN A 362 11.85 -39.44 17.29
CA GLN A 362 12.52 -40.73 17.22
C GLN A 362 11.54 -41.83 17.58
N ALA A 363 11.55 -42.90 16.80
CA ALA A 363 10.82 -44.11 17.18
C ALA A 363 11.69 -44.92 18.13
N ASN A 364 11.36 -44.87 19.41
CA ASN A 364 12.12 -45.51 20.47
C ASN A 364 11.20 -46.37 21.30
N PHE A 365 10.42 -47.19 20.62
CA PHE A 365 9.22 -47.77 21.19
C PHE A 365 9.25 -49.28 21.06
N ILE A 366 8.61 -49.93 22.00
CA ILE A 366 8.58 -51.39 22.08
C ILE A 366 7.42 -51.93 21.28
N VAL A 367 7.72 -52.84 20.37
CA VAL A 367 6.71 -53.60 19.65
C VAL A 367 6.61 -54.99 20.25
N SER A 368 5.39 -55.45 20.42
CA SER A 368 5.12 -56.76 20.98
C SER A 368 4.47 -57.62 19.91
N LEU A 369 4.91 -58.87 19.82
CA LEU A 369 4.31 -59.82 18.90
C LEU A 369 3.98 -61.07 19.71
N CYS A 370 2.69 -61.35 19.85
CA CYS A 370 2.24 -62.49 20.63
C CYS A 370 2.95 -62.54 21.98
N GLY A 371 3.14 -61.38 22.60
CA GLY A 371 3.76 -61.30 23.90
C GLY A 371 5.26 -61.06 23.89
N LYS A 372 5.96 -61.51 22.87
CA LYS A 372 7.39 -61.24 22.78
C LYS A 372 7.64 -59.77 22.49
N LYS A 373 8.54 -59.17 23.26
CA LYS A 373 8.85 -57.75 23.18
C LYS A 373 10.21 -57.53 22.54
N THR A 374 10.28 -56.57 21.61
CA THR A 374 11.54 -56.11 21.05
C THR A 374 11.54 -54.60 20.90
N THR A 375 12.66 -53.97 21.24
CA THR A 375 12.80 -52.53 21.15
C THR A 375 13.24 -52.09 19.75
N CYS A 376 12.38 -51.35 19.07
CA CYS A 376 12.75 -50.68 17.83
C CYS A 376 13.45 -49.36 18.12
N ASN A 377 14.61 -49.14 17.52
CA ASN A 377 15.30 -47.86 17.57
C ASN A 377 15.28 -47.24 16.17
N ALA A 378 14.75 -46.02 16.07
CA ALA A 378 14.68 -45.35 14.78
C ALA A 378 14.93 -43.86 14.93
N GLU A 379 14.79 -43.14 13.82
CA GLU A 379 15.02 -41.70 13.79
C GLU A 379 14.14 -41.08 12.71
N CYS A 380 13.01 -40.51 13.12
CA CYS A 380 12.02 -40.06 12.14
C CYS A 380 12.32 -38.63 11.76
N LYS A 381 12.25 -38.34 10.46
CA LYS A 381 12.51 -36.98 9.99
C LYS A 381 11.27 -36.10 10.17
N PRO A 382 11.43 -34.78 10.08
CA PRO A 382 10.26 -33.91 10.04
C PRO A 382 9.48 -34.10 8.76
N PRO A 383 8.16 -33.93 8.79
CA PRO A 383 7.35 -34.16 7.59
C PRO A 383 7.63 -33.11 6.53
N ALA A 384 7.51 -33.53 5.28
CA ALA A 384 7.76 -32.65 4.14
C ALA A 384 6.59 -31.72 3.86
N ASP A 385 5.37 -32.18 4.08
CA ASP A 385 4.19 -31.35 3.89
C ASP A 385 4.12 -30.25 4.96
N HIS A 386 3.04 -29.48 4.91
CA HIS A 386 2.68 -28.60 6.01
C HIS A 386 1.25 -28.82 6.49
N ILE A 387 0.38 -29.31 5.62
CA ILE A 387 -1.03 -29.47 5.97
C ILE A 387 -1.52 -30.81 5.46
N ILE A 388 -2.43 -31.40 6.23
CA ILE A 388 -3.00 -32.69 5.92
C ILE A 388 -4.52 -32.61 6.02
N GLY A 389 -5.19 -33.52 5.33
CA GLY A 389 -6.61 -33.69 5.46
C GLY A 389 -6.99 -34.79 6.43
N GLU A 390 -6.09 -35.12 7.34
CA GLU A 390 -6.41 -36.09 8.37
C GLU A 390 -6.10 -35.49 9.72
N PRO A 391 -6.84 -35.89 10.76
CA PRO A 391 -6.50 -35.47 12.10
C PRO A 391 -5.33 -36.29 12.61
N HIS A 392 -4.55 -35.70 13.51
CA HIS A 392 -3.48 -36.45 14.14
C HIS A 392 -4.02 -37.56 15.01
N LYS A 393 -3.65 -38.79 14.68
CA LYS A 393 -4.19 -39.97 15.34
C LYS A 393 -3.58 -40.22 16.72
N VAL A 394 -2.52 -39.51 17.08
CA VAL A 394 -1.83 -39.75 18.35
C VAL A 394 -1.47 -38.45 19.00
N ASP A 395 -1.63 -38.38 20.32
CA ASP A 395 -1.26 -37.18 21.05
C ASP A 395 0.25 -37.03 21.05
N GLN A 396 0.70 -35.79 21.16
CA GLN A 396 2.11 -35.47 21.34
C GLN A 396 2.42 -35.19 22.80
N GLU A 397 3.25 -36.04 23.40
CA GLU A 397 3.61 -35.88 24.80
C GLU A 397 4.80 -34.94 24.91
N PHE A 398 5.40 -34.89 26.09
CA PHE A 398 6.66 -34.17 26.30
C PHE A 398 7.86 -35.10 26.33
N GLN A 399 7.77 -36.20 27.06
CA GLN A 399 8.94 -37.06 27.28
C GLN A 399 9.48 -37.58 25.97
N ALA A 400 8.67 -38.32 25.23
CA ALA A 400 9.09 -38.82 23.93
C ALA A 400 8.68 -37.82 22.85
N ALA A 401 9.23 -36.62 22.99
CA ALA A 401 8.97 -35.57 22.01
C ALA A 401 10.21 -34.76 21.70
N VAL A 402 11.35 -35.16 22.21
CA VAL A 402 12.61 -34.49 21.92
C VAL A 402 13.61 -35.56 21.50
N SER A 403 14.38 -35.28 20.47
CA SER A 403 15.24 -36.32 19.94
C SER A 403 16.36 -36.66 20.91
N LYS A 404 16.89 -37.86 20.74
CA LYS A 404 17.94 -38.33 21.63
C LYS A 404 19.21 -37.53 21.44
N THR A 405 19.39 -36.89 20.29
CA THR A 405 20.51 -35.97 20.14
C THR A 405 20.34 -34.78 21.09
N SER A 406 19.17 -34.15 21.05
CA SER A 406 18.88 -33.07 21.97
C SER A 406 18.89 -33.56 23.41
N TRP A 407 18.34 -34.75 23.64
CA TRP A 407 18.33 -35.32 24.98
C TRP A 407 19.74 -35.54 25.51
N ASN A 408 20.62 -36.08 24.67
CA ASN A 408 22.01 -36.28 25.06
C ASN A 408 22.71 -34.97 25.35
N TRP A 409 22.49 -33.96 24.51
CA TRP A 409 23.10 -32.66 24.77
C TRP A 409 22.61 -32.08 26.09
N LEU A 410 21.29 -32.13 26.32
CA LEU A 410 20.72 -31.59 27.54
C LEU A 410 21.21 -32.34 28.78
N LEU A 411 21.19 -33.67 28.73
CA LEU A 411 21.65 -34.45 29.86
C LEU A 411 23.13 -34.25 30.14
N ALA A 412 23.94 -34.11 29.10
CA ALA A 412 25.35 -33.80 29.31
C ALA A 412 25.51 -32.45 29.99
N LEU A 413 24.80 -31.45 29.49
CA LEU A 413 24.94 -30.11 30.06
C LEU A 413 24.50 -30.05 31.50
N PHE A 414 23.44 -30.79 31.86
CA PHE A 414 23.01 -30.80 33.25
C PHE A 414 23.89 -31.68 34.13
N GLY A 415 24.31 -32.83 33.61
CA GLY A 415 25.15 -33.72 34.38
C GLY A 415 26.51 -33.14 34.67
N GLY A 416 27.01 -32.27 33.78
CA GLY A 416 28.23 -31.56 34.09
C GLY A 416 28.11 -30.75 35.36
N ALA A 417 27.09 -29.90 35.45
CA ALA A 417 26.89 -29.11 36.65
C ALA A 417 26.62 -30.00 37.86
N SER A 418 25.82 -31.05 37.70
CA SER A 418 25.51 -31.93 38.82
C SER A 418 26.76 -32.60 39.36
N SER A 419 27.58 -33.15 38.47
CA SER A 419 28.83 -33.77 38.89
C SER A 419 29.78 -32.75 39.47
N LEU A 420 29.76 -31.52 38.97
CA LEU A 420 30.67 -30.51 39.47
C LEU A 420 30.31 -30.12 40.91
N ILE A 421 29.03 -29.88 41.18
CA ILE A 421 28.62 -29.56 42.54
C ILE A 421 28.85 -30.74 43.49
N VAL A 422 28.62 -31.97 43.01
CA VAL A 422 28.90 -33.14 43.83
C VAL A 422 30.39 -33.24 44.15
N VAL A 423 31.23 -33.04 43.14
CA VAL A 423 32.67 -33.10 43.36
C VAL A 423 33.13 -32.01 44.30
N GLY A 424 32.54 -30.81 44.18
CA GLY A 424 32.91 -29.74 45.09
C GLY A 424 32.58 -30.07 46.53
N LEU A 425 31.39 -30.64 46.77
CA LEU A 425 31.02 -31.05 48.12
C LEU A 425 31.94 -32.16 48.64
N ILE A 426 32.25 -33.13 47.79
CA ILE A 426 33.15 -34.21 48.19
C ILE A 426 34.54 -33.66 48.51
N VAL A 427 35.03 -32.72 47.71
CA VAL A 427 36.34 -32.13 47.95
C VAL A 427 36.38 -31.39 49.27
N LEU A 428 35.34 -30.61 49.57
CA LEU A 428 35.31 -29.93 50.86
C LEU A 428 35.31 -30.92 52.02
N VAL A 429 34.50 -31.97 51.93
CA VAL A 429 34.47 -32.98 52.99
C VAL A 429 35.85 -33.64 53.13
N CYS A 430 36.48 -33.99 52.01
CA CYS A 430 37.76 -34.68 52.06
C CYS A 430 38.83 -33.77 52.66
N SER A 431 38.82 -32.49 52.32
CA SER A 431 39.76 -31.56 52.90
C SER A 431 39.58 -31.45 54.41
N SER A 432 38.33 -31.42 54.87
CA SER A 432 38.10 -31.40 56.30
C SER A 432 38.62 -32.65 56.99
N MET A 433 38.38 -33.82 56.40
CA MET A 433 38.90 -35.06 56.99
C MET A 433 40.42 -35.11 56.98
N LEU A 434 41.07 -34.65 55.92
CA LEU A 434 42.53 -34.61 55.90
C LEU A 434 43.10 -33.66 56.93
N ILE A 435 42.50 -32.49 57.10
CA ILE A 435 42.96 -31.56 58.13
C ILE A 435 42.83 -32.17 59.52
N ASN A 436 41.68 -32.81 59.79
CA ASN A 436 41.47 -33.45 61.08
C ASN A 436 42.43 -34.62 61.33
N THR A 437 42.72 -35.44 60.32
CA THR A 437 43.59 -36.60 60.53
C THR A 437 45.04 -36.21 60.78
N ARG A 438 45.59 -35.28 60.00
CA ARG A 438 46.96 -34.84 60.19
C ARG A 438 47.10 -33.67 61.16
N ARG A 439 46.06 -33.35 61.92
CA ARG A 439 46.13 -32.23 62.86
C ARG A 439 47.09 -32.54 64.01
N PRO B 1 -66.13 -4.89 1.10
CA PRO B 1 -65.66 -4.12 -0.06
C PRO B 1 -65.71 -2.60 0.15
N TYR B 2 -65.27 -2.17 1.33
CA TYR B 2 -65.32 -0.76 1.73
C TYR B 2 -64.31 0.05 0.92
N LEU B 3 -64.28 1.36 1.17
CA LEU B 3 -63.32 2.27 0.56
C LEU B 3 -62.60 3.03 1.67
N GLY B 4 -61.27 3.08 1.57
CA GLY B 4 -60.44 3.67 2.60
C GLY B 4 -60.01 5.10 2.31
N PHE B 5 -59.19 5.62 3.22
CA PHE B 5 -58.55 6.93 3.09
C PHE B 5 -57.05 6.79 2.77
N CYS B 6 -56.75 6.64 1.50
CA CYS B 6 -55.38 6.43 1.06
C CYS B 6 -54.54 7.66 1.38
N PRO B 7 -53.34 7.49 1.94
CA PRO B 7 -52.46 8.64 2.20
C PRO B 7 -51.99 9.36 0.95
N TYR B 8 -51.90 8.68 -0.18
CA TYR B 8 -51.37 9.28 -1.40
C TYR B 8 -52.20 8.83 -2.60
N CYS B 9 -53.08 9.69 -3.09
CA CYS B 9 -53.96 9.32 -4.23
C CYS B 9 -53.29 9.72 -5.55
N ARG B 10 -54.05 9.71 -6.65
CA ARG B 10 -53.49 10.14 -7.96
C ARG B 10 -52.79 11.49 -7.73
N HIS B 11 -53.50 12.44 -7.15
CA HIS B 11 -52.87 13.75 -6.82
C HIS B 11 -52.17 13.60 -5.46
N SER B 12 -51.03 14.27 -5.27
CA SER B 12 -50.31 14.10 -4.03
C SER B 12 -51.16 14.35 -2.79
N ALA B 13 -52.37 14.87 -2.92
CA ALA B 13 -53.18 15.00 -1.72
C ALA B 13 -53.68 13.63 -1.29
N PRO B 14 -53.80 13.41 0.02
CA PRO B 14 -54.52 12.23 0.48
C PRO B 14 -56.00 12.36 0.19
N CYS B 15 -56.66 11.22 0.00
CA CYS B 15 -58.07 11.25 -0.35
C CYS B 15 -58.65 9.87 -0.06
N PHE B 16 -59.97 9.83 0.04
CA PHE B 16 -60.65 8.54 0.05
C PHE B 16 -60.55 7.90 -1.33
N SER B 17 -60.19 6.63 -1.35
CA SER B 17 -60.13 5.87 -2.58
C SER B 17 -60.65 4.46 -2.33
N PRO B 18 -61.13 3.78 -3.37
CA PRO B 18 -61.59 2.41 -3.20
C PRO B 18 -60.48 1.38 -3.20
N ILE B 19 -59.23 1.79 -3.37
CA ILE B 19 -58.17 0.80 -3.47
C ILE B 19 -57.07 1.10 -2.46
N LYS B 20 -57.45 1.64 -1.30
CA LYS B 20 -56.48 1.93 -0.26
C LYS B 20 -55.75 0.65 0.14
N ILE B 21 -54.43 0.73 0.21
CA ILE B 21 -53.61 -0.35 0.74
C ILE B 21 -53.55 -0.34 2.25
N GLU B 22 -53.97 -1.43 2.87
CA GLU B 22 -53.97 -1.54 4.32
C GLU B 22 -52.69 -2.15 4.89
N ASN B 23 -52.21 -3.23 4.31
CA ASN B 23 -51.02 -3.92 4.85
C ASN B 23 -50.17 -4.47 3.73
N VAL B 24 -48.86 -4.58 4.00
CA VAL B 24 -47.91 -5.16 3.07
C VAL B 24 -47.01 -6.12 3.82
N TRP B 25 -46.81 -7.31 3.26
CA TRP B 25 -45.85 -8.29 3.77
C TRP B 25 -44.88 -8.71 2.68
N ASP B 26 -43.62 -8.95 3.06
CA ASP B 26 -42.59 -9.37 2.07
C ASP B 26 -41.62 -10.34 2.76
N GLU B 27 -42.14 -11.35 3.46
CA GLU B 27 -41.26 -12.30 4.19
C GLU B 27 -40.80 -13.41 3.25
N SER B 28 -41.28 -13.40 1.99
CA SER B 28 -40.87 -14.43 1.01
C SER B 28 -39.41 -14.22 0.61
N ASP B 29 -38.69 -15.32 0.35
CA ASP B 29 -37.30 -15.22 -0.06
C ASP B 29 -37.16 -14.96 -1.55
N ASP B 30 -38.23 -15.06 -2.31
CA ASP B 30 -38.16 -14.89 -3.75
C ASP B 30 -38.56 -13.50 -4.21
N GLY B 31 -38.90 -12.59 -3.30
CA GLY B 31 -39.31 -11.26 -3.68
C GLY B 31 -40.79 -11.06 -3.85
N SER B 32 -41.59 -12.13 -3.84
CA SER B 32 -43.02 -11.95 -3.93
C SER B 32 -43.55 -11.22 -2.71
N ILE B 33 -44.56 -10.39 -2.92
CA ILE B 33 -45.14 -9.58 -1.87
C ILE B 33 -46.64 -9.81 -1.82
N ARG B 34 -47.19 -9.83 -0.62
CA ARG B 34 -48.62 -9.93 -0.39
C ARG B 34 -49.22 -8.58 -0.04
N ILE B 35 -50.30 -8.22 -0.71
CA ILE B 35 -50.94 -6.92 -0.52
C ILE B 35 -52.37 -7.14 -0.10
N GLN B 36 -52.83 -6.32 0.84
CA GLN B 36 -54.22 -6.30 1.27
C GLN B 36 -54.81 -4.96 0.86
N VAL B 37 -55.96 -4.98 0.20
CA VAL B 37 -56.64 -3.75 -0.19
C VAL B 37 -58.13 -3.85 0.10
N SER B 38 -58.77 -2.68 0.04
CA SER B 38 -60.20 -2.56 0.31
C SER B 38 -61.07 -3.15 -0.79
N ALA B 39 -60.59 -3.20 -2.03
CA ALA B 39 -61.33 -3.88 -3.09
C ALA B 39 -61.32 -5.40 -2.90
N GLN B 40 -62.34 -6.06 -3.47
CA GLN B 40 -62.49 -7.50 -3.37
C GLN B 40 -62.21 -8.13 -4.72
N PHE B 41 -61.28 -9.08 -4.76
CA PHE B 41 -60.83 -9.70 -6.00
C PHE B 41 -61.32 -11.13 -6.20
N GLY B 42 -61.56 -11.47 -7.47
CA GLY B 42 -62.06 -12.78 -7.84
C GLY B 42 -63.54 -12.96 -7.74
N TYR B 43 -64.30 -11.88 -7.65
CA TYR B 43 -65.75 -11.93 -7.48
C TYR B 43 -66.37 -10.83 -8.31
N ASN B 44 -67.63 -11.03 -8.67
CA ASN B 44 -68.45 -10.03 -9.32
C ASN B 44 -69.44 -9.44 -8.33
N GLN B 45 -70.42 -8.69 -8.85
CA GLN B 45 -71.33 -7.93 -8.01
C GLN B 45 -71.94 -8.82 -6.93
N ALA B 46 -72.44 -9.97 -7.34
CA ALA B 46 -73.04 -10.89 -6.37
C ALA B 46 -71.98 -11.59 -5.54
N GLY B 47 -70.71 -11.47 -5.89
CA GLY B 47 -69.66 -12.14 -5.17
C GLY B 47 -69.30 -13.48 -5.75
N THR B 48 -69.86 -13.81 -6.91
CA THR B 48 -69.65 -15.11 -7.52
C THR B 48 -68.22 -15.25 -7.99
N ALA B 49 -67.68 -16.45 -7.86
CA ALA B 49 -66.30 -16.71 -8.26
C ALA B 49 -66.12 -16.48 -9.76
N ASP B 50 -65.14 -15.64 -10.10
CA ASP B 50 -64.78 -15.40 -11.49
C ASP B 50 -63.40 -14.78 -11.53
N VAL B 51 -62.52 -15.36 -12.35
CA VAL B 51 -61.15 -14.89 -12.41
C VAL B 51 -61.07 -13.51 -13.04
N THR B 52 -61.99 -13.19 -13.95
CA THR B 52 -61.78 -12.04 -14.80
C THR B 52 -62.05 -10.70 -14.13
N LYS B 53 -62.80 -10.66 -13.03
CA LYS B 53 -63.29 -9.38 -12.53
C LYS B 53 -63.29 -9.32 -11.02
N PHE B 54 -63.23 -8.10 -10.52
CA PHE B 54 -63.28 -7.75 -9.10
C PHE B 54 -64.41 -6.75 -8.86
N ARG B 55 -64.66 -6.43 -7.60
CA ARG B 55 -65.65 -5.43 -7.25
C ARG B 55 -65.04 -4.41 -6.29
N TYR B 56 -65.72 -3.27 -6.19
CA TYR B 56 -65.29 -2.16 -5.35
C TYR B 56 -66.49 -1.27 -5.10
N MET B 57 -66.32 -0.28 -4.22
CA MET B 57 -67.40 0.65 -3.94
C MET B 57 -67.34 1.84 -4.87
N SER B 58 -68.50 2.28 -5.33
CA SER B 58 -68.64 3.37 -6.29
C SER B 58 -68.37 4.73 -5.65
N TYR B 59 -68.01 5.68 -6.49
CA TYR B 59 -67.96 7.10 -6.13
C TYR B 59 -69.30 7.79 -6.43
N ASP B 60 -70.35 7.35 -5.74
CA ASP B 60 -71.57 8.15 -5.73
C ASP B 60 -72.31 7.89 -4.43
N HIS B 61 -73.29 8.75 -4.15
CA HIS B 61 -73.98 8.73 -2.87
C HIS B 61 -74.81 7.47 -2.65
N ASP B 62 -75.01 6.66 -3.68
CA ASP B 62 -75.56 5.33 -3.45
C ASP B 62 -74.47 4.33 -3.08
N HIS B 63 -73.22 4.61 -3.43
CA HIS B 63 -72.06 3.75 -3.14
C HIS B 63 -72.40 2.30 -3.40
N ASP B 64 -73.00 2.06 -4.56
CA ASP B 64 -73.24 0.69 -4.98
C ASP B 64 -71.93 0.04 -5.42
N ILE B 65 -72.02 -1.23 -5.72
CA ILE B 65 -70.86 -2.02 -6.10
C ILE B 65 -70.73 -2.02 -7.61
N LYS B 66 -69.54 -1.71 -8.10
CA LYS B 66 -69.27 -1.64 -9.53
C LYS B 66 -68.11 -2.58 -9.84
N GLU B 67 -68.06 -3.04 -11.09
CA GLU B 67 -67.12 -4.08 -11.45
C GLU B 67 -66.20 -3.62 -12.56
N ASP B 68 -65.04 -4.27 -12.63
CA ASP B 68 -64.04 -4.02 -13.65
C ASP B 68 -63.20 -5.28 -13.82
N SER B 69 -62.42 -5.29 -14.88
CA SER B 69 -61.68 -6.49 -15.23
C SER B 69 -60.30 -6.51 -14.60
N MET B 70 -59.73 -7.72 -14.54
CA MET B 70 -58.37 -7.96 -14.12
C MET B 70 -57.35 -7.50 -15.15
N GLU B 71 -57.80 -7.06 -16.32
CA GLU B 71 -56.89 -6.48 -17.30
C GLU B 71 -56.55 -5.04 -17.01
N LYS B 72 -57.16 -4.42 -16.00
CA LYS B 72 -57.02 -3.00 -15.75
C LYS B 72 -56.33 -2.70 -14.43
N LEU B 73 -55.80 -3.71 -13.74
CA LEU B 73 -55.07 -3.53 -12.50
C LEU B 73 -53.57 -3.51 -12.77
N ALA B 74 -52.89 -2.51 -12.23
CA ALA B 74 -51.45 -2.41 -12.35
C ALA B 74 -50.82 -2.27 -10.97
N ILE B 75 -49.77 -3.03 -10.73
CA ILE B 75 -48.99 -2.96 -9.49
C ILE B 75 -47.57 -2.57 -9.88
N SER B 76 -47.03 -1.60 -9.16
CA SER B 76 -45.70 -1.11 -9.50
C SER B 76 -45.03 -0.53 -8.27
N THR B 77 -43.72 -0.68 -8.22
CA THR B 77 -42.88 -0.03 -7.23
C THR B 77 -41.97 0.99 -7.89
N SER B 78 -41.17 0.55 -8.81
CA SER B 78 -40.34 1.41 -9.64
C SER B 78 -40.58 1.13 -11.11
N GLY B 79 -40.84 -0.13 -11.45
CA GLY B 79 -41.39 -0.46 -12.74
C GLY B 79 -42.71 -1.19 -12.54
N PRO B 80 -43.38 -1.54 -13.64
CA PRO B 80 -44.58 -2.36 -13.53
C PRO B 80 -44.25 -3.73 -12.95
N CYS B 81 -45.14 -4.23 -12.11
CA CYS B 81 -44.94 -5.55 -11.53
C CYS B 81 -45.74 -6.59 -12.33
N ARG B 82 -45.32 -7.85 -12.22
CA ARG B 82 -46.09 -8.96 -12.76
C ARG B 82 -47.03 -9.51 -11.69
N ARG B 83 -48.32 -9.41 -11.95
CA ARG B 83 -49.29 -10.02 -11.05
C ARG B 83 -49.23 -11.53 -11.12
N LEU B 84 -49.07 -12.18 -9.97
CA LEU B 84 -49.04 -13.63 -9.91
C LEU B 84 -50.33 -14.24 -9.39
N GLY B 85 -51.02 -13.59 -8.46
CA GLY B 85 -52.27 -14.16 -8.00
C GLY B 85 -53.10 -13.13 -7.27
N HIS B 86 -54.38 -13.44 -7.14
CA HIS B 86 -55.35 -12.56 -6.50
C HIS B 86 -56.51 -13.36 -5.95
N LYS B 87 -56.98 -12.96 -4.77
CA LYS B 87 -58.09 -13.65 -4.13
C LYS B 87 -58.69 -12.75 -3.07
N GLY B 88 -59.95 -12.39 -3.24
CA GLY B 88 -60.64 -11.59 -2.23
C GLY B 88 -59.97 -10.25 -1.98
N TYR B 89 -59.73 -9.97 -0.71
CA TYR B 89 -59.03 -8.75 -0.30
C TYR B 89 -57.56 -8.74 -0.65
N PHE B 90 -57.00 -9.84 -1.14
CA PHE B 90 -55.56 -9.97 -1.24
C PHE B 90 -55.08 -10.08 -2.68
N LEU B 91 -53.91 -9.51 -2.94
CA LEU B 91 -53.19 -9.66 -4.18
C LEU B 91 -51.83 -10.28 -3.90
N LEU B 92 -51.25 -10.89 -4.93
CA LEU B 92 -49.89 -11.36 -4.81
C LEU B 92 -49.13 -11.10 -6.10
N ALA B 93 -47.99 -10.43 -5.98
CA ALA B 93 -47.25 -9.97 -7.14
C ALA B 93 -45.76 -10.04 -6.86
N GLN B 94 -45.00 -10.24 -7.93
CA GLN B 94 -43.55 -10.06 -7.94
C GLN B 94 -43.19 -8.66 -8.40
N CYS B 95 -42.39 -7.96 -7.62
CA CYS B 95 -42.05 -6.60 -7.96
C CYS B 95 -40.54 -6.41 -7.97
N PRO B 96 -40.05 -5.48 -8.77
CA PRO B 96 -38.64 -5.13 -8.74
C PRO B 96 -38.34 -4.24 -7.55
N PRO B 97 -37.08 -3.97 -7.26
CA PRO B 97 -36.74 -3.19 -6.08
C PRO B 97 -37.33 -1.80 -6.16
N GLY B 98 -37.77 -1.28 -5.02
CA GLY B 98 -38.37 0.04 -4.99
C GLY B 98 -38.66 0.47 -3.56
N ASP B 99 -39.01 1.75 -3.43
CA ASP B 99 -39.23 2.35 -2.13
C ASP B 99 -40.70 2.41 -1.73
N SER B 100 -41.60 2.27 -2.68
CA SER B 100 -43.02 2.27 -2.36
C SER B 100 -43.72 1.32 -3.31
N VAL B 101 -44.94 0.95 -2.95
CA VAL B 101 -45.76 0.08 -3.77
C VAL B 101 -47.05 0.81 -4.11
N THR B 102 -47.50 0.64 -5.35
CA THR B 102 -48.64 1.35 -5.89
C THR B 102 -49.58 0.40 -6.59
N VAL B 103 -50.87 0.58 -6.37
CA VAL B 103 -51.91 -0.13 -7.10
C VAL B 103 -52.83 0.91 -7.75
N SER B 104 -53.10 0.73 -9.03
CA SER B 104 -53.94 1.65 -9.77
C SER B 104 -54.96 0.88 -10.60
N ILE B 105 -56.17 1.41 -10.66
CA ILE B 105 -57.19 0.93 -11.58
C ILE B 105 -57.22 1.88 -12.78
N THR B 106 -56.95 1.33 -13.95
CA THR B 106 -56.97 2.12 -15.18
C THR B 106 -58.35 2.00 -15.83
N SER B 107 -59.34 2.64 -15.19
CA SER B 107 -60.67 2.71 -15.76
C SER B 107 -60.66 3.65 -16.96
N GLY B 108 -60.00 3.22 -18.04
CA GLY B 108 -59.87 4.09 -19.22
C GLY B 108 -58.83 5.17 -18.94
N ALA B 109 -59.27 6.35 -18.52
CA ALA B 109 -58.33 7.42 -18.14
C ALA B 109 -58.49 7.72 -16.64
N SER B 110 -59.45 7.04 -16.00
CA SER B 110 -59.69 7.25 -14.55
C SER B 110 -58.68 6.42 -13.75
N GLU B 111 -57.43 6.88 -13.68
CA GLU B 111 -56.38 6.09 -12.99
C GLU B 111 -56.43 6.35 -11.48
N ASN B 112 -57.47 5.85 -10.80
CA ASN B 112 -57.50 5.97 -9.33
C ASN B 112 -56.31 5.16 -8.79
N SER B 113 -55.51 5.74 -7.91
CA SER B 113 -54.30 5.05 -7.46
C SER B 113 -54.09 5.28 -5.97
N CYS B 114 -53.33 4.37 -5.36
CA CYS B 114 -52.91 4.51 -3.97
C CYS B 114 -51.48 4.00 -3.83
N THR B 115 -50.64 4.74 -3.13
CA THR B 115 -49.25 4.37 -2.90
C THR B 115 -48.97 4.39 -1.40
N VAL B 116 -48.15 3.46 -0.91
CA VAL B 116 -47.70 3.48 0.47
C VAL B 116 -46.21 3.17 0.55
N GLU B 117 -45.52 3.84 1.46
CA GLU B 117 -44.10 3.60 1.69
C GLU B 117 -43.87 2.23 2.31
N LYS B 118 -42.92 1.48 1.76
CA LYS B 118 -42.50 0.21 2.34
C LYS B 118 -41.17 -0.14 1.71
N LYS B 119 -40.12 -0.22 2.51
CA LYS B 119 -38.81 -0.46 1.91
C LYS B 119 -38.67 -1.89 1.43
N ILE B 120 -39.02 -2.12 0.17
CA ILE B 120 -38.91 -3.44 -0.44
C ILE B 120 -37.53 -3.54 -1.08
N ARG B 121 -36.65 -4.28 -0.45
CA ARG B 121 -35.30 -4.48 -0.93
C ARG B 121 -35.25 -5.76 -1.73
N ARG B 122 -34.24 -5.88 -2.58
CA ARG B 122 -33.94 -7.17 -3.16
C ARG B 122 -33.21 -7.99 -2.11
N LYS B 123 -33.83 -9.08 -1.67
CA LYS B 123 -33.20 -9.99 -0.74
C LYS B 123 -32.94 -11.33 -1.40
N PHE B 124 -32.03 -12.09 -0.81
CA PHE B 124 -31.67 -13.38 -1.34
C PHE B 124 -31.54 -14.36 -0.18
N VAL B 125 -31.43 -15.63 -0.52
CA VAL B 125 -31.32 -16.71 0.46
C VAL B 125 -30.03 -17.47 0.23
N GLY B 126 -29.33 -17.78 1.31
CA GLY B 126 -28.09 -18.52 1.24
C GLY B 126 -26.90 -17.66 1.57
N ARG B 127 -25.75 -18.08 1.08
CA ARG B 127 -24.50 -17.41 1.43
C ARG B 127 -23.84 -16.71 0.24
N GLU B 128 -24.62 -16.28 -0.73
CA GLU B 128 -24.06 -15.73 -1.95
C GLU B 128 -25.03 -14.69 -2.51
N GLU B 129 -24.53 -13.50 -2.80
CA GLU B 129 -25.37 -12.57 -3.52
C GLU B 129 -25.46 -12.98 -4.99
N TYR B 130 -26.62 -12.72 -5.57
CA TYR B 130 -26.82 -12.99 -6.99
C TYR B 130 -28.00 -12.15 -7.47
N LEU B 131 -28.06 -11.94 -8.77
CA LEU B 131 -29.23 -11.27 -9.31
C LEU B 131 -30.33 -12.26 -9.69
N PHE B 132 -29.94 -13.40 -10.23
CA PHE B 132 -30.85 -14.42 -10.71
C PHE B 132 -30.45 -15.78 -10.17
N PRO B 133 -31.42 -16.67 -9.97
CA PRO B 133 -31.08 -18.02 -9.61
C PRO B 133 -30.20 -18.64 -10.67
N PRO B 134 -28.99 -19.03 -10.30
CA PRO B 134 -28.04 -19.53 -11.29
C PRO B 134 -28.48 -20.85 -11.85
N VAL B 135 -28.07 -21.11 -13.09
CA VAL B 135 -28.40 -22.37 -13.74
C VAL B 135 -27.80 -23.55 -13.00
N HIS B 136 -26.56 -23.42 -12.54
CA HIS B 136 -25.89 -24.52 -11.86
C HIS B 136 -25.54 -24.20 -10.43
N GLY B 137 -25.85 -25.11 -9.53
CA GLY B 137 -25.52 -24.91 -8.13
C GLY B 137 -26.23 -25.88 -7.23
N LYS B 138 -25.99 -25.70 -5.94
CA LYS B 138 -26.62 -26.50 -4.90
C LYS B 138 -28.08 -26.14 -4.73
N LEU B 139 -28.85 -27.08 -4.19
CA LEU B 139 -30.17 -26.80 -3.64
C LEU B 139 -30.10 -26.57 -2.13
N VAL B 140 -31.00 -25.69 -1.65
CA VAL B 140 -31.18 -25.45 -0.22
C VAL B 140 -32.64 -25.19 0.09
N LYS B 141 -32.99 -25.42 1.34
CA LYS B 141 -34.33 -25.15 1.85
C LYS B 141 -34.64 -23.66 1.84
N CYS B 142 -35.70 -23.26 1.15
CA CYS B 142 -36.18 -21.88 1.19
C CYS B 142 -37.69 -21.86 1.43
N HIS B 143 -38.23 -20.67 1.64
CA HIS B 143 -39.67 -20.47 1.79
C HIS B 143 -40.20 -19.38 0.87
N VAL B 144 -41.28 -19.66 0.14
CA VAL B 144 -41.93 -18.68 -0.73
C VAL B 144 -43.43 -18.83 -0.60
N TYR B 145 -44.13 -17.78 -0.99
CA TYR B 145 -45.58 -17.78 -0.97
C TYR B 145 -46.16 -18.72 -2.02
N ASP B 146 -47.12 -19.54 -1.61
CA ASP B 146 -47.86 -20.41 -2.52
C ASP B 146 -48.80 -19.61 -3.41
N HIS B 147 -48.68 -19.84 -4.72
CA HIS B 147 -49.52 -19.19 -5.70
C HIS B 147 -50.96 -19.69 -5.70
N LEU B 148 -51.22 -20.86 -5.14
CA LEU B 148 -52.59 -21.37 -5.11
C LEU B 148 -53.52 -20.50 -4.28
N LYS B 149 -54.45 -19.82 -4.97
CA LYS B 149 -55.34 -18.86 -4.33
C LYS B 149 -56.21 -19.48 -3.24
N GLU B 150 -56.19 -20.78 -3.08
CA GLU B 150 -57.05 -21.45 -2.11
C GLU B 150 -56.28 -21.93 -0.89
N THR B 151 -54.98 -21.72 -0.83
CA THR B 151 -54.22 -22.07 0.36
C THR B 151 -54.59 -21.15 1.51
N SER B 152 -53.94 -21.31 2.66
CA SER B 152 -54.35 -20.56 3.84
C SER B 152 -53.14 -20.28 4.73
N ALA B 153 -52.75 -19.01 4.80
CA ALA B 153 -51.72 -18.55 5.73
C ALA B 153 -52.27 -18.14 7.10
N GLY B 154 -53.59 -17.98 7.23
CA GLY B 154 -54.19 -17.62 8.50
C GLY B 154 -55.56 -16.99 8.28
N TYR B 155 -55.93 -15.98 9.05
CA TYR B 155 -57.27 -15.42 8.85
C TYR B 155 -57.30 -13.97 9.29
N ILE B 156 -58.30 -13.27 8.77
CA ILE B 156 -58.62 -11.91 9.17
C ILE B 156 -60.07 -11.85 9.61
N THR B 157 -60.34 -11.14 10.70
CA THR B 157 -61.70 -10.95 11.17
C THR B 157 -62.31 -9.74 10.48
N MET B 158 -63.53 -9.90 10.00
CA MET B 158 -64.32 -8.80 9.45
C MET B 158 -65.60 -8.64 10.24
N HIS B 159 -66.15 -7.44 10.22
CA HIS B 159 -67.32 -7.13 11.03
C HIS B 159 -68.40 -6.49 10.17
N ARG B 160 -69.58 -6.37 10.76
CA ARG B 160 -70.67 -5.66 10.12
C ARG B 160 -70.30 -4.19 9.93
N PRO B 161 -70.71 -3.57 8.84
CA PRO B 161 -70.44 -2.14 8.65
C PRO B 161 -71.19 -1.30 9.67
N GLY B 162 -70.58 -0.18 10.04
CA GLY B 162 -71.16 0.76 10.96
C GLY B 162 -72.02 1.79 10.25
N PRO B 163 -72.52 2.77 11.01
CA PRO B 163 -73.27 3.87 10.39
C PRO B 163 -72.38 4.70 9.49
N HIS B 164 -72.87 4.98 8.28
CA HIS B 164 -72.21 5.86 7.33
C HIS B 164 -73.15 6.99 6.93
N ALA B 165 -73.11 8.09 7.67
CA ALA B 165 -74.03 9.20 7.42
C ALA B 165 -73.70 9.86 6.08
N TYR B 166 -74.70 10.48 5.46
CA TYR B 166 -74.48 11.12 4.13
C TYR B 166 -75.07 12.53 4.10
N LYS B 167 -74.27 13.51 3.66
CA LYS B 167 -74.75 14.90 3.57
C LYS B 167 -75.78 15.01 2.43
N SER B 168 -75.56 14.28 1.33
CA SER B 168 -76.50 14.30 0.19
C SER B 168 -77.90 13.94 0.68
N TYR B 169 -78.01 12.89 1.50
CA TYR B 169 -79.31 12.48 2.03
C TYR B 169 -80.03 13.63 2.70
N LEU B 170 -79.31 14.69 3.07
CA LEU B 170 -79.91 15.86 3.70
C LEU B 170 -80.16 16.95 2.67
N GLU B 171 -81.28 17.66 2.83
CA GLU B 171 -81.55 18.86 2.06
C GLU B 171 -81.90 20.01 3.00
N GLU B 172 -81.40 21.19 2.65
CA GLU B 172 -81.70 22.44 3.36
C GLU B 172 -82.60 23.30 2.50
N ALA B 173 -83.71 23.77 3.07
CA ALA B 173 -84.63 24.61 2.32
C ALA B 173 -85.42 25.50 3.26
N SER B 174 -85.40 26.80 2.96
CA SER B 174 -86.08 27.82 3.76
C SER B 174 -85.65 27.81 5.22
N GLY B 175 -84.37 27.53 5.46
CA GLY B 175 -83.93 27.34 6.83
C GLY B 175 -84.59 26.17 7.51
N GLU B 176 -84.88 25.11 6.76
CA GLU B 176 -85.43 23.88 7.29
C GLU B 176 -84.72 22.71 6.65
N VAL B 177 -84.67 21.60 7.36
CA VAL B 177 -83.87 20.45 6.96
C VAL B 177 -84.79 19.32 6.55
N TYR B 178 -84.41 18.62 5.49
CA TYR B 178 -85.16 17.51 4.93
C TYR B 178 -84.25 16.33 4.69
N ILE B 179 -84.84 15.15 4.68
CA ILE B 179 -84.14 13.91 4.34
C ILE B 179 -84.75 13.38 3.06
N LYS B 180 -83.89 13.03 2.10
CA LYS B 180 -84.31 12.50 0.81
C LYS B 180 -83.67 11.13 0.61
N PRO B 181 -84.26 10.09 1.17
CA PRO B 181 -83.71 8.75 1.01
C PRO B 181 -83.78 8.31 -0.45
N PRO B 182 -82.90 7.42 -0.87
CA PRO B 182 -83.05 6.82 -2.20
C PRO B 182 -84.35 6.04 -2.31
N SER B 183 -84.90 6.03 -3.51
CA SER B 183 -86.21 5.44 -3.76
C SER B 183 -86.24 3.96 -3.40
N GLY B 184 -87.25 3.57 -2.62
CA GLY B 184 -87.42 2.21 -2.19
C GLY B 184 -86.53 1.75 -1.07
N LYS B 185 -85.70 2.62 -0.51
CA LYS B 185 -84.77 2.25 0.55
C LYS B 185 -85.13 2.99 1.83
N ASN B 186 -85.34 2.23 2.90
CA ASN B 186 -85.60 2.82 4.20
C ASN B 186 -84.29 3.37 4.76
N VAL B 187 -84.32 4.59 5.28
CA VAL B 187 -83.13 5.25 5.79
C VAL B 187 -83.36 5.60 7.25
N THR B 188 -82.45 5.17 8.10
CA THR B 188 -82.43 5.62 9.48
C THR B 188 -81.83 7.02 9.54
N TYR B 189 -82.57 7.93 10.17
CA TYR B 189 -82.10 9.28 10.42
C TYR B 189 -82.07 9.54 11.92
N GLU B 190 -81.24 10.49 12.31
CA GLU B 190 -81.29 10.97 13.69
C GLU B 190 -80.75 12.39 13.68
N CYS B 191 -81.21 13.18 14.65
CA CYS B 191 -80.84 14.58 14.73
C CYS B 191 -80.86 15.02 16.18
N LYS B 192 -80.24 16.18 16.45
CA LYS B 192 -80.34 16.82 17.75
C LYS B 192 -80.42 18.32 17.52
N CYS B 193 -81.60 18.89 17.74
CA CYS B 193 -81.88 20.31 17.61
C CYS B 193 -82.56 20.81 18.88
N GLY B 194 -81.98 20.44 20.01
CA GLY B 194 -82.67 20.51 21.28
C GLY B 194 -82.78 19.12 21.87
N ASP B 195 -83.98 18.54 21.83
CA ASP B 195 -84.13 17.15 22.22
C ASP B 195 -83.58 16.23 21.14
N TYR B 196 -82.73 15.30 21.54
CA TYR B 196 -82.21 14.29 20.63
C TYR B 196 -83.36 13.43 20.11
N SER B 197 -83.41 13.24 18.79
CA SER B 197 -84.51 12.51 18.17
C SER B 197 -84.06 11.68 17.00
N THR B 198 -84.46 10.41 16.99
CA THR B 198 -84.11 9.45 15.95
C THR B 198 -85.36 9.00 15.20
N GLY B 199 -85.14 8.19 14.17
CA GLY B 199 -86.21 7.49 13.51
C GLY B 199 -85.74 6.92 12.19
N ILE B 200 -86.70 6.39 11.42
CA ILE B 200 -86.40 5.85 10.11
C ILE B 200 -87.38 6.42 9.09
N VAL B 201 -86.86 6.85 7.95
CA VAL B 201 -87.66 7.42 6.87
C VAL B 201 -87.27 6.74 5.56
N SER B 202 -88.18 6.80 4.60
CA SER B 202 -87.94 6.17 3.31
C SER B 202 -88.36 7.08 2.15
N THR B 203 -88.75 8.32 2.42
CA THR B 203 -89.21 9.25 1.40
C THR B 203 -88.76 10.66 1.77
N ARG B 204 -89.02 11.60 0.87
CA ARG B 204 -88.79 13.01 1.14
C ARG B 204 -89.61 13.39 2.38
N THR B 205 -88.90 13.68 3.47
CA THR B 205 -89.50 13.87 4.78
C THR B 205 -89.09 15.21 5.38
N LYS B 206 -90.08 15.93 5.90
CA LYS B 206 -89.81 17.16 6.63
C LYS B 206 -89.21 16.86 7.99
N MET B 207 -88.45 17.82 8.52
CA MET B 207 -88.06 17.82 9.92
C MET B 207 -88.32 19.18 10.54
N ASN B 208 -88.75 19.15 11.80
CA ASN B 208 -89.11 20.34 12.54
C ASN B 208 -88.04 20.70 13.56
N GLY B 209 -87.98 21.99 13.90
CA GLY B 209 -87.10 22.48 14.94
C GLY B 209 -85.64 22.59 14.54
N CYS B 210 -85.29 22.26 13.30
CA CYS B 210 -83.91 22.25 12.86
C CYS B 210 -83.71 23.29 11.77
N THR B 211 -82.72 24.16 11.97
CA THR B 211 -82.52 25.30 11.10
C THR B 211 -81.23 25.22 10.31
N LYS B 212 -80.24 24.49 10.79
CA LYS B 212 -78.97 24.30 10.11
C LYS B 212 -78.79 22.83 9.74
N ALA B 213 -78.16 22.59 8.59
CA ALA B 213 -77.94 21.23 8.11
C ALA B 213 -76.93 20.46 8.95
N LYS B 214 -76.09 21.18 9.70
CA LYS B 214 -75.03 20.53 10.50
C LYS B 214 -75.58 20.02 11.84
N GLN B 215 -76.86 19.61 11.87
CA GLN B 215 -77.40 19.08 13.11
C GLN B 215 -78.00 17.68 12.97
N CYS B 216 -78.18 17.16 11.77
CA CYS B 216 -78.80 15.86 11.58
C CYS B 216 -77.92 14.98 10.69
N ILE B 217 -78.21 13.68 10.71
CA ILE B 217 -77.55 12.72 9.83
C ILE B 217 -78.54 11.64 9.44
N ALA B 218 -78.29 11.00 8.29
CA ALA B 218 -79.11 9.92 7.79
C ALA B 218 -78.25 8.86 7.10
N TYR B 219 -78.61 7.60 7.26
CA TYR B 219 -77.89 6.51 6.62
C TYR B 219 -78.80 5.28 6.49
N LYS B 220 -78.57 4.52 5.43
CA LYS B 220 -79.36 3.33 5.17
C LYS B 220 -78.87 2.13 5.96
N ARG B 221 -79.81 1.27 6.35
CA ARG B 221 -79.51 0.06 7.12
C ARG B 221 -78.85 -0.98 6.22
N ASP B 222 -77.57 -0.78 5.95
CA ASP B 222 -76.81 -1.61 5.02
C ASP B 222 -76.17 -2.78 5.78
N GLN B 223 -76.99 -3.79 6.07
CA GLN B 223 -76.52 -5.03 6.65
C GLN B 223 -76.15 -6.09 5.61
N THR B 224 -76.05 -5.70 4.33
CA THR B 224 -75.89 -6.64 3.23
C THR B 224 -74.42 -6.80 2.85
N LYS B 225 -73.56 -6.70 3.84
CA LYS B 225 -72.12 -6.54 3.66
C LYS B 225 -71.39 -7.12 4.84
N TRP B 226 -70.09 -7.30 4.64
CA TRP B 226 -69.16 -7.47 5.73
C TRP B 226 -67.94 -6.64 5.35
N VAL B 227 -67.27 -6.10 6.35
CA VAL B 227 -66.12 -5.25 6.14
C VAL B 227 -64.99 -5.69 7.04
N PHE B 228 -63.77 -5.65 6.50
CA PHE B 228 -62.60 -5.84 7.32
C PHE B 228 -62.55 -4.81 8.44
N ASN B 229 -61.88 -5.16 9.52
CA ASN B 229 -61.67 -4.27 10.65
C ASN B 229 -60.68 -3.19 10.27
N SER B 230 -61.04 -2.35 9.30
CA SER B 230 -60.18 -1.33 8.73
C SER B 230 -60.25 -0.05 9.54
N PRO B 231 -59.15 0.67 9.67
CA PRO B 231 -59.14 1.86 10.52
C PRO B 231 -59.82 3.07 9.93
N ASP B 232 -60.42 2.96 8.75
CA ASP B 232 -61.00 4.12 8.09
C ASP B 232 -62.50 4.16 8.25
N LEU B 233 -63.06 3.30 9.08
CA LEU B 233 -64.49 3.21 9.26
C LEU B 233 -64.85 3.37 10.73
N ILE B 234 -66.08 3.76 10.96
CA ILE B 234 -66.66 3.78 12.29
C ILE B 234 -67.28 2.42 12.52
N ARG B 235 -66.97 1.85 13.68
CA ARG B 235 -67.44 0.47 13.98
C ARG B 235 -68.90 0.46 14.44
N HIS B 236 -69.64 -0.60 14.11
CA HIS B 236 -70.99 -0.78 14.56
C HIS B 236 -71.08 -0.81 16.08
N THR B 237 -72.29 -0.56 16.58
CA THR B 237 -72.53 -0.63 18.01
C THR B 237 -72.25 -2.04 18.52
N ASP B 238 -72.67 -3.05 17.77
CA ASP B 238 -72.38 -4.44 18.08
C ASP B 238 -71.18 -4.88 17.25
N HIS B 239 -69.99 -4.60 17.78
CA HIS B 239 -68.75 -4.97 17.10
C HIS B 239 -68.31 -6.36 17.54
N SER B 240 -69.21 -7.32 17.35
CA SER B 240 -68.81 -8.70 17.51
C SER B 240 -68.14 -9.20 16.24
N VAL B 241 -67.35 -10.26 16.40
CA VAL B 241 -66.76 -10.96 15.27
C VAL B 241 -67.88 -11.65 14.52
N GLN B 242 -68.22 -11.18 13.33
CA GLN B 242 -69.30 -11.76 12.55
C GLN B 242 -68.80 -12.35 11.23
N GLY B 243 -67.56 -12.83 11.23
CA GLY B 243 -66.98 -13.38 10.03
C GLY B 243 -65.49 -13.64 10.16
N LYS B 244 -64.98 -14.60 9.39
CA LYS B 244 -63.53 -14.83 9.30
C LYS B 244 -63.20 -15.25 7.89
N LEU B 245 -62.54 -14.37 7.13
CA LEU B 245 -61.97 -14.74 5.85
C LEU B 245 -60.60 -15.36 6.02
N HIS B 246 -60.25 -16.23 5.08
CA HIS B 246 -58.90 -16.77 5.06
C HIS B 246 -57.92 -15.78 4.48
N ILE B 247 -56.66 -15.93 4.88
CA ILE B 247 -55.55 -15.17 4.32
C ILE B 247 -54.86 -16.06 3.29
N PRO B 248 -55.01 -15.80 2.02
CA PRO B 248 -54.43 -16.70 1.01
C PRO B 248 -52.93 -16.65 0.95
N PHE B 249 -52.38 -17.54 0.11
CA PHE B 249 -50.95 -17.65 -0.17
C PHE B 249 -50.15 -18.02 1.07
N ARG B 250 -50.39 -19.24 1.53
CA ARG B 250 -49.64 -19.74 2.68
C ARG B 250 -48.17 -19.78 2.31
N LEU B 251 -47.31 -19.41 3.26
CA LEU B 251 -45.88 -19.50 3.05
C LEU B 251 -45.40 -20.94 3.22
N THR B 252 -45.43 -21.65 2.20
CA THR B 252 -45.00 -23.03 2.31
C THR B 252 -43.49 -23.17 2.12
N PRO B 253 -42.92 -24.21 2.70
CA PRO B 253 -41.54 -24.60 2.36
C PRO B 253 -41.39 -25.05 0.91
N THR B 254 -40.22 -24.78 0.35
CA THR B 254 -39.85 -25.35 -0.94
C THR B 254 -38.33 -25.29 -1.10
N VAL B 255 -37.85 -25.58 -2.32
CA VAL B 255 -36.43 -25.60 -2.64
C VAL B 255 -36.07 -24.43 -3.54
N CYS B 256 -34.90 -23.86 -3.30
CA CYS B 256 -34.35 -22.79 -4.11
C CYS B 256 -32.96 -23.17 -4.58
N PRO B 257 -32.61 -22.90 -5.82
CA PRO B 257 -31.22 -23.04 -6.24
C PRO B 257 -30.37 -21.87 -5.79
N VAL B 258 -29.14 -22.16 -5.39
CA VAL B 258 -28.18 -21.13 -5.01
C VAL B 258 -26.84 -21.44 -5.64
N PRO B 259 -26.06 -20.41 -5.94
CA PRO B 259 -24.83 -20.61 -6.69
C PRO B 259 -23.76 -21.26 -5.83
N LEU B 260 -22.77 -21.82 -6.50
CA LEU B 260 -21.59 -22.36 -5.85
C LEU B 260 -20.39 -21.54 -6.26
N ALA B 261 -19.67 -21.02 -5.28
CA ALA B 261 -18.57 -20.12 -5.56
C ALA B 261 -17.42 -20.84 -6.24
N HIS B 262 -16.54 -20.05 -6.81
CA HIS B 262 -15.30 -20.57 -7.36
C HIS B 262 -14.50 -21.29 -6.28
N THR B 263 -14.00 -22.46 -6.63
CA THR B 263 -13.26 -23.25 -5.68
C THR B 263 -11.97 -22.52 -5.32
N PRO B 264 -11.68 -22.34 -4.03
CA PRO B 264 -10.52 -21.54 -3.66
C PRO B 264 -9.24 -22.29 -3.96
N THR B 265 -8.16 -21.53 -4.11
CA THR B 265 -6.83 -22.10 -4.25
C THR B 265 -6.12 -22.01 -2.91
N VAL B 266 -5.73 -23.16 -2.37
CA VAL B 266 -5.10 -23.25 -1.06
C VAL B 266 -3.59 -23.32 -1.22
N THR B 267 -2.88 -22.41 -0.56
CA THR B 267 -1.42 -22.46 -0.48
C THR B 267 -1.04 -22.78 0.95
N LYS B 268 -0.27 -23.85 1.15
CA LYS B 268 0.10 -24.26 2.49
C LYS B 268 1.41 -23.60 2.93
N TRP B 269 1.55 -23.44 4.24
CA TRP B 269 2.81 -23.01 4.83
C TRP B 269 2.83 -23.45 6.29
N PHE B 270 4.00 -23.36 6.90
CA PHE B 270 4.19 -23.83 8.27
C PHE B 270 3.22 -23.20 9.26
N LYS B 271 2.38 -24.04 9.84
CA LYS B 271 1.29 -23.59 10.71
C LYS B 271 0.45 -22.48 10.10
N GLY B 272 0.00 -22.70 8.87
CA GLY B 272 -0.85 -21.69 8.27
C GLY B 272 -1.23 -21.94 6.83
N ILE B 273 -2.34 -21.34 6.41
CA ILE B 273 -2.86 -21.50 5.07
C ILE B 273 -3.15 -20.13 4.48
N THR B 274 -3.16 -20.08 3.15
CA THR B 274 -3.53 -18.88 2.41
C THR B 274 -4.60 -19.23 1.39
N LEU B 275 -5.79 -18.67 1.55
CA LEU B 275 -6.83 -18.85 0.55
C LEU B 275 -6.76 -17.69 -0.44
N HIS B 276 -6.42 -18.00 -1.69
CA HIS B 276 -6.70 -17.08 -2.78
C HIS B 276 -8.14 -17.24 -3.21
N LEU B 277 -8.91 -16.17 -3.14
CA LEU B 277 -10.33 -16.23 -3.39
C LEU B 277 -10.69 -15.36 -4.57
N THR B 278 -11.64 -15.83 -5.37
CA THR B 278 -12.23 -15.01 -6.40
C THR B 278 -13.74 -15.12 -6.27
N ALA B 279 -14.42 -13.99 -6.14
CA ALA B 279 -15.86 -14.00 -6.09
C ALA B 279 -16.38 -12.70 -6.67
N THR B 280 -17.06 -12.79 -7.81
CA THR B 280 -17.61 -11.59 -8.43
C THR B 280 -18.60 -10.87 -7.51
N ARG B 281 -19.34 -11.60 -6.71
CA ARG B 281 -20.31 -11.01 -5.81
C ARG B 281 -19.94 -11.31 -4.36
N PRO B 282 -20.49 -10.55 -3.40
CA PRO B 282 -20.22 -10.83 -1.99
C PRO B 282 -20.48 -12.27 -1.60
N THR B 283 -19.42 -12.95 -1.17
CA THR B 283 -19.46 -14.33 -0.70
C THR B 283 -19.05 -14.39 0.77
N LEU B 284 -19.74 -15.20 1.55
CA LEU B 284 -19.44 -15.35 2.96
C LEU B 284 -18.30 -16.34 3.17
N LEU B 285 -17.32 -15.93 3.99
CA LEU B 285 -16.24 -16.79 4.42
C LEU B 285 -16.28 -16.90 5.94
N THR B 286 -16.35 -18.14 6.45
CA THR B 286 -16.44 -18.39 7.89
C THR B 286 -15.44 -19.44 8.30
N THR B 287 -14.55 -19.09 9.22
CA THR B 287 -13.52 -20.00 9.69
C THR B 287 -13.63 -20.18 11.19
N ARG B 288 -13.23 -21.35 11.67
CA ARG B 288 -13.19 -21.57 13.10
C ARG B 288 -12.16 -22.63 13.43
N LYS B 289 -11.51 -22.45 14.58
CA LYS B 289 -10.58 -23.40 15.16
C LYS B 289 -11.32 -24.55 15.83
N LEU B 290 -10.60 -25.65 16.06
CA LEU B 290 -11.18 -26.85 16.63
C LEU B 290 -10.74 -27.07 18.06
N GLY B 291 -10.51 -26.00 18.82
CA GLY B 291 -9.99 -26.15 20.16
C GLY B 291 -10.87 -25.57 21.25
N LEU B 292 -10.25 -25.17 22.36
CA LEU B 292 -10.98 -24.53 23.43
C LEU B 292 -11.60 -23.21 22.99
N ARG B 293 -10.87 -22.44 22.20
CA ARG B 293 -11.34 -21.16 21.71
C ARG B 293 -11.76 -21.29 20.25
N ALA B 294 -13.00 -20.89 19.97
CA ALA B 294 -13.47 -20.90 18.58
C ALA B 294 -12.70 -19.93 17.72
N ASP B 295 -12.38 -18.75 18.25
CA ASP B 295 -11.77 -17.68 17.47
C ASP B 295 -12.56 -17.37 16.21
N ALA B 296 -13.88 -17.41 16.31
CA ALA B 296 -14.70 -17.42 15.10
C ALA B 296 -14.56 -16.11 14.35
N THR B 297 -14.41 -16.19 13.03
CA THR B 297 -14.25 -15.04 12.17
C THR B 297 -15.27 -15.09 11.05
N ALA B 298 -15.84 -13.93 10.72
CA ALA B 298 -16.75 -13.83 9.59
C ALA B 298 -16.40 -12.59 8.78
N GLU B 299 -16.44 -12.71 7.46
CA GLU B 299 -16.12 -11.61 6.58
C GLU B 299 -16.84 -11.82 5.26
N TRP B 300 -17.44 -10.74 4.75
CA TRP B 300 -17.98 -10.76 3.40
C TRP B 300 -16.89 -10.30 2.45
N ILE B 301 -16.56 -11.09 1.46
CA ILE B 301 -15.48 -10.76 0.54
C ILE B 301 -16.06 -10.53 -0.84
N THR B 302 -15.55 -9.51 -1.52
CA THR B 302 -15.83 -9.26 -2.92
C THR B 302 -14.53 -9.19 -3.70
N GLY B 303 -14.64 -9.36 -5.01
CA GLY B 303 -13.46 -9.29 -5.86
C GLY B 303 -12.51 -10.44 -5.64
N THR B 304 -11.23 -10.15 -5.83
CA THR B 304 -10.15 -11.10 -5.60
C THR B 304 -9.24 -10.57 -4.51
N THR B 305 -8.89 -11.42 -3.56
CA THR B 305 -8.02 -11.01 -2.47
C THR B 305 -7.33 -12.23 -1.91
N SER B 306 -6.65 -12.04 -0.78
CA SER B 306 -6.02 -13.12 -0.06
C SER B 306 -6.27 -12.95 1.43
N ARG B 307 -6.46 -14.06 2.12
CA ARG B 307 -6.63 -14.07 3.57
C ARG B 307 -5.65 -15.05 4.20
N ASN B 308 -5.00 -14.62 5.27
CA ASN B 308 -4.07 -15.46 6.02
C ASN B 308 -4.81 -16.01 7.24
N PHE B 309 -4.73 -17.31 7.45
CA PHE B 309 -5.31 -17.96 8.62
C PHE B 309 -4.28 -18.79 9.35
N SER B 310 -4.10 -18.54 10.63
CA SER B 310 -3.22 -19.36 11.46
C SER B 310 -3.88 -20.69 11.75
N VAL B 311 -3.14 -21.78 11.52
CA VAL B 311 -3.65 -23.12 11.74
C VAL B 311 -2.92 -23.80 12.89
N GLY B 312 -3.69 -24.21 13.92
CA GLY B 312 -3.12 -24.95 15.03
C GLY B 312 -3.19 -26.46 14.87
N ARG B 313 -2.54 -27.15 15.80
CA ARG B 313 -2.45 -28.61 15.70
C ARG B 313 -3.79 -29.28 15.92
N GLU B 314 -4.64 -28.70 16.76
CA GLU B 314 -5.99 -29.22 16.94
C GLU B 314 -6.76 -29.16 15.63
N GLY B 315 -6.51 -28.15 14.83
CA GLY B 315 -7.03 -28.07 13.49
C GLY B 315 -7.86 -26.83 13.25
N LEU B 316 -8.30 -26.71 12.00
CA LEU B 316 -9.06 -25.56 11.55
C LEU B 316 -10.05 -25.98 10.50
N GLU B 317 -11.13 -25.21 10.42
CA GLU B 317 -12.20 -25.44 9.47
C GLU B 317 -12.55 -24.11 8.84
N TYR B 318 -12.70 -24.12 7.52
CA TYR B 318 -13.17 -22.95 6.79
C TYR B 318 -14.36 -23.36 5.93
N VAL B 319 -15.33 -22.46 5.85
CA VAL B 319 -16.48 -22.62 4.97
C VAL B 319 -16.47 -21.46 4.01
N TRP B 320 -16.47 -21.76 2.72
CA TRP B 320 -16.39 -20.74 1.70
C TRP B 320 -17.62 -20.84 0.83
N GLY B 321 -18.43 -19.81 0.87
CA GLY B 321 -19.67 -19.84 0.12
C GLY B 321 -20.57 -20.95 0.59
N ASN B 322 -21.29 -21.54 -0.34
CA ASN B 322 -22.17 -22.67 -0.09
C ASN B 322 -21.50 -24.03 -0.17
N HIS B 323 -20.19 -24.10 -0.42
CA HIS B 323 -19.52 -25.39 -0.39
C HIS B 323 -19.66 -26.03 0.98
N GLU B 324 -19.49 -27.34 1.01
CA GLU B 324 -19.44 -28.01 2.29
C GLU B 324 -18.14 -27.71 3.02
N PRO B 325 -18.16 -27.80 4.35
CA PRO B 325 -16.98 -27.46 5.13
C PRO B 325 -15.78 -28.30 4.75
N VAL B 326 -14.60 -27.69 4.78
CA VAL B 326 -13.35 -28.36 4.56
C VAL B 326 -12.52 -28.26 5.83
N ARG B 327 -12.03 -29.38 6.32
CA ARG B 327 -11.20 -29.41 7.52
C ARG B 327 -9.76 -29.71 7.13
N VAL B 328 -8.83 -28.96 7.72
CA VAL B 328 -7.41 -29.15 7.49
C VAL B 328 -6.70 -29.07 8.84
N TRP B 329 -5.68 -29.91 9.02
CA TRP B 329 -4.91 -29.95 10.24
C TRP B 329 -3.46 -29.61 9.97
N ALA B 330 -2.84 -28.93 10.93
CA ALA B 330 -1.45 -28.57 10.81
C ALA B 330 -0.54 -29.76 11.10
N GLN B 331 0.72 -29.61 10.74
CA GLN B 331 1.77 -30.57 10.94
C GLN B 331 2.84 -29.94 11.83
N GLU B 332 3.94 -30.67 12.00
CA GLU B 332 5.09 -30.21 12.77
C GLU B 332 6.30 -29.95 11.91
N SER B 333 6.10 -29.42 10.71
CA SER B 333 7.19 -29.30 9.74
C SER B 333 7.92 -27.97 9.94
N ALA B 334 8.58 -27.87 11.05
CA ALA B 334 9.37 -26.67 11.25
C ALA B 334 10.70 -26.74 10.51
N PRO B 335 11.20 -25.60 10.04
CA PRO B 335 12.53 -25.58 9.44
C PRO B 335 13.60 -25.98 10.42
N GLY B 336 14.67 -26.56 9.90
CA GLY B 336 15.76 -27.08 10.70
C GLY B 336 15.75 -28.59 10.76
N ASP B 337 16.64 -29.13 11.59
CA ASP B 337 16.71 -30.56 11.77
C ASP B 337 16.69 -30.92 13.25
N PRO B 338 15.89 -31.91 13.65
CA PRO B 338 15.87 -32.32 15.05
C PRO B 338 16.97 -33.30 15.41
N HIS B 339 17.84 -33.65 14.46
CA HIS B 339 18.88 -34.62 14.70
C HIS B 339 20.26 -34.15 14.27
N GLY B 340 20.38 -32.91 13.82
CA GLY B 340 21.64 -32.37 13.32
C GLY B 340 22.46 -31.78 14.45
N TRP B 341 23.28 -30.80 14.11
CA TRP B 341 24.00 -30.09 15.16
C TRP B 341 23.02 -29.28 15.99
N PRO B 342 23.41 -28.93 17.22
CA PRO B 342 22.51 -28.13 18.07
C PRO B 342 22.11 -26.83 17.39
N HIS B 343 22.95 -26.33 16.49
CA HIS B 343 22.58 -25.18 15.68
C HIS B 343 21.28 -25.45 14.92
N GLU B 344 21.12 -26.68 14.44
CA GLU B 344 19.87 -27.08 13.80
C GLU B 344 18.77 -27.35 14.84
N ILE B 345 19.15 -27.90 15.99
CA ILE B 345 18.18 -28.23 17.01
C ILE B 345 17.44 -26.99 17.46
N ILE B 346 18.18 -25.93 17.76
CA ILE B 346 17.57 -24.75 18.36
C ILE B 346 16.61 -24.11 17.38
N ILE B 347 17.04 -23.95 16.13
CA ILE B 347 16.19 -23.32 15.14
C ILE B 347 14.94 -24.15 14.90
N HIS B 348 15.09 -25.48 14.88
CA HIS B 348 13.91 -26.33 14.70
C HIS B 348 12.94 -26.21 15.85
N TYR B 349 13.43 -26.20 17.08
CA TYR B 349 12.54 -26.20 18.22
C TYR B 349 12.02 -24.83 18.59
N TYR B 350 12.66 -23.76 18.10
CA TYR B 350 12.18 -22.42 18.43
C TYR B 350 10.86 -22.14 17.74
N HIS B 351 10.69 -22.60 16.51
CA HIS B 351 9.43 -22.38 15.81
C HIS B 351 8.31 -23.23 16.36
N ARG B 352 8.58 -24.46 16.77
CA ARG B 352 7.51 -25.25 17.36
C ARG B 352 7.06 -24.71 18.71
N HIS B 353 7.99 -24.38 19.60
CA HIS B 353 7.64 -23.84 20.91
C HIS B 353 8.66 -22.83 21.38
N PRO B 354 8.50 -21.56 21.01
CA PRO B 354 9.53 -20.59 21.37
C PRO B 354 9.60 -20.35 22.86
N VAL B 355 8.44 -20.24 23.51
CA VAL B 355 8.35 -20.14 24.96
C VAL B 355 9.16 -21.21 25.67
N TYR B 356 8.82 -22.47 25.46
CA TYR B 356 9.52 -23.57 26.12
C TYR B 356 10.99 -23.60 25.75
N THR B 357 11.32 -23.37 24.48
CA THR B 357 12.71 -23.46 24.06
C THR B 357 13.55 -22.42 24.77
N VAL B 358 13.06 -21.19 24.85
CA VAL B 358 13.79 -20.15 25.54
C VAL B 358 13.91 -20.48 27.01
N ILE B 359 12.85 -21.01 27.60
CA ILE B 359 12.91 -21.36 29.02
C ILE B 359 13.97 -22.42 29.29
N VAL B 360 14.02 -23.46 28.47
CA VAL B 360 15.01 -24.52 28.67
C VAL B 360 16.43 -23.99 28.45
N LEU B 361 16.64 -23.25 27.37
CA LEU B 361 17.98 -22.67 27.14
C LEU B 361 18.43 -21.80 28.30
N CYS B 362 17.56 -20.95 28.83
CA CYS B 362 17.92 -20.16 30.00
C CYS B 362 18.24 -21.05 31.18
N GLY B 363 17.41 -22.06 31.43
CA GLY B 363 17.66 -22.98 32.51
C GLY B 363 19.04 -23.61 32.46
N VAL B 364 19.40 -24.15 31.30
CA VAL B 364 20.73 -24.70 31.10
C VAL B 364 21.82 -23.65 31.34
N ALA B 365 21.67 -22.47 30.74
CA ALA B 365 22.69 -21.44 30.92
C ALA B 365 22.92 -21.12 32.38
N LEU B 366 21.83 -20.88 33.11
CA LEU B 366 21.91 -20.65 34.54
C LEU B 366 22.57 -21.81 35.27
N ALA B 367 22.13 -23.03 35.01
CA ALA B 367 22.72 -24.19 35.65
C ALA B 367 24.22 -24.29 35.44
N ILE B 368 24.68 -24.01 34.22
CA ILE B 368 26.13 -23.94 33.96
C ILE B 368 26.80 -22.87 34.82
N LEU B 369 26.23 -21.67 34.86
CA LEU B 369 26.81 -20.62 35.70
C LEU B 369 26.85 -21.00 37.18
N VAL B 370 25.77 -21.62 37.66
CA VAL B 370 25.73 -22.15 39.03
C VAL B 370 26.86 -23.14 39.27
N GLY B 371 26.96 -24.17 38.42
CA GLY B 371 28.02 -25.15 38.56
C GLY B 371 29.40 -24.53 38.61
N THR B 372 29.70 -23.65 37.65
CA THR B 372 30.99 -22.98 37.63
C THR B 372 31.24 -22.12 38.88
N ALA B 373 30.24 -21.36 39.32
CA ALA B 373 30.39 -20.59 40.55
C ALA B 373 30.65 -21.49 41.75
N SER B 374 29.91 -22.59 41.85
CA SER B 374 30.15 -23.57 42.90
C SER B 374 31.57 -24.08 42.87
N SER B 375 32.06 -24.43 41.68
CA SER B 375 33.43 -24.91 41.55
C SER B 375 34.41 -24.05 42.32
N ALA B 376 34.43 -22.74 42.03
CA ALA B 376 35.27 -21.81 42.76
C ALA B 376 34.93 -21.76 44.26
N ALA B 377 33.65 -21.63 44.58
CA ALA B 377 33.21 -21.63 45.98
C ALA B 377 33.75 -22.78 46.80
N CYS B 378 33.89 -23.95 46.19
CA CYS B 378 34.49 -25.10 46.87
C CYS B 378 36.01 -25.16 46.76
N ILE B 379 36.53 -25.18 45.54
CA ILE B 379 37.97 -25.24 45.29
C ILE B 379 38.73 -24.19 46.08
N ALA B 380 38.37 -22.92 45.92
CA ALA B 380 39.10 -21.85 46.59
C ALA B 380 39.10 -22.02 48.10
N LYS B 381 37.95 -22.32 48.69
CA LYS B 381 37.92 -22.56 50.13
C LYS B 381 38.80 -23.72 50.56
N ALA B 382 38.71 -24.85 49.84
CA ALA B 382 39.56 -25.99 50.14
C ALA B 382 41.05 -25.65 50.02
N ARG B 383 41.42 -24.98 48.93
CA ARG B 383 42.77 -24.47 48.76
C ARG B 383 43.20 -23.59 49.93
N ARG B 384 42.33 -22.68 50.32
CA ARG B 384 42.57 -21.83 51.48
C ARG B 384 42.87 -22.64 52.73
N ASP B 385 41.95 -23.50 53.13
CA ASP B 385 42.15 -24.28 54.35
C ASP B 385 43.30 -25.28 54.23
N CYS B 386 43.70 -25.66 53.03
CA CYS B 386 44.83 -26.56 52.84
C CYS B 386 46.16 -25.85 52.67
N LEU B 387 46.16 -24.53 52.52
CA LEU B 387 47.41 -23.81 52.43
C LEU B 387 47.69 -22.96 53.66
N THR B 388 46.65 -22.38 54.26
CA THR B 388 46.86 -21.48 55.38
C THR B 388 47.56 -22.14 56.56
N PRO B 389 47.32 -23.40 56.92
CA PRO B 389 48.14 -23.99 57.98
C PRO B 389 49.60 -24.03 57.61
N TYR B 390 49.90 -24.20 56.34
CA TYR B 390 51.29 -24.28 55.90
C TYR B 390 51.83 -22.92 55.47
N ALA B 391 50.97 -21.92 55.34
CA ALA B 391 51.36 -20.56 54.98
C ALA B 391 52.06 -19.81 56.11
N LEU B 392 52.02 -20.34 57.33
CA LEU B 392 52.64 -19.70 58.48
C LEU B 392 53.68 -20.59 59.12
N ALA B 393 54.35 -21.39 58.30
CA ALA B 393 55.32 -22.37 58.75
C ALA B 393 56.58 -22.26 57.91
N PRO B 394 57.70 -22.80 58.39
CA PRO B 394 58.93 -22.80 57.60
C PRO B 394 59.01 -24.03 56.72
N ASN B 395 59.47 -23.82 55.48
CA ASN B 395 59.76 -24.90 54.56
C ASN B 395 58.53 -25.80 54.38
N ALA B 396 57.49 -25.20 53.82
CA ALA B 396 56.20 -25.85 53.61
C ALA B 396 56.39 -26.96 52.59
N THR B 397 56.81 -28.11 53.09
CA THR B 397 57.00 -29.31 52.30
C THR B 397 55.67 -29.98 51.99
N VAL B 398 54.82 -29.23 51.28
CA VAL B 398 53.58 -29.74 50.75
C VAL B 398 53.95 -30.61 49.55
N PRO B 399 53.19 -31.65 49.22
CA PRO B 399 53.35 -32.25 47.90
C PRO B 399 53.23 -31.18 46.83
N THR B 400 54.24 -31.12 45.95
CA THR B 400 54.36 -30.00 45.03
C THR B 400 53.19 -29.95 44.06
N ALA B 401 52.58 -31.09 43.78
CA ALA B 401 51.38 -31.12 42.94
C ALA B 401 50.25 -30.34 43.60
N LEU B 402 50.08 -30.49 44.91
CA LEU B 402 49.04 -29.73 45.60
C LEU B 402 49.29 -28.23 45.53
N ALA B 403 50.54 -27.80 45.76
CA ALA B 403 50.85 -26.37 45.68
C ALA B 403 50.64 -25.82 44.28
N VAL B 404 51.07 -26.57 43.26
CA VAL B 404 50.87 -26.13 41.88
C VAL B 404 49.39 -26.03 41.54
N LEU B 405 48.62 -27.06 41.91
CA LEU B 405 47.19 -27.06 41.65
C LEU B 405 46.49 -25.93 42.37
N CYS B 406 46.91 -25.64 43.58
CA CYS B 406 46.29 -24.62 44.42
C CYS B 406 46.73 -23.20 44.08
N CYS B 407 47.78 -23.03 43.30
CA CYS B 407 48.28 -21.70 42.97
C CYS B 407 47.60 -21.08 41.76
N ILE B 408 46.68 -21.78 41.13
CA ILE B 408 46.10 -21.33 39.86
C ILE B 408 44.62 -21.02 40.05
N GLU C 1 61.16 -8.21 72.57
CA GLU C 1 59.72 -8.34 72.70
C GLU C 1 59.06 -6.99 72.47
N SER C 2 59.51 -6.01 73.24
CA SER C 2 58.82 -4.73 73.34
C SER C 2 58.78 -4.03 72.00
N ASP C 3 59.86 -4.11 71.22
CA ASP C 3 59.90 -3.47 69.91
C ASP C 3 59.00 -4.16 68.90
N LYS C 4 59.00 -5.49 68.91
CA LYS C 4 58.35 -6.26 67.86
C LYS C 4 56.96 -6.72 68.23
N THR C 5 56.50 -6.38 69.43
CA THR C 5 55.13 -6.67 69.83
C THR C 5 54.37 -5.36 69.86
N PHE C 6 53.20 -5.34 69.22
CA PHE C 6 52.45 -4.11 69.07
C PHE C 6 51.10 -4.18 69.75
N PRO C 7 50.58 -3.04 70.21
CA PRO C 7 49.28 -3.01 70.85
C PRO C 7 48.17 -2.83 69.83
N ILE C 8 47.01 -3.37 70.18
CA ILE C 8 45.78 -3.18 69.42
C ILE C 8 44.90 -2.22 70.21
N MET C 9 44.35 -1.23 69.53
CA MET C 9 43.54 -0.21 70.17
C MET C 9 42.08 -0.54 69.96
N LEU C 10 41.32 -0.54 71.05
CA LEU C 10 39.87 -0.66 71.03
C LEU C 10 39.32 0.51 71.83
N ASN C 11 38.81 1.52 71.11
CA ASN C 11 38.32 2.75 71.71
C ASN C 11 39.40 3.45 72.51
N GLY C 12 40.65 3.16 72.21
CA GLY C 12 41.78 3.70 72.93
C GLY C 12 42.25 2.81 74.06
N GLN C 13 41.80 1.57 74.11
CA GLN C 13 42.28 0.60 75.08
C GLN C 13 42.98 -0.56 74.40
N VAL C 14 43.97 -1.12 75.10
CA VAL C 14 44.58 -2.37 74.67
C VAL C 14 43.58 -3.50 74.84
N ASN C 15 43.45 -4.32 73.82
CA ASN C 15 42.57 -5.49 73.89
C ASN C 15 43.22 -6.71 73.27
N GLY C 16 44.47 -6.60 72.83
CA GLY C 16 45.20 -7.73 72.32
C GLY C 16 46.57 -7.29 71.86
N TYR C 17 47.28 -8.21 71.21
CA TYR C 17 48.61 -7.93 70.72
C TYR C 17 48.83 -8.62 69.39
N ALA C 18 49.47 -7.90 68.48
CA ALA C 18 49.85 -8.42 67.17
C ALA C 18 51.34 -8.69 67.13
N CYS C 19 51.69 -9.86 66.62
CA CYS C 19 53.04 -10.39 66.65
C CYS C 19 53.54 -10.47 65.21
N VAL C 20 54.77 -10.04 65.00
CA VAL C 20 55.40 -10.13 63.69
C VAL C 20 56.41 -11.26 63.72
N VAL C 21 56.13 -12.30 62.94
CA VAL C 21 56.97 -13.48 62.87
C VAL C 21 57.31 -13.74 61.41
N GLY C 22 58.59 -13.89 61.12
CA GLY C 22 59.05 -14.28 59.79
C GLY C 22 58.59 -13.38 58.66
N GLY C 23 58.39 -12.09 58.92
CA GLY C 23 57.93 -11.21 57.87
C GLY C 23 56.45 -11.23 57.61
N ARG C 24 55.71 -11.96 58.47
CA ARG C 24 54.23 -11.99 58.36
C ARG C 24 53.66 -11.49 59.68
N LEU C 25 52.56 -10.73 59.61
CA LEU C 25 51.94 -10.15 60.80
C LEU C 25 50.65 -10.89 61.09
N MET C 26 50.53 -11.40 62.32
CA MET C 26 49.36 -12.11 62.79
C MET C 26 48.63 -11.27 63.81
N LYS C 27 47.31 -11.45 63.86
CA LYS C 27 46.43 -10.78 64.78
C LYS C 27 45.23 -11.68 65.08
N PRO C 28 44.88 -11.85 66.35
CA PRO C 28 43.72 -12.70 66.67
C PRO C 28 42.46 -12.17 66.02
N LEU C 29 41.61 -13.09 65.57
CA LEU C 29 40.38 -12.69 64.91
C LEU C 29 39.31 -12.25 65.90
N HIS C 30 39.20 -12.96 67.02
CA HIS C 30 38.20 -12.60 68.02
C HIS C 30 38.47 -11.23 68.65
N VAL C 31 39.72 -10.85 68.76
CA VAL C 31 40.07 -9.51 69.24
C VAL C 31 39.84 -8.51 68.12
N GLU C 32 38.99 -7.52 68.37
CA GLU C 32 38.71 -6.45 67.43
C GLU C 32 39.32 -5.13 67.89
N GLY C 33 40.04 -4.48 66.99
CA GLY C 33 40.67 -3.21 67.30
C GLY C 33 41.56 -2.77 66.15
N LYS C 34 42.15 -1.59 66.35
CA LYS C 34 43.11 -1.04 65.40
C LYS C 34 44.54 -1.23 65.87
N ILE C 35 45.41 -1.66 64.95
CA ILE C 35 46.85 -1.74 65.21
C ILE C 35 47.45 -0.36 65.39
N ASP C 36 48.32 -0.23 66.40
CA ASP C 36 48.94 1.05 66.71
C ASP C 36 49.85 1.53 65.58
N ASN C 37 50.61 0.61 64.97
CA ASN C 37 51.44 0.98 63.82
C ASN C 37 50.61 1.40 62.61
N GLU C 38 50.94 2.58 62.08
CA GLU C 38 50.23 3.05 60.89
C GLU C 38 50.56 2.18 59.69
N GLN C 39 51.81 1.71 59.62
CA GLN C 39 52.20 0.84 58.53
C GLN C 39 51.41 -0.46 58.56
N LEU C 40 51.26 -1.06 59.74
CA LEU C 40 50.52 -2.29 59.82
C LEU C 40 49.05 -2.06 59.55
N ALA C 41 48.58 -0.83 59.77
CA ALA C 41 47.20 -0.49 59.44
C ALA C 41 46.94 -0.59 57.95
N ALA C 42 47.97 -0.44 57.13
CA ALA C 42 47.84 -0.57 55.69
C ALA C 42 48.00 -2.00 55.18
N VAL C 43 48.27 -2.95 56.06
CA VAL C 43 48.41 -4.35 55.63
C VAL C 43 47.03 -4.97 55.50
N LYS C 44 46.74 -5.53 54.32
CA LYS C 44 45.51 -6.29 54.15
C LYS C 44 45.59 -7.64 54.83
N LEU C 45 44.52 -8.01 55.55
CA LEU C 45 44.50 -9.24 56.32
C LEU C 45 43.56 -10.23 55.65
N LYS C 46 44.06 -11.44 55.42
CA LYS C 46 43.23 -12.57 55.05
C LYS C 46 43.06 -13.48 56.26
N LYS C 47 41.85 -13.99 56.44
CA LYS C 47 41.43 -14.57 57.70
C LYS C 47 41.35 -16.08 57.58
N ALA C 48 42.03 -16.78 58.49
CA ALA C 48 41.82 -18.21 58.72
C ALA C 48 40.86 -18.31 59.89
N SER C 49 39.57 -18.35 59.57
CA SER C 49 38.52 -18.24 60.56
C SER C 49 38.52 -19.42 61.51
N MET C 50 38.76 -20.62 60.99
CA MET C 50 38.87 -21.77 61.87
C MET C 50 40.07 -21.71 62.81
N TYR C 51 41.13 -20.98 62.46
CA TYR C 51 42.21 -20.78 63.41
C TYR C 51 42.06 -19.50 64.23
N ASP C 52 40.99 -18.73 64.01
CA ASP C 52 40.70 -17.53 64.80
C ASP C 52 41.83 -16.51 64.71
N LEU C 53 42.42 -16.41 63.52
CA LEU C 53 43.62 -15.61 63.36
C LEU C 53 43.55 -14.97 61.99
N GLU C 54 44.25 -13.86 61.82
CA GLU C 54 44.48 -13.30 60.50
C GLU C 54 45.95 -12.98 60.33
N TYR C 55 46.48 -13.26 59.15
CA TYR C 55 47.89 -13.05 58.88
C TYR C 55 48.03 -12.20 57.63
N GLY C 56 49.10 -11.43 57.58
CA GLY C 56 49.36 -10.59 56.43
C GLY C 56 50.85 -10.43 56.24
N ASP C 57 51.21 -10.09 55.02
CA ASP C 57 52.62 -9.94 54.66
C ASP C 57 53.08 -8.54 55.08
N VAL C 58 54.09 -8.49 55.95
CA VAL C 58 54.52 -7.20 56.48
C VAL C 58 55.28 -6.48 55.38
N PRO C 59 55.39 -5.17 55.42
CA PRO C 59 56.11 -4.47 54.37
C PRO C 59 57.60 -4.77 54.41
N GLN C 60 58.33 -4.24 53.43
CA GLN C 60 59.69 -4.70 53.16
C GLN C 60 60.71 -4.22 54.18
N ASN C 61 60.38 -3.17 54.92
CA ASN C 61 61.35 -2.58 55.89
C ASN C 61 61.37 -3.43 57.17
N MET C 62 60.27 -4.09 57.50
CA MET C 62 60.20 -4.86 58.78
C MET C 62 60.19 -6.36 58.49
N LYS C 63 60.36 -6.76 57.22
CA LYS C 63 60.44 -8.22 56.91
C LYS C 63 61.64 -8.80 57.65
N SER C 64 62.73 -8.03 57.76
CA SER C 64 63.92 -8.49 58.53
C SER C 64 63.70 -8.24 60.02
N ASP C 65 63.05 -7.12 60.36
CA ASP C 65 62.80 -6.77 61.77
C ASP C 65 61.61 -7.60 62.27
N THR C 66 61.82 -8.89 62.56
CA THR C 66 60.69 -9.76 62.94
C THR C 66 61.13 -10.81 63.97
N LEU C 67 60.19 -11.44 64.66
CA LEU C 67 60.53 -12.53 65.63
C LEU C 67 60.85 -13.80 64.84
N GLN C 68 61.77 -14.62 65.34
CA GLN C 68 62.05 -15.88 64.68
C GLN C 68 61.26 -17.01 65.32
N TYR C 69 60.69 -17.89 64.49
CA TYR C 69 59.91 -19.01 64.97
C TYR C 69 60.82 -20.17 65.35
N THR C 70 60.26 -21.14 66.06
CA THR C 70 60.98 -22.37 66.31
C THR C 70 59.98 -23.51 66.48
N SER C 71 60.50 -24.73 66.35
CA SER C 71 59.67 -25.91 66.42
C SER C 71 60.06 -26.89 67.51
N ASP C 72 61.27 -26.80 68.05
CA ASP C 72 61.72 -27.73 69.07
C ASP C 72 61.11 -27.32 70.40
N LYS C 73 60.42 -28.26 71.05
CA LYS C 73 59.64 -27.97 72.25
C LYS C 73 59.88 -29.05 73.29
N PRO C 74 61.05 -29.06 73.91
CA PRO C 74 61.24 -29.89 75.09
C PRO C 74 60.36 -29.40 76.22
N PRO C 75 59.83 -30.30 77.03
CA PRO C 75 58.96 -29.87 78.13
C PRO C 75 59.75 -29.10 79.19
N GLY C 76 59.07 -28.17 79.81
CA GLY C 76 59.69 -27.34 80.82
C GLY C 76 59.15 -25.93 80.79
N PHE C 77 59.91 -25.03 81.39
CA PHE C 77 59.52 -23.64 81.54
C PHE C 77 59.90 -22.81 80.33
N TYR C 78 59.00 -21.90 79.94
CA TYR C 78 59.26 -21.02 78.83
C TYR C 78 58.90 -19.59 79.21
N ASN C 79 59.52 -18.66 78.50
CA ASN C 79 59.41 -17.24 78.80
C ASN C 79 58.06 -16.68 78.39
N TRP C 80 57.69 -15.59 79.06
CA TRP C 80 56.41 -14.94 78.80
C TRP C 80 56.45 -13.53 79.36
N HIS C 81 55.70 -12.64 78.70
CA HIS C 81 55.69 -11.23 79.09
C HIS C 81 55.26 -11.04 80.54
N HIS C 82 54.37 -11.89 81.02
CA HIS C 82 53.96 -11.82 82.41
C HIS C 82 54.77 -12.74 83.31
N GLY C 83 55.72 -13.48 82.76
CA GLY C 83 56.55 -14.32 83.60
C GLY C 83 56.99 -15.61 82.94
N ALA C 84 56.70 -16.73 83.58
CA ALA C 84 57.06 -18.03 83.04
C ALA C 84 55.81 -18.86 82.77
N VAL C 85 55.85 -19.61 81.68
CA VAL C 85 54.78 -20.51 81.30
C VAL C 85 55.34 -21.92 81.23
N GLN C 86 54.55 -22.88 81.70
CA GLN C 86 54.96 -24.26 81.79
C GLN C 86 54.39 -25.03 80.61
N TYR C 87 55.26 -25.68 79.83
CA TYR C 87 54.86 -26.62 78.81
C TYR C 87 55.02 -28.04 79.33
N GLU C 88 53.89 -28.67 79.64
CA GLU C 88 53.88 -29.98 80.28
C GLU C 88 52.72 -30.78 79.74
N ASN C 89 52.95 -32.08 79.56
CA ASN C 89 51.92 -32.98 79.04
C ASN C 89 51.37 -32.47 77.72
N GLY C 90 52.22 -31.82 76.93
CA GLY C 90 51.74 -31.19 75.71
C GLY C 90 50.78 -30.06 75.97
N ARG C 91 50.88 -29.40 77.12
CA ARG C 91 49.94 -28.35 77.51
C ARG C 91 50.74 -27.16 78.00
N PHE C 92 50.28 -25.97 77.63
CA PHE C 92 50.85 -24.73 78.15
C PHE C 92 50.06 -24.29 79.37
N THR C 93 50.74 -24.08 80.49
CA THR C 93 50.04 -23.68 81.71
C THR C 93 50.79 -22.60 82.46
N VAL C 94 50.02 -21.82 83.21
CA VAL C 94 50.49 -20.68 83.99
C VAL C 94 49.86 -20.79 85.37
N PRO C 95 50.43 -20.10 86.37
CA PRO C 95 49.79 -20.10 87.68
C PRO C 95 48.39 -19.53 87.57
N ARG C 96 47.47 -20.12 88.31
CA ARG C 96 46.06 -19.78 88.17
C ARG C 96 45.81 -18.37 88.70
N GLY C 97 45.41 -17.46 87.81
CA GLY C 97 45.13 -16.10 88.21
C GLY C 97 45.78 -15.02 87.36
N VAL C 98 46.96 -15.30 86.84
CA VAL C 98 47.68 -14.34 86.01
C VAL C 98 47.19 -14.44 84.57
N GLY C 99 47.03 -13.31 83.92
CA GLY C 99 46.50 -13.30 82.57
C GLY C 99 44.98 -13.19 82.55
N GLY C 100 44.47 -12.65 81.45
CA GLY C 100 43.04 -12.53 81.27
C GLY C 100 42.71 -11.82 79.99
N LYS C 101 41.50 -11.26 79.95
CA LYS C 101 41.02 -10.58 78.75
C LYS C 101 41.97 -9.46 78.35
N GLY C 102 42.21 -9.34 77.04
CA GLY C 102 43.17 -8.39 76.53
C GLY C 102 44.58 -8.92 76.37
N ASP C 103 44.85 -10.12 76.87
CA ASP C 103 46.15 -10.75 76.74
C ASP C 103 46.25 -11.65 75.52
N SER C 104 45.21 -11.70 74.70
CA SER C 104 45.25 -12.47 73.47
C SER C 104 46.27 -11.90 72.49
N GLY C 105 46.92 -12.80 71.76
CA GLY C 105 47.97 -12.45 70.83
C GLY C 105 49.32 -12.20 71.46
N ARG C 106 49.46 -12.40 72.76
CA ARG C 106 50.76 -12.28 73.40
C ARG C 106 51.66 -13.41 72.92
N PRO C 107 52.86 -13.13 72.44
CA PRO C 107 53.78 -14.20 72.05
C PRO C 107 54.36 -14.94 73.24
N ILE C 108 54.59 -16.24 73.05
CA ILE C 108 55.37 -17.05 73.98
C ILE C 108 56.74 -17.28 73.38
N LEU C 109 57.76 -16.90 74.12
CA LEU C 109 59.14 -16.91 73.66
C LEU C 109 59.91 -18.12 74.13
N ASP C 110 61.04 -18.34 73.46
CA ASP C 110 62.06 -19.27 73.88
C ASP C 110 63.20 -18.51 74.56
N ASN C 111 64.07 -19.25 75.23
CA ASN C 111 65.12 -18.61 76.02
C ASN C 111 66.07 -17.83 75.13
N ARG C 112 66.32 -18.33 73.92
CA ARG C 112 67.18 -17.65 72.96
C ARG C 112 66.46 -16.54 72.23
N GLY C 113 65.18 -16.33 72.52
CA GLY C 113 64.43 -15.23 71.97
C GLY C 113 63.53 -15.59 70.81
N ARG C 114 63.35 -16.87 70.53
CA ARG C 114 62.53 -17.28 69.41
C ARG C 114 61.10 -17.53 69.91
N VAL C 115 60.15 -17.50 68.99
CA VAL C 115 58.75 -17.74 69.36
C VAL C 115 58.35 -19.19 69.16
N VAL C 116 57.63 -19.70 70.14
CA VAL C 116 57.16 -21.06 70.15
C VAL C 116 55.65 -21.16 69.96
N ALA C 117 54.89 -20.19 70.46
CA ALA C 117 53.44 -20.23 70.39
C ALA C 117 52.89 -18.83 70.59
N ILE C 118 51.61 -18.66 70.25
CA ILE C 118 50.86 -17.43 70.50
C ILE C 118 49.62 -17.77 71.32
N VAL C 119 49.42 -17.04 72.41
CA VAL C 119 48.33 -17.28 73.34
C VAL C 119 47.02 -16.72 72.78
N LEU C 120 45.96 -17.49 72.93
CA LEU C 120 44.62 -17.04 72.56
C LEU C 120 43.64 -16.98 73.71
N GLY C 121 43.75 -17.87 74.69
CA GLY C 121 42.79 -17.90 75.77
C GLY C 121 43.30 -18.76 76.89
N GLY C 122 42.42 -18.98 77.88
CA GLY C 122 42.77 -19.84 79.00
C GLY C 122 41.55 -20.54 79.54
N ALA C 123 41.78 -21.69 80.19
CA ALA C 123 40.77 -22.35 81.00
C ALA C 123 41.37 -22.74 82.35
N ASN C 124 40.64 -22.45 83.41
CA ASN C 124 41.08 -22.71 84.77
C ASN C 124 40.64 -24.09 85.26
N GLU C 125 41.59 -24.88 85.71
CA GLU C 125 41.33 -26.16 86.34
C GLU C 125 41.17 -26.01 87.84
N GLY C 126 41.48 -24.84 88.38
CA GLY C 126 41.53 -24.60 89.82
C GLY C 126 42.93 -24.58 90.38
N THR C 127 43.75 -25.57 90.05
CA THR C 127 45.16 -25.56 90.43
C THR C 127 45.95 -24.62 89.54
N ARG C 128 45.81 -24.76 88.22
CA ARG C 128 46.50 -23.94 87.25
C ARG C 128 45.51 -23.43 86.22
N THR C 129 46.04 -22.71 85.23
CA THR C 129 45.27 -22.26 84.08
C THR C 129 45.94 -22.78 82.82
N ALA C 130 45.18 -23.53 82.03
CA ALA C 130 45.65 -24.03 80.75
C ALA C 130 45.34 -23.03 79.66
N LEU C 131 46.35 -22.68 78.87
CA LEU C 131 46.21 -21.68 77.82
C LEU C 131 45.83 -22.33 76.50
N SER C 132 44.75 -21.86 75.89
CA SER C 132 44.46 -22.18 74.50
C SER C 132 45.33 -21.30 73.63
N VAL C 133 46.28 -21.92 72.92
CA VAL C 133 47.27 -21.21 72.12
C VAL C 133 47.32 -21.87 70.75
N VAL C 134 48.20 -21.38 69.89
CA VAL C 134 48.60 -22.09 68.68
C VAL C 134 50.03 -22.56 68.82
N THR C 135 50.23 -23.85 68.60
CA THR C 135 51.52 -24.52 68.70
C THR C 135 51.92 -25.10 67.36
N TRP C 136 53.21 -25.11 67.12
CA TRP C 136 53.76 -25.62 65.87
C TRP C 136 54.27 -27.03 66.12
N ASN C 137 54.43 -27.77 65.03
CA ASN C 137 54.79 -29.17 65.14
C ASN C 137 56.04 -29.49 64.34
N GLN C 138 56.60 -30.65 64.66
CA GLN C 138 57.85 -31.09 64.03
C GLN C 138 57.68 -31.18 62.54
N LYS C 139 56.50 -31.56 62.09
CA LYS C 139 56.16 -31.59 60.68
C LYS C 139 55.78 -30.21 60.17
N GLY C 140 56.08 -29.15 60.94
CA GLY C 140 55.73 -27.82 60.51
C GLY C 140 54.22 -27.63 60.46
N VAL C 141 53.52 -28.18 61.44
CA VAL C 141 52.07 -28.13 61.48
C VAL C 141 51.66 -27.27 62.66
N THR C 142 50.80 -26.29 62.41
CA THR C 142 50.29 -25.44 63.46
C THR C 142 48.92 -25.91 63.94
N ILE C 143 48.89 -26.49 65.14
CA ILE C 143 47.64 -26.92 65.77
C ILE C 143 47.16 -25.78 66.66
N LYS C 144 45.90 -25.41 66.53
CA LYS C 144 45.32 -24.49 67.51
C LYS C 144 44.91 -25.32 68.72
N ASP C 145 45.78 -25.36 69.73
CA ASP C 145 45.52 -26.14 70.93
C ASP C 145 44.59 -25.38 71.87
N THR C 146 43.39 -25.89 72.02
CA THR C 146 42.39 -25.30 72.92
C THR C 146 41.92 -26.33 73.90
N PRO C 147 42.32 -26.25 75.17
CA PRO C 147 41.77 -27.15 76.19
C PRO C 147 40.28 -26.92 76.37
N GLU C 148 39.62 -27.94 76.92
CA GLU C 148 38.19 -27.84 77.19
C GLU C 148 37.91 -26.67 78.11
N GLY C 149 36.87 -25.91 77.78
CA GLY C 149 36.52 -24.75 78.57
C GLY C 149 37.35 -23.53 78.27
N SER C 150 38.10 -23.54 77.16
CA SER C 150 38.91 -22.39 76.79
C SER C 150 38.04 -21.16 76.56
N GLU C 151 38.50 -20.03 77.07
CA GLU C 151 37.78 -18.76 76.92
C GLU C 151 38.70 -17.76 76.24
N PRO C 152 38.30 -17.18 75.11
CA PRO C 152 39.22 -16.30 74.38
C PRO C 152 39.41 -14.99 75.14
N TRP C 153 40.66 -14.63 75.37
CA TRP C 153 40.94 -13.50 76.24
C TRP C 153 40.84 -12.18 75.49
N PHE D 1 -43.18 55.80 48.61
CA PHE D 1 -42.06 55.21 49.33
C PHE D 1 -41.28 54.35 48.34
N GLU D 2 -39.97 54.58 48.22
CA GLU D 2 -39.13 53.90 47.26
C GLU D 2 -38.40 52.72 47.89
N HIS D 3 -38.43 51.57 47.23
CA HIS D 3 -37.67 50.39 47.59
C HIS D 3 -36.74 50.00 46.46
N ALA D 4 -35.48 49.76 46.80
CA ALA D 4 -34.49 49.31 45.82
C ALA D 4 -34.06 47.88 46.13
N THR D 5 -34.01 47.04 45.10
CA THR D 5 -33.57 45.66 45.23
C THR D 5 -32.86 45.25 43.95
N THR D 6 -32.35 44.01 43.93
CA THR D 6 -31.67 43.46 42.76
C THR D 6 -32.21 42.07 42.46
N VAL D 7 -33.14 41.99 41.51
CA VAL D 7 -33.75 40.72 41.11
C VAL D 7 -32.83 39.98 40.14
N PRO D 8 -32.91 38.67 40.05
CA PRO D 8 -32.14 37.94 39.03
C PRO D 8 -32.89 37.91 37.71
N ASN D 9 -32.15 38.11 36.62
CA ASN D 9 -32.72 38.09 35.28
C ASN D 9 -32.92 36.65 34.83
N VAL D 10 -34.06 36.09 35.24
CA VAL D 10 -34.43 34.72 34.91
C VAL D 10 -35.92 34.71 34.60
N PRO D 11 -36.30 34.59 33.33
CA PRO D 11 -37.72 34.69 32.97
C PRO D 11 -38.57 33.62 33.65
N GLY D 12 -39.78 34.03 34.03
CA GLY D 12 -40.78 33.12 34.53
C GLY D 12 -40.67 32.76 35.99
N ILE D 13 -39.63 33.20 36.68
CA ILE D 13 -39.44 32.88 38.09
C ILE D 13 -39.75 34.13 38.91
N PRO D 14 -40.79 34.12 39.74
CA PRO D 14 -41.02 35.27 40.63
C PRO D 14 -39.91 35.45 41.62
N TYR D 15 -39.58 36.71 41.89
CA TYR D 15 -38.79 37.10 43.04
C TYR D 15 -39.68 37.85 44.01
N LYS D 16 -39.68 37.42 45.27
CA LYS D 16 -40.54 37.98 46.30
C LYS D 16 -39.69 38.74 47.31
N ALA D 17 -40.24 39.85 47.81
CA ALA D 17 -39.59 40.62 48.86
C ALA D 17 -40.66 41.24 49.74
N LEU D 18 -40.25 41.69 50.92
CA LEU D 18 -41.14 42.36 51.87
C LEU D 18 -40.60 43.75 52.18
N VAL D 19 -41.24 44.77 51.62
CA VAL D 19 -40.90 46.16 51.91
C VAL D 19 -41.52 46.53 53.26
N GLU D 20 -40.70 47.06 54.15
CA GLU D 20 -41.11 47.39 55.52
C GLU D 20 -40.92 48.89 55.75
N ARG D 21 -42.03 49.60 55.84
CA ARG D 21 -42.00 51.03 56.11
C ARG D 21 -41.90 51.30 57.61
N ALA D 22 -41.58 52.56 57.93
CA ALA D 22 -41.37 52.97 59.32
C ALA D 22 -42.65 52.86 60.14
N GLY D 23 -43.79 53.26 59.59
CA GLY D 23 -45.01 53.33 60.38
C GLY D 23 -46.22 52.71 59.70
N TYR D 24 -45.97 51.77 58.81
CA TYR D 24 -47.03 51.07 58.10
C TYR D 24 -46.80 49.57 58.22
N ALA D 25 -47.85 48.81 58.02
CA ALA D 25 -47.72 47.36 57.97
C ALA D 25 -46.79 46.96 56.83
N PRO D 26 -46.00 45.90 57.01
CA PRO D 26 -45.15 45.44 55.92
C PRO D 26 -45.99 45.01 54.71
N LEU D 27 -45.47 45.31 53.53
CA LEU D 27 -46.16 45.04 52.27
C LEU D 27 -45.37 44.03 51.47
N ASN D 28 -46.07 43.03 50.94
CA ASN D 28 -45.42 42.07 50.05
C ASN D 28 -45.04 42.72 48.74
N LEU D 29 -44.02 42.17 48.09
CA LEU D 29 -43.56 42.64 46.80
C LEU D 29 -43.04 41.43 46.04
N GLU D 30 -43.78 41.02 45.01
CA GLU D 30 -43.37 39.94 44.12
C GLU D 30 -43.12 40.54 42.75
N ILE D 31 -41.98 40.17 42.16
CA ILE D 31 -41.54 40.68 40.86
C ILE D 31 -41.33 39.47 39.94
N THR D 32 -41.98 39.49 38.78
CA THR D 32 -41.76 38.48 37.75
C THR D 32 -41.27 39.14 36.48
N VAL D 33 -40.19 38.59 35.93
CA VAL D 33 -39.75 38.93 34.58
C VAL D 33 -40.55 38.09 33.60
N VAL D 34 -41.69 38.61 33.17
CA VAL D 34 -42.57 37.85 32.27
C VAL D 34 -41.90 37.60 30.93
N SER D 35 -41.23 38.62 30.39
CA SER D 35 -40.54 38.48 29.13
C SER D 35 -39.36 39.43 29.10
N SER D 36 -38.43 39.15 28.21
CA SER D 36 -37.33 40.07 27.95
C SER D 36 -37.06 40.12 26.45
N GLU D 37 -36.39 41.21 26.05
CA GLU D 37 -36.07 41.43 24.65
C GLU D 37 -34.72 42.13 24.61
N LEU D 38 -33.68 41.37 24.30
CA LEU D 38 -32.39 41.93 23.93
C LEU D 38 -32.36 42.24 22.44
N THR D 39 -32.54 43.52 22.10
CA THR D 39 -32.60 43.96 20.72
C THR D 39 -31.43 44.89 20.39
N PRO D 40 -30.66 44.58 19.38
CA PRO D 40 -29.63 45.51 18.92
C PRO D 40 -30.15 46.51 17.90
N SER D 41 -29.28 47.44 17.50
CA SER D 41 -29.55 48.35 16.40
C SER D 41 -28.84 47.85 15.15
N THR D 42 -29.57 47.77 14.05
CA THR D 42 -29.06 47.15 12.83
C THR D 42 -29.21 48.10 11.65
N ASN D 43 -28.27 48.01 10.72
CA ASN D 43 -28.36 48.68 9.43
C ASN D 43 -28.09 47.69 8.31
N LYS D 44 -28.93 47.71 7.28
CA LYS D 44 -28.78 46.81 6.14
C LYS D 44 -27.56 47.20 5.32
N GLU D 45 -26.63 46.26 5.13
CA GLU D 45 -25.53 46.51 4.19
C GLU D 45 -25.91 46.19 2.76
N TYR D 46 -26.44 45.00 2.50
CA TYR D 46 -26.93 44.66 1.17
C TYR D 46 -27.70 43.35 1.25
N VAL D 47 -28.29 42.99 0.13
CA VAL D 47 -28.99 41.72 -0.06
C VAL D 47 -28.34 40.91 -1.16
N THR D 48 -28.46 39.60 -1.07
CA THR D 48 -27.86 38.71 -2.06
C THR D 48 -28.72 37.46 -2.21
N CYS D 49 -28.56 36.79 -3.35
CA CYS D 49 -29.29 35.56 -3.67
C CYS D 49 -28.59 34.90 -4.86
N LYS D 50 -29.21 33.89 -5.45
CA LYS D 50 -28.76 33.33 -6.73
C LYS D 50 -28.74 34.38 -7.82
N PHE D 51 -27.62 34.53 -8.50
CA PHE D 51 -27.61 35.30 -9.72
C PHE D 51 -28.21 34.50 -10.86
N HIS D 52 -28.90 35.18 -11.76
CA HIS D 52 -29.26 34.65 -13.07
C HIS D 52 -28.29 35.14 -14.12
N THR D 53 -27.61 34.23 -14.78
CA THR D 53 -26.60 34.60 -15.76
C THR D 53 -27.28 34.87 -17.10
N VAL D 54 -27.65 36.13 -17.33
CA VAL D 54 -28.28 36.54 -18.58
C VAL D 54 -27.23 36.70 -19.66
N VAL D 55 -27.46 36.06 -20.80
CA VAL D 55 -26.56 36.16 -21.95
C VAL D 55 -27.31 36.86 -23.07
N PRO D 56 -27.01 38.11 -23.37
CA PRO D 56 -27.62 38.77 -24.52
C PRO D 56 -27.36 38.00 -25.80
N SER D 57 -28.32 38.06 -26.69
CA SER D 57 -28.15 37.44 -28.00
C SER D 57 -26.92 38.05 -28.68
N PRO D 58 -26.06 37.24 -29.26
CA PRO D 58 -24.86 37.77 -29.91
C PRO D 58 -25.18 38.59 -31.14
N GLN D 59 -24.29 39.53 -31.45
CA GLN D 59 -24.35 40.31 -32.68
C GLN D 59 -23.09 40.04 -33.49
N VAL D 60 -23.21 40.21 -34.81
CA VAL D 60 -22.17 39.81 -35.74
C VAL D 60 -21.95 40.88 -36.79
N LYS D 61 -20.78 40.81 -37.41
CA LYS D 61 -20.37 41.67 -38.52
C LYS D 61 -19.07 41.11 -39.05
N CYS D 62 -18.95 41.04 -40.37
CA CYS D 62 -17.70 40.67 -41.01
C CYS D 62 -17.14 41.83 -41.82
N CYS D 63 -16.08 41.53 -42.59
CA CYS D 63 -15.41 42.49 -43.46
C CYS D 63 -15.26 43.86 -42.78
N GLY D 64 -14.96 43.84 -41.48
CA GLY D 64 -15.06 45.00 -40.62
C GLY D 64 -14.54 44.63 -39.23
N SER D 65 -15.08 45.22 -38.17
CA SER D 65 -14.75 44.73 -36.83
C SER D 65 -15.76 45.29 -35.83
N LEU D 66 -15.50 45.02 -34.55
CA LEU D 66 -16.31 45.46 -33.43
C LEU D 66 -15.40 45.59 -32.22
N GLU D 67 -15.75 46.53 -31.33
CA GLU D 67 -15.01 46.75 -30.10
C GLU D 67 -15.94 46.61 -28.92
N CYS D 68 -15.42 46.06 -27.83
CA CYS D 68 -16.20 45.90 -26.62
C CYS D 68 -16.42 47.25 -25.95
N LYS D 69 -17.68 47.62 -25.79
CA LYS D 69 -18.06 48.85 -25.13
C LYS D 69 -18.03 48.64 -23.62
N ALA D 70 -18.29 49.70 -22.87
CA ALA D 70 -18.39 49.63 -21.42
C ALA D 70 -19.82 49.90 -21.02
N SER D 71 -20.37 49.03 -20.18
CA SER D 71 -21.72 49.17 -19.66
C SER D 71 -21.68 49.30 -18.15
N SER D 72 -22.86 49.41 -17.55
CA SER D 72 -22.99 49.46 -16.10
C SER D 72 -23.67 48.21 -15.54
N LYS D 73 -23.72 47.12 -16.31
CA LYS D 73 -24.32 45.91 -15.77
C LYS D 73 -23.39 45.28 -14.74
N ALA D 74 -23.94 44.36 -13.98
CA ALA D 74 -23.19 43.75 -12.89
C ALA D 74 -22.21 42.72 -13.44
N ASP D 75 -20.94 42.93 -13.11
CA ASP D 75 -19.85 42.09 -13.58
C ASP D 75 -19.85 41.98 -15.10
N TYR D 76 -20.13 43.09 -15.77
CA TYR D 76 -20.21 43.06 -17.22
C TYR D 76 -18.92 42.59 -17.85
N THR D 77 -19.03 41.61 -18.73
CA THR D 77 -17.88 41.02 -19.40
C THR D 77 -18.23 40.90 -20.87
N CYS D 78 -17.34 41.38 -21.72
CA CYS D 78 -17.54 41.34 -23.16
C CYS D 78 -16.24 40.92 -23.82
N ARG D 79 -16.35 40.18 -24.92
CA ARG D 79 -15.18 39.83 -25.70
C ARG D 79 -15.53 39.81 -27.18
N VAL D 80 -14.49 39.91 -28.00
CA VAL D 80 -14.62 39.91 -29.45
C VAL D 80 -13.84 38.74 -30.02
N PHE D 81 -14.51 37.93 -30.83
CA PHE D 81 -13.89 36.82 -31.53
C PHE D 81 -13.86 37.07 -33.03
N GLY D 82 -12.82 36.54 -33.67
CA GLY D 82 -12.59 36.74 -35.09
C GLY D 82 -13.38 35.84 -36.02
N GLY D 83 -12.68 35.20 -36.95
CA GLY D 83 -13.27 34.35 -37.96
C GLY D 83 -14.14 33.28 -37.35
N VAL D 84 -15.47 33.38 -37.52
CA VAL D 84 -16.45 32.41 -36.93
C VAL D 84 -17.43 31.92 -38.00
N TYR D 85 -17.80 32.74 -38.97
CA TYR D 85 -18.78 32.35 -40.03
C TYR D 85 -19.92 31.59 -39.38
N PRO D 86 -20.71 32.22 -38.49
CA PRO D 86 -21.76 31.52 -37.76
C PRO D 86 -22.83 30.95 -38.71
N PHE D 87 -23.35 29.75 -38.44
CA PHE D 87 -24.41 29.10 -39.25
C PHE D 87 -25.70 28.99 -38.42
N MET D 88 -26.84 29.39 -38.97
CA MET D 88 -28.16 29.27 -38.28
C MET D 88 -28.93 28.16 -39.00
N TRP D 89 -30.25 28.28 -39.20
CA TRP D 89 -31.06 27.21 -39.84
C TRP D 89 -30.84 27.22 -41.36
N GLY D 90 -30.31 28.32 -41.91
CA GLY D 90 -30.00 28.41 -43.36
C GLY D 90 -28.63 27.81 -43.64
N GLY D 91 -27.84 27.57 -42.60
CA GLY D 91 -26.52 26.99 -42.71
C GLY D 91 -25.45 27.95 -43.12
N ALA D 92 -25.78 29.23 -43.24
CA ALA D 92 -24.81 30.27 -43.56
C ALA D 92 -25.46 31.60 -43.22
N GLN D 93 -24.86 32.35 -42.31
CA GLN D 93 -25.36 33.67 -41.98
C GLN D 93 -24.41 34.79 -42.37
N CYS D 94 -23.43 34.51 -43.23
CA CYS D 94 -22.43 35.55 -43.40
C CYS D 94 -21.72 35.42 -44.74
N PHE D 95 -21.03 36.50 -45.08
CA PHE D 95 -20.25 36.72 -46.28
C PHE D 95 -18.90 37.28 -45.83
N CYS D 96 -17.88 37.22 -46.68
CA CYS D 96 -16.51 37.47 -46.26
C CYS D 96 -16.10 36.50 -45.16
N ASP D 97 -15.99 35.24 -45.56
CA ASP D 97 -15.75 34.16 -44.61
C ASP D 97 -14.50 34.39 -43.76
N SER D 98 -13.61 35.28 -44.17
CA SER D 98 -12.53 35.72 -43.30
C SER D 98 -12.77 37.14 -42.82
N GLU D 99 -12.11 37.48 -41.72
CA GLU D 99 -12.34 38.72 -40.98
C GLU D 99 -13.80 38.83 -40.54
N ASN D 100 -14.22 37.85 -39.76
CA ASN D 100 -15.62 37.50 -39.69
C ASN D 100 -16.15 37.69 -38.27
N THR D 101 -15.84 38.83 -37.66
CA THR D 101 -15.79 38.92 -36.21
C THR D 101 -17.17 38.82 -35.57
N GLN D 102 -17.19 38.26 -34.35
CA GLN D 102 -18.39 38.14 -33.54
C GLN D 102 -18.18 38.73 -32.16
N LEU D 103 -19.22 39.38 -31.63
CA LEU D 103 -19.22 39.93 -30.28
C LEU D 103 -19.99 39.04 -29.31
N SER D 104 -19.29 38.58 -28.27
CA SER D 104 -19.88 37.81 -27.18
C SER D 104 -20.11 38.70 -25.96
N GLU D 105 -21.32 38.66 -25.41
CA GLU D 105 -21.67 39.54 -24.31
C GLU D 105 -22.47 38.78 -23.26
N ALA D 106 -22.21 39.09 -21.98
CA ALA D 106 -22.94 38.48 -20.87
C ALA D 106 -22.84 39.35 -19.63
N TYR D 107 -23.86 39.29 -18.79
CA TYR D 107 -23.81 39.91 -17.48
C TYR D 107 -24.82 39.19 -16.57
N VAL D 108 -24.94 39.67 -15.34
CA VAL D 108 -25.81 39.02 -14.35
C VAL D 108 -26.78 40.00 -13.72
N GLU D 109 -27.89 39.46 -13.24
CA GLU D 109 -28.91 40.19 -12.50
C GLU D 109 -29.43 39.27 -11.41
N PHE D 110 -30.48 39.69 -10.72
CA PHE D 110 -31.10 38.84 -9.71
C PHE D 110 -32.03 37.83 -10.37
N ALA D 111 -31.96 36.59 -9.88
CA ALA D 111 -32.84 35.55 -10.38
C ALA D 111 -34.30 35.88 -10.08
N PRO D 112 -35.22 35.35 -10.87
CA PRO D 112 -36.64 35.70 -10.69
C PRO D 112 -37.19 35.31 -9.33
N ASP D 113 -36.75 34.20 -8.76
CA ASP D 113 -37.25 33.76 -7.47
C ASP D 113 -36.48 34.36 -6.31
N CYS D 114 -35.71 35.39 -6.56
CA CYS D 114 -34.93 35.97 -5.48
C CYS D 114 -35.79 36.81 -4.56
N THR D 115 -37.01 37.12 -4.98
CA THR D 115 -37.87 37.95 -4.16
C THR D 115 -38.27 37.25 -2.88
N ILE D 116 -38.06 35.94 -2.78
CA ILE D 116 -38.23 35.22 -1.54
C ILE D 116 -36.90 34.72 -1.00
N ASP D 117 -36.13 34.03 -1.82
CA ASP D 117 -34.96 33.30 -1.33
C ASP D 117 -33.76 34.21 -1.47
N HIS D 118 -33.62 35.10 -0.49
CA HIS D 118 -32.55 36.07 -0.47
C HIS D 118 -32.03 36.23 0.93
N ALA D 119 -30.80 36.72 1.03
CA ALA D 119 -30.16 36.97 2.31
C ALA D 119 -29.88 38.46 2.49
N VAL D 120 -29.95 38.90 3.74
CA VAL D 120 -29.69 40.28 4.09
C VAL D 120 -28.49 40.33 5.02
N ALA D 121 -27.52 41.18 4.70
CA ALA D 121 -26.32 41.35 5.50
C ALA D 121 -26.49 42.56 6.40
N LEU D 122 -26.28 42.37 7.69
CA LEU D 122 -26.44 43.43 8.65
C LEU D 122 -25.19 43.60 9.49
N LYS D 123 -24.99 44.81 9.98
CA LYS D 123 -24.02 45.09 11.01
C LYS D 123 -24.77 45.48 12.27
N VAL D 124 -24.38 44.90 13.39
CA VAL D 124 -25.02 45.21 14.66
C VAL D 124 -24.12 46.06 15.53
N HIS D 125 -24.74 46.69 16.51
CA HIS D 125 -24.07 47.50 17.52
C HIS D 125 -24.45 46.97 18.89
N THR D 126 -24.12 47.74 19.92
CA THR D 126 -24.46 47.36 21.28
C THR D 126 -25.93 47.04 21.41
N ALA D 127 -26.23 45.89 21.99
CA ALA D 127 -27.60 45.44 22.12
C ALA D 127 -28.25 46.10 23.33
N ALA D 128 -29.51 46.46 23.18
CA ALA D 128 -30.30 47.03 24.26
C ALA D 128 -31.27 45.98 24.77
N LEU D 129 -31.29 45.79 26.09
CA LEU D 129 -32.21 44.84 26.71
C LEU D 129 -33.44 45.55 27.23
N LYS D 130 -34.61 45.02 26.86
CA LYS D 130 -35.91 45.48 27.34
C LYS D 130 -36.66 44.31 27.94
N VAL D 131 -37.28 44.52 29.10
CA VAL D 131 -38.00 43.46 29.79
C VAL D 131 -39.45 43.87 29.99
N GLY D 132 -40.36 42.93 29.72
CA GLY D 132 -41.72 43.05 30.21
C GLY D 132 -41.85 42.47 31.60
N LEU D 133 -42.33 43.27 32.54
CA LEU D 133 -42.46 42.87 33.93
C LEU D 133 -43.91 42.88 34.37
N ARG D 134 -44.29 41.87 35.16
CA ARG D 134 -45.49 41.91 35.98
C ARG D 134 -45.08 42.06 37.43
N ILE D 135 -45.55 43.13 38.06
CA ILE D 135 -45.28 43.45 39.45
C ILE D 135 -46.58 43.46 40.25
N VAL D 136 -46.63 42.68 41.32
CA VAL D 136 -47.72 42.75 42.28
C VAL D 136 -47.17 43.27 43.61
N TYR D 137 -47.82 44.28 44.15
CA TYR D 137 -47.48 44.84 45.44
C TYR D 137 -48.73 44.85 46.31
N GLY D 138 -48.62 44.30 47.51
CA GLY D 138 -49.77 44.16 48.38
C GLY D 138 -50.87 43.35 47.76
N ASN D 139 -51.94 44.02 47.33
CA ASN D 139 -53.03 43.38 46.64
C ASN D 139 -53.09 43.73 45.16
N THR D 140 -52.34 44.73 44.72
CA THR D 140 -52.50 45.28 43.38
C THR D 140 -51.34 44.80 42.51
N THR D 141 -51.67 44.34 41.30
CA THR D 141 -50.66 43.90 40.34
C THR D 141 -50.68 44.77 39.10
N ALA D 142 -49.50 45.00 38.52
CA ALA D 142 -49.40 45.80 37.33
C ALA D 142 -48.36 45.19 36.39
N ARG D 143 -48.66 45.22 35.09
CA ARG D 143 -47.73 44.82 34.05
C ARG D 143 -47.20 46.04 33.32
N LEU D 144 -45.89 46.07 33.07
CA LEU D 144 -45.26 47.21 32.43
C LEU D 144 -44.00 46.74 31.69
N ASP D 145 -43.77 47.33 30.54
CA ASP D 145 -42.54 47.13 29.77
C ASP D 145 -41.58 48.28 30.03
N THR D 146 -40.37 47.95 30.47
CA THR D 146 -39.35 48.95 30.79
C THR D 146 -38.02 48.59 30.13
N PHE D 147 -37.30 49.63 29.73
CA PHE D 147 -35.94 49.46 29.23
C PHE D 147 -34.96 49.35 30.39
N VAL D 148 -34.07 48.37 30.30
CA VAL D 148 -33.05 48.15 31.32
C VAL D 148 -31.80 48.92 30.92
N ASN D 149 -31.72 50.17 31.35
CA ASN D 149 -30.55 50.99 31.08
C ASN D 149 -30.11 51.82 32.28
N GLY D 150 -30.92 51.90 33.33
CA GLY D 150 -30.61 52.69 34.50
C GLY D 150 -31.25 54.06 34.53
N VAL D 151 -31.91 54.46 33.44
CA VAL D 151 -32.47 55.80 33.35
C VAL D 151 -33.94 55.77 32.96
N THR D 152 -34.24 55.11 31.86
CA THR D 152 -35.57 55.13 31.28
C THR D 152 -36.59 54.49 32.21
N PRO D 153 -37.66 55.19 32.57
CA PRO D 153 -38.64 54.63 33.50
C PRO D 153 -39.76 53.90 32.78
N GLY D 154 -40.25 52.86 33.45
CA GLY D 154 -41.54 52.27 33.11
C GLY D 154 -42.62 52.85 34.00
N SER D 155 -43.78 53.10 33.39
CA SER D 155 -44.89 53.74 34.09
C SER D 155 -46.16 52.95 33.87
N SER D 156 -46.92 52.74 34.96
CA SER D 156 -48.28 52.22 34.88
C SER D 156 -49.14 53.15 35.74
N ARG D 157 -49.49 54.30 35.18
CA ARG D 157 -50.58 55.17 35.63
C ARG D 157 -50.35 55.74 37.04
N ASP D 158 -49.64 54.99 37.88
CA ASP D 158 -49.22 55.47 39.20
C ASP D 158 -47.86 54.95 39.62
N LEU D 159 -47.36 53.87 39.02
CA LEU D 159 -46.14 53.22 39.46
C LEU D 159 -45.00 53.59 38.52
N LYS D 160 -43.89 54.03 39.10
CA LYS D 160 -42.67 54.32 38.38
C LYS D 160 -41.61 53.32 38.80
N VAL D 161 -40.84 52.84 37.83
CA VAL D 161 -39.76 51.90 38.07
C VAL D 161 -38.61 52.21 37.11
N ILE D 162 -37.39 52.15 37.64
CA ILE D 162 -36.18 52.25 36.84
C ILE D 162 -35.36 51.00 37.07
N ALA D 163 -34.89 50.40 35.99
CA ALA D 163 -34.14 49.15 36.04
C ALA D 163 -32.80 49.31 35.35
N GLY D 164 -31.89 48.42 35.71
CA GLY D 164 -30.58 48.36 35.08
C GLY D 164 -29.54 49.16 35.82
N PRO D 165 -28.30 49.13 35.31
CA PRO D 165 -27.86 48.45 34.08
C PRO D 165 -27.73 46.96 34.29
N ILE D 166 -27.64 46.17 33.21
CA ILE D 166 -27.38 44.75 33.37
C ILE D 166 -26.03 44.53 34.03
N SER D 167 -25.98 43.53 34.91
CA SER D 167 -24.77 43.26 35.67
C SER D 167 -23.60 42.92 34.75
N ALA D 168 -23.84 42.13 33.71
CA ALA D 168 -22.81 41.77 32.75
C ALA D 168 -23.33 41.95 31.33
N ALA D 169 -22.74 42.87 30.59
CA ALA D 169 -23.16 43.10 29.22
C ALA D 169 -22.88 41.86 28.38
N PHE D 170 -23.78 41.58 27.44
CA PHE D 170 -23.69 40.38 26.63
C PHE D 170 -24.52 40.54 25.37
N SER D 171 -24.05 39.89 24.29
CA SER D 171 -24.80 39.89 23.07
C SER D 171 -24.54 38.60 22.31
N PRO D 172 -25.59 37.86 21.92
CA PRO D 172 -25.38 36.62 21.17
C PRO D 172 -25.00 36.87 19.74
N PHE D 173 -25.15 38.10 19.27
CA PHE D 173 -24.82 38.46 17.89
C PHE D 173 -23.37 38.88 17.78
N ASP D 174 -22.65 38.25 16.87
CA ASP D 174 -21.38 38.79 16.45
C ASP D 174 -21.60 40.05 15.64
N HIS D 175 -20.49 40.69 15.27
CA HIS D 175 -20.56 41.99 14.60
C HIS D 175 -21.32 41.93 13.29
N LYS D 176 -21.09 40.89 12.50
CA LYS D 176 -21.77 40.68 11.23
C LYS D 176 -22.67 39.45 11.29
N VAL D 177 -23.93 39.61 10.86
CA VAL D 177 -24.90 38.51 10.87
C VAL D 177 -25.63 38.49 9.54
N VAL D 178 -26.25 37.35 9.25
CA VAL D 178 -26.99 37.15 8.01
C VAL D 178 -28.36 36.59 8.33
N ILE D 179 -29.40 37.14 7.69
CA ILE D 179 -30.76 36.68 7.88
C ILE D 179 -31.28 36.09 6.58
N ARG D 180 -31.81 34.87 6.66
CA ARG D 180 -32.36 34.15 5.53
C ARG D 180 -33.63 33.43 5.98
N LYS D 181 -34.78 33.90 5.53
CA LYS D 181 -36.04 33.22 5.79
C LYS D 181 -36.26 32.98 7.29
N GLY D 182 -35.85 33.93 8.10
CA GLY D 182 -36.01 33.77 9.53
C GLY D 182 -34.92 32.98 10.22
N LEU D 183 -33.95 32.46 9.49
CA LEU D 183 -32.80 31.81 10.11
C LEU D 183 -31.64 32.80 10.21
N VAL D 184 -31.00 32.82 11.38
CA VAL D 184 -29.89 33.72 11.64
C VAL D 184 -28.58 32.94 11.69
N TYR D 185 -27.55 33.47 11.06
CA TYR D 185 -26.23 32.87 11.10
C TYR D 185 -25.18 33.92 11.44
N ASN D 186 -24.17 33.54 12.22
CA ASN D 186 -23.09 34.47 12.56
C ASN D 186 -21.96 34.36 11.56
N TYR D 187 -22.27 34.67 10.31
CA TYR D 187 -21.26 34.59 9.27
C TYR D 187 -20.60 35.94 9.08
N ASP D 188 -19.30 35.90 8.77
CA ASP D 188 -18.52 37.12 8.56
C ASP D 188 -18.55 37.42 7.06
N PHE D 189 -19.62 38.07 6.61
CA PHE D 189 -19.72 38.33 5.19
C PHE D 189 -18.72 39.40 4.77
N PRO D 190 -18.26 39.34 3.53
CA PRO D 190 -17.34 40.36 3.04
C PRO D 190 -18.02 41.70 2.92
N GLU D 191 -17.25 42.76 3.16
CA GLU D 191 -17.77 44.11 3.21
C GLU D 191 -18.23 44.56 1.82
N TYR D 192 -19.15 45.53 1.81
CA TYR D 192 -19.77 45.98 0.58
C TYR D 192 -18.70 46.40 -0.42
N GLY D 193 -18.82 45.90 -1.63
CA GLY D 193 -17.86 46.21 -2.67
C GLY D 193 -16.68 45.27 -2.72
N ALA D 194 -16.42 44.52 -1.66
CA ALA D 194 -15.32 43.56 -1.64
C ALA D 194 -15.82 42.18 -2.04
N MET D 195 -16.46 42.09 -3.19
CA MET D 195 -17.00 40.81 -3.64
C MET D 195 -15.88 39.82 -3.92
N ASN D 196 -16.16 38.54 -3.60
CA ASN D 196 -15.26 37.46 -3.95
C ASN D 196 -16.08 36.38 -4.62
N PRO D 197 -15.65 35.84 -5.75
CA PRO D 197 -16.45 34.83 -6.44
C PRO D 197 -16.49 33.56 -5.63
N GLY D 198 -17.59 32.83 -5.75
CA GLY D 198 -17.67 31.54 -5.10
C GLY D 198 -17.89 31.59 -3.61
N ALA D 199 -18.22 32.75 -3.07
CA ALA D 199 -18.46 32.92 -1.65
C ALA D 199 -19.70 33.77 -1.48
N PHE D 200 -20.21 33.77 -0.26
CA PHE D 200 -21.43 34.50 0.02
C PHE D 200 -21.28 35.96 -0.34
N GLY D 201 -22.34 36.53 -0.91
CA GLY D 201 -22.26 37.94 -1.26
C GLY D 201 -21.46 38.27 -2.49
N ASP D 202 -21.22 37.32 -3.39
CA ASP D 202 -20.56 37.66 -4.64
C ASP D 202 -21.40 38.59 -5.50
N ILE D 203 -22.72 38.59 -5.35
CA ILE D 203 -23.56 39.61 -5.96
C ILE D 203 -24.25 40.40 -4.88
N GLN D 204 -24.15 41.73 -4.95
CA GLN D 204 -24.71 42.60 -3.92
C GLN D 204 -25.50 43.72 -4.55
N ALA D 205 -26.53 44.15 -3.83
CA ALA D 205 -27.32 45.30 -4.22
C ALA D 205 -28.02 45.85 -2.99
N SER D 206 -28.33 47.14 -3.04
CA SER D 206 -29.00 47.80 -1.94
C SER D 206 -30.41 47.27 -1.71
N SER D 207 -31.06 46.78 -2.75
CA SER D 207 -32.42 46.30 -2.58
C SER D 207 -32.73 45.29 -3.68
N LEU D 208 -33.82 44.55 -3.45
CA LEU D 208 -34.21 43.53 -4.43
C LEU D 208 -34.52 44.16 -5.77
N ASP D 209 -35.17 45.31 -5.74
CA ASP D 209 -35.53 46.06 -6.93
C ASP D 209 -34.45 47.03 -7.42
N ALA D 210 -33.33 47.12 -6.72
CA ALA D 210 -32.32 48.12 -7.07
C ALA D 210 -31.74 47.86 -8.46
N THR D 211 -31.58 48.95 -9.21
CA THR D 211 -30.97 48.89 -10.54
C THR D 211 -29.46 48.95 -10.50
N ASP D 212 -28.85 49.36 -9.39
CA ASP D 212 -27.41 49.53 -9.28
C ASP D 212 -26.74 48.24 -8.85
N ILE D 213 -27.06 47.16 -9.55
CA ILE D 213 -26.54 45.85 -9.21
C ILE D 213 -25.06 45.76 -9.57
N VAL D 214 -24.27 45.25 -8.64
CA VAL D 214 -22.84 45.04 -8.82
C VAL D 214 -22.53 43.60 -8.49
N ALA D 215 -21.66 42.98 -9.28
CA ALA D 215 -21.32 41.59 -9.05
C ALA D 215 -19.91 41.31 -9.51
N ARG D 216 -19.34 40.22 -8.99
CA ARG D 216 -18.06 39.73 -9.46
C ARG D 216 -18.08 38.21 -9.43
N THR D 217 -18.43 37.60 -10.56
CA THR D 217 -18.59 36.16 -10.63
C THR D 217 -17.46 35.46 -11.36
N ASP D 218 -16.42 36.18 -11.75
CA ASP D 218 -15.33 35.60 -12.53
C ASP D 218 -15.80 34.99 -13.83
N ILE D 219 -16.90 35.51 -14.38
CA ILE D 219 -17.40 34.98 -15.64
C ILE D 219 -16.38 35.25 -16.73
N ARG D 220 -16.04 34.21 -17.49
CA ARG D 220 -15.14 34.38 -18.63
C ARG D 220 -15.70 33.65 -19.84
N LEU D 221 -15.76 34.37 -20.96
CA LEU D 221 -16.20 33.80 -22.22
C LEU D 221 -15.07 33.06 -22.91
N LEU D 222 -15.45 32.11 -23.77
CA LEU D 222 -14.51 31.31 -24.54
C LEU D 222 -14.79 31.46 -26.02
N LYS D 223 -13.76 31.26 -26.83
CA LYS D 223 -13.93 31.29 -28.27
C LYS D 223 -14.80 30.14 -28.73
N PRO D 224 -15.84 30.39 -29.52
CA PRO D 224 -16.67 29.30 -30.04
C PRO D 224 -15.85 28.40 -30.95
N SER D 225 -16.18 27.11 -30.91
CA SER D 225 -15.40 26.09 -31.60
C SER D 225 -16.26 25.34 -32.60
N VAL D 226 -17.36 24.73 -32.18
CA VAL D 226 -18.39 24.30 -33.13
C VAL D 226 -18.95 25.56 -33.78
N LYS D 227 -19.03 25.59 -35.11
CA LYS D 227 -19.37 26.80 -35.85
C LYS D 227 -20.88 27.01 -36.02
N ASN D 228 -21.74 26.25 -35.36
CA ASN D 228 -23.12 26.71 -35.16
C ASN D 228 -23.14 27.98 -34.30
N ILE D 229 -24.17 28.81 -34.39
CA ILE D 229 -24.25 29.98 -33.50
C ILE D 229 -24.62 29.59 -32.07
N HIS D 230 -23.72 29.90 -31.14
CA HIS D 230 -23.93 29.86 -29.69
C HIS D 230 -22.85 30.70 -29.04
N VAL D 231 -23.02 31.02 -27.77
CA VAL D 231 -22.04 31.75 -26.98
C VAL D 231 -21.60 30.85 -25.84
N PRO D 232 -20.32 30.47 -25.78
CA PRO D 232 -19.87 29.64 -24.67
C PRO D 232 -19.36 30.48 -23.50
N TYR D 233 -19.70 30.02 -22.30
CA TYR D 233 -19.20 30.64 -21.10
C TYR D 233 -19.08 29.62 -20.00
N THR D 234 -18.20 29.90 -19.07
CA THR D 234 -17.98 29.13 -17.86
C THR D 234 -17.94 30.09 -16.71
N GLN D 235 -18.45 29.65 -15.56
CA GLN D 235 -18.63 30.57 -14.47
C GLN D 235 -18.45 29.83 -13.17
N ALA D 236 -18.02 30.55 -12.14
CA ALA D 236 -17.87 29.94 -10.84
C ALA D 236 -19.24 29.55 -10.30
N VAL D 237 -19.24 28.70 -9.29
CA VAL D 237 -20.50 28.32 -8.71
C VAL D 237 -21.15 29.53 -8.05
N SER D 238 -22.44 29.42 -7.81
CA SER D 238 -23.12 30.46 -7.07
C SER D 238 -22.65 30.44 -5.63
N GLY D 239 -21.95 31.50 -5.22
CA GLY D 239 -21.45 31.54 -3.86
C GLY D 239 -22.56 31.48 -2.85
N TYR D 240 -23.73 31.99 -3.20
CA TYR D 240 -24.89 31.83 -2.33
C TYR D 240 -25.21 30.36 -2.10
N GLU D 241 -25.21 29.56 -3.15
CA GLU D 241 -25.40 28.12 -2.97
C GLU D 241 -24.28 27.48 -2.18
N MET D 242 -23.04 27.88 -2.43
CA MET D 242 -21.95 27.27 -1.70
C MET D 242 -22.07 27.53 -0.21
N TRP D 243 -22.47 28.74 0.17
CA TRP D 243 -22.76 29.00 1.57
C TRP D 243 -23.96 28.21 2.06
N LYS D 244 -24.98 28.05 1.22
CA LYS D 244 -26.15 27.27 1.62
C LYS D 244 -25.81 25.83 1.96
N ASN D 245 -24.95 25.19 1.18
CA ASN D 245 -24.54 23.83 1.52
C ASN D 245 -23.75 23.77 2.82
N ASN D 246 -22.87 24.73 3.07
CA ASN D 246 -22.02 24.69 4.26
C ASN D 246 -22.46 25.65 5.35
N SER D 247 -23.75 25.94 5.43
CA SER D 247 -24.19 27.03 6.29
C SER D 247 -23.91 26.72 7.75
N GLY D 248 -24.02 25.46 8.13
CA GLY D 248 -23.95 25.09 9.51
C GLY D 248 -25.25 25.38 10.22
N ARG D 249 -25.25 25.07 11.50
CA ARG D 249 -26.44 25.26 12.30
C ARG D 249 -26.73 26.74 12.52
N PRO D 250 -27.98 27.13 12.50
CA PRO D 250 -28.35 28.53 12.72
C PRO D 250 -28.25 28.89 14.19
N LEU D 251 -28.47 30.18 14.44
CA LEU D 251 -28.33 30.72 15.79
C LEU D 251 -29.47 30.30 16.69
N GLN D 252 -30.57 29.85 16.12
CA GLN D 252 -31.67 29.32 16.91
C GLN D 252 -31.29 28.06 17.66
N GLU D 253 -30.16 27.45 17.33
CA GLU D 253 -29.68 26.26 18.01
C GLU D 253 -28.28 26.46 18.56
N THR D 254 -27.79 27.68 18.61
CA THR D 254 -26.43 27.92 19.07
C THR D 254 -26.34 29.10 20.02
N ALA D 255 -27.36 29.91 20.15
CA ALA D 255 -27.29 31.01 21.09
C ALA D 255 -27.21 30.49 22.51
N PRO D 256 -26.27 30.95 23.30
CA PRO D 256 -26.21 30.55 24.70
C PRO D 256 -27.33 31.21 25.49
N PHE D 257 -27.44 30.76 26.73
CA PHE D 257 -28.46 31.20 27.68
C PHE D 257 -29.88 30.89 27.24
N GLY D 258 -30.05 30.08 26.20
CA GLY D 258 -31.37 29.58 25.87
C GLY D 258 -32.42 30.60 25.52
N CYS D 259 -32.12 31.57 24.67
CA CYS D 259 -33.14 32.48 24.19
C CYS D 259 -33.53 32.18 22.76
N LYS D 260 -34.80 32.43 22.47
CA LYS D 260 -35.38 32.21 21.16
C LYS D 260 -35.08 33.38 20.24
N ILE D 261 -34.43 33.09 19.11
CA ILE D 261 -34.09 34.11 18.12
C ILE D 261 -35.28 34.36 17.21
N GLU D 262 -35.70 35.62 17.13
CA GLU D 262 -36.85 36.02 16.33
C GLU D 262 -36.44 37.19 15.45
N VAL D 263 -37.14 37.34 14.33
CA VAL D 263 -36.72 38.26 13.29
C VAL D 263 -37.79 39.32 13.04
N GLU D 264 -37.36 40.44 12.46
CA GLU D 264 -38.24 41.55 12.13
C GLU D 264 -38.95 42.10 13.37
N PRO D 265 -38.25 42.76 14.26
CA PRO D 265 -36.81 43.07 14.23
C PRO D 265 -35.92 41.96 14.75
N LEU D 266 -34.63 42.03 14.46
CA LEU D 266 -33.70 41.10 15.06
C LEU D 266 -33.68 41.29 16.57
N ARG D 267 -33.78 40.18 17.30
CA ARG D 267 -33.85 40.29 18.75
C ARG D 267 -33.65 38.91 19.34
N ALA D 268 -33.34 38.89 20.63
CA ALA D 268 -33.28 37.65 21.39
C ALA D 268 -34.22 37.78 22.58
N THR D 269 -35.22 36.91 22.65
CA THR D 269 -36.25 37.03 23.67
C THR D 269 -36.04 35.98 24.75
N ASN D 270 -36.31 36.38 26.00
CA ASN D 270 -36.24 35.48 27.15
C ASN D 270 -34.87 34.84 27.29
N CYS D 271 -33.86 35.67 27.53
CA CYS D 271 -32.48 35.20 27.60
C CYS D 271 -32.04 35.38 29.04
N ALA D 272 -31.74 34.29 29.72
CA ALA D 272 -31.47 34.29 31.16
C ALA D 272 -29.97 34.44 31.44
N TYR D 273 -29.58 35.62 31.90
CA TYR D 273 -28.18 35.90 32.21
C TYR D 273 -28.14 37.16 33.07
N GLY D 274 -27.29 37.15 34.08
CA GLY D 274 -27.07 38.33 34.91
C GLY D 274 -28.19 38.68 35.85
N HIS D 275 -28.05 39.87 36.45
CA HIS D 275 -29.02 40.38 37.41
C HIS D 275 -29.41 41.82 37.06
N ILE D 276 -30.65 42.16 37.39
CA ILE D 276 -31.20 43.49 37.15
C ILE D 276 -31.38 44.20 38.49
N PRO D 277 -30.65 45.29 38.74
CA PRO D 277 -31.00 46.19 39.85
C PRO D 277 -32.28 46.97 39.54
N ILE D 278 -33.25 46.89 40.45
CA ILE D 278 -34.54 47.53 40.28
C ILE D 278 -34.88 48.33 41.53
N SER D 279 -35.31 49.57 41.33
CA SER D 279 -35.91 50.40 42.37
C SER D 279 -37.36 50.71 42.01
N ILE D 280 -38.26 50.51 42.97
CA ILE D 280 -39.69 50.72 42.79
C ILE D 280 -40.16 51.80 43.76
N ASP D 281 -40.82 52.82 43.23
CA ASP D 281 -41.52 53.83 44.02
C ASP D 281 -42.93 53.33 44.31
N ILE D 282 -43.10 52.73 45.48
CA ILE D 282 -44.40 52.17 45.86
C ILE D 282 -45.34 53.32 46.25
N PRO D 283 -46.54 53.38 45.68
CA PRO D 283 -47.44 54.48 45.98
C PRO D 283 -47.87 54.45 47.45
N ASP D 284 -48.09 55.64 48.00
CA ASP D 284 -48.42 55.76 49.42
C ASP D 284 -49.72 55.06 49.77
N ALA D 285 -50.67 55.02 48.84
CA ALA D 285 -51.96 54.37 49.10
C ALA D 285 -51.81 52.87 49.27
N ALA D 286 -50.73 52.29 48.76
CA ALA D 286 -50.51 50.85 48.89
C ALA D 286 -50.29 50.45 50.35
N PHE D 287 -49.54 51.24 51.10
CA PHE D 287 -49.27 50.89 52.49
C PHE D 287 -50.51 51.11 53.35
N VAL D 288 -50.58 50.34 54.44
CA VAL D 288 -51.62 50.52 55.45
C VAL D 288 -50.96 50.56 56.82
N ARG D 289 -51.51 51.36 57.71
CA ARG D 289 -50.87 51.59 59.00
C ARG D 289 -50.86 50.29 59.80
N SER D 290 -49.84 50.14 60.64
CA SER D 290 -49.71 48.95 61.46
C SER D 290 -50.85 48.75 62.44
N SER D 291 -51.58 49.84 62.78
CA SER D 291 -52.79 49.71 63.58
C SER D 291 -53.90 48.93 62.88
N GLU D 292 -53.86 48.83 61.55
CA GLU D 292 -54.90 48.09 60.84
C GLU D 292 -54.53 46.65 60.58
N SER D 293 -53.25 46.35 60.41
CA SER D 293 -52.86 44.96 60.21
C SER D 293 -53.07 44.16 61.49
N PRO D 294 -53.44 42.89 61.38
CA PRO D 294 -53.61 42.04 62.56
C PRO D 294 -52.24 41.58 63.06
N THR D 295 -51.81 42.16 64.17
CA THR D 295 -50.63 41.64 64.87
C THR D 295 -50.92 40.28 65.48
N ILE D 296 -49.95 39.38 65.37
CA ILE D 296 -50.04 38.06 65.99
C ILE D 296 -49.35 38.12 67.35
N LEU D 297 -50.05 37.63 68.37
CA LEU D 297 -49.47 37.60 69.72
C LEU D 297 -48.25 36.70 69.80
N GLU D 298 -48.30 35.52 69.16
CA GLU D 298 -47.12 34.69 69.04
C GLU D 298 -47.30 33.72 67.89
N VAL D 299 -46.19 33.15 67.44
CA VAL D 299 -46.19 32.17 66.36
C VAL D 299 -45.02 31.21 66.58
N SER D 300 -45.25 29.92 66.29
CA SER D 300 -44.21 28.90 66.33
C SER D 300 -44.18 28.15 65.01
N CYS D 301 -42.97 27.91 64.50
CA CYS D 301 -42.76 27.24 63.23
C CYS D 301 -42.33 25.81 63.45
N THR D 302 -42.92 24.89 62.71
CA THR D 302 -42.43 23.52 62.62
C THR D 302 -42.29 23.12 61.16
N VAL D 303 -41.09 22.70 60.78
CA VAL D 303 -40.79 22.31 59.41
C VAL D 303 -41.11 20.83 59.23
N ALA D 304 -41.84 20.50 58.17
CA ALA D 304 -42.11 19.11 57.84
C ALA D 304 -40.88 18.50 57.17
N ASP D 305 -41.06 17.32 56.58
CA ASP D 305 -40.01 16.72 55.76
C ASP D 305 -39.71 17.59 54.55
N CYS D 306 -38.48 18.09 54.48
CA CYS D 306 -38.09 19.04 53.45
C CYS D 306 -36.97 18.46 52.59
N ILE D 307 -36.77 19.11 51.45
CA ILE D 307 -35.97 18.58 50.36
C ILE D 307 -35.55 19.77 49.49
N TYR D 308 -34.26 19.85 49.17
CA TYR D 308 -33.72 20.98 48.42
C TYR D 308 -33.74 20.67 46.93
N SER D 309 -34.85 21.00 46.29
CA SER D 309 -35.05 20.76 44.88
C SER D 309 -35.33 22.08 44.17
N ALA D 310 -35.47 22.02 42.84
CA ALA D 310 -35.78 23.21 42.08
C ALA D 310 -37.21 23.68 42.31
N ASP D 311 -38.14 22.74 42.50
CA ASP D 311 -39.51 23.10 42.83
C ASP D 311 -39.64 23.41 44.31
N PHE D 312 -40.88 23.66 44.74
CA PHE D 312 -41.21 23.86 46.15
C PHE D 312 -41.16 22.51 46.86
N GLY D 313 -39.94 22.11 47.22
CA GLY D 313 -39.73 20.78 47.75
C GLY D 313 -40.32 20.59 49.13
N GLY D 314 -39.97 21.48 50.06
CA GLY D 314 -40.32 21.31 51.45
C GLY D 314 -41.59 22.06 51.86
N SER D 315 -42.06 21.74 53.06
CA SER D 315 -43.21 22.40 53.64
C SER D 315 -43.00 22.59 55.14
N LEU D 316 -43.70 23.58 55.69
CA LEU D 316 -43.65 23.85 57.12
C LEU D 316 -45.02 24.40 57.55
N THR D 317 -45.23 24.41 58.86
CA THR D 317 -46.50 24.86 59.44
C THR D 317 -46.22 25.84 60.57
N LEU D 318 -46.91 26.99 60.53
CA LEU D 318 -46.84 27.99 61.58
C LEU D 318 -48.09 27.94 62.44
N GLN D 319 -47.92 27.65 63.73
CA GLN D 319 -48.99 27.75 64.69
C GLN D 319 -48.93 29.13 65.33
N TYR D 320 -50.02 29.88 65.21
CA TYR D 320 -50.05 31.30 65.52
C TYR D 320 -51.24 31.64 66.39
N LYS D 321 -51.09 32.69 67.19
CA LYS D 321 -52.20 33.37 67.84
C LYS D 321 -52.15 34.84 67.48
N ALA D 322 -53.29 35.38 67.04
CA ALA D 322 -53.40 36.77 66.62
C ALA D 322 -54.60 37.43 67.26
N ASN D 323 -54.88 38.68 66.86
CA ASN D 323 -55.94 39.45 67.48
C ASN D 323 -57.09 39.80 66.54
N ARG D 324 -56.98 39.51 65.25
CA ARG D 324 -58.02 39.88 64.30
C ARG D 324 -57.94 38.97 63.09
N GLU D 325 -59.01 38.97 62.31
CA GLU D 325 -59.03 38.22 61.05
C GLU D 325 -58.61 39.15 59.92
N GLY D 326 -57.62 38.72 59.15
CA GLY D 326 -57.07 39.54 58.10
C GLY D 326 -56.30 38.77 57.06
N HIS D 327 -55.33 39.45 56.45
CA HIS D 327 -54.62 38.98 55.27
C HIS D 327 -53.12 39.18 55.46
N CYS D 328 -52.58 38.57 56.52
CA CYS D 328 -51.18 38.81 56.89
C CYS D 328 -50.25 38.48 55.73
N PRO D 329 -49.25 39.33 55.48
CA PRO D 329 -48.19 38.95 54.54
C PRO D 329 -47.14 38.09 55.21
N VAL D 330 -46.68 37.08 54.48
CA VAL D 330 -45.66 36.16 54.96
C VAL D 330 -44.43 36.32 54.07
N HIS D 331 -43.26 36.22 54.67
CA HIS D 331 -42.03 36.35 53.91
C HIS D 331 -40.93 35.48 54.51
N SER D 332 -39.95 35.17 53.68
CA SER D 332 -38.72 34.53 54.11
C SER D 332 -37.56 35.51 53.95
N HIS D 333 -36.84 35.73 55.03
CA HIS D 333 -35.77 36.72 55.03
C HIS D 333 -34.44 36.14 54.62
N SER D 334 -34.39 34.86 54.23
CA SER D 334 -33.16 34.27 53.72
C SER D 334 -33.10 34.36 52.21
N THR D 335 -31.88 34.53 51.70
CA THR D 335 -31.60 34.52 50.26
C THR D 335 -31.63 33.12 49.67
N THR D 336 -31.67 32.07 50.48
CA THR D 336 -31.66 30.71 49.97
C THR D 336 -32.95 29.98 50.34
N ALA D 337 -34.05 30.71 50.42
CA ALA D 337 -35.36 30.12 50.70
C ALA D 337 -36.42 31.13 50.30
N VAL D 338 -37.36 30.69 49.46
CA VAL D 338 -38.42 31.55 48.94
C VAL D 338 -39.74 30.86 49.19
N LEU D 339 -40.71 31.60 49.73
CA LEU D 339 -42.00 31.02 49.95
C LEU D 339 -42.79 30.95 48.65
N LYS D 340 -43.78 30.07 48.62
CA LYS D 340 -44.72 30.05 47.52
C LYS D 340 -45.78 31.13 47.68
N GLU D 341 -46.35 31.24 48.87
CA GLU D 341 -47.39 32.22 49.12
C GLU D 341 -46.76 33.56 49.46
N ALA D 342 -47.57 34.62 49.36
CA ALA D 342 -47.12 35.94 49.76
C ALA D 342 -48.08 36.55 50.77
N THR D 343 -49.37 36.26 50.62
CA THR D 343 -50.38 36.70 51.56
C THR D 343 -51.32 35.55 51.88
N THR D 344 -51.64 35.41 53.15
CA THR D 344 -52.51 34.34 53.64
C THR D 344 -53.54 34.95 54.57
N HIS D 345 -54.78 34.47 54.48
CA HIS D 345 -55.78 34.88 55.46
C HIS D 345 -55.37 34.35 56.83
N VAL D 346 -55.53 35.21 57.84
CA VAL D 346 -55.16 34.87 59.21
C VAL D 346 -56.35 35.11 60.12
N THR D 347 -56.56 34.18 61.05
CA THR D 347 -57.62 34.26 62.04
C THR D 347 -56.99 34.60 63.39
N ALA D 348 -57.83 34.65 64.43
CA ALA D 348 -57.31 34.91 65.77
C ALA D 348 -56.35 33.82 66.24
N THR D 349 -56.75 32.55 66.10
CA THR D 349 -55.92 31.44 66.52
C THR D 349 -56.02 30.29 65.54
N GLY D 350 -54.88 29.66 65.25
CA GLY D 350 -54.88 28.53 64.34
C GLY D 350 -53.49 28.16 63.89
N SER D 351 -53.42 27.54 62.71
CA SER D 351 -52.15 27.19 62.10
C SER D 351 -52.28 27.28 60.58
N ILE D 352 -51.19 27.64 59.93
CA ILE D 352 -51.14 27.72 58.47
C ILE D 352 -49.88 27.00 57.98
N THR D 353 -50.02 26.29 56.87
CA THR D 353 -48.92 25.59 56.24
C THR D 353 -48.44 26.36 55.01
N LEU D 354 -47.12 26.46 54.87
CA LEU D 354 -46.49 27.22 53.79
C LEU D 354 -45.52 26.33 53.04
N HIS D 355 -45.60 26.35 51.71
CA HIS D 355 -44.62 25.66 50.91
C HIS D 355 -43.44 26.58 50.61
N PHE D 356 -42.28 25.99 50.37
CA PHE D 356 -41.08 26.76 50.09
C PHE D 356 -40.10 25.94 49.27
N SER D 357 -39.25 26.65 48.54
CA SER D 357 -38.15 26.05 47.80
C SER D 357 -36.83 26.49 48.42
N THR D 358 -35.89 25.56 48.57
CA THR D 358 -34.58 25.86 49.11
C THR D 358 -33.49 25.18 48.27
N SER D 359 -32.31 25.79 48.27
CA SER D 359 -31.12 25.21 47.67
C SER D 359 -30.12 24.73 48.71
N SER D 360 -30.49 24.74 49.99
CA SER D 360 -29.55 24.42 51.05
C SER D 360 -29.93 23.12 51.74
N PRO D 361 -28.94 22.36 52.21
CA PRO D 361 -29.24 21.11 52.92
C PRO D 361 -29.93 21.30 54.26
N GLN D 362 -29.94 22.52 54.81
CA GLN D 362 -30.64 22.80 56.05
C GLN D 362 -31.66 23.91 55.83
N ALA D 363 -32.88 23.67 56.27
CA ALA D 363 -33.89 24.72 56.39
C ALA D 363 -33.69 25.39 57.75
N ASN D 364 -32.84 26.41 57.77
CA ASN D 364 -32.46 27.11 59.00
C ASN D 364 -32.64 28.61 58.85
N PHE D 365 -33.83 29.01 58.40
CA PHE D 365 -34.06 30.37 57.93
C PHE D 365 -35.18 31.03 58.70
N ILE D 366 -35.25 32.36 58.57
CA ILE D 366 -36.22 33.18 59.29
C ILE D 366 -37.45 33.42 58.42
N VAL D 367 -38.63 33.19 58.99
CA VAL D 367 -39.90 33.47 58.35
C VAL D 367 -40.60 34.58 59.13
N SER D 368 -41.06 35.60 58.41
CA SER D 368 -41.78 36.72 59.00
C SER D 368 -43.26 36.60 58.69
N LEU D 369 -44.09 36.69 59.73
CA LEU D 369 -45.53 36.73 59.60
C LEU D 369 -46.03 38.04 60.19
N CYS D 370 -46.73 38.84 59.38
CA CYS D 370 -47.13 40.20 59.76
C CYS D 370 -46.00 40.93 60.48
N GLY D 371 -44.81 40.84 59.90
CA GLY D 371 -43.62 41.50 60.40
C GLY D 371 -42.78 40.77 61.42
N LYS D 372 -43.40 40.07 62.35
CA LYS D 372 -42.65 39.44 63.43
C LYS D 372 -42.04 38.13 62.91
N LYS D 373 -40.83 37.84 63.40
CA LYS D 373 -40.01 36.79 62.82
C LYS D 373 -40.03 35.52 63.65
N THR D 374 -39.77 34.40 62.98
CA THR D 374 -39.68 33.09 63.62
C THR D 374 -38.59 32.31 62.89
N THR D 375 -37.70 31.68 63.66
CA THR D 375 -36.61 30.89 63.09
C THR D 375 -37.06 29.44 62.86
N CYS D 376 -37.31 29.09 61.62
CA CYS D 376 -37.56 27.71 61.22
C CYS D 376 -36.23 26.98 61.08
N ASN D 377 -36.04 25.89 61.83
CA ASN D 377 -34.83 25.10 61.77
C ASN D 377 -35.19 23.65 61.46
N ALA D 378 -34.54 23.07 60.45
CA ALA D 378 -34.71 21.66 60.11
C ALA D 378 -33.66 21.25 59.09
N GLU D 379 -33.71 19.98 58.68
CA GLU D 379 -32.76 19.35 57.77
C GLU D 379 -33.47 18.83 56.53
N CYS D 380 -32.95 19.17 55.35
CA CYS D 380 -33.59 18.86 54.08
C CYS D 380 -32.81 17.74 53.39
N LYS D 381 -33.53 16.73 52.90
CA LYS D 381 -32.91 15.57 52.26
C LYS D 381 -32.55 15.84 50.79
N PRO D 382 -31.60 15.07 50.26
CA PRO D 382 -31.30 15.17 48.83
C PRO D 382 -32.50 14.77 47.98
N PRO D 383 -32.62 15.36 46.80
CA PRO D 383 -33.78 15.04 45.94
C PRO D 383 -33.70 13.62 45.40
N ALA D 384 -34.88 13.04 45.16
CA ALA D 384 -34.94 11.69 44.65
C ALA D 384 -34.77 11.66 43.13
N ASP D 385 -35.52 12.50 42.43
CA ASP D 385 -35.41 12.63 40.98
C ASP D 385 -34.11 13.29 40.60
N HIS D 386 -33.49 12.80 39.54
CA HIS D 386 -32.23 13.40 39.10
C HIS D 386 -32.47 14.59 38.21
N ILE D 387 -33.54 14.59 37.43
CA ILE D 387 -33.79 15.62 36.43
C ILE D 387 -35.23 16.09 36.57
N ILE D 388 -35.42 17.40 36.48
CA ILE D 388 -36.73 18.00 36.60
C ILE D 388 -36.94 18.97 35.45
N GLY D 389 -38.19 19.14 35.05
CA GLY D 389 -38.53 19.97 33.92
C GLY D 389 -38.93 21.37 34.30
N GLU D 390 -38.25 21.96 35.28
CA GLU D 390 -38.53 23.30 35.72
C GLU D 390 -37.21 23.90 36.20
N PRO D 391 -36.92 25.15 35.86
CA PRO D 391 -35.67 25.76 36.32
C PRO D 391 -35.62 25.96 37.83
N HIS D 392 -34.41 25.92 38.37
CA HIS D 392 -34.19 26.26 39.76
C HIS D 392 -34.48 27.74 40.01
N LYS D 393 -35.33 28.01 41.00
CA LYS D 393 -35.71 29.38 41.34
C LYS D 393 -34.84 30.01 42.41
N VAL D 394 -33.84 29.29 42.92
CA VAL D 394 -32.96 29.79 43.96
C VAL D 394 -31.53 29.42 43.63
N ASP D 395 -30.63 30.38 43.73
CA ASP D 395 -29.22 30.15 43.46
C ASP D 395 -28.58 29.33 44.57
N GLN D 396 -27.45 28.72 44.24
CA GLN D 396 -26.67 27.94 45.19
C GLN D 396 -25.56 28.81 45.76
N GLU D 397 -25.55 28.97 47.08
CA GLU D 397 -24.52 29.70 47.79
C GLU D 397 -23.42 28.73 48.25
N PHE D 398 -22.39 29.29 48.88
CA PHE D 398 -21.32 28.46 49.44
C PHE D 398 -21.61 28.15 50.90
N GLN D 399 -21.78 29.20 51.71
CA GLN D 399 -21.90 29.05 53.15
C GLN D 399 -23.20 28.36 53.55
N ALA D 400 -24.20 28.34 52.67
CA ALA D 400 -25.45 27.67 52.96
C ALA D 400 -25.54 26.29 52.33
N ALA D 401 -24.62 25.93 51.46
CA ALA D 401 -24.63 24.61 50.84
C ALA D 401 -23.89 23.58 51.67
N VAL D 402 -23.26 23.98 52.77
CA VAL D 402 -22.51 23.09 53.63
C VAL D 402 -23.40 22.72 54.81
N SER D 403 -23.61 21.41 55.00
CA SER D 403 -24.51 20.94 56.05
C SER D 403 -23.95 21.23 57.44
N LYS D 404 -24.86 21.42 58.39
CA LYS D 404 -24.45 21.79 59.74
C LYS D 404 -23.69 20.66 60.42
N THR D 405 -23.99 19.41 60.06
CA THR D 405 -23.22 18.28 60.56
C THR D 405 -21.79 18.31 60.05
N SER D 406 -21.63 18.51 58.74
CA SER D 406 -20.31 18.66 58.17
C SER D 406 -19.63 19.92 58.68
N TRP D 407 -20.39 20.98 58.91
CA TRP D 407 -19.81 22.18 59.49
C TRP D 407 -19.26 21.90 60.88
N ASN D 408 -20.01 21.15 61.69
CA ASN D 408 -19.54 20.75 63.01
C ASN D 408 -18.29 19.91 62.93
N TRP D 409 -18.24 18.97 61.99
CA TRP D 409 -17.03 18.17 61.78
C TRP D 409 -15.83 19.03 61.41
N LEU D 410 -16.00 19.95 60.47
CA LEU D 410 -14.91 20.82 60.07
C LEU D 410 -14.45 21.72 61.21
N LEU D 411 -15.41 22.32 61.92
CA LEU D 411 -15.05 23.18 63.03
C LEU D 411 -14.32 22.42 64.13
N ALA D 412 -14.73 21.19 64.41
CA ALA D 412 -14.02 20.36 65.38
C ALA D 412 -12.60 20.04 64.91
N LEU D 413 -12.45 19.70 63.63
CA LEU D 413 -11.12 19.33 63.14
C LEU D 413 -10.17 20.52 63.11
N PHE D 414 -10.66 21.70 62.72
CA PHE D 414 -9.83 22.90 62.77
C PHE D 414 -9.58 23.34 64.20
N GLY D 415 -10.57 23.19 65.08
CA GLY D 415 -10.38 23.55 66.47
C GLY D 415 -9.37 22.66 67.17
N GLY D 416 -9.25 21.40 66.74
CA GLY D 416 -8.18 20.56 67.26
C GLY D 416 -6.81 21.14 66.98
N ALA D 417 -6.57 21.54 65.73
CA ALA D 417 -5.30 22.19 65.38
C ALA D 417 -5.13 23.50 66.12
N SER D 418 -6.20 24.28 66.26
CA SER D 418 -6.12 25.52 67.01
C SER D 418 -5.73 25.27 68.46
N SER D 419 -6.31 24.26 69.08
CA SER D 419 -5.98 23.93 70.47
C SER D 419 -4.54 23.45 70.57
N LEU D 420 -4.07 22.67 69.60
CA LEU D 420 -2.68 22.23 69.62
C LEU D 420 -1.71 23.40 69.53
N ILE D 421 -1.93 24.32 68.59
CA ILE D 421 -1.04 25.47 68.47
C ILE D 421 -1.12 26.35 69.71
N VAL D 422 -2.33 26.55 70.25
CA VAL D 422 -2.49 27.39 71.44
C VAL D 422 -1.76 26.79 72.62
N VAL D 423 -1.91 25.48 72.82
CA VAL D 423 -1.23 24.82 73.93
C VAL D 423 0.28 24.89 73.76
N GLY D 424 0.77 24.66 72.54
CA GLY D 424 2.20 24.74 72.32
C GLY D 424 2.79 26.10 72.61
N LEU D 425 2.12 27.15 72.13
CA LEU D 425 2.57 28.51 72.40
C LEU D 425 2.49 28.86 73.89
N ILE D 426 1.40 28.46 74.54
CA ILE D 426 1.26 28.73 75.97
C ILE D 426 2.33 27.99 76.76
N VAL D 427 2.60 26.73 76.39
CA VAL D 427 3.62 25.96 77.09
C VAL D 427 4.98 26.61 76.93
N LEU D 428 5.31 27.07 75.73
CA LEU D 428 6.60 27.73 75.53
C LEU D 428 6.73 29.01 76.35
N VAL D 429 5.68 29.83 76.36
CA VAL D 429 5.73 31.07 77.14
C VAL D 429 5.85 30.78 78.62
N CYS D 430 5.04 29.85 79.11
CA CYS D 430 5.07 29.51 80.53
C CYS D 430 6.41 28.93 80.94
N SER D 431 6.98 28.05 80.12
CA SER D 431 8.29 27.48 80.41
C SER D 431 9.38 28.55 80.45
N SER D 432 9.33 29.49 79.51
CA SER D 432 10.30 30.59 79.54
C SER D 432 10.17 31.44 80.80
N MET D 433 8.94 31.78 81.18
CA MET D 433 8.76 32.55 82.42
C MET D 433 9.16 31.78 83.67
N LEU D 434 8.87 30.47 83.72
CA LEU D 434 9.29 29.66 84.86
C LEU D 434 10.81 29.52 84.94
N ILE D 435 11.48 29.36 83.80
CA ILE D 435 12.94 29.34 83.79
C ILE D 435 13.49 30.67 84.27
N ASN D 436 12.95 31.77 83.76
CA ASN D 436 13.41 33.09 84.20
C ASN D 436 13.21 33.28 85.70
N THR D 437 12.09 32.79 86.25
CA THR D 437 11.86 32.84 87.68
C THR D 437 12.86 32.00 88.47
N ARG D 438 13.17 30.80 87.97
CA ARG D 438 14.04 29.87 88.68
C ARG D 438 15.48 29.89 88.17
N ARG D 439 15.85 30.90 87.38
CA ARG D 439 17.17 30.95 86.79
C ARG D 439 18.25 31.25 87.82
N PRO E 1 -42.25 33.00 -32.30
CA PRO E 1 -41.35 32.05 -31.64
C PRO E 1 -40.02 31.90 -32.40
N TYR E 2 -39.11 31.07 -31.88
CA TYR E 2 -37.79 30.84 -32.54
C TYR E 2 -37.38 29.38 -32.40
N LEU E 3 -36.38 28.94 -33.18
CA LEU E 3 -35.82 27.57 -33.07
C LEU E 3 -34.47 27.72 -32.36
N GLY E 4 -34.09 26.79 -31.48
CA GLY E 4 -32.86 26.93 -30.69
C GLY E 4 -31.91 25.76 -30.78
N PHE E 5 -30.61 26.04 -30.80
CA PHE E 5 -29.58 25.01 -30.85
C PHE E 5 -29.50 24.26 -29.53
N CYS E 6 -30.12 23.09 -29.46
CA CYS E 6 -30.17 22.24 -28.27
C CYS E 6 -28.91 21.36 -28.12
N PRO E 7 -28.38 21.15 -26.91
CA PRO E 7 -27.22 20.29 -26.70
C PRO E 7 -27.42 18.83 -27.11
N TYR E 8 -28.59 18.25 -26.84
CA TYR E 8 -28.81 16.80 -26.97
C TYR E 8 -30.29 16.49 -27.21
N CYS E 9 -30.59 15.96 -28.39
CA CYS E 9 -31.95 15.85 -28.94
C CYS E 9 -32.37 14.40 -29.13
N ARG E 10 -33.54 14.17 -29.73
CA ARG E 10 -33.92 12.76 -30.04
C ARG E 10 -32.76 12.07 -30.73
N HIS E 11 -32.16 12.72 -31.75
CA HIS E 11 -31.02 12.17 -32.49
C HIS E 11 -29.82 11.77 -31.63
N SER E 12 -29.85 11.95 -30.32
CA SER E 12 -28.74 11.78 -29.38
C SER E 12 -27.49 12.63 -29.70
N ALA E 13 -27.73 13.78 -30.33
CA ALA E 13 -26.72 14.72 -30.78
C ALA E 13 -27.23 16.18 -30.67
N PRO E 14 -26.35 17.20 -30.73
CA PRO E 14 -26.76 18.59 -30.83
C PRO E 14 -27.44 18.89 -32.18
N CYS E 15 -28.50 19.70 -32.19
CA CYS E 15 -29.12 20.21 -33.42
C CYS E 15 -30.05 21.39 -33.13
N PHE E 16 -30.49 22.12 -34.15
CA PHE E 16 -31.59 23.07 -33.99
C PHE E 16 -32.91 22.35 -33.73
N SER E 17 -33.75 22.89 -32.84
CA SER E 17 -35.11 22.41 -32.63
C SER E 17 -36.10 23.54 -32.34
N PRO E 18 -37.40 23.33 -32.56
CA PRO E 18 -38.42 24.30 -32.22
C PRO E 18 -38.70 24.39 -30.71
N ILE E 19 -38.02 23.59 -29.91
CA ILE E 19 -38.43 23.23 -28.56
C ILE E 19 -37.22 23.15 -27.63
N LYS E 20 -36.26 24.06 -27.81
CA LYS E 20 -35.11 24.17 -26.91
C LYS E 20 -35.54 24.65 -25.53
N ILE E 21 -34.90 24.11 -24.49
CA ILE E 21 -34.98 24.61 -23.12
C ILE E 21 -33.98 25.74 -22.91
N GLU E 22 -34.41 26.85 -22.32
CA GLU E 22 -33.58 28.01 -22.07
C GLU E 22 -33.10 28.08 -20.63
N ASN E 23 -33.99 27.91 -19.67
CA ASN E 23 -33.67 27.94 -18.25
C ASN E 23 -34.57 27.00 -17.47
N VAL E 24 -34.07 26.50 -16.35
CA VAL E 24 -34.81 25.63 -15.43
C VAL E 24 -34.62 26.14 -14.03
N TRP E 25 -35.70 26.35 -13.30
CA TRP E 25 -35.65 26.70 -11.89
C TRP E 25 -36.46 25.73 -11.05
N ASP E 26 -36.00 25.54 -9.83
CA ASP E 26 -36.64 24.63 -8.90
C ASP E 26 -36.60 25.19 -7.48
N GLU E 27 -36.67 26.52 -7.28
CA GLU E 27 -36.62 26.99 -5.90
C GLU E 27 -38.01 26.88 -5.29
N SER E 28 -38.38 25.66 -4.95
CA SER E 28 -39.67 25.45 -4.32
C SER E 28 -39.56 24.28 -3.35
N ASP E 29 -40.65 24.02 -2.66
CA ASP E 29 -40.68 22.92 -1.71
C ASP E 29 -41.51 21.76 -2.22
N ASP E 30 -42.44 22.02 -3.13
CA ASP E 30 -43.25 20.95 -3.68
C ASP E 30 -42.43 20.01 -4.51
N GLY E 31 -41.29 20.48 -5.02
CA GLY E 31 -40.50 19.73 -5.95
C GLY E 31 -40.83 20.01 -7.40
N SER E 32 -41.88 20.77 -7.67
CA SER E 32 -42.18 21.17 -9.03
C SER E 32 -41.11 22.08 -9.59
N ILE E 33 -40.88 21.97 -10.90
CA ILE E 33 -39.87 22.74 -11.62
C ILE E 33 -40.52 23.60 -12.70
N ARG E 34 -40.03 24.83 -12.83
CA ARG E 34 -40.45 25.73 -13.90
C ARG E 34 -39.49 25.67 -15.08
N ILE E 35 -40.00 25.48 -16.29
CA ILE E 35 -39.16 25.36 -17.49
C ILE E 35 -39.51 26.48 -18.48
N GLN E 36 -38.51 27.24 -18.92
CA GLN E 36 -38.64 28.22 -20.00
C GLN E 36 -38.16 27.62 -21.32
N VAL E 37 -38.96 27.68 -22.38
CA VAL E 37 -38.66 27.06 -23.67
C VAL E 37 -39.00 27.95 -24.86
N SER E 38 -38.50 27.61 -26.04
CA SER E 38 -38.65 28.40 -27.26
C SER E 38 -40.06 28.40 -27.88
N ALA E 39 -40.81 27.31 -27.76
CA ALA E 39 -42.19 27.25 -28.28
C ALA E 39 -43.13 28.13 -27.44
N GLN E 40 -44.31 28.49 -27.96
CA GLN E 40 -45.28 29.31 -27.23
C GLN E 40 -46.63 28.62 -27.02
N PHE E 41 -46.92 28.33 -25.75
CA PHE E 41 -48.08 27.65 -25.22
C PHE E 41 -49.29 28.54 -24.97
N GLY E 42 -50.47 27.95 -25.12
CA GLY E 42 -51.74 28.58 -24.85
C GLY E 42 -52.20 29.57 -25.88
N TYR E 43 -51.47 29.73 -26.97
CA TYR E 43 -51.84 30.63 -28.04
C TYR E 43 -51.96 29.85 -29.33
N ASN E 44 -52.89 30.27 -30.17
CA ASN E 44 -53.10 29.61 -31.45
C ASN E 44 -52.21 30.24 -32.51
N GLN E 45 -52.45 29.88 -33.77
CA GLN E 45 -51.59 30.31 -34.86
C GLN E 45 -51.46 31.83 -34.87
N ALA E 46 -52.58 32.53 -34.83
CA ALA E 46 -52.53 33.98 -34.82
C ALA E 46 -52.02 34.52 -33.48
N GLY E 47 -52.20 33.75 -32.41
CA GLY E 47 -51.77 34.17 -31.09
C GLY E 47 -52.89 34.38 -30.12
N THR E 48 -54.13 34.14 -30.52
CA THR E 48 -55.24 34.20 -29.59
C THR E 48 -55.10 33.11 -28.55
N ALA E 49 -55.55 33.41 -27.34
CA ALA E 49 -55.55 32.47 -26.23
C ALA E 49 -56.36 31.23 -26.57
N ASP E 50 -55.71 30.08 -26.67
CA ASP E 50 -56.40 28.81 -26.78
C ASP E 50 -55.66 27.77 -25.95
N VAL E 51 -56.29 27.35 -24.86
CA VAL E 51 -55.65 26.52 -23.86
C VAL E 51 -55.19 25.21 -24.46
N THR E 52 -55.89 24.71 -25.47
CA THR E 52 -55.62 23.36 -26.03
C THR E 52 -54.71 23.40 -27.26
N LYS E 53 -53.60 24.14 -27.22
CA LYS E 53 -52.64 24.13 -28.35
C LYS E 53 -51.50 25.13 -28.11
N PHE E 54 -50.45 25.08 -28.94
CA PHE E 54 -49.26 25.97 -28.81
C PHE E 54 -48.82 26.36 -30.22
N ARG E 55 -47.68 27.06 -30.36
CA ARG E 55 -47.14 27.45 -31.70
C ARG E 55 -45.65 27.15 -31.78
N TYR E 56 -45.26 26.12 -32.53
CA TYR E 56 -43.85 25.68 -32.61
C TYR E 56 -43.24 26.15 -33.89
N MET E 57 -42.12 26.88 -33.82
CA MET E 57 -41.45 27.43 -35.02
C MET E 57 -41.42 26.32 -36.05
N SER E 58 -41.63 26.62 -37.32
CA SER E 58 -41.75 25.57 -38.38
C SER E 58 -40.37 25.04 -38.77
N TYR E 59 -40.34 24.04 -39.64
CA TYR E 59 -39.07 23.43 -40.13
C TYR E 59 -38.92 23.62 -41.64
N ASP E 60 -39.87 24.30 -42.28
CA ASP E 60 -39.85 24.51 -43.77
C ASP E 60 -39.01 25.74 -44.09
N HIS E 61 -38.84 26.07 -45.37
CA HIS E 61 -37.99 27.22 -45.81
C HIS E 61 -38.81 28.51 -45.74
N ASP E 62 -40.12 28.44 -45.51
CA ASP E 62 -40.97 29.64 -45.29
C ASP E 62 -40.97 29.90 -43.79
N HIS E 63 -40.50 28.94 -43.00
CA HIS E 63 -40.41 29.09 -41.55
C HIS E 63 -41.50 30.01 -41.02
N ASP E 64 -42.73 29.64 -41.35
CA ASP E 64 -43.90 30.27 -40.76
C ASP E 64 -44.12 29.71 -39.36
N ILE E 65 -45.13 30.24 -38.67
CA ILE E 65 -45.55 29.64 -37.42
C ILE E 65 -46.50 28.49 -37.73
N LYS E 66 -46.35 27.37 -37.03
CA LYS E 66 -47.27 26.24 -37.03
C LYS E 66 -47.94 26.14 -35.68
N GLU E 67 -49.02 25.37 -35.64
CA GLU E 67 -49.71 25.12 -34.39
C GLU E 67 -49.98 23.63 -34.26
N ASP E 68 -50.12 23.19 -33.00
CA ASP E 68 -50.43 21.80 -32.71
C ASP E 68 -51.16 21.73 -31.38
N SER E 69 -51.66 20.54 -31.07
CA SER E 69 -52.40 20.34 -29.84
C SER E 69 -51.46 20.13 -28.67
N MET E 70 -51.89 20.63 -27.50
CA MET E 70 -51.07 20.49 -26.31
C MET E 70 -51.04 19.07 -25.79
N GLU E 71 -51.95 18.21 -26.25
CA GLU E 71 -51.98 16.82 -25.82
C GLU E 71 -50.76 16.03 -26.24
N LYS E 72 -49.95 16.54 -27.15
CA LYS E 72 -48.84 15.77 -27.68
C LYS E 72 -47.49 16.28 -27.16
N LEU E 73 -47.49 17.00 -26.06
CA LEU E 73 -46.28 17.42 -25.36
C LEU E 73 -46.08 16.59 -24.12
N ALA E 74 -44.87 16.13 -23.88
CA ALA E 74 -44.51 15.40 -22.68
C ALA E 74 -43.24 15.95 -22.10
N ILE E 75 -43.09 15.83 -20.79
CA ILE E 75 -41.93 16.26 -20.04
C ILE E 75 -41.49 15.05 -19.24
N SER E 76 -40.20 14.77 -19.17
CA SER E 76 -39.72 13.64 -18.41
C SER E 76 -38.31 13.88 -17.93
N THR E 77 -38.01 13.39 -16.73
CA THR E 77 -36.67 13.40 -16.19
C THR E 77 -36.10 11.99 -16.13
N SER E 78 -36.78 11.09 -15.45
CA SER E 78 -36.51 9.67 -15.53
C SER E 78 -37.72 8.90 -15.97
N GLY E 79 -38.87 9.17 -15.36
CA GLY E 79 -40.15 8.71 -15.87
C GLY E 79 -40.94 9.89 -16.36
N PRO E 80 -42.16 9.66 -16.81
CA PRO E 80 -43.00 10.77 -17.26
C PRO E 80 -43.32 11.70 -16.10
N CYS E 81 -43.36 12.99 -16.42
CA CYS E 81 -43.73 14.02 -15.46
C CYS E 81 -45.17 14.43 -15.69
N ARG E 82 -45.83 14.85 -14.62
CA ARG E 82 -47.20 15.34 -14.72
C ARG E 82 -47.17 16.84 -15.00
N ARG E 83 -47.71 17.23 -16.15
CA ARG E 83 -47.77 18.63 -16.54
C ARG E 83 -48.77 19.37 -15.68
N LEU E 84 -48.30 20.35 -14.92
CA LEU E 84 -49.19 21.04 -13.99
C LEU E 84 -49.80 22.29 -14.61
N GLY E 85 -48.99 23.12 -15.25
CA GLY E 85 -49.47 24.37 -15.81
C GLY E 85 -48.62 24.77 -16.99
N HIS E 86 -49.14 25.69 -17.78
CA HIS E 86 -48.48 26.08 -19.01
C HIS E 86 -48.93 27.47 -19.40
N LYS E 87 -47.98 28.29 -19.86
CA LYS E 87 -48.32 29.65 -20.24
C LYS E 87 -47.18 30.29 -21.03
N GLY E 88 -47.46 30.64 -22.28
CA GLY E 88 -46.44 31.30 -23.11
C GLY E 88 -45.21 30.44 -23.28
N TYR E 89 -44.06 30.99 -22.88
CA TYR E 89 -42.77 30.32 -22.86
C TYR E 89 -42.57 29.44 -21.62
N PHE E 90 -43.47 29.46 -20.64
CA PHE E 90 -43.17 28.89 -19.30
C PHE E 90 -44.08 27.72 -18.94
N LEU E 91 -43.50 26.51 -18.82
CA LEU E 91 -44.24 25.35 -18.37
C LEU E 91 -43.95 25.10 -16.90
N LEU E 92 -44.86 24.39 -16.23
CA LEU E 92 -44.60 23.96 -14.87
C LEU E 92 -45.11 22.55 -14.67
N ALA E 93 -44.24 21.69 -14.14
CA ALA E 93 -44.53 20.28 -14.03
C ALA E 93 -43.83 19.69 -12.81
N GLN E 94 -44.41 18.63 -12.27
CA GLN E 94 -43.85 17.87 -11.16
C GLN E 94 -43.13 16.64 -11.70
N CYS E 95 -41.88 16.44 -11.27
CA CYS E 95 -41.08 15.40 -11.86
C CYS E 95 -40.52 14.49 -10.77
N PRO E 96 -40.24 13.23 -11.10
CA PRO E 96 -39.51 12.37 -10.19
C PRO E 96 -38.03 12.72 -10.19
N PRO E 97 -37.27 12.26 -9.20
CA PRO E 97 -35.86 12.55 -9.10
C PRO E 97 -35.05 12.07 -10.30
N GLY E 98 -34.00 12.81 -10.67
CA GLY E 98 -33.12 12.46 -11.77
C GLY E 98 -32.03 13.49 -12.02
N ASP E 99 -31.09 13.16 -12.89
CA ASP E 99 -29.92 14.00 -13.19
C ASP E 99 -30.10 14.96 -14.37
N SER E 100 -31.19 14.81 -15.12
CA SER E 100 -31.46 15.55 -16.34
C SER E 100 -32.95 15.76 -16.57
N VAL E 101 -33.29 16.79 -17.32
CA VAL E 101 -34.67 17.11 -17.68
C VAL E 101 -34.82 17.28 -19.17
N THR E 102 -35.96 16.84 -19.70
CA THR E 102 -36.21 16.79 -21.13
C THR E 102 -37.64 17.15 -21.46
N VAL E 103 -37.84 17.68 -22.66
CA VAL E 103 -39.15 18.01 -23.24
C VAL E 103 -39.24 17.40 -24.63
N SER E 104 -40.42 16.92 -25.01
CA SER E 104 -40.62 16.32 -26.33
C SER E 104 -42.03 16.53 -26.88
N ILE E 105 -42.11 16.56 -28.22
CA ILE E 105 -43.34 16.48 -29.00
C ILE E 105 -43.62 15.02 -29.39
N THR E 106 -44.84 14.70 -29.81
CA THR E 106 -45.24 13.34 -30.22
C THR E 106 -46.15 13.38 -31.46
N SER E 107 -45.58 13.77 -32.60
CA SER E 107 -46.27 14.02 -33.88
C SER E 107 -46.58 12.74 -34.67
N GLY E 108 -47.23 11.76 -34.02
CA GLY E 108 -47.50 10.41 -34.56
C GLY E 108 -46.26 9.52 -34.55
N ALA E 109 -45.17 10.03 -35.12
CA ALA E 109 -43.79 9.71 -34.78
C ALA E 109 -43.04 11.05 -34.72
N SER E 110 -41.80 11.15 -35.22
CA SER E 110 -41.07 12.43 -35.27
C SER E 110 -41.00 13.12 -33.91
N GLU E 111 -40.79 12.32 -32.85
CA GLU E 111 -40.89 12.74 -31.46
C GLU E 111 -39.68 13.58 -31.04
N ASN E 112 -39.49 14.73 -31.69
CA ASN E 112 -38.37 15.61 -31.42
C ASN E 112 -38.39 16.11 -29.98
N SER E 113 -37.20 16.40 -29.47
CA SER E 113 -37.00 16.64 -28.06
C SER E 113 -35.72 17.42 -27.81
N CYS E 114 -35.60 17.97 -26.61
CA CYS E 114 -34.38 18.58 -26.12
C CYS E 114 -34.15 18.25 -24.63
N THR E 115 -32.89 18.36 -24.21
CA THR E 115 -32.38 17.85 -22.94
C THR E 115 -31.40 18.82 -22.32
N VAL E 116 -31.36 18.92 -20.99
CA VAL E 116 -30.27 19.59 -20.27
C VAL E 116 -29.91 18.85 -18.99
N GLU E 117 -28.68 19.04 -18.54
CA GLU E 117 -28.27 18.68 -17.20
C GLU E 117 -28.95 19.60 -16.16
N LYS E 118 -29.53 19.01 -15.12
CA LYS E 118 -30.01 19.73 -13.93
C LYS E 118 -30.29 18.70 -12.84
N LYS E 119 -29.56 18.72 -11.72
CA LYS E 119 -29.71 17.71 -10.66
C LYS E 119 -31.01 17.90 -9.87
N ILE E 120 -32.12 17.38 -10.38
CA ILE E 120 -33.40 17.37 -9.67
C ILE E 120 -33.39 16.24 -8.64
N ARG E 121 -32.75 16.49 -7.49
CA ARG E 121 -32.89 15.62 -6.32
C ARG E 121 -34.18 15.93 -5.57
N ARG E 122 -34.60 14.97 -4.76
CA ARG E 122 -35.77 15.05 -3.90
C ARG E 122 -35.43 15.93 -2.71
N LYS E 123 -36.22 16.98 -2.51
CA LYS E 123 -36.04 17.86 -1.37
C LYS E 123 -37.30 17.86 -0.52
N PHE E 124 -37.13 18.17 0.75
CA PHE E 124 -38.20 18.17 1.74
C PHE E 124 -38.12 19.42 2.60
N VAL E 125 -39.23 19.73 3.24
CA VAL E 125 -39.31 20.84 4.18
C VAL E 125 -39.50 20.27 5.57
N GLY E 126 -38.80 20.84 6.54
CA GLY E 126 -38.89 20.40 7.92
C GLY E 126 -37.57 19.85 8.39
N ARG E 127 -37.65 18.87 9.28
CA ARG E 127 -36.43 18.33 9.86
C ARG E 127 -36.34 16.83 9.69
N GLU E 128 -37.16 16.24 8.84
CA GLU E 128 -37.16 14.80 8.59
C GLU E 128 -37.32 14.57 7.11
N GLU E 129 -36.56 13.64 6.54
CA GLU E 129 -36.87 13.32 5.17
C GLU E 129 -38.14 12.49 5.15
N TYR E 130 -38.89 12.61 4.07
CA TYR E 130 -40.07 11.78 3.89
C TYR E 130 -40.35 11.69 2.40
N LEU E 131 -40.88 10.55 1.97
CA LEU E 131 -41.30 10.50 0.59
C LEU E 131 -42.58 11.29 0.39
N PHE E 132 -43.54 11.14 1.29
CA PHE E 132 -44.77 11.89 1.17
C PHE E 132 -45.15 12.58 2.48
N PRO E 133 -45.86 13.68 2.38
CA PRO E 133 -46.40 14.31 3.56
C PRO E 133 -47.39 13.37 4.23
N PRO E 134 -47.11 12.93 5.44
CA PRO E 134 -47.99 11.95 6.08
C PRO E 134 -49.32 12.58 6.42
N VAL E 135 -50.30 11.71 6.61
CA VAL E 135 -51.65 12.17 6.88
C VAL E 135 -51.70 12.95 8.19
N HIS E 136 -50.91 12.54 9.16
CA HIS E 136 -50.84 13.25 10.44
C HIS E 136 -49.48 13.87 10.67
N GLY E 137 -49.48 15.08 11.21
CA GLY E 137 -48.26 15.80 11.46
C GLY E 137 -48.51 17.27 11.70
N LYS E 138 -47.41 17.99 11.93
CA LYS E 138 -47.44 19.43 12.09
C LYS E 138 -47.64 20.13 10.75
N LEU E 139 -48.13 21.36 10.83
CA LEU E 139 -48.11 22.31 9.73
C LEU E 139 -47.02 23.36 9.94
N VAL E 140 -46.26 23.66 8.90
CA VAL E 140 -45.24 24.70 8.95
C VAL E 140 -45.28 25.50 7.64
N LYS E 141 -44.73 26.70 7.71
CA LYS E 141 -44.68 27.58 6.55
C LYS E 141 -43.74 27.01 5.50
N CYS E 142 -44.25 26.84 4.28
CA CYS E 142 -43.46 26.39 3.14
C CYS E 142 -43.73 27.27 1.93
N HIS E 143 -42.89 27.11 0.90
CA HIS E 143 -43.02 27.89 -0.32
C HIS E 143 -43.08 27.01 -1.55
N VAL E 144 -44.06 27.27 -2.42
CA VAL E 144 -44.28 26.49 -3.64
C VAL E 144 -44.64 27.45 -4.75
N TYR E 145 -44.41 27.00 -5.98
CA TYR E 145 -44.87 27.73 -7.14
C TYR E 145 -46.39 27.67 -7.22
N ASP E 146 -47.05 28.82 -7.29
CA ASP E 146 -48.47 28.83 -7.59
C ASP E 146 -48.72 28.36 -9.02
N HIS E 147 -49.76 27.55 -9.20
CA HIS E 147 -50.10 27.07 -10.54
C HIS E 147 -50.79 28.11 -11.42
N LEU E 148 -51.37 29.17 -10.85
CA LEU E 148 -52.16 30.07 -11.68
C LEU E 148 -51.30 30.84 -12.67
N LYS E 149 -51.70 30.80 -13.94
CA LYS E 149 -51.01 31.54 -14.98
C LYS E 149 -51.03 33.04 -14.72
N GLU E 150 -52.10 33.52 -14.11
CA GLU E 150 -52.29 34.94 -13.82
C GLU E 150 -51.50 35.39 -12.60
N THR E 151 -50.21 35.06 -12.59
CA THR E 151 -49.31 35.44 -11.52
C THR E 151 -48.02 35.89 -12.17
N SER E 152 -47.16 36.51 -11.37
CA SER E 152 -45.99 37.20 -11.91
C SER E 152 -44.80 37.01 -10.99
N ALA E 153 -43.82 36.25 -11.47
CA ALA E 153 -42.55 36.12 -10.77
C ALA E 153 -41.54 37.16 -11.23
N GLY E 154 -41.84 37.88 -12.29
CA GLY E 154 -40.90 38.79 -12.90
C GLY E 154 -41.22 39.01 -14.36
N TYR E 155 -40.27 39.58 -15.08
CA TYR E 155 -40.43 39.86 -16.49
C TYR E 155 -39.17 39.53 -17.26
N ILE E 156 -39.37 39.17 -18.52
CA ILE E 156 -38.31 38.92 -19.48
C ILE E 156 -38.40 39.96 -20.58
N THR E 157 -37.25 40.51 -20.97
CA THR E 157 -37.18 41.46 -22.06
C THR E 157 -37.02 40.73 -23.39
N MET E 158 -37.88 41.06 -24.35
CA MET E 158 -37.79 40.53 -25.69
C MET E 158 -37.56 41.67 -26.67
N HIS E 159 -36.91 41.36 -27.78
CA HIS E 159 -36.50 42.39 -28.73
C HIS E 159 -37.04 42.06 -30.12
N ARG E 160 -36.73 42.93 -31.06
CA ARG E 160 -37.04 42.67 -32.45
C ARG E 160 -36.11 41.61 -33.01
N PRO E 161 -36.63 40.67 -33.79
CA PRO E 161 -35.78 39.62 -34.36
C PRO E 161 -34.75 40.20 -35.31
N GLY E 162 -33.57 39.60 -35.31
CA GLY E 162 -32.52 40.01 -36.21
C GLY E 162 -32.56 39.26 -37.51
N PRO E 163 -31.55 39.48 -38.35
CA PRO E 163 -31.50 38.81 -39.66
C PRO E 163 -31.39 37.30 -39.49
N HIS E 164 -32.26 36.55 -40.14
CA HIS E 164 -32.14 35.10 -40.15
C HIS E 164 -32.01 34.67 -41.60
N ALA E 165 -30.78 34.54 -42.06
CA ALA E 165 -30.51 34.27 -43.45
C ALA E 165 -30.85 32.83 -43.80
N TYR E 166 -31.16 32.59 -45.08
CA TYR E 166 -31.55 31.29 -45.64
C TYR E 166 -30.78 31.02 -46.92
N LYS E 167 -30.30 29.78 -47.13
CA LYS E 167 -29.61 29.46 -48.37
C LYS E 167 -30.52 28.98 -49.48
N SER E 168 -31.74 28.53 -49.16
CA SER E 168 -32.69 28.22 -50.21
C SER E 168 -33.08 29.45 -51.01
N TYR E 169 -32.96 30.63 -50.40
CA TYR E 169 -33.17 31.87 -51.13
C TYR E 169 -32.10 32.16 -52.17
N LEU E 170 -31.01 31.42 -52.19
CA LEU E 170 -29.96 31.64 -53.17
C LEU E 170 -29.85 30.48 -54.16
N GLU E 171 -29.36 30.81 -55.34
CA GLU E 171 -29.00 29.83 -56.36
C GLU E 171 -27.77 30.29 -57.12
N GLU E 172 -26.93 29.32 -57.48
CA GLU E 172 -25.77 29.53 -58.33
C GLU E 172 -25.93 28.74 -59.61
N ALA E 173 -25.78 29.41 -60.75
CA ALA E 173 -25.90 28.75 -62.04
C ALA E 173 -24.97 29.39 -63.05
N SER E 174 -24.16 28.56 -63.71
CA SER E 174 -23.24 29.00 -64.75
C SER E 174 -22.32 30.10 -64.25
N GLY E 175 -21.93 30.01 -62.98
CA GLY E 175 -21.13 31.04 -62.39
C GLY E 175 -21.86 32.34 -62.16
N GLU E 176 -23.18 32.29 -62.07
CA GLU E 176 -24.00 33.46 -61.77
C GLU E 176 -24.84 33.19 -60.54
N VAL E 177 -24.98 34.20 -59.69
CA VAL E 177 -25.74 34.08 -58.47
C VAL E 177 -27.10 34.72 -58.66
N TYR E 178 -28.15 33.97 -58.32
CA TYR E 178 -29.52 34.45 -58.39
C TYR E 178 -30.14 34.32 -57.01
N ILE E 179 -31.08 35.22 -56.71
CA ILE E 179 -31.87 35.15 -55.49
C ILE E 179 -33.28 34.77 -55.87
N LYS E 180 -33.84 33.79 -55.17
CA LYS E 180 -35.17 33.27 -55.45
C LYS E 180 -36.00 33.45 -54.19
N PRO E 181 -36.61 34.61 -54.02
CA PRO E 181 -37.53 34.81 -52.91
C PRO E 181 -38.76 33.95 -53.11
N PRO E 182 -39.48 33.65 -52.05
CA PRO E 182 -40.77 32.99 -52.23
C PRO E 182 -41.78 33.93 -52.85
N SER E 183 -42.97 33.40 -53.11
CA SER E 183 -43.98 34.15 -53.85
C SER E 183 -44.51 35.30 -53.00
N GLY E 184 -44.39 36.52 -53.50
CA GLY E 184 -45.03 37.65 -52.84
C GLY E 184 -44.34 38.16 -51.60
N LYS E 185 -43.15 37.67 -51.27
CA LYS E 185 -42.42 38.14 -50.11
C LYS E 185 -41.23 38.96 -50.57
N ASN E 186 -41.17 40.22 -50.15
CA ASN E 186 -40.06 41.10 -50.50
C ASN E 186 -38.85 40.68 -49.67
N VAL E 187 -37.90 40.00 -50.29
CA VAL E 187 -36.70 39.55 -49.59
C VAL E 187 -35.59 40.58 -49.75
N THR E 188 -35.01 41.01 -48.64
CA THR E 188 -33.84 41.87 -48.69
C THR E 188 -32.58 41.03 -48.91
N TYR E 189 -31.68 41.53 -49.74
CA TYR E 189 -30.44 40.87 -50.07
C TYR E 189 -29.26 41.82 -49.92
N GLU E 190 -28.09 41.23 -49.70
CA GLU E 190 -26.84 41.99 -49.67
C GLU E 190 -25.67 41.03 -49.79
N CYS E 191 -24.54 41.57 -50.27
CA CYS E 191 -23.25 40.91 -50.22
C CYS E 191 -22.16 41.82 -50.79
N LYS E 192 -20.92 41.37 -50.60
CA LYS E 192 -19.72 41.93 -51.22
C LYS E 192 -19.27 40.94 -52.29
N CYS E 193 -19.61 41.23 -53.54
CA CYS E 193 -19.15 40.46 -54.69
C CYS E 193 -18.08 41.21 -55.46
N GLY E 194 -17.17 41.83 -54.72
CA GLY E 194 -16.39 42.94 -55.24
C GLY E 194 -16.67 44.13 -54.35
N ASP E 195 -17.42 45.09 -54.88
CA ASP E 195 -17.97 46.15 -54.06
C ASP E 195 -19.15 45.64 -53.25
N TYR E 196 -19.38 46.28 -52.11
CA TYR E 196 -20.53 45.98 -51.29
C TYR E 196 -21.81 46.34 -52.03
N SER E 197 -22.84 45.54 -51.84
CA SER E 197 -24.12 45.81 -52.49
C SER E 197 -25.25 45.37 -51.57
N THR E 198 -26.36 46.11 -51.64
CA THR E 198 -27.53 45.83 -50.81
C THR E 198 -28.77 46.34 -51.52
N GLY E 199 -29.89 45.69 -51.28
CA GLY E 199 -31.13 46.16 -51.86
C GLY E 199 -32.29 45.29 -51.40
N ILE E 200 -33.41 45.46 -52.11
CA ILE E 200 -34.63 44.70 -51.87
C ILE E 200 -35.10 44.15 -53.20
N VAL E 201 -35.42 42.86 -53.24
CA VAL E 201 -35.92 42.20 -54.43
C VAL E 201 -37.15 41.40 -54.04
N SER E 202 -38.19 41.51 -54.84
CA SER E 202 -39.42 40.74 -54.64
C SER E 202 -39.55 39.58 -55.61
N THR E 203 -38.58 39.38 -56.50
CA THR E 203 -38.71 38.38 -57.55
C THR E 203 -37.33 37.87 -57.91
N ARG E 204 -37.30 36.74 -58.62
CA ARG E 204 -36.06 36.15 -59.08
C ARG E 204 -35.20 37.21 -59.76
N THR E 205 -34.03 37.43 -59.20
CA THR E 205 -33.17 38.51 -59.63
C THR E 205 -31.75 38.01 -59.80
N LYS E 206 -31.04 38.62 -60.74
CA LYS E 206 -29.64 38.28 -60.97
C LYS E 206 -28.75 39.10 -60.06
N MET E 207 -27.48 38.72 -60.04
CA MET E 207 -26.44 39.46 -59.36
C MET E 207 -25.23 39.61 -60.27
N ASN E 208 -24.51 40.69 -60.08
CA ASN E 208 -23.31 40.98 -60.84
C ASN E 208 -22.10 40.89 -59.95
N GLY E 209 -20.98 40.41 -60.51
CA GLY E 209 -19.77 40.28 -59.76
C GLY E 209 -19.77 39.14 -58.77
N CYS E 210 -20.86 38.40 -58.67
CA CYS E 210 -20.98 37.31 -57.69
C CYS E 210 -20.60 35.99 -58.35
N THR E 211 -19.60 35.33 -57.79
CA THR E 211 -19.02 34.17 -58.43
C THR E 211 -19.33 32.87 -57.70
N LYS E 212 -19.65 32.93 -56.42
CA LYS E 212 -19.96 31.75 -55.63
C LYS E 212 -21.24 31.99 -54.83
N ALA E 213 -22.02 30.92 -54.66
CA ALA E 213 -23.25 31.03 -53.89
C ALA E 213 -22.97 31.48 -52.46
N LYS E 214 -21.84 31.05 -51.91
CA LYS E 214 -21.43 31.45 -50.57
C LYS E 214 -21.31 32.97 -50.43
N GLN E 215 -21.29 33.72 -51.52
CA GLN E 215 -20.97 35.13 -51.42
C GLN E 215 -22.09 35.96 -50.81
N CYS E 216 -23.34 35.51 -50.87
CA CYS E 216 -24.45 36.40 -50.61
C CYS E 216 -25.43 35.83 -49.59
N ILE E 217 -26.20 36.75 -49.02
CA ILE E 217 -27.12 36.50 -47.92
C ILE E 217 -28.49 37.00 -48.33
N ALA E 218 -29.53 36.27 -47.97
CA ALA E 218 -30.89 36.74 -48.22
C ALA E 218 -31.82 36.34 -47.09
N TYR E 219 -32.75 37.24 -46.77
CA TYR E 219 -33.74 36.96 -45.74
C TYR E 219 -34.91 37.92 -45.92
N LYS E 220 -36.08 37.48 -45.47
CA LYS E 220 -37.27 38.32 -45.51
C LYS E 220 -37.32 39.18 -44.25
N ARG E 221 -37.81 40.41 -44.41
CA ARG E 221 -37.95 41.35 -43.30
C ARG E 221 -39.21 41.06 -42.51
N ASP E 222 -39.09 40.26 -41.44
CA ASP E 222 -40.20 40.01 -40.52
C ASP E 222 -40.02 40.83 -39.24
N GLN E 223 -40.39 42.09 -39.30
CA GLN E 223 -40.35 42.98 -38.15
C GLN E 223 -41.63 43.01 -37.33
N THR E 224 -42.68 42.28 -37.75
CA THR E 224 -43.94 42.23 -37.02
C THR E 224 -43.97 41.17 -35.92
N LYS E 225 -42.88 40.78 -35.24
CA LYS E 225 -43.03 40.30 -33.84
C LYS E 225 -41.81 40.56 -32.98
N TRP E 226 -41.93 40.34 -31.69
CA TRP E 226 -40.82 40.29 -30.75
C TRP E 226 -40.52 38.84 -30.34
N VAL E 227 -39.28 38.56 -29.96
CA VAL E 227 -38.80 37.23 -29.55
C VAL E 227 -37.94 37.33 -28.30
N PHE E 228 -37.88 36.27 -27.50
CA PHE E 228 -37.02 36.24 -26.31
C PHE E 228 -35.55 36.54 -26.67
N ASN E 229 -34.81 37.13 -25.74
CA ASN E 229 -33.36 37.41 -25.89
C ASN E 229 -32.59 36.09 -25.78
N SER E 230 -32.87 35.12 -26.65
CA SER E 230 -32.29 33.78 -26.65
C SER E 230 -30.85 33.77 -27.13
N PRO E 231 -29.91 33.18 -26.38
CA PRO E 231 -28.49 33.15 -26.72
C PRO E 231 -28.14 32.26 -27.91
N ASP E 232 -29.11 31.89 -28.74
CA ASP E 232 -28.87 31.26 -30.04
C ASP E 232 -29.14 32.20 -31.22
N LEU E 233 -29.95 33.24 -31.05
CA LEU E 233 -30.29 34.15 -32.14
C LEU E 233 -29.24 35.25 -32.33
N ILE E 234 -29.03 35.71 -33.56
CA ILE E 234 -28.31 36.98 -33.83
C ILE E 234 -29.32 38.12 -33.72
N ARG E 235 -28.97 39.23 -33.06
CA ARG E 235 -29.93 40.30 -32.84
C ARG E 235 -29.92 41.29 -33.99
N HIS E 236 -31.01 42.04 -34.08
CA HIS E 236 -31.10 43.14 -35.02
C HIS E 236 -30.10 44.24 -34.68
N THR E 237 -29.95 45.15 -35.63
CA THR E 237 -29.11 46.33 -35.43
C THR E 237 -29.62 47.18 -34.26
N ASP E 238 -30.94 47.29 -34.12
CA ASP E 238 -31.53 48.02 -33.00
C ASP E 238 -31.99 47.00 -31.95
N HIS E 239 -31.08 46.69 -31.04
CA HIS E 239 -31.35 45.78 -29.93
C HIS E 239 -31.79 46.55 -28.68
N SER E 240 -32.82 47.35 -28.84
CA SER E 240 -33.43 48.00 -27.68
C SER E 240 -34.52 47.11 -27.10
N VAL E 241 -34.79 47.29 -25.81
CA VAL E 241 -35.89 46.60 -25.15
C VAL E 241 -37.20 47.08 -25.77
N GLN E 242 -37.87 46.21 -26.50
CA GLN E 242 -39.12 46.53 -27.16
C GLN E 242 -40.31 45.86 -26.53
N GLY E 243 -40.10 45.02 -25.53
CA GLY E 243 -41.20 44.23 -24.99
C GLY E 243 -40.89 43.59 -23.66
N LYS E 244 -41.93 43.38 -22.86
CA LYS E 244 -41.83 42.70 -21.58
C LYS E 244 -42.90 41.64 -21.52
N LEU E 245 -42.50 40.47 -21.02
CA LEU E 245 -43.43 39.37 -20.84
C LEU E 245 -43.32 38.90 -19.40
N HIS E 246 -44.45 38.51 -18.82
CA HIS E 246 -44.42 38.07 -17.43
C HIS E 246 -43.75 36.71 -17.29
N ILE E 247 -43.19 36.50 -16.10
CA ILE E 247 -42.70 35.20 -15.69
C ILE E 247 -43.75 34.61 -14.77
N PRO E 248 -44.60 33.73 -15.26
CA PRO E 248 -45.70 33.23 -14.44
C PRO E 248 -45.29 32.33 -13.29
N PHE E 249 -46.27 31.94 -12.48
CA PHE E 249 -46.09 31.08 -11.32
C PHE E 249 -45.20 31.71 -10.25
N ARG E 250 -45.70 32.80 -9.69
CA ARG E 250 -45.03 33.43 -8.56
C ARG E 250 -44.82 32.41 -7.45
N LEU E 251 -43.63 32.42 -6.87
CA LEU E 251 -43.34 31.67 -5.66
C LEU E 251 -43.95 32.33 -4.44
N THR E 252 -45.08 31.82 -3.98
CA THR E 252 -45.78 32.32 -2.81
C THR E 252 -45.59 31.39 -1.61
N PRO E 253 -45.50 31.98 -0.42
CA PRO E 253 -45.60 31.20 0.81
C PRO E 253 -46.92 30.43 0.93
N THR E 254 -46.85 29.28 1.58
CA THR E 254 -48.04 28.54 1.99
C THR E 254 -47.68 27.57 3.12
N VAL E 255 -48.62 26.69 3.47
CA VAL E 255 -48.46 25.73 4.56
C VAL E 255 -48.30 24.32 4.01
N CYS E 256 -47.34 23.57 4.56
CA CYS E 256 -47.07 22.19 4.26
C CYS E 256 -47.20 21.34 5.52
N PRO E 257 -47.71 20.12 5.41
CA PRO E 257 -47.64 19.18 6.53
C PRO E 257 -46.28 18.50 6.59
N VAL E 258 -45.79 18.28 7.81
CA VAL E 258 -44.51 17.58 8.00
C VAL E 258 -44.65 16.56 9.11
N PRO E 259 -43.89 15.48 9.02
CA PRO E 259 -44.03 14.39 9.99
C PRO E 259 -43.60 14.80 11.39
N LEU E 260 -44.11 14.05 12.36
CA LEU E 260 -43.62 14.08 13.73
C LEU E 260 -42.98 12.74 14.05
N ALA E 261 -41.71 12.77 14.44
CA ALA E 261 -41.04 11.53 14.76
C ALA E 261 -41.69 10.88 15.97
N HIS E 262 -41.27 9.66 16.25
CA HIS E 262 -41.69 8.99 17.46
C HIS E 262 -41.22 9.76 18.69
N THR E 263 -42.11 9.95 19.66
CA THR E 263 -41.73 10.68 20.85
C THR E 263 -40.68 9.92 21.62
N PRO E 264 -39.54 10.53 21.92
CA PRO E 264 -38.43 9.76 22.49
C PRO E 264 -38.71 9.37 23.92
N THR E 265 -38.05 8.29 24.35
CA THR E 265 -38.16 7.83 25.74
C THR E 265 -36.91 8.24 26.52
N VAL E 266 -37.12 9.00 27.59
CA VAL E 266 -36.04 9.59 28.36
C VAL E 266 -35.79 8.77 29.61
N THR E 267 -34.54 8.37 29.82
CA THR E 267 -34.14 7.74 31.08
C THR E 267 -33.28 8.74 31.85
N LYS E 268 -33.68 9.02 33.08
CA LYS E 268 -33.01 10.05 33.87
C LYS E 268 -32.00 9.44 34.81
N TRP E 269 -30.79 9.98 34.83
CA TRP E 269 -29.78 9.58 35.78
C TRP E 269 -29.04 10.82 36.26
N PHE E 270 -28.28 10.66 37.35
CA PHE E 270 -27.62 11.77 37.99
C PHE E 270 -26.71 12.54 37.03
N LYS E 271 -27.05 13.81 36.84
CA LYS E 271 -26.36 14.67 35.89
C LYS E 271 -26.29 14.06 34.50
N GLY E 272 -27.42 13.58 34.01
CA GLY E 272 -27.43 13.08 32.66
C GLY E 272 -28.71 12.42 32.20
N ILE E 273 -28.91 12.44 30.88
CA ILE E 273 -30.06 11.82 30.25
C ILE E 273 -29.58 10.92 29.12
N THR E 274 -30.42 9.94 28.81
CA THR E 274 -30.22 9.06 27.67
C THR E 274 -31.49 9.08 26.84
N LEU E 275 -31.39 9.53 25.60
CA LEU E 275 -32.52 9.50 24.69
C LEU E 275 -32.53 8.17 23.96
N HIS E 276 -33.58 7.38 24.20
CA HIS E 276 -33.90 6.29 23.29
C HIS E 276 -34.67 6.87 22.13
N LEU E 277 -34.13 6.67 20.93
CA LEU E 277 -34.65 7.28 19.73
C LEU E 277 -35.03 6.21 18.74
N THR E 278 -36.11 6.46 18.01
CA THR E 278 -36.49 5.60 16.91
C THR E 278 -36.80 6.48 15.71
N ALA E 279 -36.23 6.12 14.57
CA ALA E 279 -36.45 6.94 13.38
C ALA E 279 -36.29 6.07 12.14
N THR E 280 -37.38 5.93 11.39
CA THR E 280 -37.31 5.18 10.14
C THR E 280 -36.53 5.92 9.07
N ARG E 281 -36.57 7.24 9.07
CA ARG E 281 -35.80 8.08 8.14
C ARG E 281 -34.87 9.01 8.90
N PRO E 282 -33.86 9.56 8.22
CA PRO E 282 -32.95 10.50 8.88
C PRO E 282 -33.69 11.65 9.55
N THR E 283 -33.50 11.75 10.86
CA THR E 283 -34.08 12.79 11.69
C THR E 283 -33.00 13.65 12.30
N LEU E 284 -33.25 14.95 12.35
CA LEU E 284 -32.31 15.93 12.89
C LEU E 284 -32.52 16.07 14.39
N LEU E 285 -31.45 15.84 15.15
CA LEU E 285 -31.40 16.08 16.59
C LEU E 285 -30.50 17.26 16.90
N THR E 286 -31.03 18.23 17.65
CA THR E 286 -30.29 19.44 17.97
C THR E 286 -30.37 19.72 19.46
N THR E 287 -29.20 19.85 20.10
CA THR E 287 -29.13 20.08 21.53
C THR E 287 -28.27 21.30 21.81
N ARG E 288 -28.55 21.96 22.94
CA ARG E 288 -27.68 23.02 23.42
C ARG E 288 -27.82 23.13 24.92
N LYS E 289 -26.71 23.48 25.57
CA LYS E 289 -26.70 23.79 26.99
C LYS E 289 -27.22 25.20 27.25
N LEU E 290 -27.82 25.38 28.44
CA LEU E 290 -28.40 26.65 28.82
C LEU E 290 -27.46 27.47 29.71
N GLY E 291 -26.17 27.23 29.61
CA GLY E 291 -25.18 27.94 30.40
C GLY E 291 -24.42 28.98 29.61
N LEU E 292 -23.26 29.34 30.15
CA LEU E 292 -22.44 30.36 29.50
C LEU E 292 -21.98 29.90 28.14
N ARG E 293 -21.57 28.65 28.02
CA ARG E 293 -21.20 28.06 26.75
C ARG E 293 -22.36 27.24 26.22
N ALA E 294 -22.76 27.52 24.98
CA ALA E 294 -23.82 26.74 24.36
C ALA E 294 -23.42 25.29 24.20
N ASP E 295 -22.19 25.05 23.74
CA ASP E 295 -21.72 23.70 23.48
C ASP E 295 -22.67 22.94 22.56
N ALA E 296 -23.20 23.65 21.57
CA ALA E 296 -24.32 23.14 20.80
C ALA E 296 -23.92 21.89 20.01
N THR E 297 -24.86 20.97 19.86
CA THR E 297 -24.65 19.77 19.08
C THR E 297 -25.80 19.55 18.12
N ALA E 298 -25.47 19.02 16.95
CA ALA E 298 -26.44 18.62 15.95
C ALA E 298 -26.03 17.29 15.36
N GLU E 299 -27.00 16.42 15.13
CA GLU E 299 -26.71 15.12 14.55
C GLU E 299 -27.93 14.62 13.80
N TRP E 300 -27.69 14.01 12.65
CA TRP E 300 -28.72 13.30 11.93
C TRP E 300 -28.69 11.84 12.37
N ILE E 301 -29.84 11.31 12.73
CA ILE E 301 -29.94 9.99 13.33
C ILE E 301 -30.83 9.13 12.45
N THR E 302 -30.42 7.88 12.25
CA THR E 302 -31.25 6.92 11.54
C THR E 302 -31.37 5.65 12.37
N GLY E 303 -32.41 4.89 12.09
CA GLY E 303 -32.63 3.68 12.85
C GLY E 303 -33.06 3.99 14.26
N THR E 304 -32.74 3.07 15.17
CA THR E 304 -32.96 3.24 16.59
C THR E 304 -31.63 3.23 17.31
N THR E 305 -31.42 4.18 18.19
CA THR E 305 -30.17 4.26 18.93
C THR E 305 -30.43 5.01 20.24
N SER E 306 -29.34 5.25 20.97
CA SER E 306 -29.39 6.03 22.19
C SER E 306 -28.22 6.99 22.25
N ARG E 307 -28.47 8.19 22.76
CA ARG E 307 -27.45 9.22 22.92
C ARG E 307 -27.47 9.71 24.36
N ASN E 308 -26.30 9.87 24.95
CA ASN E 308 -26.16 10.38 26.30
C ASN E 308 -25.81 11.87 26.26
N PHE E 309 -26.51 12.67 27.07
CA PHE E 309 -26.20 14.09 27.23
C PHE E 309 -26.11 14.43 28.72
N SER E 310 -24.97 14.97 29.11
CA SER E 310 -24.79 15.45 30.48
C SER E 310 -25.57 16.73 30.71
N VAL E 311 -26.28 16.80 31.82
CA VAL E 311 -27.10 17.95 32.15
C VAL E 311 -26.58 18.60 33.42
N GLY E 312 -26.22 19.88 33.33
CA GLY E 312 -25.81 20.65 34.48
C GLY E 312 -26.97 21.38 35.14
N ARG E 313 -26.62 22.16 36.18
CA ARG E 313 -27.62 22.89 36.94
C ARG E 313 -28.30 23.96 36.10
N GLU E 314 -27.57 24.56 35.17
CA GLU E 314 -28.17 25.56 34.29
C GLU E 314 -29.29 24.96 33.46
N GLY E 315 -29.18 23.69 33.14
CA GLY E 315 -30.22 22.98 32.42
C GLY E 315 -29.82 22.73 30.97
N LEU E 316 -30.69 21.99 30.28
CA LEU E 316 -30.44 21.61 28.91
C LEU E 316 -31.74 21.65 28.13
N GLU E 317 -31.61 21.96 26.85
CA GLU E 317 -32.74 22.06 25.95
C GLU E 317 -32.37 21.31 24.68
N TYR E 318 -33.23 20.37 24.31
CA TYR E 318 -33.06 19.52 23.14
C TYR E 318 -34.29 19.63 22.27
N VAL E 319 -34.09 19.63 20.96
CA VAL E 319 -35.18 19.61 20.00
C VAL E 319 -34.99 18.40 19.13
N TRP E 320 -35.99 17.53 19.12
CA TRP E 320 -35.96 16.28 18.39
C TRP E 320 -36.94 16.36 17.24
N GLY E 321 -36.39 16.36 16.04
CA GLY E 321 -37.19 16.45 14.83
C GLY E 321 -37.96 17.75 14.77
N ASN E 322 -39.20 17.67 14.32
CA ASN E 322 -40.02 18.86 14.19
C ASN E 322 -40.74 19.26 15.47
N HIS E 323 -40.56 18.53 16.57
CA HIS E 323 -41.25 18.84 17.82
C HIS E 323 -40.83 20.18 18.40
N GLU E 324 -41.64 20.69 19.31
CA GLU E 324 -41.23 21.85 20.08
C GLU E 324 -40.02 21.51 20.94
N PRO E 325 -39.21 22.51 21.27
CA PRO E 325 -38.08 22.30 22.18
C PRO E 325 -38.55 21.84 23.54
N VAL E 326 -37.76 20.97 24.16
CA VAL E 326 -37.99 20.51 25.52
C VAL E 326 -36.79 20.91 26.37
N ARG E 327 -37.04 21.49 27.52
CA ARG E 327 -36.02 21.95 28.44
C ARG E 327 -36.01 21.09 29.71
N VAL E 328 -34.83 20.75 30.19
CA VAL E 328 -34.66 19.97 31.41
C VAL E 328 -33.51 20.55 32.22
N TRP E 329 -33.65 20.52 33.55
CA TRP E 329 -32.65 21.02 34.46
C TRP E 329 -32.20 19.91 35.40
N ALA E 330 -30.91 19.86 35.69
CA ALA E 330 -30.39 18.91 36.67
C ALA E 330 -30.63 19.36 38.10
N GLN E 331 -31.12 18.44 38.94
CA GLN E 331 -31.14 18.61 40.39
C GLN E 331 -29.78 18.28 40.97
N GLU E 332 -29.70 18.24 42.30
CA GLU E 332 -28.49 17.87 43.02
C GLU E 332 -28.61 16.50 43.67
N SER E 333 -29.25 15.55 43.00
CA SER E 333 -29.52 14.24 43.58
C SER E 333 -28.27 13.36 43.53
N ALA E 334 -27.23 13.80 44.23
CA ALA E 334 -26.03 13.00 44.33
C ALA E 334 -26.25 11.82 45.28
N PRO E 335 -25.58 10.69 45.02
CA PRO E 335 -25.66 9.52 45.91
C PRO E 335 -24.82 9.70 47.15
N GLY E 336 -25.45 9.65 48.32
CA GLY E 336 -24.74 9.79 49.58
C GLY E 336 -25.67 10.30 50.66
N ASP E 337 -25.08 10.94 51.67
CA ASP E 337 -25.88 11.57 52.70
C ASP E 337 -25.16 12.74 53.37
N PRO E 338 -25.67 13.96 53.24
CA PRO E 338 -25.04 15.11 53.92
C PRO E 338 -25.24 15.10 55.42
N HIS E 339 -26.11 14.26 55.96
CA HIS E 339 -26.36 14.20 57.40
C HIS E 339 -25.99 12.85 57.98
N GLY E 340 -25.09 12.12 57.33
CA GLY E 340 -24.73 10.79 57.74
C GLY E 340 -23.32 10.75 58.28
N TRP E 341 -22.66 9.60 58.17
CA TRP E 341 -21.28 9.52 58.60
C TRP E 341 -20.36 10.29 57.65
N PRO E 342 -19.15 10.64 58.10
CA PRO E 342 -18.28 11.49 57.30
C PRO E 342 -17.98 10.97 55.90
N HIS E 343 -17.84 9.66 55.74
CA HIS E 343 -17.56 9.11 54.41
C HIS E 343 -18.76 9.29 53.47
N GLU E 344 -19.97 9.12 53.99
CA GLU E 344 -21.16 9.38 53.18
C GLU E 344 -21.21 10.84 52.75
N ILE E 345 -20.86 11.74 53.67
CA ILE E 345 -20.79 13.16 53.36
C ILE E 345 -19.76 13.43 52.29
N ILE E 346 -18.58 12.81 52.43
CA ILE E 346 -17.52 13.04 51.46
C ILE E 346 -17.93 12.56 50.08
N ILE E 347 -18.55 11.38 50.00
CA ILE E 347 -18.97 10.87 48.71
C ILE E 347 -19.97 11.83 48.07
N HIS E 348 -20.94 12.27 48.86
CA HIS E 348 -21.97 13.17 48.35
C HIS E 348 -21.36 14.47 47.83
N TYR E 349 -20.45 15.04 48.60
CA TYR E 349 -19.89 16.32 48.20
C TYR E 349 -18.81 16.17 47.14
N TYR E 350 -18.29 14.97 46.96
CA TYR E 350 -17.33 14.77 45.88
C TYR E 350 -18.06 14.64 44.57
N HIS E 351 -19.19 13.94 44.58
CA HIS E 351 -20.00 13.86 43.38
C HIS E 351 -20.59 15.20 43.00
N ARG E 352 -20.95 16.02 43.98
CA ARG E 352 -21.42 17.36 43.62
C ARG E 352 -20.30 18.26 43.12
N HIS E 353 -19.20 18.35 43.86
CA HIS E 353 -18.13 19.28 43.51
C HIS E 353 -16.77 18.67 43.79
N PRO E 354 -16.22 17.93 42.84
CA PRO E 354 -15.04 17.12 43.14
C PRO E 354 -13.81 17.94 43.49
N VAL E 355 -13.54 19.00 42.73
CA VAL E 355 -12.34 19.80 42.98
C VAL E 355 -12.43 20.46 44.35
N TYR E 356 -13.56 21.07 44.66
CA TYR E 356 -13.73 21.74 45.94
C TYR E 356 -13.61 20.76 47.09
N THR E 357 -14.21 19.58 46.95
CA THR E 357 -14.12 18.60 48.02
C THR E 357 -12.69 18.13 48.22
N VAL E 358 -11.95 17.90 47.14
CA VAL E 358 -10.57 17.46 47.27
C VAL E 358 -9.73 18.54 47.94
N ILE E 359 -9.94 19.79 47.56
CA ILE E 359 -9.21 20.90 48.17
C ILE E 359 -9.54 21.01 49.66
N VAL E 360 -10.81 20.88 50.02
CA VAL E 360 -11.19 21.00 51.43
C VAL E 360 -10.55 19.89 52.27
N LEU E 361 -10.61 18.65 51.78
CA LEU E 361 -10.00 17.57 52.54
C LEU E 361 -8.49 17.73 52.66
N CYS E 362 -7.83 18.14 51.57
CA CYS E 362 -6.40 18.35 51.63
C CYS E 362 -6.04 19.47 52.61
N GLY E 363 -6.83 20.54 52.62
CA GLY E 363 -6.62 21.61 53.58
C GLY E 363 -6.78 21.16 55.03
N VAL E 364 -7.79 20.33 55.29
CA VAL E 364 -7.95 19.78 56.64
C VAL E 364 -6.76 18.92 57.03
N ALA E 365 -6.29 18.09 56.12
CA ALA E 365 -5.12 17.27 56.40
C ALA E 365 -3.88 18.11 56.66
N LEU E 366 -3.67 19.15 55.85
CA LEU E 366 -2.53 20.04 56.07
C LEU E 366 -2.61 20.76 57.41
N ALA E 367 -3.80 21.21 57.79
CA ALA E 367 -3.97 21.87 59.08
C ALA E 367 -3.69 20.92 60.24
N ILE E 368 -4.17 19.68 60.15
CA ILE E 368 -3.85 18.69 61.18
C ILE E 368 -2.36 18.41 61.25
N LEU E 369 -1.72 18.26 60.11
CA LEU E 369 -0.29 17.96 60.07
C LEU E 369 0.53 19.10 60.66
N VAL E 370 0.23 20.34 60.29
CA VAL E 370 0.97 21.47 60.82
C VAL E 370 0.71 21.66 62.32
N GLY E 371 -0.52 21.43 62.77
CA GLY E 371 -0.79 21.54 64.19
C GLY E 371 -0.01 20.52 65.01
N THR E 372 0.00 19.28 64.53
CA THR E 372 0.79 18.25 65.21
C THR E 372 2.28 18.57 65.19
N ALA E 373 2.80 19.02 64.05
CA ALA E 373 4.23 19.36 63.99
C ALA E 373 4.58 20.48 64.97
N SER E 374 3.75 21.52 65.03
CA SER E 374 4.01 22.61 65.95
C SER E 374 3.97 22.13 67.39
N SER E 375 2.97 21.30 67.71
CA SER E 375 2.86 20.79 69.08
C SER E 375 4.08 19.96 69.45
N ALA E 376 4.54 19.11 68.53
CA ALA E 376 5.72 18.30 68.80
C ALA E 376 6.96 19.15 69.00
N ALA E 377 7.15 20.17 68.18
CA ALA E 377 8.30 21.06 68.35
C ALA E 377 8.25 21.80 69.68
N CYS E 378 7.08 22.31 70.06
CA CYS E 378 6.95 23.00 71.33
C CYS E 378 7.19 22.07 72.51
N ILE E 379 6.66 20.84 72.44
CA ILE E 379 6.88 19.88 73.51
C ILE E 379 8.36 19.52 73.64
N ALA E 380 9.04 19.29 72.51
CA ALA E 380 10.45 18.92 72.58
C ALA E 380 11.31 20.06 73.10
N LYS E 381 11.00 21.30 72.71
CA LYS E 381 11.71 22.45 73.26
C LYS E 381 11.44 22.64 74.75
N ALA E 382 10.21 22.40 75.19
CA ALA E 382 9.94 22.41 76.64
C ALA E 382 10.69 21.33 77.40
N ARG E 383 10.75 20.11 76.85
CA ARG E 383 11.58 19.08 77.46
C ARG E 383 13.04 19.50 77.56
N ARG E 384 13.60 19.98 76.46
CA ARG E 384 14.99 20.45 76.47
C ARG E 384 15.19 21.50 77.56
N ASP E 385 14.34 22.51 77.57
CA ASP E 385 14.44 23.62 78.51
C ASP E 385 14.34 23.14 79.95
N CYS E 386 13.40 22.25 80.24
CA CYS E 386 13.15 21.86 81.61
C CYS E 386 13.99 20.68 82.06
N LEU E 387 14.84 20.14 81.19
CA LEU E 387 15.64 18.99 81.57
C LEU E 387 17.13 19.23 81.49
N THR E 388 17.60 20.02 80.54
CA THR E 388 19.04 20.21 80.39
C THR E 388 19.71 20.84 81.63
N PRO E 389 19.09 21.72 82.42
CA PRO E 389 19.76 22.13 83.67
C PRO E 389 19.96 20.99 84.62
N TYR E 390 19.02 20.05 84.67
CA TYR E 390 19.15 18.95 85.61
C TYR E 390 20.07 17.86 85.08
N ALA E 391 20.28 17.82 83.77
CA ALA E 391 21.18 16.84 83.16
C ALA E 391 22.64 17.23 83.28
N LEU E 392 22.94 18.49 83.59
CA LEU E 392 24.30 18.93 83.79
C LEU E 392 24.71 18.93 85.25
N ALA E 393 23.89 18.39 86.12
CA ALA E 393 24.10 18.40 87.55
C ALA E 393 23.85 17.01 88.13
N PRO E 394 24.45 16.70 89.27
CA PRO E 394 24.16 15.44 89.94
C PRO E 394 22.81 15.48 90.66
N ASN E 395 22.31 14.29 90.94
CA ASN E 395 21.14 14.10 91.81
C ASN E 395 19.93 14.89 91.36
N ALA E 396 19.46 14.55 90.16
CA ALA E 396 18.31 15.20 89.55
C ALA E 396 17.02 14.79 90.25
N THR E 397 16.66 15.51 91.33
CA THR E 397 15.38 15.34 91.99
C THR E 397 14.27 16.04 91.20
N VAL E 398 13.92 15.41 90.09
CA VAL E 398 12.94 15.98 89.15
C VAL E 398 11.55 15.46 89.52
N PRO E 399 10.56 16.33 89.72
CA PRO E 399 9.17 15.85 89.70
C PRO E 399 8.90 15.16 88.38
N THR E 400 8.51 13.89 88.45
CA THR E 400 8.57 13.02 87.28
C THR E 400 7.41 13.24 86.33
N ALA E 401 6.49 14.15 86.64
CA ALA E 401 5.34 14.37 85.78
C ALA E 401 5.77 14.87 84.40
N LEU E 402 6.72 15.79 84.35
CA LEU E 402 7.16 16.35 83.08
C LEU E 402 7.81 15.30 82.18
N ALA E 403 8.73 14.51 82.75
CA ALA E 403 9.35 13.43 81.99
C ALA E 403 8.33 12.39 81.55
N VAL E 404 7.44 11.97 82.46
CA VAL E 404 6.45 10.96 82.11
C VAL E 404 5.53 11.48 81.01
N LEU E 405 5.14 12.74 81.08
CA LEU E 405 4.30 13.34 80.05
C LEU E 405 5.02 13.35 78.70
N CYS E 406 6.26 13.84 78.66
CA CYS E 406 6.92 14.13 77.39
C CYS E 406 7.91 13.05 76.97
N CYS E 407 7.96 11.91 77.66
CA CYS E 407 8.82 10.82 77.21
C CYS E 407 8.25 10.10 76.00
N ILE E 408 6.94 10.15 75.80
CA ILE E 408 6.29 9.35 74.76
C ILE E 408 5.91 10.23 73.58
N GLN F 1 -36.25 -30.69 -18.80
CA GLN F 1 -37.57 -30.13 -19.04
C GLN F 1 -38.45 -31.15 -19.76
N LEU F 2 -39.40 -31.72 -19.03
CA LEU F 2 -40.40 -32.56 -19.67
C LEU F 2 -41.30 -31.71 -20.57
N HIS F 3 -41.95 -32.39 -21.52
CA HIS F 3 -42.95 -31.77 -22.37
C HIS F 3 -44.23 -32.58 -22.40
N TYR F 4 -45.37 -31.91 -22.30
CA TYR F 4 -46.68 -32.49 -22.57
C TYR F 4 -47.49 -31.59 -23.49
N THR F 5 -48.45 -32.20 -24.17
CA THR F 5 -49.31 -31.53 -25.13
C THR F 5 -50.76 -31.87 -24.80
N VAL F 6 -51.64 -30.88 -24.95
CA VAL F 6 -53.05 -31.06 -24.65
C VAL F 6 -53.86 -30.15 -25.56
N GLN F 7 -55.18 -30.33 -25.57
CA GLN F 7 -56.09 -29.42 -26.23
C GLN F 7 -57.03 -28.80 -25.20
N GLU F 8 -57.90 -27.91 -25.67
CA GLU F 8 -58.91 -27.31 -24.81
C GLU F 8 -59.96 -28.33 -24.37
N GLU F 9 -60.82 -27.86 -23.46
CA GLU F 9 -62.03 -28.56 -23.05
C GLU F 9 -61.81 -29.95 -22.45
N GLN F 10 -60.57 -30.38 -22.29
CA GLN F 10 -60.33 -31.71 -21.76
C GLN F 10 -60.96 -31.83 -20.39
N GLU F 11 -61.71 -32.90 -20.18
CA GLU F 11 -62.49 -33.05 -18.96
C GLU F 11 -61.59 -33.14 -17.74
N HIS F 12 -62.15 -32.74 -16.60
CA HIS F 12 -61.51 -33.01 -15.32
C HIS F 12 -61.20 -34.49 -15.19
N GLY F 13 -59.96 -34.80 -14.83
CA GLY F 13 -59.50 -36.16 -14.76
C GLY F 13 -58.93 -36.73 -16.04
N THR F 14 -58.86 -35.95 -17.12
CA THR F 14 -58.21 -36.41 -18.33
C THR F 14 -56.72 -36.64 -18.08
N PHE F 15 -56.22 -37.80 -18.48
CA PHE F 15 -54.82 -38.14 -18.24
C PHE F 15 -53.90 -37.31 -19.13
N VAL F 16 -52.82 -36.79 -18.53
CA VAL F 16 -51.79 -36.08 -19.26
C VAL F 16 -50.51 -36.91 -19.40
N GLY F 17 -50.01 -37.45 -18.30
CA GLY F 17 -48.72 -38.13 -18.30
C GLY F 17 -48.11 -38.26 -16.91
N ASN F 18 -47.57 -39.44 -16.60
CA ASN F 18 -46.80 -39.62 -15.38
C ASN F 18 -45.43 -38.95 -15.52
N ILE F 19 -45.06 -38.17 -14.51
CA ILE F 19 -43.80 -37.42 -14.55
C ILE F 19 -42.67 -38.24 -13.96
N ALA F 20 -42.96 -39.02 -12.91
CA ALA F 20 -41.95 -39.86 -12.29
C ALA F 20 -41.39 -40.87 -13.27
N GLU F 21 -42.29 -41.59 -13.97
CA GLU F 21 -41.85 -42.58 -14.94
C GLU F 21 -41.01 -41.93 -16.03
N ASP F 22 -41.46 -40.79 -16.55
CA ASP F 22 -40.68 -40.06 -17.55
C ASP F 22 -39.28 -39.78 -17.04
N LEU F 23 -39.17 -39.29 -15.81
CA LEU F 23 -37.87 -39.04 -15.21
C LEU F 23 -37.23 -40.27 -14.59
N GLY F 24 -37.86 -41.44 -14.69
CA GLY F 24 -37.31 -42.64 -14.10
C GLY F 24 -37.23 -42.64 -12.59
N LEU F 25 -38.21 -42.03 -11.93
CA LEU F 25 -38.30 -42.00 -10.47
C LEU F 25 -39.21 -43.13 -10.01
N ASP F 26 -38.74 -43.91 -9.04
CA ASP F 26 -39.58 -44.93 -8.44
C ASP F 26 -40.87 -44.32 -7.89
N ILE F 27 -42.00 -44.74 -8.48
CA ILE F 27 -43.31 -44.25 -8.08
C ILE F 27 -43.59 -44.53 -6.62
N THR F 28 -43.13 -45.69 -6.12
CA THR F 28 -43.28 -46.01 -4.71
C THR F 28 -42.49 -45.05 -3.83
N LYS F 29 -41.32 -44.62 -4.29
CA LYS F 29 -40.48 -43.73 -3.50
C LYS F 29 -41.00 -42.30 -3.46
N LEU F 30 -41.97 -41.97 -4.33
CA LEU F 30 -42.50 -40.61 -4.40
C LEU F 30 -42.97 -40.12 -3.04
N SER F 31 -43.66 -40.97 -2.29
CA SER F 31 -44.09 -40.62 -0.95
C SER F 31 -42.90 -40.36 -0.03
N ALA F 32 -41.88 -41.22 -0.10
CA ALA F 32 -40.68 -41.02 0.71
C ALA F 32 -40.01 -39.66 0.48
N ARG F 33 -40.20 -39.05 -0.68
CA ARG F 33 -39.62 -37.74 -0.95
C ARG F 33 -40.63 -36.60 -0.92
N GLY F 34 -41.84 -36.85 -0.42
CA GLY F 34 -42.88 -35.82 -0.35
C GLY F 34 -43.12 -35.09 -1.66
N PHE F 35 -43.05 -35.82 -2.77
CA PHE F 35 -43.02 -35.23 -4.09
C PHE F 35 -44.26 -34.37 -4.36
N GLN F 36 -44.04 -33.11 -4.73
CA GLN F 36 -45.16 -32.25 -5.11
C GLN F 36 -44.65 -31.06 -5.90
N THR F 37 -45.59 -30.35 -6.52
CA THR F 37 -45.31 -29.15 -7.28
C THR F 37 -44.82 -27.99 -6.41
N VAL F 38 -43.89 -27.22 -6.96
CA VAL F 38 -43.30 -26.05 -6.33
C VAL F 38 -44.37 -24.98 -6.15
N PRO F 39 -44.58 -24.48 -4.93
CA PRO F 39 -45.74 -23.61 -4.66
C PRO F 39 -45.79 -22.30 -5.42
N ASN F 40 -44.74 -21.89 -6.14
CA ASN F 40 -44.86 -20.70 -6.97
C ASN F 40 -45.00 -21.03 -8.45
N SER F 41 -45.34 -22.28 -8.78
CA SER F 41 -45.59 -22.69 -10.15
C SER F 41 -47.01 -23.19 -10.39
N ARG F 42 -47.75 -23.51 -9.34
CA ARG F 42 -49.02 -24.20 -9.49
C ARG F 42 -50.06 -23.32 -10.16
N THR F 43 -50.95 -23.97 -10.88
CA THR F 43 -52.17 -23.37 -11.44
C THR F 43 -53.27 -24.39 -11.31
N PRO F 44 -54.53 -23.95 -11.26
CA PRO F 44 -55.62 -24.88 -10.89
C PRO F 44 -55.98 -25.87 -11.99
N TYR F 45 -55.61 -25.59 -13.24
CA TYR F 45 -56.08 -26.38 -14.37
C TYR F 45 -55.48 -27.78 -14.38
N LEU F 46 -54.34 -27.97 -13.74
CA LEU F 46 -53.66 -29.25 -13.70
C LEU F 46 -53.43 -29.63 -12.24
N ASP F 47 -53.47 -30.92 -11.97
CA ASP F 47 -53.28 -31.42 -10.63
C ASP F 47 -52.62 -32.79 -10.69
N LEU F 48 -51.93 -33.14 -9.62
CA LEU F 48 -51.04 -34.29 -9.57
C LEU F 48 -51.50 -35.26 -8.48
N ASN F 49 -51.65 -36.52 -8.85
CA ASN F 49 -51.80 -37.57 -7.85
C ASN F 49 -50.42 -37.87 -7.28
N LEU F 50 -50.19 -37.41 -6.06
CA LEU F 50 -48.88 -37.50 -5.44
C LEU F 50 -48.39 -38.94 -5.30
N GLU F 51 -49.30 -39.85 -4.93
CA GLU F 51 -48.90 -41.25 -4.74
C GLU F 51 -48.50 -41.91 -6.06
N THR F 52 -49.25 -41.67 -7.13
CA THR F 52 -48.92 -42.30 -8.40
C THR F 52 -48.00 -41.47 -9.27
N GLY F 53 -47.97 -40.15 -9.09
CA GLY F 53 -47.22 -39.31 -10.00
C GLY F 53 -47.95 -38.99 -11.28
N VAL F 54 -49.25 -39.25 -11.36
CA VAL F 54 -50.02 -39.02 -12.57
C VAL F 54 -50.53 -37.59 -12.56
N LEU F 55 -50.28 -36.86 -13.64
CA LEU F 55 -50.84 -35.53 -13.83
C LEU F 55 -52.13 -35.62 -14.61
N TYR F 56 -53.13 -34.85 -14.19
CA TYR F 56 -54.41 -34.83 -14.87
C TYR F 56 -54.90 -33.39 -15.01
N VAL F 57 -55.87 -33.22 -15.89
CA VAL F 57 -56.55 -31.94 -16.09
C VAL F 57 -57.56 -31.73 -14.97
N ASN F 58 -57.38 -30.65 -14.22
CA ASN F 58 -58.16 -30.39 -13.01
C ASN F 58 -59.28 -29.38 -13.23
N GLU F 59 -59.14 -28.49 -14.21
CA GLU F 59 -60.23 -27.64 -14.67
C GLU F 59 -60.17 -27.54 -16.19
N LYS F 60 -61.33 -27.28 -16.79
CA LYS F 60 -61.43 -27.30 -18.24
C LYS F 60 -60.49 -26.29 -18.87
N ILE F 61 -59.68 -26.78 -19.80
CA ILE F 61 -58.63 -26.01 -20.43
C ILE F 61 -59.23 -25.06 -21.46
N ASP F 62 -58.73 -23.83 -21.50
CA ASP F 62 -59.26 -22.81 -22.38
C ASP F 62 -58.15 -21.83 -22.75
N ARG F 63 -57.82 -21.80 -24.04
CA ARG F 63 -56.82 -20.87 -24.55
C ARG F 63 -57.21 -19.42 -24.26
N GLU F 64 -58.50 -19.13 -24.18
CA GLU F 64 -58.95 -17.76 -23.95
C GLU F 64 -58.77 -17.33 -22.51
N GLN F 65 -59.07 -18.22 -21.57
CA GLN F 65 -59.03 -17.88 -20.15
C GLN F 65 -57.66 -18.12 -19.55
N ILE F 66 -57.04 -19.26 -19.86
CA ILE F 66 -55.74 -19.57 -19.29
C ILE F 66 -54.64 -18.73 -19.93
N CYS F 67 -54.70 -18.58 -21.25
CA CYS F 67 -53.50 -18.34 -22.05
C CYS F 67 -53.50 -16.98 -22.71
N LYS F 68 -54.12 -16.00 -22.06
CA LYS F 68 -53.78 -14.60 -22.28
C LYS F 68 -52.30 -14.39 -21.98
N GLN F 69 -51.61 -13.69 -22.90
CA GLN F 69 -50.15 -13.57 -22.86
C GLN F 69 -49.46 -14.93 -22.98
N SER F 70 -50.09 -15.86 -23.69
CA SER F 70 -49.46 -17.13 -24.05
C SER F 70 -50.20 -17.75 -25.23
N PRO F 71 -49.86 -17.37 -26.46
CA PRO F 71 -50.71 -17.70 -27.61
C PRO F 71 -50.56 -19.15 -28.02
N SER F 72 -49.35 -19.70 -27.93
CA SER F 72 -49.19 -21.14 -28.02
C SER F 72 -49.75 -21.85 -26.79
N CYS F 73 -50.10 -21.10 -25.76
CA CYS F 73 -50.78 -21.60 -24.56
C CYS F 73 -49.94 -22.67 -23.86
N VAL F 74 -48.69 -22.31 -23.56
CA VAL F 74 -47.91 -23.03 -22.56
C VAL F 74 -48.42 -22.71 -21.17
N LEU F 75 -48.67 -23.75 -20.38
CA LEU F 75 -48.58 -23.66 -18.93
C LEU F 75 -47.23 -24.24 -18.53
N HIS F 76 -46.50 -23.50 -17.69
CA HIS F 76 -45.22 -23.96 -17.17
C HIS F 76 -45.38 -24.42 -15.72
N LEU F 77 -44.92 -25.62 -15.40
CA LEU F 77 -45.19 -26.24 -14.11
C LEU F 77 -43.97 -27.05 -13.68
N GLU F 78 -43.75 -27.15 -12.37
CA GLU F 78 -42.46 -27.57 -11.84
C GLU F 78 -42.65 -28.47 -10.61
N VAL F 79 -41.67 -29.35 -10.37
CA VAL F 79 -41.78 -30.40 -9.37
C VAL F 79 -40.43 -30.64 -8.71
N PHE F 80 -40.45 -31.15 -7.47
CA PHE F 80 -39.23 -31.32 -6.69
C PHE F 80 -39.31 -32.55 -5.78
N LEU F 81 -38.14 -32.97 -5.29
CA LEU F 81 -37.95 -34.09 -4.40
C LEU F 81 -37.09 -33.65 -3.22
N GLU F 82 -37.34 -34.23 -2.04
CA GLU F 82 -36.65 -33.81 -0.84
C GLU F 82 -35.61 -34.78 -0.30
N ASN F 83 -35.72 -36.08 -0.56
CA ASN F 83 -34.82 -37.08 0.01
C ASN F 83 -34.05 -37.82 -1.08
N PRO F 84 -32.87 -37.34 -1.47
CA PRO F 84 -32.31 -35.99 -1.24
C PRO F 84 -33.01 -34.97 -2.12
N LEU F 85 -32.60 -33.71 -2.03
CA LEU F 85 -33.20 -32.66 -2.84
C LEU F 85 -33.01 -32.95 -4.32
N GLU F 86 -34.10 -32.88 -5.07
CA GLU F 86 -34.06 -32.81 -6.53
C GLU F 86 -35.22 -31.97 -7.01
N LEU F 87 -35.09 -31.46 -8.25
CA LEU F 87 -36.04 -30.53 -8.83
C LEU F 87 -36.19 -30.85 -10.33
N PHE F 88 -37.42 -30.75 -10.84
CA PHE F 88 -37.67 -30.98 -12.26
C PHE F 88 -38.73 -30.01 -12.80
N GLN F 89 -38.81 -29.98 -14.13
CA GLN F 89 -39.53 -28.96 -14.87
C GLN F 89 -40.44 -29.59 -15.93
N VAL F 90 -41.61 -29.02 -16.11
CA VAL F 90 -42.61 -29.51 -17.05
C VAL F 90 -43.17 -28.30 -17.79
N GLU F 91 -43.29 -28.43 -19.10
CA GLU F 91 -44.12 -27.54 -19.91
C GLU F 91 -45.36 -28.27 -20.40
N ILE F 92 -46.51 -27.62 -20.28
CA ILE F 92 -47.77 -28.14 -20.79
C ILE F 92 -48.29 -27.15 -21.82
N GLU F 93 -48.42 -27.62 -23.07
CA GLU F 93 -48.81 -26.76 -24.19
C GLU F 93 -50.17 -27.19 -24.73
N VAL F 94 -51.07 -26.22 -24.88
CA VAL F 94 -52.44 -26.45 -25.34
C VAL F 94 -52.54 -26.13 -26.82
N LEU F 95 -52.86 -27.13 -27.64
CA LEU F 95 -52.95 -26.97 -29.08
C LEU F 95 -54.41 -26.78 -29.52
N ASP F 96 -54.58 -26.29 -30.75
CA ASP F 96 -55.90 -26.17 -31.34
C ASP F 96 -56.48 -27.52 -31.74
N ILE F 97 -57.79 -27.53 -31.95
CA ILE F 97 -58.56 -28.71 -32.35
C ILE F 97 -58.79 -28.68 -33.86
N ASN F 98 -58.40 -29.75 -34.54
CA ASN F 98 -58.60 -29.88 -35.97
C ASN F 98 -60.06 -30.18 -36.34
N ASP F 99 -60.87 -30.64 -35.38
CA ASP F 99 -62.30 -30.76 -35.58
C ASP F 99 -63.03 -29.41 -35.56
N ASN F 100 -62.47 -28.43 -36.25
CA ASN F 100 -62.82 -27.03 -36.02
C ASN F 100 -64.21 -26.74 -36.59
N GLU G 1 44.54 20.00 86.96
CA GLU G 1 44.18 20.82 85.82
C GLU G 1 44.74 20.24 84.54
N SER G 2 46.05 20.01 84.57
CA SER G 2 46.81 19.60 83.39
C SER G 2 46.39 18.21 82.92
N ASP G 3 46.11 17.31 83.87
CA ASP G 3 45.83 15.92 83.52
C ASP G 3 44.48 15.73 82.84
N LYS G 4 43.45 16.45 83.28
CA LYS G 4 42.13 16.17 82.78
C LYS G 4 41.44 17.41 82.26
N THR G 5 42.15 18.24 81.50
CA THR G 5 41.52 19.37 80.82
C THR G 5 42.10 19.47 79.42
N PHE G 6 41.35 19.02 78.43
CA PHE G 6 41.88 18.84 77.09
C PHE G 6 41.54 20.06 76.25
N PRO G 7 42.54 20.77 75.75
CA PRO G 7 42.29 21.91 74.85
C PRO G 7 41.48 21.50 73.64
N ILE G 8 40.79 22.48 73.08
CA ILE G 8 40.19 22.38 71.76
C ILE G 8 41.10 23.10 70.78
N MET G 9 41.49 22.37 69.74
CA MET G 9 42.42 22.83 68.72
C MET G 9 41.70 23.30 67.48
N LEU G 10 42.25 24.33 66.85
CA LEU G 10 41.78 24.77 65.55
C LEU G 10 42.83 25.66 64.91
N ASN G 11 43.16 25.37 63.65
CA ASN G 11 44.11 26.16 62.88
C ASN G 11 45.46 26.26 63.57
N GLY G 12 45.87 25.23 64.30
CA GLY G 12 47.07 25.36 65.09
C GLY G 12 46.94 26.27 66.29
N GLN G 13 45.71 26.61 66.70
CA GLN G 13 45.50 27.45 67.86
C GLN G 13 44.57 26.77 68.84
N VAL G 14 44.84 26.96 70.12
CA VAL G 14 43.93 26.53 71.17
C VAL G 14 42.83 27.57 71.35
N ASN G 15 41.59 27.11 71.28
CA ASN G 15 40.47 28.03 71.41
C ASN G 15 39.80 27.95 72.76
N GLY G 16 39.95 26.83 73.46
CA GLY G 16 39.41 26.70 74.79
C GLY G 16 39.89 25.44 75.46
N TYR G 17 39.17 25.05 76.51
CA TYR G 17 39.59 23.97 77.40
C TYR G 17 38.33 23.24 77.84
N ALA G 18 38.01 22.15 77.13
CA ALA G 18 36.88 21.33 77.51
C ALA G 18 37.16 20.49 78.75
N CYS G 19 36.13 20.32 79.58
CA CYS G 19 36.27 19.72 80.90
C CYS G 19 35.27 18.58 81.07
N VAL G 20 35.74 17.49 81.67
CA VAL G 20 34.92 16.30 81.94
C VAL G 20 34.60 16.24 83.43
N VAL G 21 33.32 16.40 83.76
CA VAL G 21 32.90 16.50 85.15
C VAL G 21 31.75 15.51 85.34
N GLY G 22 31.81 14.75 86.42
CA GLY G 22 30.71 13.85 86.77
C GLY G 22 30.36 12.86 85.68
N GLY G 23 31.34 12.46 84.88
CA GLY G 23 31.13 11.58 83.76
C GLY G 23 30.60 12.22 82.51
N ARG G 24 30.61 13.54 82.42
CA ARG G 24 30.16 14.21 81.21
C ARG G 24 31.10 15.35 80.85
N LEU G 25 31.37 15.45 79.55
CA LEU G 25 32.16 16.53 78.97
C LEU G 25 31.33 17.78 78.78
N MET G 26 31.95 18.95 78.97
CA MET G 26 31.30 20.21 78.68
C MET G 26 32.23 21.12 77.88
N LYS G 27 31.66 21.83 76.90
CA LYS G 27 32.35 22.65 75.94
C LYS G 27 31.51 23.86 75.58
N PRO G 28 32.05 25.08 75.65
CA PRO G 28 31.24 26.27 75.38
C PRO G 28 30.80 26.30 73.92
N LEU G 29 29.51 26.59 73.72
CA LEU G 29 28.94 26.55 72.38
C LEU G 29 29.51 27.63 71.47
N HIS G 30 29.73 28.83 72.01
CA HIS G 30 30.22 29.94 71.19
C HIS G 30 31.59 29.68 70.60
N VAL G 31 32.39 28.83 71.22
CA VAL G 31 33.73 28.54 70.71
C VAL G 31 33.69 27.40 69.71
N GLU G 32 34.64 27.45 68.77
CA GLU G 32 34.78 26.53 67.67
C GLU G 32 36.18 25.94 67.59
N GLY G 33 36.26 24.68 67.18
CA GLY G 33 37.53 23.99 67.02
C GLY G 33 37.32 22.48 67.03
N LYS G 34 38.42 21.76 67.22
CA LYS G 34 38.39 20.33 67.42
C LYS G 34 39.03 19.94 68.75
N ILE G 35 38.57 18.84 69.32
CA ILE G 35 39.15 18.32 70.55
C ILE G 35 40.32 17.42 70.17
N ASP G 36 41.44 17.59 70.88
CA ASP G 36 42.64 16.81 70.58
C ASP G 36 42.41 15.32 70.82
N ASN G 37 41.76 14.97 71.93
CA ASN G 37 41.50 13.56 72.21
C ASN G 37 40.58 12.95 71.17
N GLU G 38 41.02 11.82 70.60
CA GLU G 38 40.20 11.15 69.59
C GLU G 38 38.93 10.61 70.21
N GLN G 39 39.00 10.15 71.46
CA GLN G 39 37.81 9.61 72.11
C GLN G 39 36.76 10.69 72.29
N LEU G 40 37.18 11.88 72.73
CA LEU G 40 36.21 12.93 72.93
C LEU G 40 35.67 13.44 71.61
N ALA G 41 36.41 13.25 70.53
CA ALA G 41 35.93 13.60 69.19
C ALA G 41 34.85 12.67 68.71
N ALA G 42 34.67 11.52 69.38
CA ALA G 42 33.65 10.56 69.04
C ALA G 42 32.44 10.63 69.95
N VAL G 43 32.33 11.66 70.77
CA VAL G 43 31.16 11.85 71.62
C VAL G 43 30.18 12.78 70.91
N LYS G 44 28.91 12.49 71.05
CA LYS G 44 27.83 13.29 70.48
C LYS G 44 27.49 14.40 71.47
N LEU G 45 27.58 15.65 71.03
CA LEU G 45 27.43 16.79 71.93
C LEU G 45 26.02 17.36 71.82
N LYS G 46 25.24 17.16 72.87
CA LYS G 46 23.91 17.72 72.99
C LYS G 46 24.03 19.17 73.46
N LYS G 47 23.37 20.09 72.78
CA LYS G 47 23.60 21.51 72.97
C LYS G 47 22.52 22.09 73.86
N ALA G 48 22.93 22.68 74.98
CA ALA G 48 22.08 23.53 75.80
C ALA G 48 22.46 24.98 75.50
N SER G 49 21.81 25.55 74.49
CA SER G 49 22.20 26.86 73.99
C SER G 49 21.84 27.96 74.97
N MET G 50 20.78 27.76 75.74
CA MET G 50 20.44 28.69 76.80
C MET G 50 21.54 28.81 77.84
N TYR G 51 22.35 27.77 78.02
CA TYR G 51 23.55 27.88 78.85
C TYR G 51 24.83 28.07 78.05
N ASP G 52 24.75 28.19 76.72
CA ASP G 52 25.93 28.35 75.89
C ASP G 52 26.90 27.18 76.04
N LEU G 53 26.37 25.97 75.97
CA LEU G 53 27.18 24.81 76.27
C LEU G 53 26.63 23.60 75.53
N GLU G 54 27.50 22.62 75.30
CA GLU G 54 27.08 21.29 74.90
C GLU G 54 27.75 20.27 75.81
N TYR G 55 27.06 19.14 75.99
CA TYR G 55 27.54 18.10 76.87
C TYR G 55 27.41 16.74 76.19
N GLY G 56 28.26 15.82 76.63
CA GLY G 56 28.19 14.45 76.16
C GLY G 56 28.73 13.52 77.23
N ASP G 57 28.48 12.23 77.03
CA ASP G 57 28.85 11.22 77.99
C ASP G 57 30.25 10.70 77.69
N VAL G 58 31.12 10.73 78.69
CA VAL G 58 32.51 10.30 78.52
C VAL G 58 32.51 8.79 78.33
N PRO G 59 33.52 8.23 77.69
CA PRO G 59 33.56 6.77 77.50
C PRO G 59 33.91 6.05 78.80
N GLN G 60 33.80 4.72 78.71
CA GLN G 60 33.86 3.87 79.90
C GLN G 60 35.23 3.92 80.55
N ASN G 61 36.29 4.02 79.74
CA ASN G 61 37.64 4.13 80.28
C ASN G 61 37.82 5.40 81.13
N MET G 62 37.26 6.52 80.68
CA MET G 62 37.55 7.81 81.28
C MET G 62 36.60 8.16 82.42
N LYS G 63 35.64 7.30 82.72
CA LYS G 63 34.63 7.62 83.73
C LYS G 63 35.26 7.84 85.09
N SER G 64 36.30 7.08 85.42
CA SER G 64 36.92 7.19 86.73
C SER G 64 37.72 8.47 86.89
N ASP G 65 38.20 9.05 85.79
CA ASP G 65 39.00 10.27 85.84
C ASP G 65 38.24 11.51 85.37
N THR G 66 37.54 12.15 86.30
CA THR G 66 36.77 13.35 86.03
C THR G 66 36.82 14.23 87.27
N LEU G 67 36.63 15.52 87.05
CA LEU G 67 36.53 16.44 88.17
C LEU G 67 35.15 16.37 88.80
N GLN G 68 35.07 16.87 90.03
CA GLN G 68 33.89 16.72 90.86
C GLN G 68 33.07 18.01 90.86
N TYR G 69 31.76 17.87 90.62
CA TYR G 69 30.82 18.96 90.83
C TYR G 69 30.88 19.41 92.29
N THR G 70 30.26 20.55 92.56
CA THR G 70 30.17 21.03 93.92
C THR G 70 28.95 21.92 94.04
N SER G 71 28.57 22.19 95.27
CA SER G 71 27.49 23.12 95.55
C SER G 71 27.87 24.21 96.52
N ASP G 72 28.65 23.90 97.55
CA ASP G 72 28.95 24.87 98.59
C ASP G 72 30.06 25.78 98.11
N LYS G 73 29.81 27.08 98.11
CA LYS G 73 30.76 28.07 97.62
C LYS G 73 30.78 29.24 98.59
N PRO G 74 31.52 29.11 99.69
CA PRO G 74 31.77 30.26 100.56
C PRO G 74 32.52 31.35 99.81
N PRO G 75 32.17 32.61 100.04
CA PRO G 75 32.89 33.70 99.35
C PRO G 75 34.34 33.75 99.82
N GLY G 76 35.22 34.06 98.90
CA GLY G 76 36.63 34.05 99.20
C GLY G 76 37.44 33.69 97.97
N PHE G 77 38.69 33.30 98.21
CA PHE G 77 39.60 32.97 97.13
C PHE G 77 39.40 31.53 96.67
N TYR G 78 39.43 31.35 95.36
CA TYR G 78 39.30 30.04 94.75
C TYR G 78 40.41 29.84 93.74
N ASN G 79 40.75 28.57 93.51
CA ASN G 79 41.89 28.22 92.68
C ASN G 79 41.57 28.42 91.22
N TRP G 80 42.62 28.65 90.43
CA TRP G 80 42.52 28.85 89.00
C TRP G 80 43.84 28.60 88.32
N HIS G 81 43.76 28.23 87.04
CA HIS G 81 44.97 27.92 86.29
C HIS G 81 45.89 29.12 86.21
N HIS G 82 45.32 30.32 86.13
CA HIS G 82 46.10 31.54 86.15
C HIS G 82 46.28 32.11 87.55
N GLY G 83 45.79 31.43 88.58
CA GLY G 83 46.04 31.90 89.94
C GLY G 83 44.88 31.73 90.90
N ALA G 84 44.46 32.83 91.51
CA ALA G 84 43.35 32.83 92.46
C ALA G 84 42.27 33.76 91.96
N VAL G 85 41.03 33.40 92.24
CA VAL G 85 39.86 34.16 91.85
C VAL G 85 39.04 34.54 93.08
N GLN G 86 38.57 35.78 93.11
CA GLN G 86 37.84 36.31 94.25
C GLN G 86 36.34 36.17 94.02
N TYR G 87 35.67 35.54 94.98
CA TYR G 87 34.23 35.38 94.98
C TYR G 87 33.59 36.22 96.08
N GLU G 88 32.73 37.15 95.68
CA GLU G 88 32.10 38.07 96.62
C GLU G 88 30.80 38.58 96.04
N ASN G 89 29.83 38.83 96.92
CA ASN G 89 28.54 39.38 96.52
C ASN G 89 27.88 38.54 95.44
N GLY G 90 28.06 37.23 95.53
CA GLY G 90 27.54 36.34 94.51
C GLY G 90 28.13 36.56 93.15
N ARG G 91 29.39 36.97 93.07
CA ARG G 91 30.03 37.31 91.82
C ARG G 91 31.50 36.90 91.87
N PHE G 92 32.02 36.48 90.72
CA PHE G 92 33.39 36.02 90.61
C PHE G 92 34.17 37.12 89.91
N THR G 93 35.35 37.44 90.46
CA THR G 93 36.17 38.45 89.83
C THR G 93 37.65 38.10 89.97
N VAL G 94 38.41 38.64 89.01
CA VAL G 94 39.82 38.32 88.82
C VAL G 94 40.59 39.62 88.60
N PRO G 95 41.89 39.61 88.79
CA PRO G 95 42.66 40.84 88.58
C PRO G 95 42.55 41.26 87.12
N ARG G 96 42.44 42.58 86.92
CA ARG G 96 42.15 43.11 85.60
C ARG G 96 43.28 42.79 84.62
N GLY G 97 42.92 42.28 83.45
CA GLY G 97 43.88 41.95 82.43
C GLY G 97 44.32 40.50 82.37
N VAL G 98 44.08 39.73 83.42
CA VAL G 98 44.41 38.31 83.38
C VAL G 98 43.37 37.55 82.57
N GLY G 99 43.82 36.54 81.84
CA GLY G 99 42.92 35.73 81.02
C GLY G 99 42.52 36.42 79.73
N GLY G 100 41.74 35.70 78.93
CA GLY G 100 41.24 36.26 77.69
C GLY G 100 40.68 35.19 76.78
N LYS G 101 40.62 35.53 75.49
CA LYS G 101 40.17 34.57 74.49
C LYS G 101 41.12 33.38 74.42
N GLY G 102 40.55 32.22 74.13
CA GLY G 102 41.26 30.97 74.23
C GLY G 102 41.23 30.34 75.60
N ASP G 103 40.69 31.03 76.60
CA ASP G 103 40.65 30.57 77.98
C ASP G 103 39.27 30.07 78.37
N SER G 104 38.33 30.03 77.44
CA SER G 104 36.98 29.57 77.74
C SER G 104 37.00 28.09 78.11
N GLY G 105 36.12 27.73 79.04
CA GLY G 105 36.07 26.38 79.54
C GLY G 105 37.00 26.10 80.69
N ARG G 106 37.84 27.05 81.06
CA ARG G 106 38.74 26.83 82.18
C ARG G 106 37.92 26.69 83.46
N PRO G 107 38.16 25.65 84.25
CA PRO G 107 37.39 25.45 85.48
C PRO G 107 38.00 26.25 86.63
N ILE G 108 37.13 26.96 87.35
CA ILE G 108 37.54 27.49 88.65
C ILE G 108 37.58 26.35 89.66
N LEU G 109 38.66 26.29 90.43
CA LEU G 109 38.90 25.16 91.32
C LEU G 109 38.76 25.57 92.78
N ASP G 110 38.27 24.63 93.57
CA ASP G 110 38.24 24.73 95.01
C ASP G 110 39.50 24.13 95.62
N ASN G 111 39.65 24.32 96.94
CA ASN G 111 40.83 23.83 97.64
C ASN G 111 40.95 22.31 97.58
N ARG G 112 39.83 21.60 97.65
CA ARG G 112 39.84 20.15 97.60
C ARG G 112 39.84 19.60 96.18
N GLY G 113 40.23 20.40 95.21
CA GLY G 113 40.26 19.95 93.83
C GLY G 113 38.90 19.68 93.25
N ARG G 114 37.92 20.48 93.65
CA ARG G 114 36.53 20.33 93.15
C ARG G 114 36.19 21.56 92.30
N VAL G 115 35.41 21.36 91.24
CA VAL G 115 35.08 22.46 90.34
C VAL G 115 33.91 23.26 90.88
N VAL G 116 34.06 24.57 90.82
CA VAL G 116 33.08 25.52 91.33
C VAL G 116 32.34 26.20 90.19
N ALA G 117 33.07 26.63 89.17
CA ALA G 117 32.49 27.31 88.03
C ALA G 117 33.34 27.05 86.81
N ILE G 118 32.73 27.24 85.63
CA ILE G 118 33.42 27.13 84.35
C ILE G 118 33.45 28.50 83.70
N VAL G 119 34.64 28.91 83.27
CA VAL G 119 34.80 30.24 82.71
C VAL G 119 34.22 30.29 81.31
N LEU G 120 33.33 31.23 81.09
CA LEU G 120 32.79 31.51 79.76
C LEU G 120 33.30 32.81 79.17
N GLY G 121 33.49 33.82 80.01
CA GLY G 121 33.88 35.13 79.53
C GLY G 121 34.30 36.00 80.70
N GLY G 122 34.65 37.24 80.38
CA GLY G 122 35.05 38.19 81.39
C GLY G 122 34.55 39.58 81.04
N ALA G 123 34.05 40.31 82.03
CA ALA G 123 33.71 41.71 81.86
C ALA G 123 34.68 42.57 82.64
N ASN G 124 35.24 43.57 81.96
CA ASN G 124 36.10 44.56 82.58
C ASN G 124 35.28 45.69 83.19
N GLU G 125 35.37 45.85 84.51
CA GLU G 125 34.69 46.93 85.20
C GLU G 125 35.67 48.01 85.64
N GLY G 126 36.83 48.06 85.01
CA GLY G 126 37.89 49.00 85.33
C GLY G 126 38.87 48.43 86.33
N THR G 127 38.40 48.21 87.57
CA THR G 127 39.33 47.88 88.66
C THR G 127 39.73 46.41 88.61
N ARG G 128 38.76 45.54 88.36
CA ARG G 128 38.99 44.11 88.26
C ARG G 128 38.32 43.62 86.98
N THR G 129 38.23 42.30 86.81
CA THR G 129 37.45 41.72 85.73
C THR G 129 36.44 40.75 86.31
N ALA G 130 35.17 40.95 86.00
CA ALA G 130 34.10 40.07 86.43
C ALA G 130 33.94 38.90 85.47
N LEU G 131 33.88 37.69 86.04
CA LEU G 131 33.82 36.46 85.25
C LEU G 131 32.36 36.09 84.99
N SER G 132 32.02 35.96 83.71
CA SER G 132 30.76 35.29 83.32
C SER G 132 30.98 33.79 83.33
N VAL G 133 30.24 33.09 84.17
CA VAL G 133 30.48 31.68 84.46
C VAL G 133 29.16 30.95 84.56
N VAL G 134 29.23 29.64 84.71
CA VAL G 134 28.10 28.81 85.08
C VAL G 134 28.37 28.20 86.45
N THR G 135 27.44 28.39 87.37
CA THR G 135 27.58 27.97 88.75
C THR G 135 26.47 27.00 89.11
N TRP G 136 26.69 26.29 90.21
CA TRP G 136 25.71 25.35 90.74
C TRP G 136 24.81 26.05 91.75
N ASN G 137 23.77 25.34 92.18
CA ASN G 137 22.84 25.84 93.17
C ASN G 137 22.59 24.75 94.20
N GLN G 138 22.13 25.20 95.37
CA GLN G 138 21.88 24.30 96.50
C GLN G 138 20.88 23.21 96.14
N LYS G 139 19.98 23.49 95.22
CA LYS G 139 19.06 22.48 94.72
C LYS G 139 19.63 21.72 93.52
N GLY G 140 20.93 21.81 93.31
CA GLY G 140 21.56 21.13 92.19
C GLY G 140 21.15 21.70 90.85
N VAL G 141 21.11 23.02 90.73
CA VAL G 141 20.75 23.70 89.50
C VAL G 141 22.00 24.40 89.01
N THR G 142 22.36 24.17 87.75
CA THR G 142 23.55 24.79 87.18
C THR G 142 23.16 26.16 86.65
N ILE G 143 23.38 27.18 87.47
CA ILE G 143 23.05 28.55 87.12
C ILE G 143 24.17 29.14 86.28
N LYS G 144 23.82 29.68 85.11
CA LYS G 144 24.76 30.47 84.33
C LYS G 144 24.70 31.92 84.80
N ASP G 145 25.74 32.37 85.51
CA ASP G 145 25.84 33.73 86.05
C ASP G 145 26.76 34.58 85.21
N THR G 146 26.21 35.61 84.57
CA THR G 146 26.95 36.45 83.64
C THR G 146 26.67 37.91 83.98
N PRO G 147 27.65 38.63 84.53
CA PRO G 147 27.47 40.06 84.80
C PRO G 147 27.33 40.86 83.51
N GLU G 148 26.75 42.06 83.67
CA GLU G 148 26.56 42.96 82.54
C GLU G 148 27.90 43.32 81.92
N GLY G 149 27.92 43.35 80.59
CA GLY G 149 29.13 43.65 79.85
C GLY G 149 30.06 42.48 79.70
N SER G 150 29.61 41.27 80.02
CA SER G 150 30.43 40.09 79.87
C SER G 150 30.75 39.86 78.40
N GLU G 151 31.97 39.40 78.12
CA GLU G 151 32.37 39.14 76.75
C GLU G 151 32.80 37.69 76.66
N PRO G 152 32.19 36.90 75.79
CA PRO G 152 32.49 35.46 75.76
C PRO G 152 33.83 35.19 75.12
N TRP G 153 34.79 34.74 75.90
CA TRP G 153 36.15 34.66 75.41
C TRP G 153 36.29 33.57 74.36
N PHE H 1 37.12 26.73 -38.39
CA PHE H 1 37.38 27.06 -37.00
C PHE H 1 36.40 26.25 -36.17
N GLU H 2 36.93 25.44 -35.27
CA GLU H 2 36.12 24.61 -34.38
C GLU H 2 35.98 25.29 -33.02
N HIS H 3 34.74 25.53 -32.60
CA HIS H 3 34.43 26.08 -31.30
C HIS H 3 33.57 25.11 -30.50
N ALA H 4 33.97 24.84 -29.26
CA ALA H 4 33.29 23.89 -28.39
C ALA H 4 32.62 24.60 -27.23
N THR H 5 31.36 24.28 -26.97
CA THR H 5 30.61 24.81 -25.84
C THR H 5 29.88 23.68 -25.12
N THR H 6 29.33 24.01 -23.96
CA THR H 6 28.51 23.10 -23.15
C THR H 6 27.12 23.71 -22.98
N VAL H 7 26.24 23.43 -23.91
CA VAL H 7 24.88 24.00 -23.89
C VAL H 7 24.05 23.31 -22.82
N PRO H 8 23.38 24.07 -21.97
CA PRO H 8 22.45 23.45 -21.01
C PRO H 8 21.27 22.85 -21.73
N ASN H 9 20.89 21.64 -21.32
CA ASN H 9 19.80 20.90 -21.93
C ASN H 9 18.46 21.42 -21.42
N VAL H 10 18.04 22.56 -21.97
CA VAL H 10 16.79 23.20 -21.59
C VAL H 10 16.05 23.65 -22.84
N PRO H 11 15.12 22.85 -23.34
CA PRO H 11 14.46 23.18 -24.61
C PRO H 11 13.74 24.51 -24.55
N GLY H 12 13.81 25.24 -25.66
CA GLY H 12 13.16 26.52 -25.78
C GLY H 12 13.96 27.70 -25.28
N ILE H 13 15.08 27.46 -24.61
CA ILE H 13 15.90 28.52 -24.04
C ILE H 13 17.10 28.73 -24.96
N PRO H 14 17.21 29.89 -25.62
CA PRO H 14 18.41 30.13 -26.41
C PRO H 14 19.62 30.22 -25.51
N TYR H 15 20.75 29.74 -26.01
CA TYR H 15 22.06 29.94 -25.39
C TYR H 15 22.94 30.77 -26.30
N LYS H 16 23.47 31.87 -25.77
CA LYS H 16 24.28 32.80 -26.54
C LYS H 16 25.74 32.60 -26.15
N ALA H 17 26.60 32.54 -27.16
CA ALA H 17 28.04 32.41 -26.95
C ALA H 17 28.74 33.30 -27.95
N LEU H 18 30.02 33.55 -27.70
CA LEU H 18 30.84 34.38 -28.57
C LEU H 18 32.08 33.62 -29.03
N VAL H 19 32.15 33.35 -30.33
CA VAL H 19 33.36 32.82 -30.95
C VAL H 19 34.38 33.93 -31.09
N GLU H 20 35.51 33.77 -30.45
CA GLU H 20 36.60 34.75 -30.43
C GLU H 20 37.76 34.19 -31.20
N ARG H 21 37.76 34.42 -32.52
CA ARG H 21 38.89 34.01 -33.33
C ARG H 21 40.06 34.93 -33.04
N ALA H 22 41.27 34.39 -33.23
CA ALA H 22 42.47 35.08 -32.75
C ALA H 22 42.66 36.43 -33.42
N GLY H 23 42.61 36.47 -34.74
CA GLY H 23 42.87 37.67 -35.50
C GLY H 23 41.69 38.32 -36.17
N TYR H 24 40.48 37.88 -35.92
CA TYR H 24 39.34 38.30 -36.69
C TYR H 24 38.33 38.95 -35.75
N ALA H 25 37.37 39.66 -36.33
CA ALA H 25 36.36 40.29 -35.50
C ALA H 25 35.57 39.21 -34.77
N PRO H 26 35.15 39.48 -33.54
CA PRO H 26 34.31 38.50 -32.84
C PRO H 26 32.96 38.37 -33.51
N LEU H 27 32.41 37.16 -33.42
CA LEU H 27 31.14 36.84 -34.03
C LEU H 27 30.19 36.24 -33.00
N ASN H 28 28.91 36.60 -33.11
CA ASN H 28 27.91 36.11 -32.19
C ASN H 28 27.49 34.72 -32.58
N LEU H 29 27.15 33.91 -31.58
CA LEU H 29 26.64 32.57 -31.83
C LEU H 29 25.44 32.33 -30.92
N GLU H 30 24.37 31.78 -31.49
CA GLU H 30 23.20 31.42 -30.71
C GLU H 30 22.73 30.01 -31.03
N ILE H 31 22.55 29.22 -29.97
CA ILE H 31 22.17 27.82 -30.06
C ILE H 31 20.82 27.67 -29.40
N THR H 32 19.85 27.11 -30.12
CA THR H 32 18.53 26.84 -29.56
C THR H 32 18.21 25.35 -29.69
N VAL H 33 17.87 24.72 -28.57
CA VAL H 33 17.41 23.35 -28.58
C VAL H 33 15.92 23.31 -28.88
N VAL H 34 15.58 23.23 -30.16
CA VAL H 34 14.17 23.31 -30.55
C VAL H 34 13.39 22.12 -30.02
N SER H 35 13.96 20.92 -30.14
CA SER H 35 13.30 19.71 -29.70
C SER H 35 14.33 18.68 -29.28
N SER H 36 13.90 17.75 -28.45
CA SER H 36 14.73 16.62 -28.09
C SER H 36 13.88 15.38 -27.97
N GLU H 37 14.45 14.24 -28.36
CA GLU H 37 13.73 12.96 -28.33
C GLU H 37 14.66 11.88 -27.83
N LEU H 38 14.50 11.51 -26.57
CA LEU H 38 15.09 10.31 -26.02
C LEU H 38 14.20 9.12 -26.35
N THR H 39 14.67 8.26 -27.26
CA THR H 39 13.92 7.08 -27.66
C THR H 39 14.65 5.80 -27.27
N PRO H 40 14.00 4.90 -26.55
CA PRO H 40 14.61 3.62 -26.20
C PRO H 40 14.45 2.58 -27.30
N SER H 41 15.08 1.43 -27.07
CA SER H 41 14.92 0.25 -27.91
C SER H 41 13.93 -0.72 -27.26
N THR H 42 12.93 -1.13 -28.03
CA THR H 42 11.83 -1.94 -27.55
C THR H 42 11.77 -3.27 -28.28
N ASN H 43 11.31 -4.30 -27.58
CA ASN H 43 10.96 -5.57 -28.19
C ASN H 43 9.59 -6.01 -27.68
N LYS H 44 8.75 -6.48 -28.59
CA LYS H 44 7.40 -6.90 -28.25
C LYS H 44 7.44 -8.28 -27.60
N GLU H 45 7.31 -8.33 -26.28
CA GLU H 45 7.19 -9.60 -25.59
C GLU H 45 5.90 -10.31 -25.95
N TYR H 46 4.77 -9.63 -25.81
CA TYR H 46 3.47 -10.21 -26.17
C TYR H 46 2.40 -9.14 -26.02
N VAL H 47 1.19 -9.50 -26.41
CA VAL H 47 0.02 -8.64 -26.31
C VAL H 47 -1.07 -9.39 -25.55
N THR H 48 -1.78 -8.67 -24.69
CA THR H 48 -2.82 -9.29 -23.89
C THR H 48 -4.06 -8.42 -23.86
N CYS H 49 -5.19 -9.05 -23.58
CA CYS H 49 -6.49 -8.40 -23.53
C CYS H 49 -7.46 -9.28 -22.78
N LYS H 50 -8.72 -8.88 -22.75
CA LYS H 50 -9.76 -9.77 -22.23
C LYS H 50 -9.83 -11.04 -23.04
N PHE H 51 -9.64 -12.17 -22.39
CA PHE H 51 -9.84 -13.43 -23.08
C PHE H 51 -11.33 -13.68 -23.24
N HIS H 52 -11.69 -14.33 -24.32
CA HIS H 52 -13.03 -14.89 -24.50
C HIS H 52 -13.00 -16.39 -24.21
N THR H 53 -13.78 -16.80 -23.21
CA THR H 53 -13.85 -18.20 -22.79
C THR H 53 -14.82 -18.92 -23.70
N VAL H 54 -14.27 -19.54 -24.74
CA VAL H 54 -15.08 -20.32 -25.68
C VAL H 54 -15.31 -21.72 -25.13
N VAL H 55 -16.56 -22.14 -25.13
CA VAL H 55 -16.92 -23.49 -24.74
C VAL H 55 -17.44 -24.19 -25.98
N PRO H 56 -16.69 -25.12 -26.57
CA PRO H 56 -17.24 -25.89 -27.68
C PRO H 56 -18.49 -26.63 -27.26
N SER H 57 -19.29 -26.96 -28.26
CA SER H 57 -20.51 -27.70 -28.00
C SER H 57 -20.19 -29.06 -27.40
N PRO H 58 -20.86 -29.45 -26.33
CA PRO H 58 -20.56 -30.72 -25.66
C PRO H 58 -20.90 -31.90 -26.55
N GLN H 59 -20.18 -33.00 -26.35
CA GLN H 59 -20.47 -34.26 -27.02
C GLN H 59 -20.79 -35.32 -25.99
N VAL H 60 -21.81 -36.13 -26.27
CA VAL H 60 -22.28 -37.18 -25.37
C VAL H 60 -22.27 -38.51 -26.10
N LYS H 61 -21.66 -39.52 -25.48
CA LYS H 61 -21.79 -40.89 -25.95
C LYS H 61 -22.97 -41.53 -25.25
N CYS H 62 -23.84 -42.18 -26.04
CA CYS H 62 -25.17 -42.54 -25.56
C CYS H 62 -25.12 -43.34 -24.26
N CYS H 63 -24.52 -44.54 -24.31
CA CYS H 63 -24.03 -45.15 -23.09
C CYS H 63 -22.77 -45.95 -23.35
N GLY H 64 -21.88 -45.41 -24.17
CA GLY H 64 -20.55 -45.96 -24.28
C GLY H 64 -19.61 -45.27 -23.31
N SER H 65 -18.46 -44.83 -23.78
CA SER H 65 -17.51 -44.10 -22.96
C SER H 65 -16.57 -43.32 -23.87
N LEU H 66 -16.36 -42.05 -23.54
CA LEU H 66 -15.42 -41.19 -24.25
C LEU H 66 -14.08 -41.16 -23.53
N GLU H 67 -13.14 -40.45 -24.13
CA GLU H 67 -11.82 -40.24 -23.54
C GLU H 67 -11.32 -38.85 -23.91
N CYS H 68 -10.62 -38.23 -22.97
CA CYS H 68 -10.15 -36.85 -23.14
C CYS H 68 -8.83 -36.80 -23.89
N LYS H 69 -8.84 -36.14 -25.05
CA LYS H 69 -7.66 -36.00 -25.89
C LYS H 69 -6.92 -34.72 -25.52
N ALA H 70 -5.60 -34.76 -25.72
CA ALA H 70 -4.79 -33.56 -25.54
C ALA H 70 -4.97 -32.63 -26.71
N SER H 71 -5.07 -31.33 -26.43
CA SER H 71 -5.07 -30.30 -27.46
C SER H 71 -3.99 -29.28 -27.14
N SER H 72 -3.92 -28.24 -27.97
CA SER H 72 -2.94 -27.17 -27.78
C SER H 72 -3.60 -25.81 -27.57
N LYS H 73 -4.91 -25.76 -27.38
CA LYS H 73 -5.56 -24.49 -27.18
C LYS H 73 -5.14 -23.90 -25.84
N ALA H 74 -5.27 -22.59 -25.75
CA ALA H 74 -4.80 -21.87 -24.58
C ALA H 74 -5.54 -22.29 -23.32
N ASP H 75 -4.79 -22.79 -22.34
CA ASP H 75 -5.34 -23.36 -21.12
C ASP H 75 -6.38 -24.43 -21.42
N TYR H 76 -6.08 -25.28 -22.39
CA TYR H 76 -7.03 -26.30 -22.81
C TYR H 76 -7.38 -27.19 -21.62
N THR H 77 -8.67 -27.38 -21.38
CA THR H 77 -9.11 -28.17 -20.24
C THR H 77 -10.20 -29.13 -20.64
N CYS H 78 -10.09 -30.37 -20.18
CA CYS H 78 -11.09 -31.38 -20.47
C CYS H 78 -11.35 -32.23 -19.23
N ARG H 79 -12.60 -32.65 -19.07
CA ARG H 79 -13.02 -33.49 -17.97
C ARG H 79 -14.05 -34.48 -18.44
N VAL H 80 -14.18 -35.57 -17.70
CA VAL H 80 -15.13 -36.63 -18.00
C VAL H 80 -16.06 -36.82 -16.82
N PHE H 81 -17.35 -36.91 -17.10
CA PHE H 81 -18.35 -37.14 -16.07
C PHE H 81 -19.14 -38.39 -16.41
N GLY H 82 -19.65 -39.05 -15.37
CA GLY H 82 -20.42 -40.27 -15.54
C GLY H 82 -21.85 -40.06 -15.99
N GLY H 83 -22.77 -40.84 -15.44
CA GLY H 83 -24.15 -40.89 -15.89
C GLY H 83 -24.78 -39.53 -15.85
N VAL H 84 -25.35 -39.10 -16.98
CA VAL H 84 -25.99 -37.79 -17.09
C VAL H 84 -27.44 -37.90 -17.54
N TYR H 85 -27.69 -38.64 -18.61
CA TYR H 85 -29.04 -38.79 -19.14
C TYR H 85 -29.63 -37.41 -19.42
N PRO H 86 -29.04 -36.67 -20.35
CA PRO H 86 -29.36 -35.25 -20.51
C PRO H 86 -30.69 -35.03 -21.24
N PHE H 87 -31.13 -33.77 -21.21
CA PHE H 87 -32.37 -33.32 -21.81
C PHE H 87 -32.08 -32.14 -22.73
N MET H 88 -32.72 -32.11 -23.91
CA MET H 88 -32.57 -30.97 -24.80
C MET H 88 -33.90 -30.30 -25.13
N TRP H 89 -34.80 -30.99 -25.82
CA TRP H 89 -36.16 -30.47 -25.96
C TRP H 89 -37.21 -31.56 -26.02
N GLY H 90 -36.82 -32.76 -26.45
CA GLY H 90 -37.73 -33.89 -26.37
C GLY H 90 -37.87 -34.41 -24.95
N GLY H 91 -36.77 -34.50 -24.22
CA GLY H 91 -36.75 -35.03 -22.87
C GLY H 91 -35.89 -36.26 -22.71
N ALA H 92 -35.30 -36.76 -23.78
CA ALA H 92 -34.42 -37.92 -23.69
C ALA H 92 -33.49 -37.82 -24.89
N GLN H 93 -32.27 -37.36 -24.67
CA GLN H 93 -31.36 -37.20 -25.78
C GLN H 93 -30.36 -38.33 -25.86
N CYS H 94 -30.58 -39.38 -25.09
CA CYS H 94 -29.75 -40.57 -25.10
C CYS H 94 -30.58 -41.69 -24.50
N PHE H 95 -30.57 -42.85 -25.14
CA PHE H 95 -31.10 -44.06 -24.56
C PHE H 95 -30.12 -44.65 -23.55
N CYS H 96 -30.55 -45.71 -22.87
CA CYS H 96 -29.61 -46.44 -21.97
C CYS H 96 -29.00 -45.45 -20.97
N ASP H 97 -29.77 -45.05 -19.95
CA ASP H 97 -29.27 -44.06 -18.96
C ASP H 97 -28.26 -44.71 -18.02
N SER H 98 -27.20 -45.31 -18.57
CA SER H 98 -26.14 -45.92 -17.75
C SER H 98 -24.78 -45.51 -18.33
N GLU H 99 -23.75 -45.40 -17.49
CA GLU H 99 -22.41 -44.94 -17.95
C GLU H 99 -22.59 -43.93 -19.09
N ASN H 100 -23.43 -42.91 -18.89
CA ASN H 100 -23.69 -41.90 -19.94
C ASN H 100 -22.52 -40.92 -19.96
N THR H 101 -21.36 -41.37 -20.44
CA THR H 101 -20.14 -40.51 -20.42
C THR H 101 -20.42 -39.17 -21.11
N GLN H 102 -20.09 -38.06 -20.45
CA GLN H 102 -20.25 -36.72 -21.08
C GLN H 102 -18.92 -35.98 -21.05
N LEU H 103 -18.39 -35.60 -22.21
CA LEU H 103 -17.16 -34.83 -22.26
C LEU H 103 -17.44 -33.34 -22.19
N SER H 104 -16.71 -32.64 -21.33
CA SER H 104 -16.74 -31.19 -21.28
C SER H 104 -15.40 -30.63 -21.73
N GLU H 105 -15.44 -29.66 -22.63
CA GLU H 105 -14.25 -29.10 -23.24
C GLU H 105 -14.34 -27.58 -23.13
N ALA H 106 -13.21 -26.94 -22.83
CA ALA H 106 -13.23 -25.48 -22.81
C ALA H 106 -11.84 -24.94 -23.04
N TYR H 107 -11.77 -23.78 -23.67
CA TYR H 107 -10.52 -23.05 -23.84
C TYR H 107 -10.84 -21.59 -24.07
N VAL H 108 -9.80 -20.77 -24.14
CA VAL H 108 -9.95 -19.34 -24.29
C VAL H 108 -9.28 -18.87 -25.58
N GLU H 109 -9.78 -17.74 -26.10
CA GLU H 109 -9.16 -17.07 -27.24
C GLU H 109 -9.39 -15.58 -27.05
N PHE H 110 -8.96 -14.80 -28.04
CA PHE H 110 -9.08 -13.36 -27.93
C PHE H 110 -10.48 -12.91 -28.29
N ALA H 111 -11.01 -11.98 -27.52
CA ALA H 111 -12.31 -11.43 -27.81
C ALA H 111 -12.26 -10.64 -29.11
N PRO H 112 -13.40 -10.52 -29.80
CA PRO H 112 -13.39 -9.82 -31.09
C PRO H 112 -12.93 -8.39 -31.01
N ASP H 113 -13.20 -7.69 -29.91
CA ASP H 113 -12.81 -6.30 -29.81
C ASP H 113 -11.38 -6.11 -29.37
N CYS H 114 -10.62 -7.18 -29.20
CA CYS H 114 -9.25 -6.99 -28.73
C CYS H 114 -8.34 -6.43 -29.80
N THR H 115 -8.81 -6.33 -31.04
CA THR H 115 -7.99 -5.77 -32.10
C THR H 115 -7.65 -4.31 -31.85
N ILE H 116 -8.42 -3.60 -31.03
CA ILE H 116 -8.15 -2.21 -30.72
C ILE H 116 -7.79 -2.01 -29.26
N ASP H 117 -8.60 -2.52 -28.35
CA ASP H 117 -8.30 -2.37 -26.93
C ASP H 117 -7.41 -3.53 -26.56
N HIS H 118 -6.11 -3.29 -26.51
CA HIS H 118 -5.15 -4.31 -26.13
C HIS H 118 -3.84 -3.67 -25.72
N ALA H 119 -3.16 -4.30 -24.78
CA ALA H 119 -1.90 -3.82 -24.24
C ALA H 119 -0.72 -4.61 -24.79
N VAL H 120 0.29 -3.89 -25.27
CA VAL H 120 1.54 -4.49 -25.69
C VAL H 120 2.56 -4.34 -24.58
N ALA H 121 3.19 -5.43 -24.19
CA ALA H 121 4.21 -5.45 -23.15
C ALA H 121 5.58 -5.34 -23.78
N LEU H 122 6.37 -4.39 -23.31
CA LEU H 122 7.68 -4.15 -23.89
C LEU H 122 8.76 -4.18 -22.83
N LYS H 123 9.95 -4.59 -23.26
CA LYS H 123 11.18 -4.39 -22.50
C LYS H 123 11.97 -3.31 -23.21
N VAL H 124 12.40 -2.32 -22.45
CA VAL H 124 13.22 -1.24 -22.98
C VAL H 124 14.67 -1.42 -22.57
N HIS H 125 15.57 -1.03 -23.45
CA HIS H 125 16.99 -1.06 -23.24
C HIS H 125 17.52 0.37 -23.23
N THR H 126 18.84 0.50 -23.27
CA THR H 126 19.49 1.80 -23.27
C THR H 126 18.91 2.71 -24.34
N ALA H 127 18.57 3.92 -23.95
CA ALA H 127 17.89 4.87 -24.81
C ALA H 127 18.89 5.89 -25.36
N ALA H 128 18.79 6.15 -26.65
CA ALA H 128 19.60 7.17 -27.32
C ALA H 128 18.84 8.48 -27.36
N LEU H 129 19.58 9.59 -27.26
CA LEU H 129 18.99 10.92 -27.36
C LEU H 129 19.23 11.57 -28.72
N LYS H 130 18.16 12.11 -29.30
CA LYS H 130 18.22 12.86 -30.54
C LYS H 130 17.65 14.25 -30.30
N VAL H 131 18.34 15.28 -30.81
CA VAL H 131 17.92 16.66 -30.62
C VAL H 131 17.85 17.38 -31.95
N GLY H 132 16.83 18.21 -32.13
CA GLY H 132 16.78 19.16 -33.23
C GLY H 132 17.29 20.52 -32.78
N LEU H 133 18.28 21.03 -33.51
CA LEU H 133 18.94 22.28 -33.15
C LEU H 133 18.70 23.33 -34.22
N ARG H 134 18.30 24.53 -33.79
CA ARG H 134 18.40 25.73 -34.61
C ARG H 134 19.57 26.57 -34.13
N ILE H 135 20.55 26.77 -35.00
CA ILE H 135 21.75 27.53 -34.71
C ILE H 135 21.80 28.73 -35.64
N VAL H 136 21.97 29.92 -35.08
CA VAL H 136 22.16 31.14 -35.85
C VAL H 136 23.49 31.76 -35.43
N TYR H 137 24.35 32.03 -36.40
CA TYR H 137 25.66 32.60 -36.17
C TYR H 137 25.80 33.89 -36.98
N GLY H 138 26.21 34.97 -36.33
CA GLY H 138 26.27 36.25 -36.98
C GLY H 138 24.91 36.67 -37.50
N ASN H 139 24.75 36.63 -38.81
CA ASN H 139 23.46 36.89 -39.42
C ASN H 139 22.81 35.65 -40.00
N THR H 140 23.53 34.54 -40.09
CA THR H 140 23.08 33.37 -40.83
C THR H 140 22.63 32.29 -39.86
N THR H 141 21.47 31.71 -40.12
CA THR H 141 20.86 30.72 -39.24
C THR H 141 20.71 29.38 -39.97
N ALA H 142 20.72 28.30 -39.19
CA ALA H 142 20.49 26.98 -39.75
C ALA H 142 19.81 26.09 -38.72
N ARG H 143 19.02 25.15 -39.22
CA ARG H 143 18.42 24.09 -38.41
C ARG H 143 18.99 22.74 -38.81
N LEU H 144 19.15 21.85 -37.82
CA LEU H 144 19.59 20.50 -38.12
C LEU H 144 19.12 19.59 -36.99
N ASP H 145 19.18 18.28 -37.26
CA ASP H 145 18.90 17.25 -36.27
C ASP H 145 20.11 16.35 -36.11
N THR H 146 20.52 16.11 -34.87
CA THR H 146 21.69 15.31 -34.58
C THR H 146 21.42 14.38 -33.42
N PHE H 147 22.20 13.31 -33.37
CA PHE H 147 22.14 12.33 -32.30
C PHE H 147 23.26 12.61 -31.30
N VAL H 148 22.88 12.71 -30.03
CA VAL H 148 23.78 13.15 -28.97
C VAL H 148 24.56 11.92 -28.52
N ASN H 149 25.72 11.72 -29.13
CA ASN H 149 26.59 10.61 -28.77
C ASN H 149 28.06 10.99 -28.80
N GLY H 150 28.41 12.16 -29.32
CA GLY H 150 29.79 12.56 -29.49
C GLY H 150 30.46 12.07 -30.77
N VAL H 151 29.76 11.31 -31.60
CA VAL H 151 30.33 10.76 -32.82
C VAL H 151 29.53 11.13 -34.06
N THR H 152 28.23 10.91 -34.02
CA THR H 152 27.38 11.23 -35.15
C THR H 152 27.37 12.72 -35.43
N PRO H 153 27.78 13.17 -36.60
CA PRO H 153 27.68 14.59 -36.93
C PRO H 153 26.39 14.92 -37.66
N GLY H 154 26.11 16.22 -37.71
CA GLY H 154 25.06 16.77 -38.57
C GLY H 154 25.66 17.73 -39.57
N SER H 155 25.18 17.66 -40.81
CA SER H 155 25.72 18.48 -41.88
C SER H 155 24.61 19.31 -42.49
N SER H 156 24.80 20.63 -42.52
CA SER H 156 23.87 21.56 -43.18
C SER H 156 24.66 22.53 -44.04
N ARG H 157 25.11 22.05 -45.21
CA ARG H 157 25.66 22.84 -46.29
C ARG H 157 26.93 23.61 -45.94
N ASP H 158 27.04 24.03 -44.69
CA ASP H 158 28.28 24.60 -44.16
C ASP H 158 28.53 24.25 -42.71
N LEU H 159 27.54 23.73 -42.00
CA LEU H 159 27.65 23.52 -40.58
C LEU H 159 28.01 22.08 -40.28
N LYS H 160 29.04 21.92 -39.46
CA LYS H 160 29.50 20.62 -38.98
C LYS H 160 29.35 20.66 -37.47
N VAL H 161 28.46 19.83 -36.94
CA VAL H 161 28.17 19.81 -35.52
C VAL H 161 28.47 18.44 -34.95
N ILE H 162 29.08 18.42 -33.77
CA ILE H 162 29.31 17.22 -33.00
C ILE H 162 28.55 17.38 -31.70
N ALA H 163 27.64 16.44 -31.43
CA ALA H 163 26.82 16.49 -30.23
C ALA H 163 27.09 15.28 -29.37
N GLY H 164 27.08 15.51 -28.05
CA GLY H 164 27.15 14.45 -27.08
C GLY H 164 28.55 14.20 -26.57
N PRO H 165 28.70 13.23 -25.68
CA PRO H 165 27.67 12.35 -25.12
C PRO H 165 26.86 13.09 -24.06
N ILE H 166 25.75 12.53 -23.59
CA ILE H 166 24.99 13.19 -22.52
C ILE H 166 25.82 13.33 -21.26
N SER H 167 25.67 14.48 -20.60
CA SER H 167 26.41 14.75 -19.38
C SER H 167 26.01 13.82 -18.25
N ALA H 168 24.72 13.55 -18.09
CA ALA H 168 24.21 12.68 -17.03
C ALA H 168 23.10 11.82 -17.59
N ALA H 169 23.36 10.52 -17.76
CA ALA H 169 22.37 9.65 -18.38
C ALA H 169 21.14 9.52 -17.50
N PHE H 170 19.98 9.44 -18.15
CA PHE H 170 18.70 9.27 -17.46
C PHE H 170 17.70 8.64 -18.42
N SER H 171 16.90 7.69 -17.92
CA SER H 171 15.80 7.15 -18.68
C SER H 171 14.54 7.13 -17.83
N PRO H 172 13.46 7.78 -18.24
CA PRO H 172 12.23 7.75 -17.46
C PRO H 172 11.56 6.40 -17.41
N PHE H 173 11.82 5.52 -18.38
CA PHE H 173 11.20 4.21 -18.38
C PHE H 173 11.88 3.27 -17.40
N ASP H 174 11.09 2.51 -16.66
CA ASP H 174 11.64 1.37 -15.93
C ASP H 174 11.91 0.20 -16.86
N HIS H 175 12.36 -0.90 -16.27
CA HIS H 175 12.78 -2.05 -17.06
C HIS H 175 11.63 -2.59 -17.93
N LYS H 176 10.42 -2.62 -17.39
CA LYS H 176 9.25 -3.12 -18.11
C LYS H 176 8.20 -2.04 -18.26
N VAL H 177 7.57 -1.97 -19.42
CA VAL H 177 6.57 -0.97 -19.71
C VAL H 177 5.39 -1.64 -20.40
N VAL H 178 4.22 -1.06 -20.24
CA VAL H 178 3.00 -1.52 -20.89
C VAL H 178 2.38 -0.34 -21.62
N ILE H 179 1.99 -0.55 -22.86
CA ILE H 179 1.35 0.48 -23.67
C ILE H 179 -0.09 0.07 -23.95
N ARG H 180 -1.02 0.96 -23.65
CA ARG H 180 -2.43 0.77 -23.94
C ARG H 180 -2.99 2.07 -24.47
N LYS H 181 -3.36 2.10 -25.75
CA LYS H 181 -4.03 3.25 -26.35
C LYS H 181 -3.24 4.54 -26.14
N GLY H 182 -1.92 4.45 -26.17
CA GLY H 182 -1.09 5.61 -25.93
C GLY H 182 -0.79 5.89 -24.47
N LEU H 183 -1.47 5.26 -23.54
CA LEU H 183 -1.10 5.42 -22.14
C LEU H 183 0.05 4.48 -21.82
N VAL H 184 1.08 5.01 -21.17
CA VAL H 184 2.26 4.25 -20.80
C VAL H 184 2.27 4.00 -19.30
N TYR H 185 2.51 2.76 -18.90
CA TYR H 185 2.71 2.43 -17.50
C TYR H 185 4.04 1.70 -17.34
N ASN H 186 4.90 2.20 -16.46
CA ASN H 186 6.13 1.50 -16.12
C ASN H 186 5.85 0.43 -15.06
N TYR H 187 5.00 -0.51 -15.45
CA TYR H 187 4.60 -1.62 -14.60
C TYR H 187 5.25 -2.89 -15.11
N ASP H 188 6.03 -3.54 -14.24
CA ASP H 188 6.62 -4.82 -14.60
C ASP H 188 5.54 -5.88 -14.74
N PHE H 189 5.75 -6.80 -15.68
CA PHE H 189 4.81 -7.85 -15.98
C PHE H 189 5.49 -9.20 -15.89
N PRO H 190 4.73 -10.26 -15.65
CA PRO H 190 5.32 -11.60 -15.65
C PRO H 190 5.87 -11.94 -17.02
N GLU H 191 6.97 -12.70 -17.02
CA GLU H 191 7.63 -13.09 -18.26
C GLU H 191 6.72 -13.98 -19.10
N TYR H 192 7.12 -14.17 -20.35
CA TYR H 192 6.38 -15.04 -21.25
C TYR H 192 6.27 -16.43 -20.65
N GLY H 193 5.05 -16.96 -20.67
CA GLY H 193 4.80 -18.25 -20.08
C GLY H 193 4.44 -18.23 -18.62
N ALA H 194 4.72 -17.14 -17.91
CA ALA H 194 4.57 -17.14 -16.47
C ALA H 194 3.19 -16.62 -16.07
N MET H 195 2.17 -17.27 -16.62
CA MET H 195 0.81 -16.77 -16.40
C MET H 195 0.39 -16.98 -14.95
N ASN H 196 -0.32 -15.98 -14.41
CA ASN H 196 -0.94 -16.07 -13.11
C ASN H 196 -2.41 -15.75 -13.26
N PRO H 197 -3.32 -16.62 -12.85
CA PRO H 197 -4.74 -16.35 -13.04
C PRO H 197 -5.16 -15.14 -12.23
N GLY H 198 -6.05 -14.33 -12.80
CA GLY H 198 -6.50 -13.15 -12.10
C GLY H 198 -5.50 -12.02 -12.02
N ALA H 199 -4.41 -12.11 -12.76
CA ALA H 199 -3.39 -11.07 -12.81
C ALA H 199 -3.05 -10.74 -14.25
N PHE H 200 -2.30 -9.66 -14.43
CA PHE H 200 -1.97 -9.18 -15.76
C PHE H 200 -1.23 -10.23 -16.56
N GLY H 201 -1.52 -10.26 -17.86
CA GLY H 201 -0.89 -11.22 -18.74
C GLY H 201 -1.31 -12.64 -18.46
N ASP H 202 -2.53 -12.82 -17.97
CA ASP H 202 -3.07 -14.16 -17.78
C ASP H 202 -3.33 -14.87 -19.09
N ILE H 203 -3.52 -14.14 -20.18
CA ILE H 203 -3.53 -14.69 -21.53
C ILE H 203 -2.47 -13.98 -22.34
N GLN H 204 -1.67 -14.74 -23.08
CA GLN H 204 -0.57 -14.17 -23.83
C GLN H 204 -0.50 -14.77 -25.23
N ALA H 205 0.00 -13.96 -26.17
CA ALA H 205 0.30 -14.44 -27.51
C ALA H 205 1.24 -13.46 -28.17
N SER H 206 1.91 -13.91 -29.24
CA SER H 206 2.82 -13.04 -29.97
C SER H 206 2.12 -12.05 -30.88
N SER H 207 0.86 -12.28 -31.24
CA SER H 207 0.14 -11.31 -32.04
C SER H 207 -1.35 -11.58 -31.95
N LEU H 208 -2.13 -10.58 -32.37
CA LEU H 208 -3.57 -10.71 -32.33
C LEU H 208 -4.06 -11.87 -33.21
N ASP H 209 -3.40 -12.09 -34.34
CA ASP H 209 -3.76 -13.17 -35.24
C ASP H 209 -2.95 -14.44 -35.03
N ALA H 210 -2.05 -14.46 -34.06
CA ALA H 210 -1.27 -15.67 -33.83
C ALA H 210 -2.16 -16.80 -33.34
N THR H 211 -1.88 -18.00 -33.84
CA THR H 211 -2.60 -19.20 -33.43
C THR H 211 -1.96 -19.91 -32.25
N ASP H 212 -0.76 -19.49 -31.87
CA ASP H 212 0.00 -20.15 -30.80
C ASP H 212 -0.32 -19.56 -29.43
N ILE H 213 -1.60 -19.36 -29.17
CA ILE H 213 -2.04 -18.67 -27.97
C ILE H 213 -1.82 -19.57 -26.77
N VAL H 214 -1.17 -19.04 -25.74
CA VAL H 214 -0.90 -19.77 -24.51
C VAL H 214 -1.54 -19.03 -23.36
N ALA H 215 -2.18 -19.76 -22.47
CA ALA H 215 -2.89 -19.13 -21.37
C ALA H 215 -2.90 -20.06 -20.18
N ARG H 216 -3.02 -19.45 -19.01
CA ARG H 216 -3.29 -20.19 -17.78
C ARG H 216 -4.28 -19.36 -16.96
N THR H 217 -5.56 -19.57 -17.20
CA THR H 217 -6.60 -18.80 -16.53
C THR H 217 -7.23 -19.55 -15.38
N ASP H 218 -6.78 -20.76 -15.09
CA ASP H 218 -7.32 -21.57 -13.99
C ASP H 218 -8.83 -21.75 -14.16
N ILE H 219 -9.18 -22.44 -15.24
CA ILE H 219 -10.57 -22.74 -15.53
C ILE H 219 -10.81 -24.19 -15.14
N ARG H 220 -11.86 -24.44 -14.39
CA ARG H 220 -12.21 -25.79 -13.98
C ARG H 220 -13.67 -26.08 -14.30
N LEU H 221 -13.91 -27.24 -14.89
CA LEU H 221 -15.24 -27.72 -15.19
C LEU H 221 -15.89 -28.36 -13.97
N LEU H 222 -17.21 -28.29 -13.92
CA LEU H 222 -17.96 -28.90 -12.86
C LEU H 222 -18.92 -29.93 -13.43
N LYS H 223 -19.25 -30.92 -12.62
CA LYS H 223 -20.24 -31.91 -13.01
C LYS H 223 -21.59 -31.23 -13.20
N PRO H 224 -22.24 -31.42 -14.33
CA PRO H 224 -23.58 -30.88 -14.50
C PRO H 224 -24.53 -31.57 -13.56
N SER H 225 -25.52 -30.82 -13.11
CA SER H 225 -26.40 -31.34 -12.08
C SER H 225 -27.87 -31.32 -12.48
N VAL H 226 -28.33 -30.24 -13.10
CA VAL H 226 -29.71 -30.19 -13.54
C VAL H 226 -29.83 -30.93 -14.87
N LYS H 227 -30.96 -31.61 -15.06
CA LYS H 227 -31.07 -32.57 -16.15
C LYS H 227 -31.01 -31.93 -17.51
N ASN H 228 -31.32 -30.65 -17.63
CA ASN H 228 -31.16 -29.99 -18.91
C ASN H 228 -29.67 -29.97 -19.27
N ILE H 229 -29.36 -30.30 -20.51
CA ILE H 229 -27.97 -30.27 -20.93
C ILE H 229 -27.44 -28.85 -20.88
N HIS H 230 -26.31 -28.70 -20.22
CA HIS H 230 -25.55 -27.46 -20.19
C HIS H 230 -24.23 -27.81 -19.54
N VAL H 231 -23.18 -27.11 -19.93
CA VAL H 231 -21.88 -27.29 -19.29
C VAL H 231 -21.65 -26.10 -18.37
N PRO H 232 -21.55 -26.30 -17.07
CA PRO H 232 -21.14 -25.24 -16.16
C PRO H 232 -19.63 -25.18 -16.01
N TYR H 233 -19.15 -23.99 -15.68
CA TYR H 233 -17.73 -23.84 -15.40
C TYR H 233 -17.55 -22.60 -14.55
N THR H 234 -16.38 -22.52 -13.92
CA THR H 234 -15.98 -21.37 -13.14
C THR H 234 -14.54 -21.03 -13.47
N GLN H 235 -14.22 -19.75 -13.33
CA GLN H 235 -12.99 -19.22 -13.89
C GLN H 235 -12.62 -17.95 -13.16
N ALA H 236 -11.32 -17.73 -12.98
CA ALA H 236 -10.86 -16.53 -12.33
C ALA H 236 -11.17 -15.33 -13.21
N VAL H 237 -11.36 -14.17 -12.58
CA VAL H 237 -11.68 -12.99 -13.34
C VAL H 237 -10.50 -12.64 -14.25
N SER H 238 -10.78 -11.87 -15.27
CA SER H 238 -9.76 -11.45 -16.22
C SER H 238 -8.72 -10.61 -15.51
N GLY H 239 -7.50 -11.11 -15.42
CA GLY H 239 -6.46 -10.32 -14.79
C GLY H 239 -6.18 -9.06 -15.55
N TYR H 240 -6.45 -9.07 -16.85
CA TYR H 240 -6.36 -7.85 -17.62
C TYR H 240 -7.33 -6.80 -17.09
N GLU H 241 -8.56 -7.21 -16.79
CA GLU H 241 -9.50 -6.28 -16.18
C GLU H 241 -9.05 -5.81 -14.80
N MET H 242 -8.50 -6.71 -14.00
CA MET H 242 -8.02 -6.29 -12.69
C MET H 242 -6.92 -5.25 -12.81
N TRP H 243 -5.99 -5.47 -13.71
CA TRP H 243 -4.93 -4.48 -13.89
C TRP H 243 -5.48 -3.16 -14.43
N LYS H 244 -6.44 -3.22 -15.34
CA LYS H 244 -7.05 -1.98 -15.81
C LYS H 244 -7.74 -1.20 -14.71
N ASN H 245 -8.44 -1.88 -13.81
CA ASN H 245 -9.08 -1.17 -12.71
C ASN H 245 -8.06 -0.50 -11.78
N ASN H 246 -6.97 -1.18 -11.46
CA ASN H 246 -6.00 -0.65 -10.51
C ASN H 246 -4.70 -0.18 -11.15
N SER H 247 -4.78 0.35 -12.36
CA SER H 247 -3.56 0.60 -13.13
C SER H 247 -2.71 1.68 -12.48
N GLY H 248 -3.32 2.61 -11.78
CA GLY H 248 -2.66 3.83 -11.39
C GLY H 248 -2.56 4.80 -12.55
N ARG H 249 -2.03 5.98 -12.25
CA ARG H 249 -1.90 7.02 -13.24
C ARG H 249 -0.83 6.70 -14.29
N PRO H 250 -1.06 7.11 -15.53
CA PRO H 250 -0.08 6.87 -16.59
C PRO H 250 1.14 7.76 -16.44
N LEU H 251 2.20 7.36 -17.15
CA LEU H 251 3.48 8.05 -17.08
C LEU H 251 3.45 9.47 -17.65
N GLN H 252 2.54 9.72 -18.59
CA GLN H 252 2.43 11.07 -19.20
C GLN H 252 2.08 12.07 -18.09
N GLU H 253 1.77 11.57 -16.89
CA GLU H 253 1.34 12.45 -15.77
C GLU H 253 2.29 12.27 -14.57
N THR H 254 3.27 11.39 -14.68
CA THR H 254 4.15 11.11 -13.51
C THR H 254 5.61 11.00 -13.94
N ALA H 255 5.90 11.17 -15.23
CA ALA H 255 7.28 11.15 -15.68
C ALA H 255 8.03 12.36 -15.11
N PRO H 256 9.12 12.16 -14.40
CA PRO H 256 9.90 13.30 -13.91
C PRO H 256 10.61 14.00 -15.04
N PHE H 257 11.21 15.13 -14.71
CA PHE H 257 11.91 16.03 -15.63
C PHE H 257 10.99 16.59 -16.70
N GLY H 258 9.68 16.40 -16.55
CA GLY H 258 8.69 17.11 -17.31
C GLY H 258 8.82 16.97 -18.82
N CYS H 259 8.56 15.77 -19.32
CA CYS H 259 8.60 15.54 -20.75
C CYS H 259 7.34 14.80 -21.18
N LYS H 260 6.98 14.99 -22.44
CA LYS H 260 5.83 14.34 -23.04
C LYS H 260 6.20 12.92 -23.47
N ILE H 261 5.52 11.94 -22.87
CA ILE H 261 5.67 10.55 -23.27
C ILE H 261 4.80 10.31 -24.50
N GLU H 262 5.42 9.88 -25.59
CA GLU H 262 4.73 9.69 -26.86
C GLU H 262 4.87 8.24 -27.30
N VAL H 263 3.97 7.83 -28.19
CA VAL H 263 3.92 6.46 -28.65
C VAL H 263 4.02 6.43 -30.16
N GLU H 264 4.25 5.23 -30.69
CA GLU H 264 4.30 4.98 -32.11
C GLU H 264 5.37 5.82 -32.81
N PRO H 265 6.65 5.60 -32.54
CA PRO H 265 7.23 4.68 -31.57
C PRO H 265 7.25 5.30 -30.18
N LEU H 266 7.46 4.48 -29.15
CA LEU H 266 7.62 5.00 -27.81
C LEU H 266 8.83 5.91 -27.73
N ARG H 267 8.65 7.07 -27.11
CA ARG H 267 9.76 8.00 -26.94
C ARG H 267 9.36 9.05 -25.91
N ALA H 268 10.35 9.80 -25.44
CA ALA H 268 10.13 10.94 -24.57
C ALA H 268 10.68 12.19 -25.23
N THR H 269 9.85 13.22 -25.34
CA THR H 269 10.19 14.42 -26.10
C THR H 269 10.36 15.61 -25.18
N ASN H 270 11.38 16.42 -25.47
CA ASN H 270 11.64 17.66 -24.76
C ASN H 270 11.80 17.47 -23.26
N CYS H 271 12.80 16.69 -22.87
CA CYS H 271 13.03 16.38 -21.47
C CYS H 271 14.32 17.09 -21.07
N ALA H 272 14.21 18.08 -20.18
CA ALA H 272 15.34 18.93 -19.84
C ALA H 272 16.11 18.38 -18.65
N TYR H 273 17.35 18.00 -18.88
CA TYR H 273 18.22 17.49 -17.83
C TYR H 273 19.64 17.43 -18.36
N GLY H 274 20.59 17.85 -17.53
CA GLY H 274 22.01 17.75 -17.84
C GLY H 274 22.48 18.71 -18.92
N HIS H 275 23.62 18.38 -19.51
CA HIS H 275 24.21 19.22 -20.54
C HIS H 275 24.69 18.39 -21.72
N ILE H 276 24.75 19.04 -22.88
CA ILE H 276 25.34 18.47 -24.08
C ILE H 276 26.61 19.23 -24.42
N PRO H 277 27.75 18.58 -24.49
CA PRO H 277 28.93 19.20 -25.11
C PRO H 277 28.73 19.26 -26.61
N ILE H 278 28.81 20.47 -27.17
CA ILE H 278 28.64 20.67 -28.60
C ILE H 278 29.84 21.42 -29.14
N SER H 279 30.42 20.90 -30.20
CA SER H 279 31.48 21.57 -30.95
C SER H 279 30.97 21.95 -32.33
N ILE H 280 31.14 23.21 -32.70
CA ILE H 280 30.74 23.70 -34.02
C ILE H 280 31.98 24.14 -34.77
N ASP H 281 32.15 23.62 -35.98
CA ASP H 281 33.17 24.10 -36.91
C ASP H 281 32.54 25.16 -37.80
N ILE H 282 32.66 26.41 -37.39
CA ILE H 282 32.07 27.52 -38.14
C ILE H 282 32.80 27.68 -39.47
N PRO H 283 32.10 27.82 -40.59
CA PRO H 283 32.77 28.00 -41.87
C PRO H 283 33.53 29.31 -41.90
N ASP H 284 34.69 29.29 -42.58
CA ASP H 284 35.60 30.43 -42.58
C ASP H 284 35.08 31.64 -43.31
N ALA H 285 34.07 31.49 -44.17
CA ALA H 285 33.52 32.66 -44.83
C ALA H 285 32.69 33.53 -43.90
N ALA H 286 32.14 32.97 -42.82
CA ALA H 286 31.36 33.77 -41.89
C ALA H 286 32.23 34.76 -41.13
N PHE H 287 33.45 34.39 -40.78
CA PHE H 287 34.32 35.32 -40.07
C PHE H 287 34.73 36.49 -40.96
N VAL H 288 35.07 37.60 -40.30
CA VAL H 288 35.69 38.75 -40.94
C VAL H 288 36.76 39.30 -40.02
N ARG H 289 37.87 39.76 -40.60
CA ARG H 289 38.92 40.35 -39.79
C ARG H 289 38.45 41.62 -39.09
N SER H 290 39.08 41.88 -37.94
CA SER H 290 38.74 43.01 -37.09
C SER H 290 38.96 44.36 -37.76
N SER H 291 39.77 44.41 -38.82
CA SER H 291 39.91 45.66 -39.56
C SER H 291 38.64 46.09 -40.26
N GLU H 292 37.72 45.17 -40.50
CA GLU H 292 36.51 45.54 -41.23
C GLU H 292 35.44 46.05 -40.28
N SER H 293 35.12 45.28 -39.26
CA SER H 293 34.21 45.76 -38.23
C SER H 293 34.86 46.87 -37.41
N PRO H 294 34.08 47.84 -36.97
CA PRO H 294 34.65 48.91 -36.15
C PRO H 294 35.05 48.37 -34.79
N THR H 295 36.20 48.81 -34.31
CA THR H 295 36.65 48.51 -32.96
C THR H 295 36.50 49.77 -32.12
N ILE H 296 35.79 49.65 -31.03
CA ILE H 296 35.56 50.78 -30.14
C ILE H 296 36.80 51.08 -29.33
N LEU H 297 36.94 52.33 -28.92
CA LEU H 297 38.11 52.76 -28.17
C LEU H 297 37.92 52.60 -26.66
N GLU H 298 36.89 53.23 -26.11
CA GLU H 298 36.57 53.02 -24.71
C GLU H 298 35.06 52.84 -24.55
N VAL H 299 34.69 51.94 -23.65
CA VAL H 299 33.32 51.69 -23.27
C VAL H 299 33.25 51.59 -21.75
N SER H 300 32.19 52.16 -21.17
CA SER H 300 31.96 52.12 -19.74
C SER H 300 30.54 51.67 -19.47
N CYS H 301 30.33 51.08 -18.30
CA CYS H 301 29.06 50.45 -17.95
C CYS H 301 28.47 51.15 -16.74
N THR H 302 27.23 51.62 -16.88
CA THR H 302 26.43 52.13 -15.77
C THR H 302 25.19 51.27 -15.62
N VAL H 303 25.12 50.55 -14.51
CA VAL H 303 24.01 49.65 -14.26
C VAL H 303 22.82 50.41 -13.69
N ALA H 304 21.65 50.21 -14.29
CA ALA H 304 20.41 50.78 -13.79
C ALA H 304 19.86 49.91 -12.67
N ASP H 305 18.56 50.03 -12.38
CA ASP H 305 17.91 49.07 -11.50
C ASP H 305 18.05 47.66 -12.05
N CYS H 306 18.38 46.73 -11.16
CA CYS H 306 18.46 45.33 -11.50
C CYS H 306 17.73 44.49 -10.47
N ILE H 307 16.97 43.50 -10.94
CA ILE H 307 16.28 42.55 -10.09
C ILE H 307 16.65 41.16 -10.57
N TYR H 308 17.09 40.31 -9.64
CA TYR H 308 17.46 38.94 -10.00
C TYR H 308 16.24 38.03 -10.03
N SER H 309 15.35 38.35 -10.97
CA SER H 309 14.17 37.55 -11.23
C SER H 309 14.52 36.53 -12.30
N ALA H 310 13.56 35.65 -12.63
CA ALA H 310 13.83 34.63 -13.62
C ALA H 310 13.80 35.17 -15.03
N ASP H 311 13.37 36.40 -15.21
CA ASP H 311 13.22 37.04 -16.51
C ASP H 311 14.20 38.19 -16.63
N PHE H 312 14.12 38.92 -17.73
CA PHE H 312 14.98 40.08 -17.92
C PHE H 312 14.60 41.25 -17.03
N GLY H 313 14.77 41.08 -15.72
CA GLY H 313 14.49 42.12 -14.76
C GLY H 313 15.67 42.98 -14.41
N GLY H 314 16.46 43.34 -15.41
CA GLY H 314 17.59 44.24 -15.20
C GLY H 314 17.95 44.97 -16.47
N SER H 315 18.45 46.20 -16.31
CA SER H 315 18.78 47.05 -17.42
C SER H 315 20.10 47.76 -17.13
N LEU H 316 20.82 48.13 -18.19
CA LEU H 316 22.03 48.91 -18.05
C LEU H 316 22.27 49.71 -19.32
N THR H 317 23.20 50.65 -19.23
CA THR H 317 23.61 51.46 -20.37
C THR H 317 25.12 51.43 -20.55
N LEU H 318 25.54 51.36 -21.80
CA LEU H 318 26.94 51.41 -22.19
C LEU H 318 27.19 52.68 -23.00
N GLN H 319 28.09 53.52 -22.52
CA GLN H 319 28.59 54.65 -23.29
C GLN H 319 29.88 54.21 -23.99
N TYR H 320 29.96 54.51 -25.27
CA TYR H 320 30.99 53.94 -26.14
C TYR H 320 31.63 55.02 -26.99
N LYS H 321 32.94 54.88 -27.20
CA LYS H 321 33.65 55.61 -28.23
C LYS H 321 34.08 54.62 -29.28
N ALA H 322 33.77 54.89 -30.55
CA ALA H 322 34.04 53.93 -31.60
C ALA H 322 34.58 54.66 -32.82
N ASN H 323 35.07 53.87 -33.77
CA ASN H 323 35.76 54.44 -34.91
C ASN H 323 34.89 54.59 -36.14
N ARG H 324 33.87 53.77 -36.28
CA ARG H 324 33.03 53.81 -37.47
C ARG H 324 31.70 53.18 -37.13
N GLU H 325 30.69 53.48 -37.93
CA GLU H 325 29.42 52.78 -37.77
C GLU H 325 29.59 51.30 -38.08
N GLY H 326 28.81 50.49 -37.37
CA GLY H 326 28.80 49.07 -37.65
C GLY H 326 27.72 48.36 -36.88
N HIS H 327 27.87 47.05 -36.78
CA HIS H 327 26.88 46.16 -36.20
C HIS H 327 27.56 45.27 -35.17
N CYS H 328 28.17 45.90 -34.17
CA CYS H 328 28.98 45.18 -33.21
C CYS H 328 28.15 44.13 -32.50
N PRO H 329 28.72 42.98 -32.20
CA PRO H 329 28.08 42.03 -31.29
C PRO H 329 28.32 42.38 -29.83
N VAL H 330 27.41 41.90 -29.00
CA VAL H 330 27.47 42.10 -27.56
C VAL H 330 27.26 40.76 -26.88
N HIS H 331 28.01 40.53 -25.81
CA HIS H 331 27.99 39.27 -25.11
C HIS H 331 28.16 39.51 -23.63
N SER H 332 27.79 38.51 -22.84
CA SER H 332 28.06 38.50 -21.41
C SER H 332 28.95 37.32 -21.11
N HIS H 333 30.11 37.60 -20.53
CA HIS H 333 31.11 36.56 -20.31
C HIS H 333 30.97 35.87 -18.96
N SER H 334 29.86 36.07 -18.26
CA SER H 334 29.65 35.45 -16.96
C SER H 334 28.56 34.38 -17.04
N THR H 335 28.70 33.38 -16.19
CA THR H 335 27.74 32.28 -16.18
C THR H 335 26.49 32.62 -15.40
N THR H 336 26.46 33.77 -14.75
CA THR H 336 25.30 34.20 -13.98
C THR H 336 24.73 35.49 -14.54
N ALA H 337 24.89 35.71 -15.84
CA ALA H 337 24.38 36.92 -16.48
C ALA H 337 24.20 36.63 -17.96
N VAL H 338 22.98 36.81 -18.45
CA VAL H 338 22.67 36.63 -19.86
C VAL H 338 21.96 37.87 -20.35
N LEU H 339 22.05 38.11 -21.65
CA LEU H 339 21.61 39.35 -22.25
C LEU H 339 20.47 39.05 -23.19
N LYS H 340 19.46 39.92 -23.19
CA LYS H 340 18.36 39.74 -24.14
C LYS H 340 18.84 39.88 -25.57
N GLU H 341 19.68 40.86 -25.84
CA GLU H 341 20.19 41.12 -27.17
C GLU H 341 21.65 40.73 -27.28
N ALA H 342 22.04 40.27 -28.47
CA ALA H 342 23.41 39.88 -28.71
C ALA H 342 24.15 40.79 -29.68
N THR H 343 23.46 41.64 -30.40
CA THR H 343 24.14 42.56 -31.30
C THR H 343 23.36 43.84 -31.46
N THR H 344 24.06 44.88 -31.87
CA THR H 344 23.47 46.21 -31.99
C THR H 344 24.27 47.00 -33.01
N HIS H 345 23.56 47.84 -33.76
CA HIS H 345 24.24 48.85 -34.55
C HIS H 345 24.91 49.83 -33.60
N VAL H 346 26.11 50.26 -33.96
CA VAL H 346 26.90 51.17 -33.14
C VAL H 346 27.30 52.38 -33.96
N THR H 347 27.12 53.57 -33.39
CA THR H 347 27.61 54.80 -33.99
C THR H 347 29.02 55.09 -33.49
N ALA H 348 29.60 56.20 -33.94
CA ALA H 348 30.92 56.58 -33.47
C ALA H 348 30.89 57.01 -32.01
N THR H 349 29.95 57.89 -31.65
CA THR H 349 29.83 58.40 -30.30
C THR H 349 28.42 58.23 -29.79
N GLY H 350 28.28 57.70 -28.59
CA GLY H 350 26.97 57.73 -27.96
C GLY H 350 26.86 56.76 -26.80
N SER H 351 25.63 56.33 -26.55
CA SER H 351 25.36 55.31 -25.54
C SER H 351 24.15 54.50 -25.96
N ILE H 352 24.08 53.28 -25.46
CA ILE H 352 23.03 52.33 -25.80
C ILE H 352 22.47 51.71 -24.54
N THR H 353 21.16 51.50 -24.52
CA THR H 353 20.52 50.74 -23.47
C THR H 353 20.54 49.27 -23.83
N LEU H 354 20.58 48.42 -22.80
CA LEU H 354 20.64 46.99 -22.98
C LEU H 354 19.88 46.34 -21.84
N HIS H 355 19.44 45.10 -22.05
CA HIS H 355 18.68 44.40 -21.03
C HIS H 355 19.39 43.10 -20.65
N PHE H 356 19.20 42.71 -19.39
CA PHE H 356 19.90 41.53 -18.90
C PHE H 356 19.13 40.89 -17.75
N SER H 357 19.44 39.63 -17.51
CA SER H 357 18.86 38.85 -16.43
C SER H 357 19.97 38.24 -15.59
N THR H 358 19.73 38.15 -14.29
CA THR H 358 20.65 37.48 -13.38
C THR H 358 19.88 36.78 -12.28
N SER H 359 20.62 36.06 -11.45
CA SER H 359 20.04 35.31 -10.35
C SER H 359 20.68 35.59 -9.01
N SER H 360 21.89 36.13 -8.98
CA SER H 360 22.51 36.50 -7.73
C SER H 360 22.01 37.87 -7.27
N PRO H 361 22.05 38.16 -5.97
CA PRO H 361 21.64 39.49 -5.51
C PRO H 361 22.56 40.58 -6.01
N GLN H 362 23.74 40.23 -6.46
CA GLN H 362 24.72 41.18 -6.97
C GLN H 362 24.83 41.01 -8.47
N ALA H 363 25.31 42.04 -9.14
CA ALA H 363 25.82 41.90 -10.49
C ALA H 363 27.31 42.23 -10.47
N ASN H 364 28.11 41.30 -10.97
CA ASN H 364 29.54 41.50 -11.08
C ASN H 364 30.02 40.88 -12.38
N PHE H 365 29.35 41.23 -13.48
CA PHE H 365 29.53 40.53 -14.72
C PHE H 365 30.21 41.42 -15.75
N ILE H 366 30.94 40.79 -16.65
CA ILE H 366 31.78 41.46 -17.64
C ILE H 366 31.05 41.50 -18.97
N VAL H 367 30.63 42.70 -19.36
CA VAL H 367 30.09 42.89 -20.70
C VAL H 367 31.26 43.09 -21.66
N SER H 368 31.00 42.84 -22.93
CA SER H 368 32.01 43.07 -23.94
C SER H 368 31.33 43.53 -25.20
N LEU H 369 31.94 44.49 -25.88
CA LEU H 369 31.44 44.99 -27.14
C LEU H 369 32.58 44.95 -28.15
N CYS H 370 32.31 44.35 -29.30
CA CYS H 370 33.33 44.10 -30.32
C CYS H 370 34.67 43.69 -29.70
N GLY H 371 34.59 42.77 -28.75
CA GLY H 371 35.77 42.23 -28.11
C GLY H 371 36.30 42.84 -26.83
N LYS H 372 36.35 44.16 -26.74
CA LYS H 372 36.90 44.78 -25.54
C LYS H 372 35.91 44.66 -24.38
N LYS H 373 36.46 44.48 -23.19
CA LYS H 373 35.68 44.13 -22.00
C LYS H 373 35.45 45.35 -21.12
N THR H 374 34.49 45.20 -20.21
CA THR H 374 34.15 46.24 -19.24
C THR H 374 33.33 45.61 -18.14
N THR H 375 33.74 45.83 -16.90
CA THR H 375 33.02 45.33 -15.75
C THR H 375 31.74 46.10 -15.46
N CYS H 376 30.73 45.38 -15.00
CA CYS H 376 29.51 45.96 -14.47
C CYS H 376 29.28 45.44 -13.05
N ASN H 377 29.17 46.37 -12.10
CA ASN H 377 29.04 46.03 -10.70
C ASN H 377 27.71 46.55 -10.18
N ALA H 378 26.95 45.69 -9.53
CA ALA H 378 25.64 46.13 -9.05
C ALA H 378 25.13 45.23 -7.92
N GLU H 379 24.14 45.75 -7.21
CA GLU H 379 23.34 45.00 -6.26
C GLU H 379 21.91 44.93 -6.77
N CYS H 380 21.36 43.73 -6.83
CA CYS H 380 20.03 43.52 -7.40
C CYS H 380 19.07 43.14 -6.28
N LYS H 381 17.85 43.66 -6.35
CA LYS H 381 16.91 43.39 -5.27
C LYS H 381 16.22 42.04 -5.49
N PRO H 382 15.73 41.44 -4.42
CA PRO H 382 14.88 40.26 -4.59
C PRO H 382 13.67 40.58 -5.42
N PRO H 383 13.17 39.60 -6.18
CA PRO H 383 12.03 39.88 -7.06
C PRO H 383 10.76 40.13 -6.27
N ALA H 384 10.04 41.18 -6.66
CA ALA H 384 8.78 41.48 -5.98
C ALA H 384 7.73 40.40 -6.25
N ASP H 385 7.62 39.95 -7.49
CA ASP H 385 6.69 38.89 -7.84
C ASP H 385 7.18 37.54 -7.32
N HIS H 386 6.22 36.69 -6.97
CA HIS H 386 6.50 35.33 -6.54
C HIS H 386 6.63 34.31 -7.67
N ILE H 387 5.78 34.35 -8.69
CA ILE H 387 5.69 33.24 -9.63
C ILE H 387 5.60 33.74 -11.06
N ILE H 388 6.37 33.13 -11.96
CA ILE H 388 6.41 33.49 -13.37
C ILE H 388 6.22 32.24 -14.20
N GLY H 389 5.66 32.41 -15.39
CA GLY H 389 5.51 31.31 -16.30
C GLY H 389 6.68 31.22 -17.27
N GLU H 390 7.87 31.52 -16.78
CA GLU H 390 9.11 31.31 -17.51
C GLU H 390 10.10 30.57 -16.64
N PRO H 391 10.87 29.65 -17.20
CA PRO H 391 11.95 29.04 -16.44
C PRO H 391 13.10 30.02 -16.22
N HIS H 392 13.88 29.75 -15.16
CA HIS H 392 15.09 30.52 -14.91
C HIS H 392 16.10 30.33 -16.03
N LYS H 393 16.60 31.43 -16.59
CA LYS H 393 17.52 31.35 -17.71
C LYS H 393 18.94 31.00 -17.29
N VAL H 394 19.27 31.10 -16.01
CA VAL H 394 20.60 30.79 -15.52
C VAL H 394 20.47 30.00 -14.23
N ASP H 395 21.61 29.55 -13.71
CA ASP H 395 21.65 28.73 -12.50
C ASP H 395 22.49 29.44 -11.46
N GLN H 396 21.99 29.45 -10.22
CA GLN H 396 22.75 29.98 -9.09
C GLN H 396 23.97 29.13 -8.78
N GLU H 397 25.15 29.74 -8.83
CA GLU H 397 26.41 29.03 -8.66
C GLU H 397 26.77 28.85 -7.19
N PHE H 398 27.70 27.93 -6.96
CA PHE H 398 28.13 27.51 -5.63
C PHE H 398 28.78 28.67 -4.88
N GLN H 399 28.12 29.15 -3.84
CA GLN H 399 28.62 30.23 -2.99
C GLN H 399 28.84 31.51 -3.78
N ALA H 400 28.17 31.65 -4.92
CA ALA H 400 28.16 32.90 -5.65
C ALA H 400 26.95 33.75 -5.31
N ALA H 401 26.04 33.21 -4.51
CA ALA H 401 24.83 33.89 -4.07
C ALA H 401 25.00 34.55 -2.71
N VAL H 402 26.23 34.69 -2.25
CA VAL H 402 26.52 35.39 -1.00
C VAL H 402 26.67 36.88 -1.33
N SER H 403 25.95 37.72 -0.61
CA SER H 403 26.03 39.14 -0.92
C SER H 403 27.37 39.71 -0.45
N LYS H 404 27.65 40.91 -0.94
CA LYS H 404 28.86 41.62 -0.52
C LYS H 404 28.82 41.87 0.98
N THR H 405 27.66 42.28 1.49
CA THR H 405 27.53 42.56 2.92
C THR H 405 27.77 41.29 3.73
N SER H 406 27.14 40.20 3.31
CA SER H 406 27.38 38.92 3.97
C SER H 406 28.84 38.53 3.92
N TRP H 407 29.48 38.71 2.77
CA TRP H 407 30.90 38.40 2.69
C TRP H 407 31.70 39.21 3.69
N ASN H 408 31.44 40.52 3.77
CA ASN H 408 32.16 41.37 4.70
C ASN H 408 31.95 40.94 6.14
N TRP H 409 30.70 40.68 6.52
CA TRP H 409 30.42 40.25 7.89
C TRP H 409 31.08 38.92 8.21
N LEU H 410 31.01 37.97 7.28
CA LEU H 410 31.60 36.66 7.54
C LEU H 410 33.11 36.74 7.66
N LEU H 411 33.75 37.49 6.77
CA LEU H 411 35.19 37.64 6.84
C LEU H 411 35.61 38.38 8.11
N ALA H 412 34.84 39.38 8.53
CA ALA H 412 35.13 40.07 9.78
C ALA H 412 35.03 39.14 10.98
N LEU H 413 33.96 38.34 11.03
CA LEU H 413 33.75 37.46 12.18
C LEU H 413 34.78 36.35 12.25
N PHE H 414 35.20 35.81 11.10
CA PHE H 414 36.31 34.85 11.14
C PHE H 414 37.65 35.54 11.42
N GLY H 415 37.87 36.73 10.87
CA GLY H 415 39.13 37.41 11.07
C GLY H 415 39.36 37.86 12.50
N GLY H 416 38.28 38.17 13.22
CA GLY H 416 38.42 38.45 14.64
C GLY H 416 39.01 37.29 15.42
N ALA H 417 38.44 36.11 15.23
CA ALA H 417 39.00 34.91 15.87
C ALA H 417 40.40 34.61 15.36
N SER H 418 40.65 34.78 14.06
CA SER H 418 41.97 34.51 13.51
C SER H 418 43.02 35.41 14.15
N SER H 419 42.74 36.71 14.21
CA SER H 419 43.68 37.64 14.82
C SER H 419 43.84 37.38 16.30
N LEU H 420 42.76 36.99 16.98
CA LEU H 420 42.86 36.66 18.39
C LEU H 420 43.79 35.48 18.63
N ILE H 421 43.61 34.40 17.88
CA ILE H 421 44.43 33.21 18.10
C ILE H 421 45.87 33.47 17.66
N VAL H 422 46.07 34.24 16.61
CA VAL H 422 47.41 34.66 16.22
C VAL H 422 48.07 35.46 17.32
N VAL H 423 47.34 36.39 17.92
CA VAL H 423 47.88 37.18 19.03
C VAL H 423 48.22 36.28 20.22
N GLY H 424 47.37 35.31 20.51
CA GLY H 424 47.67 34.39 21.60
C GLY H 424 48.93 33.58 21.37
N LEU H 425 49.09 33.05 20.15
CA LEU H 425 50.30 32.33 19.82
C LEU H 425 51.54 33.23 19.87
N ILE H 426 51.42 34.46 19.36
CA ILE H 426 52.55 35.39 19.40
C ILE H 426 52.93 35.74 20.82
N VAL H 427 51.95 35.99 21.69
CA VAL H 427 52.25 36.31 23.08
C VAL H 427 52.87 35.13 23.79
N LEU H 428 52.40 33.91 23.50
CA LEU H 428 53.04 32.73 24.08
C LEU H 428 54.49 32.61 23.65
N VAL H 429 54.77 32.82 22.36
CA VAL H 429 56.15 32.75 21.89
C VAL H 429 57.01 33.83 22.54
N CYS H 430 56.49 35.05 22.63
CA CYS H 430 57.24 36.14 23.27
C CYS H 430 57.54 35.83 24.73
N SER H 431 56.53 35.35 25.46
CA SER H 431 56.74 34.98 26.86
C SER H 431 57.76 33.86 27.00
N SER H 432 57.71 32.86 26.12
CA SER H 432 58.67 31.77 26.18
C SER H 432 60.09 32.27 25.97
N MET H 433 60.30 33.10 24.94
CA MET H 433 61.66 33.60 24.70
C MET H 433 62.12 34.56 25.78
N LEU H 434 61.22 35.38 26.34
CA LEU H 434 61.59 36.27 27.42
C LEU H 434 62.01 35.49 28.67
N ILE H 435 61.26 34.45 29.01
CA ILE H 435 61.64 33.61 30.15
C ILE H 435 62.95 32.89 29.87
N ASN H 436 63.09 32.35 28.66
CA ASN H 436 64.31 31.61 28.32
C ASN H 436 65.53 32.51 28.45
N THR H 437 65.42 33.77 28.03
CA THR H 437 66.53 34.70 28.20
C THR H 437 66.80 34.97 29.67
N ARG H 438 65.74 35.12 30.47
CA ARG H 438 65.86 35.40 31.89
C ARG H 438 65.73 34.14 32.75
N ARG H 439 66.05 32.98 32.19
CA ARG H 439 66.00 31.73 32.93
C ARG H 439 67.28 31.54 33.73
N PRO I 1 -30.56 -20.77 -36.97
CA PRO I 1 -31.54 -20.60 -35.89
C PRO I 1 -31.71 -21.86 -35.08
N TYR I 2 -31.28 -21.82 -33.83
CA TYR I 2 -31.39 -22.97 -32.93
C TYR I 2 -31.93 -22.51 -31.59
N LEU I 3 -32.83 -23.30 -31.02
CA LEU I 3 -33.26 -23.01 -29.67
C LEU I 3 -32.12 -23.33 -28.73
N GLY I 4 -32.12 -22.70 -27.57
CA GLY I 4 -31.02 -22.85 -26.64
C GLY I 4 -31.40 -22.60 -25.19
N PHE I 5 -30.64 -23.22 -24.29
CA PHE I 5 -30.89 -23.08 -22.86
C PHE I 5 -30.70 -21.66 -22.37
N CYS I 6 -31.77 -21.07 -21.84
CA CYS I 6 -31.79 -19.69 -21.39
C CYS I 6 -31.83 -19.67 -19.88
N PRO I 7 -30.96 -18.90 -19.23
CA PRO I 7 -30.97 -18.86 -17.76
C PRO I 7 -32.28 -18.44 -17.12
N TYR I 8 -32.90 -17.35 -17.58
CA TYR I 8 -34.08 -16.83 -16.92
C TYR I 8 -35.04 -16.26 -17.94
N CYS I 9 -36.34 -16.37 -17.65
CA CYS I 9 -37.37 -15.92 -18.60
C CYS I 9 -38.53 -15.31 -17.87
N ARG I 10 -39.54 -14.96 -18.66
CA ARG I 10 -40.73 -14.29 -18.15
C ARG I 10 -41.53 -15.13 -17.18
N HIS I 11 -41.25 -16.42 -17.06
CA HIS I 11 -41.78 -17.21 -15.96
C HIS I 11 -40.74 -17.49 -14.88
N SER I 12 -39.57 -16.84 -14.97
CA SER I 12 -38.54 -17.01 -13.91
C SER I 12 -38.18 -18.48 -13.75
N ALA I 13 -37.86 -19.17 -14.84
CA ALA I 13 -37.50 -20.61 -14.78
C ALA I 13 -36.63 -20.97 -15.99
N PRO I 14 -35.88 -22.09 -15.95
CA PRO I 14 -35.10 -22.53 -17.11
C PRO I 14 -35.98 -22.57 -18.36
N CYS I 15 -35.51 -21.94 -19.45
CA CYS I 15 -36.29 -21.91 -20.72
C CYS I 15 -35.38 -22.29 -21.88
N PHE I 16 -35.97 -22.77 -22.99
CA PHE I 16 -35.18 -23.16 -24.19
C PHE I 16 -35.56 -22.26 -25.36
N SER I 17 -35.77 -20.97 -25.09
CA SER I 17 -36.18 -20.02 -26.16
C SER I 17 -35.07 -19.88 -27.20
N PRO I 18 -35.39 -19.87 -28.52
CA PRO I 18 -34.38 -19.72 -29.57
C PRO I 18 -33.73 -18.33 -29.53
N ILE I 19 -34.06 -17.51 -28.54
CA ILE I 19 -33.46 -16.21 -28.42
C ILE I 19 -32.41 -16.16 -27.30
N LYS I 20 -31.84 -17.31 -26.92
CA LYS I 20 -30.84 -17.32 -25.85
C LYS I 20 -29.76 -16.29 -26.11
N ILE I 21 -29.37 -15.60 -25.06
CA ILE I 21 -28.31 -14.60 -25.09
C ILE I 21 -26.94 -15.21 -24.97
N GLU I 22 -25.98 -14.69 -25.73
CA GLU I 22 -24.60 -15.14 -25.63
C GLU I 22 -23.71 -14.11 -24.97
N ASN I 23 -22.51 -13.92 -25.53
CA ASN I 23 -21.58 -12.92 -25.06
C ASN I 23 -22.14 -11.52 -25.24
N VAL I 24 -21.97 -10.69 -24.22
CA VAL I 24 -22.44 -9.31 -24.25
C VAL I 24 -21.24 -8.40 -24.10
N TRP I 25 -20.64 -8.00 -25.21
CA TRP I 25 -19.52 -7.07 -25.21
C TRP I 25 -19.99 -5.63 -25.10
N ASP I 26 -19.26 -4.82 -24.35
CA ASP I 26 -19.60 -3.40 -24.23
C ASP I 26 -18.32 -2.57 -24.07
N GLU I 27 -17.43 -2.66 -25.03
CA GLU I 27 -16.21 -1.86 -25.05
C GLU I 27 -16.36 -0.59 -25.87
N SER I 28 -17.59 -0.19 -26.17
CA SER I 28 -17.84 0.96 -27.01
C SER I 28 -17.93 2.21 -26.14
N ASP I 29 -17.15 3.23 -26.52
CA ASP I 29 -17.13 4.46 -25.74
C ASP I 29 -18.50 5.10 -25.69
N ASP I 30 -19.26 5.00 -26.77
CA ASP I 30 -20.60 5.56 -26.77
C ASP I 30 -21.55 4.79 -25.86
N GLY I 31 -21.19 3.57 -25.46
CA GLY I 31 -22.04 2.78 -24.63
C GLY I 31 -22.93 1.81 -25.37
N SER I 32 -22.83 1.74 -26.69
CA SER I 32 -23.51 0.69 -27.44
C SER I 32 -23.00 -0.68 -27.02
N ILE I 33 -23.93 -1.63 -26.87
CA ILE I 33 -23.62 -2.99 -26.49
C ILE I 33 -23.83 -3.91 -27.68
N ARG I 34 -22.84 -4.74 -27.98
CA ARG I 34 -22.95 -5.77 -29.00
C ARG I 34 -23.42 -7.07 -28.36
N ILE I 35 -24.59 -7.54 -28.78
CA ILE I 35 -25.23 -8.73 -28.24
C ILE I 35 -25.26 -9.81 -29.31
N GLN I 36 -24.72 -10.99 -28.99
CA GLN I 36 -24.91 -12.17 -29.81
C GLN I 36 -26.15 -12.90 -29.32
N VAL I 37 -26.93 -13.42 -30.25
CA VAL I 37 -28.15 -14.14 -29.90
C VAL I 37 -28.19 -15.44 -30.67
N SER I 38 -29.16 -16.26 -30.30
CA SER I 38 -29.35 -17.59 -30.86
C SER I 38 -30.40 -17.64 -31.94
N ALA I 39 -30.99 -16.52 -32.32
CA ALA I 39 -31.93 -16.47 -33.43
C ALA I 39 -31.44 -15.48 -34.48
N GLN I 40 -31.42 -15.93 -35.73
CA GLN I 40 -30.94 -15.11 -36.84
C GLN I 40 -31.88 -13.95 -37.13
N PHE I 41 -31.34 -12.72 -37.06
CA PHE I 41 -32.10 -11.52 -37.39
C PHE I 41 -31.49 -10.80 -38.58
N GLY I 42 -32.25 -10.72 -39.67
CA GLY I 42 -31.74 -10.12 -40.88
C GLY I 42 -31.78 -11.01 -42.09
N TYR I 43 -32.70 -11.96 -42.11
CA TYR I 43 -32.87 -12.83 -43.25
C TYR I 43 -34.32 -13.28 -43.31
N ASN I 44 -34.73 -13.72 -44.50
CA ASN I 44 -36.05 -14.31 -44.68
C ASN I 44 -36.02 -15.79 -44.30
N GLN I 45 -37.16 -16.45 -44.46
CA GLN I 45 -37.25 -17.87 -44.11
C GLN I 45 -36.19 -18.67 -44.86
N ALA I 46 -35.98 -18.33 -46.13
CA ALA I 46 -34.92 -18.95 -46.91
C ALA I 46 -33.54 -18.53 -46.42
N GLY I 47 -33.45 -17.42 -45.72
CA GLY I 47 -32.16 -16.91 -45.28
C GLY I 47 -31.51 -15.99 -46.27
N THR I 48 -32.27 -15.47 -47.24
CA THR I 48 -31.79 -14.47 -48.17
C THR I 48 -31.97 -13.08 -47.55
N ALA I 49 -31.50 -12.07 -48.29
CA ALA I 49 -31.52 -10.70 -47.79
C ALA I 49 -32.92 -10.24 -47.41
N ASP I 50 -33.00 -9.55 -46.28
CA ASP I 50 -34.21 -8.92 -45.76
C ASP I 50 -33.83 -8.11 -44.54
N VAL I 51 -34.72 -7.19 -44.18
CA VAL I 51 -34.53 -6.39 -42.97
C VAL I 51 -35.77 -6.30 -42.12
N THR I 52 -36.97 -6.52 -42.66
CA THR I 52 -38.14 -6.36 -41.83
C THR I 52 -38.44 -7.57 -40.95
N LYS I 53 -37.86 -8.73 -41.21
CA LYS I 53 -38.20 -9.91 -40.42
C LYS I 53 -36.96 -10.66 -39.94
N PHE I 54 -37.22 -11.66 -39.08
CA PHE I 54 -36.21 -12.46 -38.42
C PHE I 54 -36.66 -13.91 -38.33
N ARG I 55 -35.71 -14.85 -38.23
CA ARG I 55 -36.04 -16.26 -38.20
C ARG I 55 -35.50 -16.94 -36.94
N TYR I 56 -36.36 -17.70 -36.27
CA TYR I 56 -36.07 -18.34 -34.99
C TYR I 56 -36.52 -19.79 -35.07
N MET I 57 -35.79 -20.68 -34.40
CA MET I 57 -36.22 -22.07 -34.35
C MET I 57 -37.58 -22.22 -33.69
N SER I 58 -38.45 -23.03 -34.30
CA SER I 58 -39.80 -23.24 -33.82
C SER I 58 -39.88 -24.23 -32.67
N TYR I 59 -40.96 -24.10 -31.90
CA TYR I 59 -41.33 -25.03 -30.83
C TYR I 59 -42.13 -26.24 -31.31
N ASP I 60 -42.64 -26.24 -32.54
CA ASP I 60 -43.53 -27.30 -32.95
C ASP I 60 -42.78 -28.62 -33.09
N HIS I 61 -43.55 -29.71 -33.18
CA HIS I 61 -42.93 -31.02 -33.26
C HIS I 61 -42.09 -31.16 -34.52
N ASP I 62 -42.51 -30.52 -35.61
CA ASP I 62 -41.69 -30.52 -36.81
C ASP I 62 -40.37 -29.81 -36.56
N HIS I 63 -40.35 -28.87 -35.62
CA HIS I 63 -39.19 -28.06 -35.27
C HIS I 63 -38.49 -27.50 -36.52
N ASP I 64 -39.29 -26.84 -37.35
CA ASP I 64 -38.81 -26.18 -38.55
C ASP I 64 -38.40 -24.76 -38.19
N ILE I 65 -38.31 -23.87 -39.17
CA ILE I 65 -37.88 -22.50 -38.94
C ILE I 65 -39.02 -21.58 -39.32
N LYS I 66 -39.29 -20.59 -38.47
CA LYS I 66 -40.32 -19.61 -38.75
C LYS I 66 -39.71 -18.22 -38.84
N GLU I 67 -40.27 -17.38 -39.71
CA GLU I 67 -39.86 -16.00 -39.88
C GLU I 67 -40.94 -15.03 -39.43
N ASP I 68 -40.59 -14.11 -38.53
CA ASP I 68 -41.51 -13.10 -38.06
C ASP I 68 -40.87 -11.72 -38.12
N SER I 69 -41.73 -10.70 -38.24
CA SER I 69 -41.29 -9.31 -38.36
C SER I 69 -40.42 -8.88 -37.18
N MET I 70 -39.31 -8.23 -37.52
CA MET I 70 -38.34 -7.73 -36.55
C MET I 70 -38.90 -6.64 -35.64
N GLU I 71 -39.93 -5.93 -36.07
CA GLU I 71 -40.66 -4.99 -35.21
C GLU I 71 -41.01 -5.54 -33.84
N LYS I 72 -41.05 -6.85 -33.68
CA LYS I 72 -41.35 -7.42 -32.37
C LYS I 72 -40.18 -7.35 -31.38
N LEU I 73 -38.93 -7.45 -31.84
CA LEU I 73 -37.77 -7.32 -30.97
C LEU I 73 -37.71 -5.98 -30.25
N ALA I 74 -37.59 -6.01 -28.92
CA ALA I 74 -37.46 -4.78 -28.12
C ALA I 74 -36.42 -5.04 -27.03
N ILE I 75 -35.15 -4.85 -27.38
CA ILE I 75 -34.07 -4.92 -26.40
C ILE I 75 -34.28 -3.91 -25.29
N SER I 76 -34.15 -4.37 -24.05
CA SER I 76 -34.33 -3.51 -22.89
C SER I 76 -33.43 -3.99 -21.77
N THR I 77 -32.92 -3.03 -20.98
CA THR I 77 -32.12 -3.35 -19.82
C THR I 77 -32.86 -2.80 -18.61
N SER I 78 -32.28 -1.85 -17.89
CA SER I 78 -33.02 -1.15 -16.84
C SER I 78 -34.25 -0.47 -17.41
N GLY I 79 -34.16 0.02 -18.65
CA GLY I 79 -35.29 0.60 -19.33
C GLY I 79 -35.27 0.22 -20.79
N PRO I 80 -36.26 0.68 -21.55
CA PRO I 80 -36.24 0.48 -22.99
C PRO I 80 -34.95 1.00 -23.60
N CYS I 81 -34.39 0.23 -24.52
CA CYS I 81 -33.22 0.66 -25.26
C CYS I 81 -33.64 1.17 -26.64
N ARG I 82 -32.70 1.23 -27.59
CA ARG I 82 -32.97 1.59 -28.97
C ARG I 82 -32.07 0.75 -29.87
N ARG I 83 -32.64 -0.08 -30.74
CA ARG I 83 -31.86 -0.87 -31.67
C ARG I 83 -31.06 0.01 -32.62
N LEU I 84 -29.76 -0.26 -32.70
CA LEU I 84 -28.90 0.45 -33.63
C LEU I 84 -28.64 -0.30 -34.93
N GLY I 85 -28.69 -1.62 -34.91
CA GLY I 85 -28.48 -2.39 -36.12
C GLY I 85 -28.79 -3.84 -35.87
N HIS I 86 -29.02 -4.56 -36.97
CA HIS I 86 -29.38 -5.96 -36.92
C HIS I 86 -28.71 -6.72 -38.04
N LYS I 87 -28.11 -7.86 -37.72
CA LYS I 87 -27.38 -8.65 -38.69
C LYS I 87 -27.25 -10.08 -38.16
N GLY I 88 -28.15 -10.95 -38.61
CA GLY I 88 -28.05 -12.35 -38.24
C GLY I 88 -28.13 -12.54 -36.75
N TYR I 89 -27.10 -13.20 -36.22
CA TYR I 89 -27.00 -13.52 -34.80
C TYR I 89 -26.54 -12.37 -33.93
N PHE I 90 -26.39 -11.17 -34.46
CA PHE I 90 -25.88 -10.05 -33.67
C PHE I 90 -26.84 -8.87 -33.70
N LEU I 91 -26.95 -8.17 -32.58
CA LEU I 91 -27.74 -6.95 -32.50
C LEU I 91 -26.92 -5.86 -31.83
N LEU I 92 -27.03 -4.65 -32.35
CA LEU I 92 -26.39 -3.51 -31.73
C LEU I 92 -27.44 -2.57 -31.17
N ALA I 93 -27.21 -2.09 -29.95
CA ALA I 93 -28.17 -1.17 -29.35
C ALA I 93 -27.49 -0.36 -28.26
N GLN I 94 -28.07 0.80 -28.00
CA GLN I 94 -27.66 1.68 -26.92
C GLN I 94 -28.66 1.55 -25.77
N CYS I 95 -28.15 1.36 -24.56
CA CYS I 95 -29.03 1.08 -23.44
C CYS I 95 -28.68 1.98 -22.26
N PRO I 96 -29.67 2.31 -21.42
CA PRO I 96 -29.37 2.98 -20.17
C PRO I 96 -28.62 2.04 -19.24
N PRO I 97 -27.79 2.57 -18.35
CA PRO I 97 -27.06 1.73 -17.40
C PRO I 97 -27.96 0.75 -16.67
N GLY I 98 -27.55 -0.52 -16.68
CA GLY I 98 -28.37 -1.57 -16.10
C GLY I 98 -27.55 -2.76 -15.68
N ASP I 99 -28.20 -3.64 -14.92
CA ASP I 99 -27.58 -4.88 -14.48
C ASP I 99 -27.81 -6.06 -15.40
N SER I 100 -28.81 -6.00 -16.27
CA SER I 100 -29.12 -7.17 -17.08
C SER I 100 -29.62 -6.75 -18.45
N VAL I 101 -29.23 -7.51 -19.46
CA VAL I 101 -29.72 -7.29 -20.82
C VAL I 101 -30.85 -8.27 -21.06
N THR I 102 -31.97 -7.77 -21.55
CA THR I 102 -33.14 -8.59 -21.83
C THR I 102 -33.57 -8.40 -23.27
N VAL I 103 -33.66 -9.49 -24.01
CA VAL I 103 -34.20 -9.47 -25.36
C VAL I 103 -35.65 -9.94 -25.31
N SER I 104 -36.54 -9.16 -25.89
CA SER I 104 -37.98 -9.43 -25.87
C SER I 104 -38.50 -9.48 -27.30
N ILE I 105 -38.51 -10.67 -27.90
CA ILE I 105 -39.14 -10.88 -29.19
C ILE I 105 -40.65 -10.90 -29.03
N THR I 106 -41.11 -10.72 -27.80
CA THR I 106 -42.53 -10.85 -27.55
C THR I 106 -43.34 -9.84 -28.36
N SER I 107 -44.56 -10.24 -28.68
CA SER I 107 -45.49 -9.41 -29.40
C SER I 107 -46.87 -9.83 -28.93
N GLY I 108 -47.60 -8.88 -28.37
CA GLY I 108 -48.90 -9.15 -27.80
C GLY I 108 -48.87 -10.28 -26.78
N ALA I 109 -49.50 -11.39 -27.12
CA ALA I 109 -49.45 -12.58 -26.27
C ALA I 109 -48.07 -13.22 -26.19
N SER I 110 -47.29 -13.18 -27.28
CA SER I 110 -46.19 -14.14 -27.47
C SER I 110 -44.97 -13.79 -26.63
N GLU I 111 -45.07 -14.07 -25.32
CA GLU I 111 -44.24 -13.44 -24.29
C GLU I 111 -42.85 -14.06 -24.19
N ASN I 112 -42.30 -14.50 -25.30
CA ASN I 112 -40.93 -15.03 -25.33
C ASN I 112 -39.92 -13.92 -25.02
N SER I 113 -39.09 -14.13 -23.99
CA SER I 113 -38.00 -13.22 -23.66
C SER I 113 -36.98 -13.83 -22.71
N CYS I 114 -35.69 -13.70 -23.02
CA CYS I 114 -34.62 -14.16 -22.15
C CYS I 114 -33.80 -13.00 -21.59
N THR I 115 -33.13 -13.28 -20.46
CA THR I 115 -32.34 -12.30 -19.74
C THR I 115 -31.02 -12.92 -19.27
N VAL I 116 -29.91 -12.24 -19.52
CA VAL I 116 -28.61 -12.62 -18.94
C VAL I 116 -28.09 -11.47 -18.10
N GLU I 117 -27.40 -11.79 -17.01
CA GLU I 117 -26.84 -10.78 -16.13
C GLU I 117 -25.59 -10.18 -16.73
N LYS I 118 -25.65 -8.90 -17.09
CA LYS I 118 -24.48 -8.18 -17.55
C LYS I 118 -24.47 -6.81 -16.91
N LYS I 119 -23.44 -6.54 -16.12
CA LYS I 119 -23.27 -5.21 -15.55
C LYS I 119 -23.05 -4.19 -16.65
N ILE I 120 -23.93 -3.20 -16.72
CA ILE I 120 -23.81 -2.06 -17.63
C ILE I 120 -23.89 -0.78 -16.83
N ARG I 121 -22.85 0.04 -16.92
CA ARG I 121 -22.82 1.31 -16.22
C ARG I 121 -22.38 2.39 -17.20
N ARG I 122 -23.00 3.55 -17.09
CA ARG I 122 -22.58 4.69 -17.89
C ARG I 122 -21.09 4.92 -17.73
N LYS I 123 -20.42 5.09 -18.87
CA LYS I 123 -19.00 5.39 -18.89
C LYS I 123 -18.78 6.74 -19.56
N PHE I 124 -17.65 7.34 -19.27
CA PHE I 124 -17.26 8.61 -19.85
C PHE I 124 -15.82 8.50 -20.36
N VAL I 125 -15.51 9.32 -21.34
CA VAL I 125 -14.17 9.41 -21.90
C VAL I 125 -13.57 10.77 -21.58
N GLY I 126 -12.32 10.78 -21.18
CA GLY I 126 -11.62 12.00 -20.82
C GLY I 126 -11.42 12.07 -19.33
N ARG I 127 -10.92 13.23 -18.87
CA ARG I 127 -10.58 13.37 -17.41
C ARG I 127 -11.75 13.98 -16.64
N GLU I 128 -12.83 14.35 -17.32
CA GLU I 128 -13.98 14.94 -16.67
C GLU I 128 -15.19 14.09 -17.02
N GLU I 129 -16.01 13.77 -16.04
CA GLU I 129 -17.24 13.08 -16.38
C GLU I 129 -18.23 14.04 -16.99
N TYR I 130 -18.98 13.53 -17.96
CA TYR I 130 -20.03 14.29 -18.60
C TYR I 130 -21.29 13.46 -18.69
N LEU I 131 -22.44 14.01 -18.32
CA LEU I 131 -23.71 13.30 -18.48
C LEU I 131 -24.21 13.25 -19.91
N PHE I 132 -23.86 14.24 -20.73
CA PHE I 132 -24.16 14.29 -22.16
C PHE I 132 -22.98 14.84 -22.92
N PRO I 133 -22.72 14.41 -24.16
CA PRO I 133 -21.72 15.04 -24.99
C PRO I 133 -21.94 16.56 -24.98
N PRO I 134 -20.98 17.36 -24.52
CA PRO I 134 -21.19 18.78 -24.30
C PRO I 134 -21.05 19.55 -25.61
N VAL I 135 -21.68 20.73 -25.70
CA VAL I 135 -21.64 21.53 -26.93
C VAL I 135 -20.24 22.07 -27.17
N HIS I 136 -19.69 22.77 -26.18
CA HIS I 136 -18.37 23.35 -26.29
C HIS I 136 -17.31 22.40 -25.77
N GLY I 137 -16.07 22.66 -26.17
CA GLY I 137 -14.96 21.90 -25.64
C GLY I 137 -14.07 21.19 -26.64
N LYS I 138 -12.85 20.88 -26.22
CA LYS I 138 -11.89 20.20 -27.07
C LYS I 138 -12.42 18.83 -27.49
N LEU I 139 -12.00 18.40 -28.68
CA LEU I 139 -12.33 17.08 -29.20
C LEU I 139 -11.15 16.15 -29.08
N VAL I 140 -11.38 14.95 -28.55
CA VAL I 140 -10.33 13.94 -28.37
C VAL I 140 -10.71 12.68 -29.14
N LYS I 141 -9.72 11.81 -29.33
CA LYS I 141 -9.92 10.56 -30.05
C LYS I 141 -10.65 9.53 -29.18
N CYS I 142 -11.52 8.74 -29.82
CA CYS I 142 -12.26 7.70 -29.12
C CYS I 142 -12.55 6.56 -30.09
N HIS I 143 -13.13 5.48 -29.57
CA HIS I 143 -13.53 4.34 -30.40
C HIS I 143 -14.94 3.88 -30.08
N VAL I 144 -15.76 3.71 -31.11
CA VAL I 144 -17.14 3.28 -30.93
C VAL I 144 -17.43 2.18 -31.95
N TYR I 145 -18.49 1.43 -31.66
CA TYR I 145 -18.94 0.39 -32.56
C TYR I 145 -19.55 0.99 -33.83
N ASP I 146 -19.18 0.42 -34.98
CA ASP I 146 -19.71 0.89 -36.25
C ASP I 146 -21.13 0.42 -36.48
N HIS I 147 -21.93 1.26 -37.13
CA HIS I 147 -23.29 0.92 -37.51
C HIS I 147 -23.38 0.25 -38.87
N LEU I 148 -22.28 0.15 -39.61
CA LEU I 148 -22.32 -0.52 -40.90
C LEU I 148 -22.30 -2.03 -40.74
N LYS I 149 -23.34 -2.69 -41.24
CA LYS I 149 -23.46 -4.14 -41.06
C LYS I 149 -22.30 -4.87 -41.71
N GLU I 150 -21.74 -4.29 -42.76
CA GLU I 150 -20.64 -4.91 -43.48
C GLU I 150 -19.39 -5.08 -42.61
N THR I 151 -18.98 -4.01 -41.92
CA THR I 151 -17.70 -4.03 -41.23
C THR I 151 -17.65 -5.19 -40.23
N SER I 152 -16.56 -5.95 -40.29
CA SER I 152 -16.47 -7.24 -39.61
C SER I 152 -15.51 -7.19 -38.44
N ALA I 153 -15.97 -7.63 -37.28
CA ALA I 153 -15.17 -7.65 -36.06
C ALA I 153 -14.48 -8.98 -35.82
N GLY I 154 -14.78 -10.00 -36.60
CA GLY I 154 -14.20 -11.31 -36.39
C GLY I 154 -15.07 -12.36 -37.06
N TYR I 155 -14.88 -13.61 -36.65
CA TYR I 155 -15.79 -14.66 -37.10
C TYR I 155 -16.03 -15.68 -36.01
N ILE I 156 -17.15 -16.38 -36.14
CA ILE I 156 -17.51 -17.50 -35.29
C ILE I 156 -17.59 -18.74 -36.16
N THR I 157 -16.99 -19.83 -35.71
CA THR I 157 -16.98 -21.07 -36.47
C THR I 157 -18.25 -21.87 -36.19
N MET I 158 -19.07 -22.06 -37.22
CA MET I 158 -20.26 -22.89 -37.13
C MET I 158 -20.00 -24.29 -37.64
N HIS I 159 -20.73 -25.26 -37.11
CA HIS I 159 -20.53 -26.66 -37.45
C HIS I 159 -21.86 -27.33 -37.80
N ARG I 160 -21.76 -28.59 -38.20
CA ARG I 160 -22.93 -29.38 -38.55
C ARG I 160 -23.80 -29.65 -37.33
N PRO I 161 -25.12 -29.63 -37.50
CA PRO I 161 -26.02 -29.78 -36.35
C PRO I 161 -26.01 -31.20 -35.82
N GLY I 162 -25.77 -31.33 -34.52
CA GLY I 162 -25.81 -32.60 -33.85
C GLY I 162 -27.22 -33.14 -33.69
N PRO I 163 -27.32 -34.46 -33.56
CA PRO I 163 -28.64 -35.09 -33.50
C PRO I 163 -29.48 -34.55 -32.36
N HIS I 164 -30.67 -34.08 -32.70
CA HIS I 164 -31.64 -33.62 -31.73
C HIS I 164 -32.80 -34.60 -31.69
N ALA I 165 -32.92 -35.34 -30.59
CA ALA I 165 -33.99 -36.31 -30.46
C ALA I 165 -35.25 -35.64 -29.93
N TYR I 166 -36.39 -35.99 -30.49
CA TYR I 166 -37.64 -35.41 -30.03
C TYR I 166 -38.57 -36.56 -29.61
N LYS I 167 -39.13 -36.45 -28.40
CA LYS I 167 -39.84 -37.58 -27.81
C LYS I 167 -41.05 -38.03 -28.62
N SER I 168 -41.80 -37.09 -29.18
CA SER I 168 -43.01 -37.42 -29.94
C SER I 168 -42.77 -38.44 -31.04
N TYR I 169 -41.59 -38.42 -31.67
CA TYR I 169 -41.30 -39.39 -32.71
C TYR I 169 -41.45 -40.82 -32.21
N LEU I 170 -41.02 -41.09 -30.98
CA LEU I 170 -41.18 -42.43 -30.44
C LEU I 170 -42.52 -42.58 -29.74
N GLU I 171 -43.09 -43.78 -29.84
CA GLU I 171 -44.37 -44.09 -29.20
C GLU I 171 -44.38 -45.56 -28.81
N GLU I 172 -44.59 -45.85 -27.54
CA GLU I 172 -44.59 -47.22 -27.03
C GLU I 172 -46.02 -47.65 -26.74
N ALA I 173 -46.44 -48.76 -27.35
CA ALA I 173 -47.79 -49.29 -27.17
C ALA I 173 -47.71 -50.71 -26.62
N SER I 174 -48.40 -50.94 -25.48
CA SER I 174 -48.45 -52.26 -24.85
C SER I 174 -47.06 -52.86 -24.69
N GLY I 175 -46.10 -52.03 -24.29
CA GLY I 175 -44.73 -52.49 -24.21
C GLY I 175 -44.05 -52.63 -25.55
N GLU I 176 -44.69 -52.19 -26.63
CA GLU I 176 -44.10 -52.24 -27.97
C GLU I 176 -43.88 -50.80 -28.42
N VAL I 177 -42.63 -50.47 -28.72
CA VAL I 177 -42.27 -49.14 -29.18
C VAL I 177 -42.47 -49.02 -30.68
N TYR I 178 -43.25 -48.02 -31.08
CA TYR I 178 -43.48 -47.67 -32.48
C TYR I 178 -42.91 -46.28 -32.73
N ILE I 179 -41.87 -46.23 -33.58
CA ILE I 179 -41.40 -44.95 -34.10
C ILE I 179 -42.44 -44.40 -35.07
N LYS I 180 -42.86 -43.15 -34.85
CA LYS I 180 -43.84 -42.49 -35.70
C LYS I 180 -43.20 -41.28 -36.37
N PRO I 181 -42.45 -41.48 -37.45
CA PRO I 181 -41.83 -40.35 -38.12
C PRO I 181 -42.88 -39.42 -38.69
N PRO I 182 -42.60 -38.12 -38.75
CA PRO I 182 -43.51 -37.20 -39.43
C PRO I 182 -43.67 -37.61 -40.89
N SER I 183 -44.84 -37.28 -41.44
CA SER I 183 -45.13 -37.60 -42.83
C SER I 183 -44.08 -36.99 -43.75
N GLY I 184 -43.56 -37.80 -44.66
CA GLY I 184 -42.50 -37.34 -45.54
C GLY I 184 -41.22 -36.98 -44.84
N LYS I 185 -41.03 -37.45 -43.61
CA LYS I 185 -39.86 -37.12 -42.81
C LYS I 185 -39.21 -38.40 -42.29
N ASN I 186 -38.39 -39.02 -43.14
CA ASN I 186 -37.64 -40.19 -42.73
C ASN I 186 -36.83 -39.88 -41.46
N VAL I 187 -37.05 -40.68 -40.42
CA VAL I 187 -36.41 -40.50 -39.13
C VAL I 187 -35.45 -41.66 -38.89
N THR I 188 -34.22 -41.35 -38.49
CA THR I 188 -33.28 -42.40 -38.10
C THR I 188 -33.65 -42.92 -36.72
N TYR I 189 -34.21 -44.12 -36.66
CA TYR I 189 -34.64 -44.74 -35.40
C TYR I 189 -33.54 -45.67 -34.89
N GLU I 190 -32.50 -45.06 -34.33
CA GLU I 190 -31.40 -45.81 -33.73
C GLU I 190 -31.73 -46.13 -32.28
N CYS I 191 -31.74 -47.43 -31.96
CA CYS I 191 -32.16 -47.90 -30.65
C CYS I 191 -31.27 -49.08 -30.26
N LYS I 192 -31.23 -49.38 -28.97
CA LYS I 192 -30.45 -50.53 -28.49
C LYS I 192 -31.05 -51.10 -27.21
N CYS I 193 -31.83 -52.17 -27.36
CA CYS I 193 -32.46 -52.85 -26.24
C CYS I 193 -31.74 -54.17 -26.00
N GLY I 194 -30.50 -54.07 -25.54
CA GLY I 194 -29.64 -55.21 -25.40
C GLY I 194 -28.80 -55.50 -26.62
N ASP I 195 -29.16 -54.92 -27.76
CA ASP I 195 -28.44 -55.10 -29.01
C ASP I 195 -28.64 -53.87 -29.87
N TYR I 196 -27.59 -53.48 -30.58
CA TYR I 196 -27.65 -52.28 -31.41
C TYR I 196 -28.65 -52.46 -32.54
N SER I 197 -29.52 -51.47 -32.73
CA SER I 197 -30.55 -51.54 -33.77
C SER I 197 -30.77 -50.15 -34.34
N THR I 198 -30.18 -49.89 -35.50
CA THR I 198 -30.28 -48.58 -36.13
C THR I 198 -31.36 -48.63 -37.22
N GLY I 199 -31.08 -48.04 -38.36
CA GLY I 199 -32.01 -48.03 -39.47
C GLY I 199 -32.79 -46.74 -39.56
N ILE I 200 -33.43 -46.57 -40.71
CA ILE I 200 -34.27 -45.41 -40.99
C ILE I 200 -35.59 -45.90 -41.56
N VAL I 201 -36.69 -45.38 -41.02
CA VAL I 201 -38.01 -45.70 -41.54
C VAL I 201 -38.77 -44.40 -41.73
N SER I 202 -39.84 -44.47 -42.52
CA SER I 202 -40.77 -43.36 -42.67
C SER I 202 -42.20 -43.75 -42.30
N THR I 203 -42.42 -44.94 -41.76
CA THR I 203 -43.74 -45.40 -41.40
C THR I 203 -43.75 -45.86 -39.95
N ARG I 204 -44.95 -45.89 -39.36
CA ARG I 204 -45.07 -46.40 -38.00
C ARG I 204 -44.53 -47.82 -37.95
N THR I 205 -43.32 -47.95 -37.44
CA THR I 205 -42.59 -49.21 -37.43
C THR I 205 -42.32 -49.59 -35.98
N LYS I 206 -42.86 -50.73 -35.56
CA LYS I 206 -42.50 -51.26 -34.26
C LYS I 206 -41.04 -51.69 -34.28
N MET I 207 -40.25 -51.12 -33.38
CA MET I 207 -38.87 -51.58 -33.23
C MET I 207 -38.88 -52.95 -32.58
N ASN I 208 -38.55 -53.97 -33.35
CA ASN I 208 -38.53 -55.33 -32.83
C ASN I 208 -37.40 -55.50 -31.82
N GLY I 209 -37.58 -56.50 -30.96
CA GLY I 209 -36.60 -56.70 -29.90
C GLY I 209 -36.45 -55.54 -28.96
N CYS I 210 -37.47 -54.70 -28.83
CA CYS I 210 -37.39 -53.51 -28.00
C CYS I 210 -38.72 -53.25 -27.32
N THR I 211 -38.68 -53.03 -26.01
CA THR I 211 -39.88 -52.80 -25.23
C THR I 211 -39.86 -51.54 -24.39
N LYS I 212 -38.71 -50.93 -24.16
CA LYS I 212 -38.61 -49.74 -23.32
C LYS I 212 -38.24 -48.53 -24.16
N ALA I 213 -39.10 -47.51 -24.11
CA ALA I 213 -38.80 -46.27 -24.81
C ALA I 213 -37.51 -45.65 -24.29
N LYS I 214 -37.16 -45.94 -23.04
CA LYS I 214 -35.88 -45.51 -22.49
C LYS I 214 -34.70 -46.03 -23.30
N GLN I 215 -34.90 -47.08 -24.08
CA GLN I 215 -33.84 -47.62 -24.91
C GLN I 215 -33.87 -47.17 -26.36
N CYS I 216 -34.85 -46.36 -26.78
CA CYS I 216 -34.93 -45.95 -28.17
C CYS I 216 -34.98 -44.44 -28.28
N ILE I 217 -34.28 -43.89 -29.28
CA ILE I 217 -34.38 -42.47 -29.61
C ILE I 217 -34.62 -42.30 -31.10
N ALA I 218 -35.51 -41.39 -31.46
CA ALA I 218 -35.88 -41.11 -32.84
C ALA I 218 -35.54 -39.67 -33.18
N TYR I 219 -34.78 -39.46 -34.26
CA TYR I 219 -34.44 -38.10 -34.67
C TYR I 219 -34.32 -38.03 -36.18
N LYS I 220 -34.69 -36.88 -36.74
CA LYS I 220 -34.55 -36.65 -38.18
C LYS I 220 -33.17 -36.09 -38.53
N ARG I 221 -32.95 -35.93 -39.84
CA ARG I 221 -31.69 -35.42 -40.41
C ARG I 221 -31.91 -34.12 -41.20
N ASP I 222 -31.74 -32.98 -40.54
CA ASP I 222 -31.82 -31.67 -41.19
C ASP I 222 -30.45 -31.00 -41.29
N GLN I 223 -29.42 -31.81 -41.59
CA GLN I 223 -28.04 -31.38 -41.56
C GLN I 223 -27.70 -30.27 -42.54
N THR I 224 -28.55 -30.02 -43.54
CA THR I 224 -28.30 -28.93 -44.49
C THR I 224 -28.13 -27.57 -43.81
N LYS I 225 -28.96 -27.26 -42.83
CA LYS I 225 -28.76 -26.04 -42.06
C LYS I 225 -27.50 -26.13 -41.20
N TRP I 226 -26.88 -24.97 -40.97
CA TRP I 226 -25.68 -24.85 -40.15
C TRP I 226 -26.02 -24.12 -38.86
N VAL I 227 -25.38 -24.52 -37.78
CA VAL I 227 -25.57 -23.93 -36.46
C VAL I 227 -24.25 -23.43 -35.91
N PHE I 228 -24.36 -22.39 -35.10
CA PHE I 228 -23.23 -21.86 -34.36
C PHE I 228 -22.70 -22.84 -33.33
N ASN I 229 -21.42 -22.68 -33.02
CA ASN I 229 -20.78 -23.48 -31.99
C ASN I 229 -21.30 -23.05 -30.64
N SER I 230 -22.51 -23.35 -30.39
CA SER I 230 -23.18 -22.98 -29.16
C SER I 230 -23.19 -24.16 -28.20
N PRO I 231 -22.79 -23.94 -26.98
CA PRO I 231 -22.65 -25.06 -26.06
C PRO I 231 -23.99 -25.61 -25.61
N ASP I 232 -25.08 -25.28 -26.30
CA ASP I 232 -26.36 -25.84 -25.92
C ASP I 232 -26.83 -26.91 -26.89
N LEU I 233 -25.99 -27.29 -27.85
CA LEU I 233 -26.30 -28.39 -28.76
C LEU I 233 -25.26 -29.48 -28.58
N ILE I 234 -25.71 -30.73 -28.51
CA ILE I 234 -24.77 -31.82 -28.58
C ILE I 234 -24.07 -31.80 -29.93
N ARG I 235 -22.75 -31.82 -29.92
CA ARG I 235 -22.01 -31.76 -31.17
C ARG I 235 -22.28 -33.01 -31.99
N HIS I 236 -22.27 -32.86 -33.31
CA HIS I 236 -22.42 -34.03 -34.15
C HIS I 236 -21.08 -34.75 -34.31
N THR I 237 -21.15 -35.91 -34.95
CA THR I 237 -20.00 -36.79 -35.15
C THR I 237 -18.74 -36.06 -35.58
N ASP I 238 -18.85 -35.19 -36.57
CA ASP I 238 -17.77 -34.28 -36.91
C ASP I 238 -18.11 -32.87 -36.48
N HIS I 239 -17.17 -32.24 -35.78
CA HIS I 239 -17.33 -30.88 -35.27
C HIS I 239 -16.29 -29.93 -35.86
N SER I 240 -15.72 -30.27 -37.00
CA SER I 240 -14.81 -29.36 -37.70
C SER I 240 -15.56 -28.20 -38.34
N VAL I 241 -14.83 -27.11 -38.55
CA VAL I 241 -15.34 -25.85 -39.08
C VAL I 241 -16.11 -26.05 -40.37
N GLN I 242 -17.43 -25.87 -40.30
CA GLN I 242 -18.26 -25.87 -41.49
C GLN I 242 -18.26 -24.53 -42.21
N GLY I 243 -18.35 -23.42 -41.48
CA GLY I 243 -18.25 -22.11 -42.09
C GLY I 243 -17.92 -21.03 -41.08
N LYS I 244 -17.68 -19.82 -41.60
CA LYS I 244 -17.42 -18.65 -40.78
C LYS I 244 -18.33 -17.51 -41.19
N LEU I 245 -18.97 -16.89 -40.20
CA LEU I 245 -19.79 -15.69 -40.38
C LEU I 245 -19.09 -14.50 -39.76
N HIS I 246 -19.03 -13.40 -40.51
CA HIS I 246 -18.38 -12.21 -39.99
C HIS I 246 -19.13 -11.65 -38.77
N ILE I 247 -18.37 -11.12 -37.83
CA ILE I 247 -18.92 -10.45 -36.65
C ILE I 247 -19.17 -9.00 -37.04
N PRO I 248 -20.40 -8.53 -37.07
CA PRO I 248 -20.67 -7.18 -37.53
C PRO I 248 -20.37 -6.14 -36.46
N PHE I 249 -20.64 -4.89 -36.81
CA PHE I 249 -20.47 -3.75 -35.91
C PHE I 249 -19.04 -3.63 -35.39
N ARG I 250 -18.09 -3.60 -36.31
CA ARG I 250 -16.69 -3.59 -35.90
C ARG I 250 -16.36 -2.28 -35.20
N LEU I 251 -15.61 -2.39 -34.10
CA LEU I 251 -15.11 -1.21 -33.41
C LEU I 251 -14.08 -0.45 -34.24
N THR I 252 -14.27 0.87 -34.31
CA THR I 252 -13.48 1.78 -35.11
C THR I 252 -13.17 3.06 -34.36
N PRO I 253 -12.00 3.64 -34.56
CA PRO I 253 -11.69 4.95 -33.98
C PRO I 253 -12.59 6.06 -34.51
N THR I 254 -12.79 7.07 -33.67
CA THR I 254 -13.54 8.27 -34.04
C THR I 254 -13.20 9.38 -33.06
N VAL I 255 -13.78 10.56 -33.29
CA VAL I 255 -13.64 11.72 -32.42
C VAL I 255 -14.83 11.86 -31.49
N CYS I 256 -14.57 12.31 -30.25
CA CYS I 256 -15.60 12.53 -29.25
C CYS I 256 -15.40 13.90 -28.61
N PRO I 257 -16.46 14.71 -28.49
CA PRO I 257 -16.34 15.98 -27.76
C PRO I 257 -16.32 15.74 -26.26
N VAL I 258 -15.40 16.40 -25.56
CA VAL I 258 -15.34 16.34 -24.10
C VAL I 258 -15.44 17.75 -23.53
N PRO I 259 -15.90 17.91 -22.30
CA PRO I 259 -16.09 19.25 -21.76
C PRO I 259 -14.75 19.89 -21.41
N LEU I 260 -14.80 21.19 -21.17
CA LEU I 260 -13.68 21.94 -20.62
C LEU I 260 -14.09 22.57 -19.30
N ALA I 261 -13.20 22.49 -18.33
CA ALA I 261 -13.52 22.97 -17.00
C ALA I 261 -13.37 24.48 -16.91
N HIS I 262 -13.74 25.01 -15.75
CA HIS I 262 -13.55 26.41 -15.44
C HIS I 262 -12.09 26.67 -15.11
N THR I 263 -11.47 27.59 -15.83
CA THR I 263 -10.06 27.89 -15.59
C THR I 263 -9.82 28.24 -14.13
N PRO I 264 -8.85 27.61 -13.48
CA PRO I 264 -8.68 27.80 -12.05
C PRO I 264 -8.12 29.17 -11.72
N THR I 265 -8.68 29.82 -10.71
CA THR I 265 -8.07 31.04 -10.19
C THR I 265 -6.79 30.67 -9.44
N VAL I 266 -5.71 31.37 -9.73
CA VAL I 266 -4.40 31.07 -9.15
C VAL I 266 -4.02 32.14 -8.14
N THR I 267 -3.81 31.75 -6.91
CA THR I 267 -3.26 32.63 -5.89
C THR I 267 -1.78 32.32 -5.70
N LYS I 268 -0.93 33.32 -5.87
CA LYS I 268 0.50 33.10 -5.80
C LYS I 268 0.98 33.39 -4.38
N TRP I 269 1.74 32.47 -3.80
CA TRP I 269 2.38 32.74 -2.52
C TRP I 269 3.80 32.18 -2.53
N PHE I 270 4.56 32.54 -1.50
CA PHE I 270 5.97 32.18 -1.42
C PHE I 270 6.22 30.69 -1.53
N LYS I 271 6.93 30.29 -2.58
CA LYS I 271 7.22 28.90 -2.89
C LYS I 271 5.97 28.02 -2.84
N GLY I 272 4.87 28.54 -3.35
CA GLY I 272 3.67 27.73 -3.39
C GLY I 272 2.53 28.37 -4.13
N ILE I 273 1.66 27.55 -4.70
CA ILE I 273 0.49 28.06 -5.40
C ILE I 273 -0.75 27.38 -4.83
N THR I 274 -1.83 28.13 -4.77
CA THR I 274 -3.14 27.62 -4.37
C THR I 274 -4.07 27.67 -5.57
N LEU I 275 -4.66 26.53 -5.91
CA LEU I 275 -5.56 26.44 -7.04
C LEU I 275 -6.99 26.51 -6.53
N HIS I 276 -7.68 27.61 -6.82
CA HIS I 276 -9.11 27.70 -6.52
C HIS I 276 -9.90 27.14 -7.71
N LEU I 277 -9.77 25.84 -7.89
CA LEU I 277 -10.50 25.20 -8.97
C LEU I 277 -11.94 24.98 -8.57
N THR I 278 -12.79 24.82 -9.59
CA THR I 278 -14.22 24.69 -9.41
C THR I 278 -14.80 23.79 -10.48
N ALA I 279 -15.52 22.75 -10.07
CA ALA I 279 -16.11 21.85 -11.04
C ALA I 279 -17.31 21.15 -10.43
N THR I 280 -18.42 21.14 -11.15
CA THR I 280 -19.68 20.54 -10.70
C THR I 280 -19.61 19.03 -10.68
N ARG I 281 -19.10 18.46 -11.77
CA ARG I 281 -18.94 16.99 -11.87
C ARG I 281 -17.47 16.62 -11.59
N PRO I 282 -17.16 15.35 -11.27
CA PRO I 282 -15.79 14.91 -10.98
C PRO I 282 -14.84 15.31 -12.07
N THR I 283 -13.78 16.01 -11.67
CA THR I 283 -12.75 16.46 -12.59
C THR I 283 -11.38 16.07 -12.06
N LEU I 284 -10.56 15.44 -12.90
CA LEU I 284 -9.24 14.94 -12.43
C LEU I 284 -8.19 16.06 -12.49
N LEU I 285 -7.36 16.18 -11.46
CA LEU I 285 -6.26 17.18 -11.47
C LEU I 285 -4.94 16.45 -11.20
N THR I 286 -3.95 16.63 -12.09
CA THR I 286 -2.64 15.95 -11.92
C THR I 286 -1.52 16.99 -11.95
N THR I 287 -0.71 17.06 -10.89
CA THR I 287 0.43 18.01 -10.84
C THR I 287 1.73 17.22 -10.60
N ARG I 288 2.71 17.38 -11.50
CA ARG I 288 4.02 16.68 -11.33
C ARG I 288 5.14 17.73 -11.27
N LYS I 289 6.13 17.51 -10.41
CA LYS I 289 7.29 18.46 -10.32
C LYS I 289 8.16 18.28 -11.56
N LEU I 290 8.76 19.38 -12.06
CA LEU I 290 9.57 19.31 -13.30
C LEU I 290 10.99 18.86 -12.99
N GLY I 291 11.22 18.28 -11.80
CA GLY I 291 12.54 17.86 -11.45
C GLY I 291 12.70 16.36 -11.37
N LEU I 292 13.85 15.94 -10.83
CA LEU I 292 14.13 14.51 -10.71
C LEU I 292 13.10 13.80 -9.84
N ARG I 293 12.70 14.42 -8.74
CA ARG I 293 11.63 13.89 -7.91
C ARG I 293 10.29 14.24 -8.53
N ALA I 294 9.68 13.30 -9.24
CA ALA I 294 8.39 13.55 -9.92
C ALA I 294 7.38 14.09 -8.91
N ASP I 295 7.17 13.35 -7.80
CA ASP I 295 6.22 13.79 -6.74
C ASP I 295 4.88 14.16 -7.41
N ALA I 296 4.41 13.32 -8.33
CA ALA I 296 3.15 13.61 -9.04
C ALA I 296 1.97 13.53 -8.05
N THR I 297 1.03 14.47 -8.15
CA THR I 297 -0.17 14.45 -7.27
C THR I 297 -1.41 14.16 -8.11
N ALA I 298 -2.21 13.17 -7.72
CA ALA I 298 -3.42 12.80 -8.48
C ALA I 298 -4.63 12.74 -7.53
N GLU I 299 -5.71 13.44 -7.87
CA GLU I 299 -6.90 13.45 -7.04
C GLU I 299 -8.09 13.91 -7.86
N TRP I 300 -9.19 13.17 -7.80
CA TRP I 300 -10.44 13.63 -8.38
C TRP I 300 -11.09 14.64 -7.44
N ILE I 301 -11.48 15.79 -7.96
CA ILE I 301 -12.05 16.86 -7.15
C ILE I 301 -13.48 17.11 -7.56
N THR I 302 -14.33 17.38 -6.59
CA THR I 302 -15.71 17.76 -6.81
C THR I 302 -16.02 19.00 -6.00
N GLY I 303 -16.91 19.83 -6.51
CA GLY I 303 -17.25 21.08 -5.86
C GLY I 303 -16.21 22.15 -6.04
N THR I 304 -15.94 22.90 -4.98
CA THR I 304 -14.94 23.94 -4.99
C THR I 304 -13.97 23.71 -3.85
N THR I 305 -12.68 23.93 -4.11
CA THR I 305 -11.70 23.76 -3.06
C THR I 305 -10.45 24.55 -3.42
N SER I 306 -9.49 24.54 -2.51
CA SER I 306 -8.23 25.25 -2.65
C SER I 306 -7.06 24.33 -2.28
N ARG I 307 -6.78 23.35 -3.13
CA ARG I 307 -5.60 22.53 -2.92
C ARG I 307 -4.33 23.38 -2.96
N ASN I 308 -3.38 23.07 -2.06
CA ASN I 308 -2.10 23.83 -2.03
C ASN I 308 -0.99 22.92 -2.57
N PHE I 309 -0.16 23.45 -3.48
CA PHE I 309 0.94 22.64 -4.08
C PHE I 309 2.27 23.36 -3.85
N SER I 310 3.21 22.68 -3.18
CA SER I 310 4.56 23.28 -2.95
C SER I 310 5.25 23.51 -4.29
N VAL I 311 5.80 24.71 -4.50
CA VAL I 311 6.44 25.01 -5.77
C VAL I 311 7.93 25.26 -5.54
N GLY I 312 8.76 24.55 -6.30
CA GLY I 312 10.19 24.76 -6.24
C GLY I 312 10.70 25.58 -7.41
N ARG I 313 11.96 26.00 -7.30
CA ARG I 313 12.58 26.80 -8.35
C ARG I 313 12.55 26.08 -9.69
N GLU I 314 12.68 24.76 -9.67
CA GLU I 314 12.61 23.96 -10.89
C GLU I 314 11.30 24.17 -11.63
N GLY I 315 10.22 24.42 -10.91
CA GLY I 315 8.92 24.65 -11.51
C GLY I 315 7.97 23.47 -11.31
N LEU I 316 6.67 23.76 -11.42
CA LEU I 316 5.65 22.70 -11.25
C LEU I 316 4.67 22.77 -12.42
N GLU I 317 4.25 21.60 -12.94
CA GLU I 317 3.28 21.57 -14.07
C GLU I 317 1.96 21.00 -13.54
N TYR I 318 0.85 21.72 -13.76
CA TYR I 318 -0.48 21.26 -13.28
C TYR I 318 -1.42 21.05 -14.47
N VAL I 319 -2.20 19.96 -14.45
CA VAL I 319 -3.13 19.68 -15.53
C VAL I 319 -4.52 19.54 -14.93
N TRP I 320 -5.33 20.55 -15.14
CA TRP I 320 -6.70 20.60 -14.64
C TRP I 320 -7.68 20.30 -15.76
N GLY I 321 -8.32 19.15 -15.67
CA GLY I 321 -9.27 18.82 -16.70
C GLY I 321 -8.58 18.56 -18.03
N ASN I 322 -9.35 18.66 -19.09
CA ASN I 322 -8.82 18.44 -20.42
C ASN I 322 -7.97 19.61 -20.93
N HIS I 323 -7.84 20.68 -20.16
CA HIS I 323 -7.02 21.81 -20.56
C HIS I 323 -5.59 21.38 -20.87
N GLU I 324 -4.95 22.12 -21.77
CA GLU I 324 -3.56 21.89 -22.07
C GLU I 324 -2.72 22.09 -20.81
N PRO I 325 -1.65 21.33 -20.64
CA PRO I 325 -0.83 21.45 -19.44
C PRO I 325 -0.30 22.87 -19.28
N VAL I 326 -0.28 23.34 -18.05
CA VAL I 326 0.25 24.66 -17.71
C VAL I 326 1.46 24.48 -16.81
N ARG I 327 2.51 25.26 -17.07
CA ARG I 327 3.72 25.26 -16.28
C ARG I 327 3.89 26.60 -15.57
N VAL I 328 4.61 26.59 -14.45
CA VAL I 328 4.96 27.81 -13.72
C VAL I 328 6.18 27.50 -12.86
N TRP I 329 6.91 28.56 -12.49
CA TRP I 329 8.18 28.44 -11.79
C TRP I 329 8.19 29.35 -10.57
N ALA I 330 9.05 29.03 -9.61
CA ALA I 330 9.18 29.80 -8.38
C ALA I 330 10.36 30.77 -8.46
N GLN I 331 10.35 31.76 -7.59
CA GLN I 331 11.43 32.73 -7.46
C GLN I 331 11.92 32.81 -6.02
N GLU I 332 12.97 33.60 -5.82
CA GLU I 332 13.58 33.85 -4.52
C GLU I 332 12.95 35.04 -3.80
N SER I 333 11.63 35.10 -3.79
CA SER I 333 10.92 36.19 -3.12
C SER I 333 10.90 35.97 -1.60
N ALA I 334 12.08 35.86 -1.03
CA ALA I 334 12.16 35.59 0.40
C ALA I 334 12.14 36.89 1.21
N PRO I 335 11.29 36.96 2.22
CA PRO I 335 11.31 38.09 3.16
C PRO I 335 12.69 38.32 3.76
N GLY I 336 13.13 39.57 3.75
CA GLY I 336 14.48 39.93 4.15
C GLY I 336 15.25 40.69 3.09
N ASP I 337 16.23 41.49 3.51
CA ASP I 337 17.05 42.24 2.57
C ASP I 337 18.50 41.78 2.62
N PRO I 338 19.06 41.31 1.51
CA PRO I 338 20.48 40.96 1.50
C PRO I 338 21.39 42.14 1.75
N HIS I 339 21.21 43.24 1.02
CA HIS I 339 22.14 44.37 1.08
C HIS I 339 21.80 45.31 2.23
N GLY I 340 21.97 44.80 3.45
CA GLY I 340 21.52 45.55 4.59
C GLY I 340 21.99 44.98 5.90
N TRP I 341 21.24 45.29 6.95
CA TRP I 341 21.60 44.87 8.29
C TRP I 341 21.56 43.35 8.44
N PRO I 342 22.38 42.80 9.33
CA PRO I 342 22.45 41.34 9.49
C PRO I 342 21.14 40.61 9.65
N HIS I 343 20.25 41.06 10.55
CA HIS I 343 18.98 40.36 10.73
C HIS I 343 18.19 40.24 9.43
N GLU I 344 18.24 41.27 8.58
CA GLU I 344 17.56 41.20 7.28
C GLU I 344 18.10 40.09 6.40
N ILE I 345 19.42 40.05 6.22
CA ILE I 345 19.99 39.01 5.38
C ILE I 345 19.83 37.64 6.02
N ILE I 346 19.94 37.57 7.34
CA ILE I 346 19.78 36.31 8.05
C ILE I 346 18.41 35.72 7.76
N ILE I 347 17.35 36.50 7.96
CA ILE I 347 16.00 35.98 7.71
C ILE I 347 15.83 35.65 6.23
N HIS I 348 16.36 36.48 5.34
CA HIS I 348 16.26 36.21 3.92
C HIS I 348 16.85 34.85 3.55
N TYR I 349 18.10 34.62 3.93
CA TYR I 349 18.74 33.35 3.63
C TYR I 349 18.09 32.20 4.36
N TYR I 350 17.62 32.42 5.59
CA TYR I 350 16.94 31.35 6.30
C TYR I 350 15.71 30.88 5.54
N HIS I 351 14.88 31.80 5.08
CA HIS I 351 13.76 31.37 4.26
C HIS I 351 14.22 30.68 3.00
N ARG I 352 15.30 31.17 2.39
CA ARG I 352 15.82 30.48 1.21
C ARG I 352 16.47 29.14 1.55
N HIS I 353 17.39 29.12 2.51
CA HIS I 353 18.08 27.89 2.87
C HIS I 353 18.25 27.75 4.37
N PRO I 354 17.26 27.18 5.05
CA PRO I 354 17.30 27.13 6.52
C PRO I 354 18.50 26.37 7.07
N VAL I 355 18.72 25.15 6.60
CA VAL I 355 19.79 24.31 7.11
C VAL I 355 21.17 24.96 6.94
N TYR I 356 21.49 25.36 5.71
CA TYR I 356 22.78 26.00 5.48
C TYR I 356 22.98 27.22 6.37
N THR I 357 21.96 28.07 6.46
CA THR I 357 22.04 29.25 7.32
C THR I 357 22.33 28.89 8.77
N VAL I 358 21.55 27.96 9.34
CA VAL I 358 21.75 27.57 10.72
C VAL I 358 23.15 26.99 10.93
N ILE I 359 23.58 26.11 10.04
CA ILE I 359 24.91 25.52 10.14
C ILE I 359 26.00 26.59 10.14
N VAL I 360 25.94 27.52 9.19
CA VAL I 360 26.93 28.59 9.14
C VAL I 360 26.93 29.42 10.42
N LEU I 361 25.75 29.85 10.88
CA LEU I 361 25.68 30.61 12.12
C LEU I 361 26.25 29.85 13.31
N CYS I 362 25.91 28.57 13.43
CA CYS I 362 26.50 27.73 14.48
C CYS I 362 28.02 27.68 14.39
N GLY I 363 28.54 27.44 13.18
CA GLY I 363 29.99 27.39 13.01
C GLY I 363 30.68 28.67 13.40
N VAL I 364 30.13 29.81 12.98
CA VAL I 364 30.70 31.10 13.37
C VAL I 364 30.64 31.30 14.88
N ALA I 365 29.48 31.02 15.49
CA ALA I 365 29.39 31.15 16.95
C ALA I 365 30.40 30.28 17.66
N LEU I 366 30.55 29.03 17.22
CA LEU I 366 31.56 28.13 17.77
C LEU I 366 32.97 28.70 17.62
N ALA I 367 33.29 29.25 16.45
CA ALA I 367 34.58 29.89 16.26
C ALA I 367 34.80 31.05 17.22
N ILE I 368 33.77 31.85 17.47
CA ILE I 368 33.85 32.91 18.48
C ILE I 368 34.14 32.33 19.87
N LEU I 369 33.43 31.28 20.24
CA LEU I 369 33.71 30.63 21.53
C LEU I 369 35.13 30.10 21.62
N VAL I 370 35.61 29.45 20.56
CA VAL I 370 37.00 29.02 20.49
C VAL I 370 37.94 30.20 20.67
N GLY I 371 37.65 31.33 20.02
CA GLY I 371 38.44 32.52 20.24
C GLY I 371 38.49 32.93 21.70
N THR I 372 37.33 32.99 22.34
CA THR I 372 37.27 33.34 23.76
C THR I 372 38.15 32.43 24.61
N ALA I 373 37.90 31.12 24.54
CA ALA I 373 38.66 30.17 25.36
C ALA I 373 40.15 30.20 25.05
N SER I 374 40.51 30.17 23.77
CA SER I 374 41.92 30.17 23.39
C SER I 374 42.65 31.42 23.88
N SER I 375 42.04 32.60 23.68
CA SER I 375 42.62 33.83 24.20
C SER I 375 42.76 33.78 25.71
N ALA I 376 41.71 33.36 26.42
CA ALA I 376 41.80 33.26 27.87
C ALA I 376 42.95 32.37 28.32
N ALA I 377 43.09 31.21 27.67
CA ALA I 377 44.20 30.31 27.97
C ALA I 377 45.57 30.92 27.71
N CYS I 378 45.76 31.54 26.54
CA CYS I 378 47.02 32.19 26.25
C CYS I 378 47.35 33.30 27.24
N ILE I 379 46.39 34.19 27.48
CA ILE I 379 46.61 35.29 28.42
C ILE I 379 46.94 34.76 29.82
N ALA I 380 46.16 33.82 30.33
CA ALA I 380 46.41 33.26 31.65
C ALA I 380 47.77 32.59 31.74
N LYS I 381 48.14 31.81 30.73
CA LYS I 381 49.46 31.19 30.71
C LYS I 381 50.58 32.22 30.74
N ALA I 382 50.53 33.21 29.84
CA ALA I 382 51.57 34.23 29.85
C ALA I 382 51.62 35.03 31.14
N ARG I 383 50.47 35.42 31.69
CA ARG I 383 50.44 36.15 32.94
C ARG I 383 51.06 35.35 34.08
N ARG I 384 50.67 34.08 34.20
CA ARG I 384 51.19 33.25 35.32
C ARG I 384 52.70 33.08 35.15
N ASP I 385 53.15 32.92 33.90
CA ASP I 385 54.60 32.71 33.63
C ASP I 385 55.36 34.01 33.88
N CYS I 386 54.73 35.17 33.61
CA CYS I 386 55.46 36.46 33.74
C CYS I 386 55.36 37.00 35.17
N LEU I 387 54.66 36.29 36.07
CA LEU I 387 54.64 36.75 37.48
C LEU I 387 55.40 35.76 38.36
N THR I 388 55.38 34.47 38.02
CA THR I 388 56.01 33.45 38.90
C THR I 388 57.43 33.88 39.33
N PRO I 389 58.35 34.29 38.43
CA PRO I 389 59.70 34.64 38.85
C PRO I 389 59.67 35.80 39.86
N TYR I 390 58.83 36.80 39.60
CA TYR I 390 58.79 37.99 40.50
C TYR I 390 57.88 37.68 41.70
N ALA I 391 56.90 36.80 41.52
CA ALA I 391 56.06 36.41 42.66
C ALA I 391 56.90 35.78 43.76
N LEU I 392 57.87 34.98 43.39
CA LEU I 392 58.83 34.42 44.33
C LEU I 392 59.95 35.40 44.65
N ALA I 393 60.07 36.46 43.88
CA ALA I 393 61.19 37.36 44.05
C ALA I 393 61.13 38.04 45.41
N PRO I 394 62.30 38.37 45.96
CA PRO I 394 62.36 39.18 47.18
C PRO I 394 61.93 40.61 46.92
N ASN I 395 60.89 41.04 47.65
CA ASN I 395 60.38 42.39 47.57
C ASN I 395 60.27 42.86 46.12
N ALA I 396 59.56 42.07 45.31
CA ALA I 396 59.55 42.07 43.86
C ALA I 396 59.78 43.43 43.21
N THR I 397 60.93 43.59 42.56
CA THR I 397 61.32 44.83 41.90
C THR I 397 60.69 44.86 40.51
N VAL I 398 59.38 44.67 40.46
CA VAL I 398 58.63 44.59 39.20
C VAL I 398 58.73 45.90 38.45
N PRO I 399 59.13 45.90 37.18
CA PRO I 399 59.00 47.13 36.38
C PRO I 399 57.55 47.54 36.29
N THR I 400 57.32 48.86 36.30
CA THR I 400 55.95 49.38 36.26
C THR I 400 55.13 48.82 35.12
N ALA I 401 55.70 48.75 33.91
CA ALA I 401 55.00 48.14 32.78
C ALA I 401 54.70 46.68 33.05
N LEU I 402 55.70 45.93 33.48
CA LEU I 402 55.52 44.52 33.79
C LEU I 402 54.58 44.35 34.98
N ALA I 403 54.63 45.25 35.95
CA ALA I 403 53.67 45.25 37.04
C ALA I 403 52.24 45.43 36.53
N VAL I 404 52.04 46.36 35.59
CA VAL I 404 50.74 46.50 34.95
C VAL I 404 50.31 45.22 34.25
N LEU I 405 51.23 44.59 33.52
CA LEU I 405 50.93 43.30 32.88
C LEU I 405 50.52 42.25 33.89
N CYS I 406 51.22 42.16 35.03
CA CYS I 406 50.81 41.22 36.06
C CYS I 406 49.45 41.61 36.64
N CYS I 407 49.22 42.90 36.88
CA CYS I 407 47.91 43.35 37.29
C CYS I 407 46.87 43.11 36.21
N ILE I 408 47.24 43.32 34.96
CA ILE I 408 46.33 43.10 33.84
C ILE I 408 46.68 41.82 33.09
N GLN J 1 -24.93 22.86 -38.83
CA GLN J 1 -25.42 21.66 -39.55
C GLN J 1 -25.93 22.03 -40.95
N LEU J 2 -25.30 21.49 -42.01
CA LEU J 2 -25.82 21.59 -43.37
C LEU J 2 -27.15 20.85 -43.47
N HIS J 3 -28.24 21.59 -43.37
CA HIS J 3 -29.55 21.07 -43.74
C HIS J 3 -29.68 20.91 -45.25
N TYR J 4 -30.18 19.74 -45.67
CA TYR J 4 -30.48 19.47 -47.07
C TYR J 4 -31.87 18.86 -47.19
N THR J 5 -32.45 18.99 -48.38
CA THR J 5 -33.71 18.37 -48.72
C THR J 5 -33.53 17.47 -49.93
N VAL J 6 -34.21 16.33 -49.91
CA VAL J 6 -34.24 15.41 -51.03
C VAL J 6 -35.68 14.93 -51.21
N GLN J 7 -36.07 14.70 -52.45
CA GLN J 7 -37.40 14.14 -52.64
C GLN J 7 -37.34 12.64 -52.40
N GLU J 8 -38.50 12.00 -52.40
CA GLU J 8 -38.47 10.55 -52.27
C GLU J 8 -38.25 9.90 -53.63
N GLU J 9 -38.07 8.57 -53.61
CA GLU J 9 -37.95 7.75 -54.80
C GLU J 9 -36.79 8.17 -55.70
N GLN J 10 -35.80 8.87 -55.15
CA GLN J 10 -34.65 9.27 -55.95
C GLN J 10 -33.84 8.05 -56.33
N GLU J 11 -33.19 8.13 -57.49
CA GLU J 11 -32.38 7.03 -57.96
C GLU J 11 -31.09 6.96 -57.17
N HIS J 12 -30.44 5.80 -57.23
CA HIS J 12 -29.09 5.70 -56.68
C HIS J 12 -28.16 6.65 -57.43
N GLY J 13 -27.09 7.07 -56.75
CA GLY J 13 -26.19 8.05 -57.32
C GLY J 13 -26.76 9.44 -57.52
N THR J 14 -28.01 9.69 -57.14
CA THR J 14 -28.59 11.02 -57.30
C THR J 14 -27.89 12.04 -56.41
N PHE J 15 -27.52 13.16 -57.01
CA PHE J 15 -26.86 14.23 -56.27
C PHE J 15 -27.78 14.82 -55.21
N VAL J 16 -27.21 15.18 -54.06
CA VAL J 16 -27.91 15.96 -53.04
C VAL J 16 -27.23 17.30 -52.77
N GLY J 17 -25.91 17.30 -52.62
CA GLY J 17 -25.22 18.52 -52.23
C GLY J 17 -23.74 18.27 -52.06
N ASN J 18 -22.96 19.37 -52.15
CA ASN J 18 -21.54 19.33 -51.88
C ASN J 18 -21.25 19.89 -50.49
N ILE J 19 -21.10 18.99 -49.52
CA ILE J 19 -20.78 19.37 -48.16
C ILE J 19 -19.45 20.11 -48.10
N ALA J 20 -18.48 19.68 -48.92
CA ALA J 20 -17.14 20.24 -48.89
C ALA J 20 -17.14 21.76 -49.11
N GLU J 21 -17.74 22.22 -50.20
CA GLU J 21 -17.80 23.66 -50.45
C GLU J 21 -18.68 24.38 -49.43
N ASP J 22 -19.85 23.82 -49.13
CA ASP J 22 -20.74 24.45 -48.16
C ASP J 22 -20.06 24.67 -46.82
N LEU J 23 -19.17 23.76 -46.44
CA LEU J 23 -18.36 23.93 -45.23
C LEU J 23 -17.00 24.53 -45.52
N GLY J 24 -16.79 25.05 -46.73
CA GLY J 24 -15.50 25.58 -47.14
C GLY J 24 -14.31 24.69 -46.87
N LEU J 25 -14.53 23.38 -46.89
CA LEU J 25 -13.44 22.44 -46.73
C LEU J 25 -12.60 22.39 -48.00
N ASP J 26 -11.28 22.33 -47.83
CA ASP J 26 -10.41 22.15 -48.99
C ASP J 26 -10.66 20.82 -49.66
N ILE J 27 -11.22 20.88 -50.88
CA ILE J 27 -11.55 19.68 -51.64
C ILE J 27 -10.31 18.85 -51.92
N THR J 28 -9.16 19.51 -52.09
CA THR J 28 -7.90 18.80 -52.33
C THR J 28 -7.38 18.09 -51.08
N LYS J 29 -7.71 18.60 -49.90
CA LYS J 29 -7.20 18.04 -48.65
C LYS J 29 -8.10 16.99 -48.01
N LEU J 30 -9.26 16.69 -48.60
CA LEU J 30 -10.19 15.75 -47.99
C LEU J 30 -9.50 14.42 -47.68
N SER J 31 -8.84 13.85 -48.69
CA SER J 31 -8.08 12.63 -48.47
C SER J 31 -6.93 12.84 -47.50
N ALA J 32 -6.25 13.98 -47.60
CA ALA J 32 -5.13 14.26 -46.70
C ALA J 32 -5.54 14.30 -45.23
N ARG J 33 -6.72 14.84 -44.93
CA ARG J 33 -7.24 14.84 -43.57
C ARG J 33 -8.12 13.66 -43.25
N GLY J 34 -8.05 12.60 -44.05
CA GLY J 34 -8.85 11.41 -43.80
C GLY J 34 -10.34 11.67 -43.69
N PHE J 35 -10.84 12.57 -44.52
CA PHE J 35 -12.25 12.92 -44.53
C PHE J 35 -13.11 11.67 -44.64
N GLN J 36 -13.94 11.43 -43.64
CA GLN J 36 -14.70 10.19 -43.61
C GLN J 36 -15.93 10.35 -42.73
N THR J 37 -16.95 9.58 -43.05
CA THR J 37 -18.16 9.54 -42.24
C THR J 37 -17.88 9.09 -40.82
N VAL J 38 -18.54 9.73 -39.86
CA VAL J 38 -18.51 9.33 -38.46
C VAL J 38 -19.14 7.95 -38.34
N PRO J 39 -18.40 6.94 -37.88
CA PRO J 39 -18.90 5.56 -37.95
C PRO J 39 -20.25 5.37 -37.32
N ASN J 40 -20.49 5.97 -36.16
CA ASN J 40 -21.73 5.80 -35.44
C ASN J 40 -22.83 6.69 -35.98
N SER J 41 -22.58 7.41 -37.06
CA SER J 41 -23.60 8.21 -37.72
C SER J 41 -24.01 7.67 -39.08
N ARG J 42 -23.24 6.76 -39.66
CA ARG J 42 -23.54 6.26 -41.00
C ARG J 42 -24.93 5.64 -41.03
N THR J 43 -25.67 5.89 -42.09
CA THR J 43 -27.07 5.44 -42.27
C THR J 43 -27.27 4.95 -43.70
N PRO J 44 -28.03 3.89 -43.93
CA PRO J 44 -27.92 3.09 -45.15
C PRO J 44 -28.38 3.81 -46.38
N TYR J 45 -29.32 4.75 -46.25
CA TYR J 45 -29.84 5.44 -47.42
C TYR J 45 -28.83 6.38 -48.05
N LEU J 46 -27.79 6.79 -47.31
CA LEU J 46 -26.92 7.85 -47.77
C LEU J 46 -25.49 7.35 -47.89
N ASP J 47 -24.75 8.00 -48.78
CA ASP J 47 -23.37 7.63 -49.08
C ASP J 47 -22.64 8.88 -49.55
N LEU J 48 -21.34 8.94 -49.26
CA LEU J 48 -20.57 10.15 -49.45
C LEU J 48 -19.31 9.88 -50.26
N ASN J 49 -19.11 10.70 -51.29
CA ASN J 49 -17.88 10.67 -52.07
C ASN J 49 -16.75 11.25 -51.24
N LEU J 50 -15.68 10.46 -51.08
CA LEU J 50 -14.58 10.82 -50.19
C LEU J 50 -13.46 11.58 -50.90
N GLU J 51 -13.77 12.26 -52.00
CA GLU J 51 -12.74 12.98 -52.75
C GLU J 51 -13.16 14.40 -53.06
N THR J 52 -14.46 14.61 -53.25
CA THR J 52 -15.00 15.93 -53.58
C THR J 52 -15.97 16.45 -52.53
N GLY J 53 -16.57 15.59 -51.73
CA GLY J 53 -17.62 16.00 -50.82
C GLY J 53 -18.98 16.08 -51.46
N VAL J 54 -19.13 15.58 -52.67
CA VAL J 54 -20.45 15.52 -53.30
C VAL J 54 -21.26 14.44 -52.60
N LEU J 55 -22.46 14.78 -52.14
CA LEU J 55 -23.37 13.79 -51.60
C LEU J 55 -24.22 13.21 -52.72
N TYR J 56 -24.33 11.88 -52.74
CA TYR J 56 -25.10 11.15 -53.72
C TYR J 56 -25.94 10.10 -53.00
N VAL J 57 -27.25 10.13 -53.27
CA VAL J 57 -28.22 9.14 -52.79
C VAL J 57 -27.70 7.73 -52.97
N ASN J 58 -27.64 6.97 -51.87
CA ASN J 58 -27.13 5.61 -51.91
C ASN J 58 -28.22 4.58 -52.18
N GLU J 59 -29.40 4.76 -51.60
CA GLU J 59 -30.48 3.81 -51.79
C GLU J 59 -31.76 4.53 -52.20
N LYS J 60 -32.56 3.85 -53.02
CA LYS J 60 -33.91 4.31 -53.34
C LYS J 60 -34.66 4.71 -52.08
N ILE J 61 -34.98 6.00 -51.97
CA ILE J 61 -35.42 6.59 -50.72
C ILE J 61 -36.83 6.14 -50.36
N ASP J 62 -36.93 5.25 -49.39
CA ASP J 62 -38.19 4.59 -49.03
C ASP J 62 -38.93 5.48 -48.05
N ARG J 63 -39.86 6.25 -48.55
CA ARG J 63 -40.67 7.13 -47.73
C ARG J 63 -41.70 6.38 -46.88
N GLU J 64 -41.61 5.05 -46.69
CA GLU J 64 -42.33 4.39 -45.62
C GLU J 64 -41.41 3.89 -44.51
N GLN J 65 -40.43 3.04 -44.83
CA GLN J 65 -39.66 2.39 -43.76
C GLN J 65 -38.60 3.31 -43.17
N ILE J 66 -38.24 4.39 -43.87
CA ILE J 66 -37.64 5.52 -43.17
C ILE J 66 -38.66 6.18 -42.27
N CYS J 67 -39.82 6.53 -42.80
CA CYS J 67 -40.75 7.44 -42.13
C CYS J 67 -41.48 6.85 -40.92
N LYS J 68 -41.34 5.54 -40.65
CA LYS J 68 -41.66 4.94 -39.34
C LYS J 68 -40.87 5.56 -38.17
N GLN J 69 -39.68 6.09 -38.43
CA GLN J 69 -38.93 6.91 -37.46
C GLN J 69 -39.50 8.34 -37.35
N SER J 70 -39.93 8.94 -38.46
CA SER J 70 -40.64 10.25 -38.47
C SER J 70 -41.43 10.49 -39.76
N PRO J 71 -42.66 11.04 -39.73
CA PRO J 71 -43.31 11.59 -40.94
C PRO J 71 -42.62 12.85 -41.49
N SER J 72 -41.73 13.47 -40.69
CA SER J 72 -40.70 14.42 -41.16
C SER J 72 -39.65 13.75 -42.07
N CYS J 73 -39.54 12.41 -42.01
CA CYS J 73 -38.69 11.57 -42.84
C CYS J 73 -37.22 12.01 -42.81
N VAL J 74 -36.69 12.19 -41.59
CA VAL J 74 -35.33 12.68 -41.35
C VAL J 74 -34.30 11.56 -41.51
N LEU J 75 -33.32 11.79 -42.37
CA LEU J 75 -32.05 11.07 -42.41
C LEU J 75 -30.95 11.99 -41.84
N HIS J 76 -30.10 11.44 -40.98
CA HIS J 76 -29.22 12.23 -40.11
C HIS J 76 -27.79 11.71 -40.19
N LEU J 77 -26.77 12.57 -40.29
CA LEU J 77 -25.43 12.13 -40.63
C LEU J 77 -24.41 13.11 -40.09
N GLU J 78 -23.22 12.63 -39.76
CA GLU J 78 -22.08 13.43 -39.29
C GLU J 78 -20.79 13.04 -40.01
N VAL J 79 -19.89 14.01 -40.17
CA VAL J 79 -18.65 13.85 -40.91
C VAL J 79 -17.56 14.62 -40.16
N PHE J 80 -16.32 14.15 -40.28
CA PHE J 80 -15.25 14.75 -39.49
C PHE J 80 -13.93 14.72 -40.25
N LEU J 81 -13.02 15.58 -39.81
CA LEU J 81 -11.65 15.64 -40.30
C LEU J 81 -10.72 15.24 -39.17
N GLU J 82 -9.80 14.32 -39.46
CA GLU J 82 -8.93 13.80 -38.42
C GLU J 82 -7.89 14.82 -37.96
N ASN J 83 -7.16 15.42 -38.90
CA ASN J 83 -6.09 16.36 -38.55
C ASN J 83 -6.29 17.71 -39.22
N PRO J 84 -6.48 18.78 -38.47
CA PRO J 84 -6.89 18.81 -37.06
C PRO J 84 -8.29 18.23 -36.88
N LEU J 85 -8.60 17.80 -35.67
CA LEU J 85 -9.93 17.27 -35.38
C LEU J 85 -10.98 18.34 -35.63
N GLU J 86 -11.91 18.06 -36.55
CA GLU J 86 -13.03 18.94 -36.81
C GLU J 86 -14.25 18.09 -37.09
N LEU J 87 -15.33 18.32 -36.36
CA LEU J 87 -16.58 17.57 -36.48
C LEU J 87 -17.66 18.43 -37.14
N PHE J 88 -18.39 17.88 -38.11
CA PHE J 88 -19.43 18.59 -38.82
C PHE J 88 -20.67 17.70 -38.91
N GLN J 89 -21.82 18.32 -39.13
CA GLN J 89 -23.12 17.67 -39.08
C GLN J 89 -23.91 17.94 -40.35
N VAL J 90 -24.73 16.99 -40.75
CA VAL J 90 -25.61 17.09 -41.91
C VAL J 90 -26.99 16.57 -41.51
N GLU J 91 -28.05 17.22 -41.98
CA GLU J 91 -29.41 16.70 -41.86
C GLU J 91 -30.03 16.66 -43.24
N ILE J 92 -30.77 15.59 -43.54
CA ILE J 92 -31.39 15.38 -44.85
C ILE J 92 -32.86 15.09 -44.64
N GLU J 93 -33.71 15.94 -45.21
CA GLU J 93 -35.16 15.79 -45.11
C GLU J 93 -35.69 15.26 -46.44
N VAL J 94 -36.45 14.17 -46.38
CA VAL J 94 -37.06 13.56 -47.55
C VAL J 94 -38.41 14.24 -47.84
N LEU J 95 -38.42 15.09 -48.85
CA LEU J 95 -39.64 15.78 -49.26
C LEU J 95 -40.63 14.82 -49.91
N ASP J 96 -41.91 15.17 -49.79
CA ASP J 96 -43.01 14.48 -50.45
C ASP J 96 -43.05 14.76 -51.96
N ILE J 97 -43.65 13.83 -52.70
CA ILE J 97 -43.92 14.02 -54.12
C ILE J 97 -45.06 15.02 -54.31
N ASN J 98 -44.69 16.26 -54.64
CA ASN J 98 -45.71 17.30 -54.83
C ASN J 98 -46.60 17.01 -56.03
N ASP J 99 -46.02 16.47 -57.11
CA ASP J 99 -46.76 16.10 -58.31
C ASP J 99 -47.50 14.78 -58.21
N ASN J 100 -48.34 14.63 -57.19
CA ASN J 100 -49.06 13.38 -56.99
C ASN J 100 -50.06 13.16 -58.14
N GLU K 1 67.24 26.12 62.16
CA GLU K 1 66.79 25.16 61.17
C GLU K 1 65.65 24.30 61.71
N SER K 2 65.89 23.74 62.89
CA SER K 2 65.02 22.72 63.44
C SER K 2 63.62 23.24 63.70
N ASP K 3 63.52 24.48 64.18
CA ASP K 3 62.22 25.05 64.50
C ASP K 3 61.37 25.27 63.25
N LYS K 4 61.96 25.79 62.18
CA LYS K 4 61.17 26.33 61.07
C LYS K 4 61.36 25.57 59.77
N THR K 5 61.83 24.34 59.82
CA THR K 5 61.93 23.49 58.65
C THR K 5 61.10 22.24 58.85
N PHE K 6 60.12 22.01 57.99
CA PHE K 6 59.14 20.97 58.23
C PHE K 6 59.36 19.81 57.28
N PRO K 7 59.62 18.62 57.83
CA PRO K 7 59.61 17.39 57.04
C PRO K 7 58.33 17.25 56.23
N ILE K 8 58.45 16.52 55.13
CA ILE K 8 57.31 16.07 54.35
C ILE K 8 57.21 14.57 54.54
N MET K 9 56.04 14.10 54.92
CA MET K 9 55.81 12.70 55.25
C MET K 9 54.82 12.07 54.29
N LEU K 10 55.14 10.84 53.89
CA LEU K 10 54.26 10.01 53.08
C LEU K 10 54.37 8.57 53.54
N ASN K 11 53.22 7.93 53.78
CA ASN K 11 53.16 6.52 54.17
C ASN K 11 53.98 6.24 55.42
N GLY K 12 54.06 7.22 56.31
CA GLY K 12 54.83 7.07 57.52
C GLY K 12 56.31 7.23 57.34
N GLN K 13 56.76 7.62 56.15
CA GLN K 13 58.15 7.91 55.89
C GLN K 13 58.29 9.38 55.54
N VAL K 14 59.33 10.01 56.07
CA VAL K 14 59.70 11.34 55.63
C VAL K 14 60.42 11.23 54.30
N ASN K 15 59.88 11.90 53.28
CA ASN K 15 60.40 11.83 51.93
C ASN K 15 60.76 13.20 51.38
N GLY K 16 60.52 14.26 52.14
CA GLY K 16 60.80 15.59 51.65
C GLY K 16 60.77 16.57 52.79
N TYR K 17 61.06 17.83 52.47
CA TYR K 17 60.98 18.93 53.42
C TYR K 17 60.38 20.13 52.73
N ALA K 18 59.52 20.84 53.44
CA ALA K 18 59.02 22.13 53.00
C ALA K 18 59.61 23.24 53.85
N CYS K 19 59.85 24.38 53.22
CA CYS K 19 60.48 25.51 53.89
C CYS K 19 59.58 26.73 53.82
N VAL K 20 59.70 27.57 54.84
CA VAL K 20 59.06 28.88 54.88
C VAL K 20 60.13 29.95 54.74
N VAL K 21 59.97 30.80 53.74
CA VAL K 21 60.90 31.90 53.51
C VAL K 21 60.11 33.15 53.15
N GLY K 22 60.51 34.28 53.72
CA GLY K 22 59.94 35.56 53.32
C GLY K 22 58.44 35.67 53.48
N GLY K 23 57.87 34.91 54.41
CA GLY K 23 56.43 34.93 54.55
C GLY K 23 55.70 34.03 53.59
N ARG K 24 56.40 33.08 52.99
CA ARG K 24 55.76 32.19 52.04
C ARG K 24 56.30 30.78 52.25
N LEU K 25 55.42 29.80 52.07
CA LEU K 25 55.80 28.41 52.20
C LEU K 25 56.08 27.87 50.81
N MET K 26 57.15 27.09 50.67
CA MET K 26 57.43 26.41 49.43
C MET K 26 57.72 24.94 49.67
N LYS K 27 57.58 24.15 48.60
CA LYS K 27 57.68 22.72 48.72
C LYS K 27 58.12 22.12 47.39
N PRO K 28 58.95 21.08 47.41
CA PRO K 28 59.32 20.40 46.15
C PRO K 28 58.08 19.88 45.45
N LEU K 29 58.00 20.13 44.15
CA LEU K 29 56.89 19.57 43.38
C LEU K 29 57.00 18.05 43.22
N HIS K 30 58.19 17.56 42.88
CA HIS K 30 58.37 16.13 42.61
C HIS K 30 57.91 15.26 43.76
N VAL K 31 58.11 15.71 44.99
CA VAL K 31 57.75 14.90 46.15
C VAL K 31 56.25 14.92 46.38
N GLU K 32 55.72 13.76 46.75
CA GLU K 32 54.33 13.60 47.12
C GLU K 32 54.24 13.21 48.58
N GLY K 33 53.38 13.90 49.33
CA GLY K 33 53.26 13.68 50.76
C GLY K 33 52.42 14.75 51.40
N LYS K 34 51.91 14.49 52.60
CA LYS K 34 51.19 15.54 53.30
C LYS K 34 52.18 16.48 53.97
N ILE K 35 51.65 17.59 54.49
CA ILE K 35 52.34 18.42 55.45
C ILE K 35 51.56 18.33 56.76
N ASP K 36 52.27 17.95 57.83
CA ASP K 36 51.62 17.71 59.12
C ASP K 36 51.00 18.98 59.68
N ASN K 37 51.55 20.14 59.35
CA ASN K 37 51.06 21.38 59.93
C ASN K 37 49.68 21.72 59.38
N GLU K 38 48.77 22.09 60.27
CA GLU K 38 47.38 22.28 59.90
C GLU K 38 47.21 23.42 58.91
N GLN K 39 47.81 24.57 59.21
CA GLN K 39 47.60 25.74 58.37
C GLN K 39 48.29 25.56 57.01
N LEU K 40 49.50 25.01 57.01
CA LEU K 40 50.18 24.75 55.75
C LEU K 40 49.38 23.76 54.91
N ALA K 41 48.80 22.75 55.57
CA ALA K 41 47.88 21.86 54.86
C ALA K 41 46.66 22.60 54.34
N ALA K 42 46.23 23.64 55.05
CA ALA K 42 45.13 24.49 54.62
C ALA K 42 45.54 25.62 53.70
N VAL K 43 46.83 25.80 53.44
CA VAL K 43 47.25 26.83 52.52
C VAL K 43 46.98 26.38 51.09
N LYS K 44 46.46 27.30 50.27
CA LYS K 44 46.28 27.06 48.84
C LYS K 44 47.62 27.24 48.13
N LEU K 45 48.06 26.20 47.42
CA LEU K 45 49.36 26.19 46.78
C LEU K 45 49.21 26.50 45.30
N LYS K 46 49.75 27.63 44.88
CA LYS K 46 49.87 27.97 43.47
C LYS K 46 51.11 27.28 42.90
N LYS K 47 50.93 26.49 41.86
CA LYS K 47 51.98 25.58 41.40
C LYS K 47 52.64 26.17 40.16
N ALA K 48 53.95 26.41 40.26
CA ALA K 48 54.79 26.80 39.13
C ALA K 48 55.54 25.56 38.67
N SER K 49 55.02 24.92 37.62
CA SER K 49 55.46 23.58 37.27
C SER K 49 56.87 23.58 36.68
N MET K 50 57.20 24.59 35.88
CA MET K 50 58.55 24.65 35.34
C MET K 50 59.58 24.95 36.42
N TYR K 51 59.20 25.66 37.48
CA TYR K 51 60.09 25.80 38.61
C TYR K 51 60.15 24.57 39.50
N ASP K 52 59.25 23.59 39.29
CA ASP K 52 59.16 22.42 40.17
C ASP K 52 58.89 22.82 41.62
N LEU K 53 57.98 23.78 41.80
CA LEU K 53 57.68 24.30 43.13
C LEU K 53 56.21 24.70 43.22
N GLU K 54 55.72 24.76 44.46
CA GLU K 54 54.47 25.44 44.79
C GLU K 54 54.72 26.34 45.98
N TYR K 55 54.15 27.54 45.91
CA TYR K 55 54.29 28.53 46.95
C TYR K 55 52.93 28.87 47.52
N GLY K 56 52.89 29.10 48.83
CA GLY K 56 51.66 29.53 49.46
C GLY K 56 51.89 30.55 50.56
N ASP K 57 50.99 31.52 50.66
CA ASP K 57 51.12 32.56 51.68
C ASP K 57 50.98 31.98 53.08
N VAL K 58 51.99 32.19 53.91
CA VAL K 58 51.93 31.66 55.28
C VAL K 58 50.93 32.48 56.09
N PRO K 59 50.12 31.84 56.93
CA PRO K 59 49.16 32.58 57.76
C PRO K 59 49.81 33.63 58.67
N GLN K 60 48.95 34.50 59.18
CA GLN K 60 49.39 35.72 59.85
C GLN K 60 50.01 35.44 61.20
N ASN K 61 49.51 34.43 61.91
CA ASN K 61 50.00 34.12 63.24
C ASN K 61 51.43 33.60 63.26
N MET K 62 51.98 33.24 62.10
CA MET K 62 53.36 32.83 62.03
C MET K 62 54.11 33.50 60.90
N LYS K 63 53.52 34.50 60.25
CA LYS K 63 54.23 35.23 59.21
C LYS K 63 55.31 36.09 59.81
N SER K 64 55.15 36.48 61.08
CA SER K 64 56.13 37.30 61.76
C SER K 64 57.46 36.59 61.90
N ASP K 65 57.43 35.30 62.22
CA ASP K 65 58.64 34.50 62.33
C ASP K 65 58.74 33.56 61.13
N THR K 66 59.54 33.97 60.15
CA THR K 66 59.78 33.21 58.93
C THR K 66 61.24 33.39 58.54
N LEU K 67 61.76 32.45 57.77
CA LEU K 67 63.15 32.55 57.34
C LEU K 67 63.37 33.76 56.44
N GLN K 68 64.50 34.41 56.65
CA GLN K 68 64.93 35.49 55.80
C GLN K 68 65.73 34.96 54.63
N TYR K 69 65.68 35.68 53.53
CA TYR K 69 66.32 35.29 52.29
C TYR K 69 67.46 36.24 51.96
N THR K 70 68.19 35.89 50.91
CA THR K 70 69.26 36.74 50.43
C THR K 70 69.48 36.47 48.95
N SER K 71 70.11 37.43 48.28
CA SER K 71 70.56 37.24 46.91
C SER K 71 72.07 37.22 46.76
N ASP K 72 72.81 37.81 47.70
CA ASP K 72 74.26 37.85 47.59
C ASP K 72 74.86 36.49 47.87
N LYS K 73 75.73 36.05 46.97
CA LYS K 73 76.33 34.71 47.04
C LYS K 73 77.83 34.83 46.84
N PRO K 74 78.56 35.22 47.88
CA PRO K 74 80.02 35.14 47.80
C PRO K 74 80.47 33.69 47.75
N PRO K 75 81.46 33.38 46.93
CA PRO K 75 81.93 32.00 46.82
C PRO K 75 82.65 31.52 48.06
N GLY K 76 82.61 30.22 48.28
CA GLY K 76 83.19 29.57 49.44
C GLY K 76 82.29 28.48 49.98
N PHE K 77 82.56 28.09 51.21
CA PHE K 77 81.83 27.02 51.88
C PHE K 77 80.54 27.55 52.48
N TYR K 78 79.46 26.79 52.33
CA TYR K 78 78.19 27.18 52.92
C TYR K 78 77.60 26.05 53.73
N ASN K 79 77.22 26.36 54.96
CA ASN K 79 76.68 25.39 55.89
C ASN K 79 75.35 24.85 55.40
N TRP K 80 75.06 23.61 55.75
CA TRP K 80 73.80 23.00 55.38
C TRP K 80 73.60 21.77 56.25
N HIS K 81 72.41 21.19 56.13
CA HIS K 81 71.96 20.18 57.08
C HIS K 81 72.99 19.07 57.28
N HIS K 82 73.56 18.57 56.19
CA HIS K 82 74.57 17.51 56.28
C HIS K 82 75.99 18.03 56.13
N GLY K 83 76.24 19.27 56.55
CA GLY K 83 77.61 19.74 56.65
C GLY K 83 77.79 21.07 55.96
N ALA K 84 78.67 21.11 54.96
CA ALA K 84 78.92 22.35 54.25
C ALA K 84 78.94 22.06 52.77
N VAL K 85 78.36 22.98 52.00
CA VAL K 85 78.35 22.92 50.56
C VAL K 85 79.31 23.96 50.00
N GLN K 86 80.13 23.56 49.05
CA GLN K 86 81.06 24.47 48.41
C GLN K 86 80.37 25.10 47.21
N TYR K 87 80.34 26.43 47.19
CA TYR K 87 79.77 27.20 46.07
C TYR K 87 80.88 27.82 45.22
N GLU K 88 80.93 27.43 43.96
CA GLU K 88 81.96 27.87 43.04
C GLU K 88 81.43 27.73 41.63
N ASN K 89 81.88 28.62 40.75
CA ASN K 89 81.55 28.57 39.33
C ASN K 89 80.04 28.54 39.10
N GLY K 90 79.29 29.24 39.94
CA GLY K 90 77.85 29.21 39.82
C GLY K 90 77.23 27.87 40.13
N ARG K 91 77.93 27.02 40.87
CA ARG K 91 77.49 25.65 41.11
C ARG K 91 77.70 25.28 42.57
N PHE K 92 76.72 24.61 43.14
CA PHE K 92 76.81 24.11 44.51
C PHE K 92 77.37 22.70 44.44
N THR K 93 78.64 22.54 44.80
CA THR K 93 79.24 21.22 44.86
C THR K 93 79.28 20.73 46.29
N VAL K 94 79.08 19.44 46.46
CA VAL K 94 79.12 18.81 47.77
C VAL K 94 79.99 17.57 47.67
N PRO K 95 80.69 17.19 48.74
CA PRO K 95 81.48 15.95 48.72
C PRO K 95 80.66 14.76 48.23
N ARG K 96 81.30 13.94 47.41
CA ARG K 96 80.62 12.81 46.77
C ARG K 96 80.03 11.87 47.82
N GLY K 97 78.81 11.39 47.55
CA GLY K 97 78.17 10.46 48.47
C GLY K 97 77.16 11.08 49.42
N VAL K 98 77.50 12.24 49.98
CA VAL K 98 76.61 12.95 50.88
C VAL K 98 75.27 13.22 50.21
N GLY K 99 74.19 12.95 50.94
CA GLY K 99 72.83 13.18 50.47
C GLY K 99 72.25 12.08 49.60
N GLY K 100 70.96 12.26 49.31
CA GLY K 100 70.22 11.28 48.52
C GLY K 100 68.73 11.58 48.59
N LYS K 101 67.93 10.56 48.30
CA LYS K 101 66.48 10.73 48.31
C LYS K 101 65.95 11.08 49.69
N GLY K 102 65.00 12.00 49.73
CA GLY K 102 64.42 12.52 50.95
C GLY K 102 65.02 13.82 51.42
N ASP K 103 66.12 14.27 50.84
CA ASP K 103 66.75 15.52 51.23
C ASP K 103 66.29 16.68 50.39
N SER K 104 65.35 16.46 49.48
CA SER K 104 64.84 17.56 48.67
C SER K 104 64.07 18.55 49.54
N GLY K 105 64.17 19.83 49.17
CA GLY K 105 63.52 20.87 49.92
C GLY K 105 64.29 21.35 51.12
N ARG K 106 65.49 20.85 51.34
CA ARG K 106 66.31 21.37 52.42
C ARG K 106 66.88 22.73 52.03
N PRO K 107 66.70 23.76 52.85
CA PRO K 107 67.28 25.07 52.53
C PRO K 107 68.80 25.02 52.62
N ILE K 108 69.45 25.86 51.82
CA ILE K 108 70.87 26.12 51.97
C ILE K 108 71.00 27.43 52.74
N LEU K 109 71.68 27.38 53.87
CA LEU K 109 71.78 28.53 54.75
C LEU K 109 73.08 29.29 54.55
N ASP K 110 73.05 30.56 54.92
CA ASP K 110 74.24 31.39 54.99
C ASP K 110 74.82 31.35 56.39
N ASN K 111 76.05 31.86 56.51
CA ASN K 111 76.68 31.95 57.83
C ASN K 111 75.92 32.89 58.74
N ARG K 112 75.29 33.93 58.18
CA ARG K 112 74.43 34.83 58.93
C ARG K 112 72.99 34.35 59.00
N GLY K 113 72.77 33.06 58.78
CA GLY K 113 71.46 32.50 58.96
C GLY K 113 70.45 33.01 57.95
N ARG K 114 70.82 33.04 56.68
CA ARG K 114 69.93 33.52 55.65
C ARG K 114 69.83 32.46 54.57
N VAL K 115 68.64 32.29 54.02
CA VAL K 115 68.41 31.29 52.99
C VAL K 115 68.85 31.84 51.64
N VAL K 116 69.61 31.04 50.90
CA VAL K 116 70.07 31.45 49.60
C VAL K 116 69.48 30.61 48.47
N ALA K 117 69.25 29.32 48.68
CA ALA K 117 68.70 28.46 47.64
C ALA K 117 68.07 27.23 48.27
N ILE K 118 67.27 26.52 47.48
CA ILE K 118 66.65 25.27 47.89
C ILE K 118 67.12 24.17 46.96
N VAL K 119 67.65 23.10 47.54
CA VAL K 119 68.13 21.95 46.78
C VAL K 119 66.96 21.09 46.31
N LEU K 120 67.06 20.65 45.06
CA LEU K 120 66.10 19.70 44.50
C LEU K 120 66.70 18.34 44.25
N GLY K 121 67.98 18.26 43.94
CA GLY K 121 68.60 17.00 43.60
C GLY K 121 70.10 17.13 43.51
N GLY K 122 70.76 16.03 43.12
CA GLY K 122 72.23 16.04 43.07
C GLY K 122 72.77 15.10 42.00
N ALA K 123 73.91 15.45 41.40
CA ALA K 123 74.54 14.57 40.38
C ALA K 123 76.04 14.43 40.70
N ASN K 124 76.49 13.22 41.01
CA ASN K 124 77.92 12.99 41.34
C ASN K 124 78.78 13.39 40.15
N GLU K 125 79.73 14.31 40.35
CA GLU K 125 80.65 14.71 39.26
C GLU K 125 81.84 13.75 39.23
N GLY K 126 81.97 12.90 40.25
CA GLY K 126 83.11 11.96 40.34
C GLY K 126 83.73 12.00 41.71
N THR K 127 84.44 13.09 42.04
CA THR K 127 85.03 13.25 43.39
C THR K 127 84.05 14.04 44.27
N ARG K 128 83.07 14.71 43.64
CA ARG K 128 82.08 15.52 44.40
C ARG K 128 80.68 15.21 43.86
N THR K 129 79.69 16.02 44.26
CA THR K 129 78.29 15.83 43.78
C THR K 129 77.67 17.21 43.51
N ALA K 130 77.22 17.46 42.27
CA ALA K 130 76.68 18.77 41.95
C ALA K 130 75.21 18.85 42.34
N LEU K 131 74.85 19.89 43.08
CA LEU K 131 73.49 20.08 43.57
C LEU K 131 72.67 20.88 42.57
N SER K 132 71.56 20.33 42.12
CA SER K 132 70.56 21.08 41.37
C SER K 132 69.67 21.84 42.34
N VAL K 133 69.69 23.16 42.29
CA VAL K 133 69.07 24.00 43.30
C VAL K 133 68.26 25.09 42.61
N VAL K 134 67.65 25.96 43.42
CA VAL K 134 66.92 27.12 42.92
C VAL K 134 67.56 28.37 43.52
N THR K 135 68.49 28.97 42.78
CA THR K 135 69.17 30.18 43.16
C THR K 135 68.35 31.41 42.79
N TRP K 136 68.69 32.52 43.45
CA TRP K 136 68.08 33.81 43.21
C TRP K 136 69.07 34.69 42.47
N ASN K 137 68.65 35.91 42.17
CA ASN K 137 69.49 36.82 41.40
C ASN K 137 69.27 38.25 41.85
N GLN K 138 70.27 39.08 41.55
CA GLN K 138 70.32 40.44 42.09
C GLN K 138 69.20 41.29 41.55
N LYS K 139 68.67 40.93 40.39
CA LYS K 139 67.61 41.67 39.73
C LYS K 139 66.24 41.19 40.19
N GLY K 140 66.16 40.60 41.38
CA GLY K 140 64.87 40.08 41.83
C GLY K 140 64.42 38.91 41.00
N VAL K 141 65.32 37.97 40.73
CA VAL K 141 65.03 36.87 39.83
C VAL K 141 65.40 35.57 40.54
N THR K 142 64.68 34.51 40.22
CA THR K 142 64.94 33.19 40.75
C THR K 142 65.17 32.23 39.59
N ILE K 143 66.32 31.55 39.63
CA ILE K 143 66.78 30.71 38.54
C ILE K 143 66.92 29.28 39.06
N LYS K 144 66.28 28.34 38.38
CA LYS K 144 66.55 26.94 38.66
C LYS K 144 67.84 26.55 37.97
N ASP K 145 68.71 25.86 38.70
CA ASP K 145 69.90 25.24 38.18
C ASP K 145 69.76 23.73 38.22
N THR K 146 69.92 23.08 37.07
CA THR K 146 69.83 21.64 36.96
C THR K 146 71.05 21.14 36.20
N PRO K 147 72.21 21.05 36.86
CA PRO K 147 73.38 20.40 36.27
C PRO K 147 73.05 19.18 35.44
N GLU K 148 73.68 19.06 34.27
CA GLU K 148 73.43 17.93 33.39
C GLU K 148 73.54 16.62 34.14
N GLY K 149 72.47 15.83 34.08
CA GLY K 149 72.36 14.62 34.86
C GLY K 149 71.79 14.84 36.24
N SER K 150 71.19 15.99 36.49
CA SER K 150 70.62 16.28 37.80
C SER K 150 69.54 15.27 38.14
N GLU K 151 69.61 14.71 39.34
CA GLU K 151 68.70 13.65 39.72
C GLU K 151 67.74 14.15 40.78
N PRO K 152 66.43 14.15 40.52
CA PRO K 152 65.47 14.62 41.51
C PRO K 152 65.50 13.73 42.73
N TRP K 153 65.88 14.32 43.86
CA TRP K 153 65.98 13.56 45.09
C TRP K 153 64.62 13.43 45.76
N PHE L 1 3.83 -34.83 -4.20
CA PHE L 1 5.05 -34.88 -3.42
C PHE L 1 6.15 -34.18 -4.17
N GLU L 2 6.57 -33.06 -3.63
CA GLU L 2 7.55 -32.19 -4.25
C GLU L 2 8.97 -32.67 -3.94
N HIS L 3 9.75 -32.90 -5.00
CA HIS L 3 11.16 -33.24 -4.89
C HIS L 3 12.03 -32.21 -5.57
N ALA L 4 13.08 -31.76 -4.87
CA ALA L 4 14.02 -30.76 -5.39
C ALA L 4 15.37 -31.40 -5.69
N THR L 5 15.88 -31.17 -6.90
CA THR L 5 17.21 -31.62 -7.32
C THR L 5 17.94 -30.49 -8.03
N THR L 6 19.24 -30.68 -8.24
CA THR L 6 20.07 -29.80 -9.06
C THR L 6 20.69 -30.59 -10.22
N VAL L 7 19.98 -30.63 -11.34
CA VAL L 7 20.42 -31.40 -12.50
C VAL L 7 21.54 -30.65 -13.22
N PRO L 8 22.66 -31.30 -13.51
CA PRO L 8 23.71 -30.65 -14.29
C PRO L 8 23.23 -30.41 -15.72
N ASN L 9 23.49 -29.21 -16.23
CA ASN L 9 23.05 -28.82 -17.57
C ASN L 9 24.01 -29.36 -18.62
N VAL L 10 23.84 -30.63 -18.93
CA VAL L 10 24.69 -31.31 -19.91
C VAL L 10 23.81 -32.16 -20.82
N PRO L 11 23.60 -31.74 -22.05
CA PRO L 11 22.64 -32.45 -22.91
C PRO L 11 23.06 -33.88 -23.15
N GLY L 12 22.07 -34.76 -23.19
CA GLY L 12 22.30 -36.15 -23.54
C GLY L 12 22.72 -37.04 -22.40
N ILE L 13 23.03 -36.48 -21.23
CA ILE L 13 23.48 -37.27 -20.09
C ILE L 13 22.33 -37.38 -19.10
N PRO L 14 21.73 -38.54 -18.93
CA PRO L 14 20.67 -38.66 -17.92
C PRO L 14 21.25 -38.46 -16.53
N TYR L 15 20.46 -37.83 -15.68
CA TYR L 15 20.74 -37.69 -14.26
C TYR L 15 19.73 -38.48 -13.45
N LYS L 16 20.20 -39.34 -12.54
CA LYS L 16 19.32 -40.21 -11.78
C LYS L 16 19.33 -39.82 -10.31
N ALA L 17 18.15 -39.87 -9.69
CA ALA L 17 17.97 -39.59 -8.27
C ALA L 17 16.90 -40.52 -7.71
N LEU L 18 16.88 -40.63 -6.39
CA LEU L 18 15.90 -41.44 -5.67
C LEU L 18 15.03 -40.58 -4.77
N VAL L 19 13.72 -40.62 -5.00
CA VAL L 19 12.73 -39.96 -4.15
C VAL L 19 12.26 -40.93 -3.08
N GLU L 20 12.26 -40.48 -1.82
CA GLU L 20 11.97 -41.36 -0.68
C GLU L 20 10.84 -40.77 0.14
N ARG L 21 9.60 -41.01 -0.26
CA ARG L 21 8.50 -40.65 0.63
C ARG L 21 8.41 -41.66 1.76
N ALA L 22 8.16 -41.16 2.97
CA ALA L 22 8.45 -41.92 4.18
C ALA L 22 7.68 -43.24 4.23
N GLY L 23 6.39 -43.18 3.97
CA GLY L 23 5.55 -44.36 4.06
C GLY L 23 5.48 -45.22 2.83
N TYR L 24 6.30 -44.94 1.82
CA TYR L 24 6.12 -45.55 0.52
C TYR L 24 7.45 -46.12 0.05
N ALA L 25 7.37 -47.09 -0.83
CA ALA L 25 8.59 -47.64 -1.38
C ALA L 25 9.30 -46.55 -2.18
N PRO L 26 10.62 -46.57 -2.19
CA PRO L 26 11.34 -45.59 -2.99
C PRO L 26 11.00 -45.74 -4.46
N LEU L 27 11.10 -44.63 -5.18
CA LEU L 27 10.91 -44.61 -6.62
C LEU L 27 12.16 -44.05 -7.28
N ASN L 28 12.40 -44.51 -8.50
CA ASN L 28 13.53 -44.05 -9.29
C ASN L 28 13.11 -42.88 -10.14
N LEU L 29 14.03 -41.93 -10.30
CA LEU L 29 13.76 -40.72 -11.06
C LEU L 29 14.94 -40.48 -12.00
N GLU L 30 14.69 -40.61 -13.30
CA GLU L 30 15.69 -40.32 -14.33
C GLU L 30 15.30 -39.05 -15.06
N ILE L 31 16.18 -38.07 -15.03
CA ILE L 31 15.96 -36.78 -15.68
C ILE L 31 17.00 -36.62 -16.79
N THR L 32 16.53 -36.35 -18.00
CA THR L 32 17.41 -36.13 -19.14
C THR L 32 17.07 -34.82 -19.81
N VAL L 33 18.09 -33.99 -20.04
CA VAL L 33 17.94 -32.75 -20.79
C VAL L 33 18.02 -33.00 -22.28
N VAL L 34 16.87 -33.19 -22.93
CA VAL L 34 16.90 -33.53 -24.35
C VAL L 34 17.37 -32.36 -25.19
N SER L 35 16.86 -31.17 -24.92
CA SER L 35 17.28 -30.00 -25.70
C SER L 35 17.24 -28.76 -24.83
N SER L 36 18.02 -27.77 -25.23
CA SER L 36 18.02 -26.50 -24.53
C SER L 36 18.47 -25.42 -25.51
N GLU L 37 17.68 -24.39 -25.65
CA GLU L 37 18.05 -23.23 -26.46
C GLU L 37 18.03 -22.00 -25.59
N LEU L 38 19.10 -21.22 -25.66
CA LEU L 38 19.18 -19.93 -25.01
C LEU L 38 18.98 -18.86 -26.07
N THR L 39 17.94 -18.05 -25.90
CA THR L 39 17.65 -16.97 -26.82
C THR L 39 17.68 -15.61 -26.13
N PRO L 40 18.44 -14.66 -26.68
CA PRO L 40 18.48 -13.31 -26.10
C PRO L 40 17.34 -12.44 -26.59
N SER L 41 17.19 -11.31 -25.91
CA SER L 41 16.33 -10.23 -26.37
C SER L 41 17.03 -9.46 -27.48
N THR L 42 16.40 -9.38 -28.64
CA THR L 42 17.02 -8.85 -29.84
C THR L 42 16.14 -7.78 -30.46
N ASN L 43 16.77 -6.75 -31.04
CA ASN L 43 16.03 -5.69 -31.72
C ASN L 43 16.86 -5.13 -32.86
N LYS L 44 16.27 -5.12 -34.05
CA LYS L 44 16.98 -4.65 -35.24
C LYS L 44 17.25 -3.16 -35.15
N GLU L 45 18.52 -2.77 -35.22
CA GLU L 45 18.79 -1.35 -35.40
C GLU L 45 18.77 -0.94 -36.87
N TYR L 46 19.41 -1.71 -37.75
CA TYR L 46 19.33 -1.43 -39.18
C TYR L 46 19.90 -2.61 -39.96
N VAL L 47 19.81 -2.50 -41.29
CA VAL L 47 20.41 -3.44 -42.23
C VAL L 47 21.35 -2.67 -43.16
N THR L 48 22.22 -3.40 -43.83
CA THR L 48 23.18 -2.77 -44.73
C THR L 48 23.65 -3.76 -45.79
N CYS L 49 24.18 -3.21 -46.87
CA CYS L 49 24.65 -3.99 -48.01
C CYS L 49 25.57 -3.10 -48.84
N LYS L 50 25.97 -3.58 -50.02
CA LYS L 50 26.75 -2.75 -50.92
C LYS L 50 25.83 -1.76 -51.60
N PHE L 51 26.13 -0.46 -51.44
CA PHE L 51 25.34 0.55 -52.13
C PHE L 51 25.50 0.38 -53.63
N HIS L 52 24.43 0.65 -54.37
CA HIS L 52 24.54 0.94 -55.79
C HIS L 52 24.61 2.45 -55.97
N THR L 53 25.73 2.94 -56.48
CA THR L 53 25.93 4.36 -56.74
C THR L 53 25.16 4.78 -57.99
N VAL L 54 24.01 5.37 -57.79
CA VAL L 54 23.15 5.83 -58.88
C VAL L 54 23.50 7.27 -59.20
N VAL L 55 23.69 7.55 -60.49
CA VAL L 55 24.05 8.88 -60.95
C VAL L 55 23.02 9.32 -61.97
N PRO L 56 22.10 10.20 -61.59
CA PRO L 56 21.08 10.68 -62.52
C PRO L 56 21.71 11.35 -63.71
N SER L 57 20.92 11.43 -64.77
CA SER L 57 21.36 12.12 -65.96
C SER L 57 21.65 13.58 -65.62
N PRO L 58 22.71 14.15 -66.17
CA PRO L 58 23.00 15.56 -65.93
C PRO L 58 21.95 16.47 -66.55
N GLN L 59 21.86 17.68 -66.01
CA GLN L 59 21.11 18.75 -66.64
C GLN L 59 22.02 19.95 -66.85
N VAL L 60 21.87 20.61 -67.98
CA VAL L 60 22.64 21.80 -68.34
C VAL L 60 21.69 22.97 -68.58
N LYS L 61 21.99 24.11 -67.97
CA LYS L 61 21.33 25.35 -68.36
C LYS L 61 22.18 25.98 -69.46
N CYS L 62 21.63 26.02 -70.66
CA CYS L 62 22.43 26.25 -71.85
C CYS L 62 23.10 27.63 -71.85
N CYS L 63 22.39 28.67 -71.44
CA CYS L 63 22.95 30.02 -71.40
C CYS L 63 22.53 30.75 -70.14
N GLY L 64 22.66 30.11 -69.01
CA GLY L 64 22.30 30.73 -67.75
C GLY L 64 23.04 30.08 -66.62
N SER L 65 22.39 30.00 -65.47
CA SER L 65 23.03 29.43 -64.29
C SER L 65 21.98 28.69 -63.48
N LEU L 66 22.32 27.47 -63.09
CA LEU L 66 21.49 26.70 -62.18
C LEU L 66 21.99 26.88 -60.76
N GLU L 67 21.12 26.52 -59.82
CA GLU L 67 21.45 26.53 -58.41
C GLU L 67 21.18 25.15 -57.83
N CYS L 68 22.16 24.63 -57.10
CA CYS L 68 22.03 23.27 -56.51
C CYS L 68 20.84 23.24 -55.55
N LYS L 69 19.96 22.23 -55.69
CA LYS L 69 18.79 22.10 -54.79
C LYS L 69 19.21 21.26 -53.57
N ALA L 70 18.27 21.00 -52.66
CA ALA L 70 18.56 20.15 -51.47
C ALA L 70 17.63 18.94 -51.49
N SER L 71 18.21 17.72 -51.39
CA SER L 71 17.40 16.48 -51.43
C SER L 71 17.75 15.60 -50.23
N SER L 72 16.80 14.79 -49.77
CA SER L 72 17.03 13.89 -48.60
C SER L 72 17.55 12.53 -49.09
N LYS L 73 17.79 12.40 -50.40
CA LYS L 73 18.29 11.12 -50.97
C LYS L 73 19.57 10.72 -50.24
N ALA L 74 19.75 9.42 -49.97
CA ALA L 74 20.93 8.96 -49.21
C ALA L 74 22.20 9.63 -49.75
N ASP L 75 22.92 10.37 -48.90
CA ASP L 75 24.15 11.08 -49.34
C ASP L 75 23.90 11.80 -50.66
N TYR L 76 22.86 12.65 -50.72
CA TYR L 76 22.58 13.43 -51.96
C TYR L 76 23.81 14.25 -52.30
N THR L 77 24.21 14.23 -53.57
CA THR L 77 25.44 14.97 -53.99
C THR L 77 25.06 15.96 -55.11
N CYS L 78 25.51 17.21 -55.00
CA CYS L 78 25.22 18.23 -56.04
C CYS L 78 26.42 19.16 -56.19
N ARG L 79 26.69 19.61 -57.42
CA ARG L 79 27.86 20.50 -57.68
C ARG L 79 27.63 21.27 -58.99
N VAL L 80 27.95 22.56 -59.02
CA VAL L 80 27.76 23.36 -60.21
C VAL L 80 29.12 23.64 -60.82
N PHE L 81 29.17 23.67 -62.15
CA PHE L 81 30.43 23.93 -62.84
C PHE L 81 30.19 24.92 -63.97
N GLY L 82 31.27 25.59 -64.37
CA GLY L 82 31.17 26.61 -65.38
C GLY L 82 31.10 26.09 -66.80
N GLY L 83 31.70 26.82 -67.74
CA GLY L 83 31.52 26.51 -69.14
C GLY L 83 32.00 25.10 -69.43
N VAL L 84 31.15 24.29 -70.04
CA VAL L 84 31.47 22.91 -70.34
C VAL L 84 31.48 22.62 -71.83
N TYR L 85 30.54 23.19 -72.57
CA TYR L 85 30.44 22.96 -74.01
C TYR L 85 30.36 21.47 -74.31
N PRO L 86 29.38 20.76 -73.77
CA PRO L 86 29.38 19.30 -73.88
C PRO L 86 29.09 18.87 -75.30
N PHE L 87 29.65 17.73 -75.68
CA PHE L 87 29.30 17.10 -76.96
C PHE L 87 28.41 15.90 -76.69
N MET L 88 27.19 15.94 -77.23
CA MET L 88 26.42 14.77 -77.59
C MET L 88 26.77 14.28 -78.99
N TRP L 89 26.24 13.11 -79.33
CA TRP L 89 26.57 12.37 -80.54
C TRP L 89 26.55 13.19 -81.82
N GLY L 90 25.98 14.39 -81.81
CA GLY L 90 25.99 15.12 -83.05
C GLY L 90 27.22 15.98 -83.22
N GLY L 91 27.74 16.54 -82.13
CA GLY L 91 28.91 17.38 -82.25
C GLY L 91 28.75 18.70 -81.55
N ALA L 92 27.64 18.86 -80.85
CA ALA L 92 27.37 20.06 -80.09
C ALA L 92 26.15 19.78 -79.23
N GLN L 93 26.10 20.41 -78.08
CA GLN L 93 24.88 20.28 -77.32
C GLN L 93 24.44 21.58 -76.68
N CYS L 94 25.26 22.62 -76.72
CA CYS L 94 24.85 23.96 -76.32
C CYS L 94 25.66 24.99 -77.06
N PHE L 95 24.99 26.02 -77.56
CA PHE L 95 25.63 27.30 -77.85
C PHE L 95 25.89 28.02 -76.53
N CYS L 96 26.37 29.26 -76.62
CA CYS L 96 26.93 29.99 -75.48
C CYS L 96 28.11 29.22 -74.88
N ASP L 97 29.16 29.11 -75.69
CA ASP L 97 30.36 28.39 -75.28
C ASP L 97 30.91 28.85 -73.94
N SER L 98 30.67 30.10 -73.58
CA SER L 98 30.81 30.57 -72.20
C SER L 98 29.44 30.79 -71.58
N GLU L 99 29.42 30.76 -70.25
CA GLU L 99 28.19 30.78 -69.46
C GLU L 99 27.31 29.58 -69.81
N ASN L 100 27.86 28.40 -69.60
CA ASN L 100 27.23 27.14 -69.94
C ASN L 100 27.20 26.23 -68.72
N THR L 101 26.67 26.74 -67.63
CA THR L 101 26.73 26.06 -66.34
C THR L 101 26.13 24.66 -66.41
N GLN L 102 26.65 23.77 -65.57
CA GLN L 102 26.20 22.39 -65.53
C GLN L 102 26.02 21.96 -64.07
N LEU L 103 25.03 21.11 -63.85
CA LEU L 103 24.78 20.50 -62.55
C LEU L 103 25.04 19.00 -62.59
N SER L 104 25.85 18.52 -61.65
CA SER L 104 26.10 17.06 -61.53
C SER L 104 25.38 16.54 -60.28
N GLU L 105 24.51 15.53 -60.45
CA GLU L 105 23.71 15.03 -59.30
C GLU L 105 24.01 13.54 -59.10
N ALA L 106 24.09 13.09 -57.84
CA ALA L 106 24.38 11.67 -57.55
C ALA L 106 23.90 11.30 -56.14
N TYR L 107 23.56 10.01 -55.92
CA TYR L 107 23.14 9.53 -54.58
C TYR L 107 23.33 8.01 -54.55
N VAL L 108 22.93 7.35 -53.46
CA VAL L 108 23.20 5.89 -53.34
C VAL L 108 21.94 5.15 -52.86
N GLU L 109 21.57 4.06 -53.54
CA GLU L 109 20.45 3.23 -53.11
C GLU L 109 20.97 1.84 -52.81
N PHE L 110 20.07 0.94 -52.47
CA PHE L 110 20.44 -0.45 -52.28
C PHE L 110 20.53 -1.15 -53.62
N ALA L 111 21.54 -1.98 -53.79
CA ALA L 111 21.64 -2.73 -55.01
C ALA L 111 20.51 -3.76 -55.07
N PRO L 112 20.10 -4.16 -56.28
CA PRO L 112 18.98 -5.09 -56.39
C PRO L 112 19.20 -6.40 -55.70
N ASP L 113 20.43 -6.91 -55.70
CA ASP L 113 20.66 -8.19 -55.08
C ASP L 113 20.73 -8.11 -53.56
N CYS L 114 20.73 -6.91 -52.99
CA CYS L 114 20.89 -6.77 -51.55
C CYS L 114 19.75 -7.36 -50.76
N THR L 115 18.63 -7.66 -51.41
CA THR L 115 17.51 -8.28 -50.72
C THR L 115 17.89 -9.58 -50.03
N ILE L 116 18.92 -10.27 -50.50
CA ILE L 116 19.38 -11.50 -49.85
C ILE L 116 20.81 -11.40 -49.37
N ASP L 117 21.71 -10.81 -50.16
CA ASP L 117 23.09 -10.63 -49.70
C ASP L 117 23.15 -9.32 -48.92
N HIS L 118 22.64 -9.38 -47.70
CA HIS L 118 22.68 -8.24 -46.80
C HIS L 118 23.00 -8.73 -45.41
N ALA L 119 23.45 -7.81 -44.58
CA ALA L 119 23.67 -8.05 -43.17
C ALA L 119 22.68 -7.28 -42.33
N VAL L 120 22.33 -7.83 -41.19
CA VAL L 120 21.45 -7.16 -40.24
C VAL L 120 22.23 -6.98 -38.95
N ALA L 121 22.20 -5.75 -38.42
CA ALA L 121 22.91 -5.46 -37.15
C ALA L 121 21.88 -5.39 -36.01
N LEU L 122 22.01 -6.27 -35.02
CA LEU L 122 21.01 -6.30 -33.91
C LEU L 122 21.73 -6.21 -32.56
N LYS L 123 21.22 -5.37 -31.65
CA LYS L 123 21.80 -5.27 -30.29
C LYS L 123 21.10 -6.29 -29.39
N VAL L 124 21.84 -6.98 -28.52
CA VAL L 124 21.24 -7.97 -27.66
C VAL L 124 21.30 -7.57 -26.20
N HIS L 125 20.55 -8.30 -25.39
CA HIS L 125 20.51 -8.15 -23.95
C HIS L 125 20.30 -9.51 -23.33
N THR L 126 19.95 -9.52 -22.04
CA THR L 126 19.90 -10.75 -21.27
C THR L 126 19.04 -11.81 -21.95
N ALA L 127 19.51 -13.05 -21.91
CA ALA L 127 18.90 -14.17 -22.59
C ALA L 127 18.28 -15.12 -21.58
N ALA L 128 17.02 -15.48 -21.81
CA ALA L 128 16.39 -16.54 -21.05
C ALA L 128 16.73 -17.88 -21.68
N LEU L 129 16.81 -18.91 -20.85
CA LEU L 129 17.09 -20.26 -21.31
C LEU L 129 15.83 -21.11 -21.28
N LYS L 130 15.60 -21.85 -22.36
CA LYS L 130 14.50 -22.79 -22.50
C LYS L 130 15.03 -24.21 -22.68
N VAL L 131 14.50 -25.14 -21.90
CA VAL L 131 15.02 -26.50 -21.85
C VAL L 131 13.92 -27.48 -22.21
N GLY L 132 14.26 -28.48 -23.03
CA GLY L 132 13.41 -29.62 -23.26
C GLY L 132 13.85 -30.80 -22.42
N LEU L 133 12.94 -31.31 -21.59
CA LEU L 133 13.26 -32.34 -20.62
C LEU L 133 12.46 -33.60 -20.90
N ARG L 134 13.14 -34.74 -20.91
CA ARG L 134 12.50 -36.03 -20.79
C ARG L 134 12.67 -36.51 -19.36
N ILE L 135 11.56 -36.78 -18.68
CA ILE L 135 11.59 -37.23 -17.30
C ILE L 135 10.95 -38.61 -17.24
N VAL L 136 11.69 -39.55 -16.69
CA VAL L 136 11.23 -40.92 -16.45
C VAL L 136 11.21 -41.15 -14.96
N TYR L 137 10.03 -41.48 -14.42
CA TYR L 137 9.87 -41.76 -13.01
C TYR L 137 9.24 -43.13 -12.88
N GLY L 138 9.86 -44.00 -12.09
CA GLY L 138 9.37 -45.34 -11.95
C GLY L 138 9.33 -46.05 -13.28
N ASN L 139 8.13 -46.32 -13.78
CA ASN L 139 7.94 -46.96 -15.08
C ASN L 139 7.28 -46.03 -16.08
N THR L 140 7.22 -44.74 -15.80
CA THR L 140 6.51 -43.78 -16.62
C THR L 140 7.47 -42.71 -17.10
N THR L 141 7.41 -42.43 -18.40
CA THR L 141 8.22 -41.39 -19.02
C THR L 141 7.34 -40.26 -19.51
N ALA L 142 7.77 -39.03 -19.27
CA ALA L 142 7.08 -37.86 -19.80
C ALA L 142 8.10 -36.87 -20.34
N ARG L 143 7.68 -36.10 -21.34
CA ARG L 143 8.49 -35.05 -21.92
C ARG L 143 7.86 -33.68 -21.67
N LEU L 144 8.70 -32.69 -21.38
CA LEU L 144 8.22 -31.37 -21.05
C LEU L 144 9.20 -30.32 -21.55
N ASP L 145 8.69 -29.12 -21.78
CA ASP L 145 9.50 -27.96 -22.13
C ASP L 145 9.15 -26.84 -21.16
N THR L 146 10.18 -26.22 -20.59
CA THR L 146 9.95 -25.21 -19.57
C THR L 146 11.02 -24.13 -19.64
N PHE L 147 10.68 -22.98 -19.08
CA PHE L 147 11.60 -21.86 -18.96
C PHE L 147 12.27 -21.92 -17.59
N VAL L 148 13.59 -21.92 -17.59
CA VAL L 148 14.35 -22.19 -16.37
C VAL L 148 14.59 -20.85 -15.69
N ASN L 149 13.58 -20.41 -14.95
CA ASN L 149 13.61 -19.11 -14.30
C ASN L 149 13.15 -19.18 -12.85
N GLY L 150 12.70 -20.33 -12.38
CA GLY L 150 12.23 -20.51 -11.03
C GLY L 150 10.80 -20.10 -10.81
N VAL L 151 10.13 -19.60 -11.84
CA VAL L 151 8.72 -19.20 -11.76
C VAL L 151 7.88 -19.94 -12.79
N THR L 152 8.32 -19.97 -14.02
CA THR L 152 7.56 -20.58 -15.09
C THR L 152 7.39 -22.07 -14.90
N PRO L 153 6.18 -22.57 -14.81
CA PRO L 153 5.98 -24.01 -14.64
C PRO L 153 5.79 -24.69 -15.99
N GLY L 154 5.80 -26.01 -15.95
CA GLY L 154 5.39 -26.82 -17.08
C GLY L 154 4.54 -27.97 -16.58
N SER L 155 3.65 -28.45 -17.44
CA SER L 155 2.74 -29.50 -17.00
C SER L 155 2.44 -30.48 -18.12
N SER L 156 2.43 -31.77 -17.78
CA SER L 156 2.09 -32.85 -18.69
C SER L 156 1.08 -33.75 -17.99
N ARG L 157 -0.17 -33.32 -18.00
CA ARG L 157 -1.34 -34.06 -17.54
C ARG L 157 -1.32 -34.42 -16.07
N ASP L 158 -0.15 -34.72 -15.51
CA ASP L 158 -0.04 -34.84 -14.07
C ASP L 158 1.31 -34.40 -13.53
N LEU L 159 2.31 -34.37 -14.40
CA LEU L 159 3.63 -33.92 -13.97
C LEU L 159 3.66 -32.40 -13.90
N LYS L 160 4.45 -31.89 -12.96
CA LYS L 160 4.33 -30.49 -12.53
C LYS L 160 5.72 -30.07 -12.07
N VAL L 161 6.43 -29.35 -12.94
CA VAL L 161 7.86 -29.09 -12.77
C VAL L 161 8.13 -27.59 -12.77
N ILE L 162 9.02 -27.16 -11.88
CA ILE L 162 9.52 -25.79 -11.86
C ILE L 162 11.04 -25.83 -11.91
N ALA L 163 11.63 -25.17 -12.89
CA ALA L 163 13.07 -25.15 -13.06
C ALA L 163 13.61 -23.73 -12.97
N GLY L 164 14.76 -23.58 -12.33
CA GLY L 164 15.50 -22.33 -12.37
C GLY L 164 15.46 -21.57 -11.07
N PRO L 165 16.17 -20.44 -11.03
CA PRO L 165 16.94 -19.80 -12.10
C PRO L 165 18.27 -20.51 -12.32
N ILE L 166 18.89 -20.28 -13.48
CA ILE L 166 20.21 -20.86 -13.75
C ILE L 166 21.22 -20.43 -12.72
N SER L 167 22.05 -21.39 -12.29
CA SER L 167 23.02 -21.12 -11.24
C SER L 167 24.04 -20.08 -11.66
N ALA L 168 24.52 -20.15 -12.90
CA ALA L 168 25.47 -19.19 -13.43
C ALA L 168 24.91 -18.57 -14.70
N ALA L 169 24.88 -17.25 -14.76
CA ALA L 169 24.43 -16.58 -15.97
C ALA L 169 25.55 -16.56 -17.00
N PHE L 170 25.19 -16.81 -18.25
CA PHE L 170 26.14 -16.76 -19.35
C PHE L 170 25.43 -16.61 -20.68
N SER L 171 25.95 -15.71 -21.52
CA SER L 171 25.46 -15.56 -22.88
C SER L 171 26.65 -15.55 -23.83
N PRO L 172 26.63 -16.37 -24.87
CA PRO L 172 27.76 -16.41 -25.81
C PRO L 172 27.82 -15.21 -26.71
N PHE L 173 26.78 -14.38 -26.69
CA PHE L 173 26.70 -13.26 -27.68
C PHE L 173 27.23 -11.95 -27.09
N ASP L 174 27.87 -11.14 -27.94
CA ASP L 174 28.35 -9.80 -27.50
C ASP L 174 27.18 -8.83 -27.56
N HIS L 175 27.27 -7.70 -26.85
CA HIS L 175 26.16 -6.71 -26.83
C HIS L 175 25.72 -6.40 -28.27
N LYS L 176 26.70 -6.31 -29.19
CA LYS L 176 26.39 -6.03 -30.61
C LYS L 176 26.66 -7.29 -31.45
N VAL L 177 25.67 -7.74 -32.24
CA VAL L 177 25.83 -8.99 -33.04
C VAL L 177 25.43 -8.69 -34.50
N VAL L 178 26.19 -9.21 -35.46
CA VAL L 178 25.87 -9.02 -36.90
C VAL L 178 25.46 -10.36 -37.52
N ILE L 179 24.35 -10.38 -38.27
CA ILE L 179 23.89 -11.61 -38.91
C ILE L 179 23.96 -11.43 -40.41
N ARG L 180 24.57 -12.40 -41.09
CA ARG L 180 24.68 -12.41 -42.54
C ARG L 180 24.47 -13.83 -43.03
N LYS L 181 23.33 -14.07 -43.68
CA LYS L 181 23.03 -15.38 -44.26
C LYS L 181 23.15 -16.51 -43.24
N GLY L 182 22.85 -16.25 -41.98
CA GLY L 182 22.99 -17.28 -40.96
C GLY L 182 24.34 -17.38 -40.30
N LEU L 183 25.37 -16.74 -40.84
CA LEU L 183 26.60 -16.59 -40.09
C LEU L 183 26.43 -15.49 -39.06
N VAL L 184 26.80 -15.78 -37.83
CA VAL L 184 26.76 -14.82 -36.74
C VAL L 184 28.17 -14.31 -36.47
N TYR L 185 28.33 -12.99 -36.41
CA TYR L 185 29.66 -12.39 -36.06
C TYR L 185 29.43 -11.37 -34.96
N ASN L 186 30.17 -11.50 -33.85
CA ASN L 186 30.03 -10.55 -32.71
C ASN L 186 30.83 -9.28 -33.03
N TYR L 187 30.63 -8.71 -34.21
CA TYR L 187 31.35 -7.48 -34.63
C TYR L 187 30.71 -6.27 -33.94
N ASP L 188 31.53 -5.30 -33.53
CA ASP L 188 30.99 -4.06 -32.92
C ASP L 188 30.54 -3.13 -34.06
N PHE L 189 29.28 -3.26 -34.48
CA PHE L 189 28.78 -2.43 -35.62
C PHE L 189 28.66 -0.98 -35.18
N PRO L 190 28.78 0.01 -36.10
CA PRO L 190 28.67 1.43 -35.75
C PRO L 190 27.22 1.75 -35.33
N GLU L 191 27.04 2.84 -34.60
CA GLU L 191 25.68 3.19 -34.10
C GLU L 191 24.86 3.83 -35.21
N TYR L 192 23.53 3.78 -35.09
CA TYR L 192 22.65 4.38 -36.09
C TYR L 192 23.01 5.82 -36.32
N GLY L 193 23.46 6.13 -37.53
CA GLY L 193 23.87 7.46 -37.89
C GLY L 193 25.33 7.75 -37.70
N ALA L 194 26.03 6.96 -36.90
CA ALA L 194 27.44 7.20 -36.63
C ALA L 194 28.27 6.63 -37.76
N MET L 195 27.93 7.02 -38.99
CA MET L 195 28.36 6.31 -40.18
C MET L 195 29.72 6.83 -40.63
N ASN L 196 30.69 5.93 -40.73
CA ASN L 196 32.02 6.27 -41.21
C ASN L 196 32.21 5.71 -42.60
N PRO L 197 32.56 6.53 -43.59
CA PRO L 197 32.66 6.01 -44.95
C PRO L 197 33.80 5.01 -45.04
N GLY L 198 33.63 4.05 -45.93
CA GLY L 198 34.67 3.05 -46.09
C GLY L 198 34.72 2.00 -45.01
N ALA L 199 33.70 1.92 -44.16
CA ALA L 199 33.66 0.92 -43.10
C ALA L 199 32.26 0.33 -43.05
N PHE L 200 32.11 -0.71 -42.23
CA PHE L 200 30.82 -1.36 -42.12
C PHE L 200 29.75 -0.39 -41.69
N GLY L 201 28.59 -0.45 -42.35
CA GLY L 201 27.52 0.46 -42.03
C GLY L 201 27.64 1.82 -42.66
N ASP L 202 28.39 1.93 -43.75
CA ASP L 202 28.43 3.18 -44.48
C ASP L 202 27.07 3.63 -44.95
N ILE L 203 26.17 2.70 -45.23
CA ILE L 203 24.78 3.04 -45.47
C ILE L 203 23.91 2.21 -44.55
N GLN L 204 22.79 2.79 -44.13
CA GLN L 204 21.89 2.16 -43.18
C GLN L 204 20.45 2.50 -43.54
N ALA L 205 19.56 1.60 -43.13
CA ALA L 205 18.14 1.78 -43.33
C ALA L 205 17.42 0.80 -42.41
N SER L 206 16.17 1.12 -42.11
CA SER L 206 15.37 0.25 -41.27
C SER L 206 14.74 -0.93 -42.00
N SER L 207 14.75 -0.92 -43.33
CA SER L 207 14.26 -2.09 -44.04
C SER L 207 14.78 -2.05 -45.46
N LEU L 208 14.68 -3.20 -46.13
CA LEU L 208 15.30 -3.33 -47.43
C LEU L 208 14.64 -2.43 -48.45
N ASP L 209 13.32 -2.29 -48.36
CA ASP L 209 12.57 -1.45 -49.28
C ASP L 209 12.32 -0.06 -48.71
N ALA L 210 12.86 0.24 -47.53
CA ALA L 210 12.59 1.53 -46.90
C ALA L 210 13.17 2.66 -47.73
N THR L 211 12.44 3.77 -47.77
CA THR L 211 12.83 4.94 -48.53
C THR L 211 13.67 5.93 -47.74
N ASP L 212 13.73 5.79 -46.42
CA ASP L 212 14.51 6.70 -45.59
C ASP L 212 15.95 6.23 -45.38
N ILE L 213 16.64 5.89 -46.46
CA ILE L 213 18.01 5.44 -46.34
C ILE L 213 18.90 6.62 -45.98
N VAL L 214 19.78 6.44 -45.01
CA VAL L 214 20.79 7.43 -44.65
C VAL L 214 22.16 6.90 -45.06
N ALA L 215 22.89 7.70 -45.83
CA ALA L 215 24.15 7.25 -46.36
C ALA L 215 25.21 8.33 -46.22
N ARG L 216 26.45 7.88 -46.03
CA ARG L 216 27.60 8.79 -46.07
C ARG L 216 28.76 7.98 -46.64
N THR L 217 28.96 8.10 -47.94
CA THR L 217 29.94 7.31 -48.64
C THR L 217 31.17 8.12 -49.01
N ASP L 218 31.24 9.39 -48.62
CA ASP L 218 32.32 10.30 -48.99
C ASP L 218 32.46 10.34 -50.51
N ILE L 219 31.44 10.91 -51.13
CA ILE L 219 31.37 11.02 -52.58
C ILE L 219 31.71 12.45 -52.95
N ARG L 220 32.66 12.62 -53.85
CA ARG L 220 33.02 13.94 -54.34
C ARG L 220 33.05 13.94 -55.85
N LEU L 221 32.39 14.91 -56.44
CA LEU L 221 32.32 15.06 -57.88
C LEU L 221 33.48 15.89 -58.38
N LEU L 222 33.79 15.71 -59.67
CA LEU L 222 34.89 16.43 -60.30
C LEU L 222 34.38 17.30 -61.44
N LYS L 223 35.13 18.33 -61.73
CA LYS L 223 34.83 19.14 -62.90
C LYS L 223 35.03 18.30 -64.15
N PRO L 224 34.04 18.23 -65.03
CA PRO L 224 34.22 17.49 -66.28
C PRO L 224 35.39 18.05 -67.06
N SER L 225 36.31 17.17 -67.43
CA SER L 225 37.54 17.58 -68.07
C SER L 225 37.69 17.06 -69.47
N VAL L 226 36.80 16.21 -69.92
CA VAL L 226 36.80 15.72 -71.29
C VAL L 226 35.61 16.34 -72.02
N LYS L 227 35.78 16.55 -73.33
CA LYS L 227 34.78 17.26 -74.10
C LYS L 227 33.42 16.59 -74.02
N ASN L 228 33.39 15.27 -74.11
CA ASN L 228 32.11 14.57 -74.16
C ASN L 228 31.45 14.60 -72.80
N ILE L 229 30.12 14.70 -72.81
CA ILE L 229 29.38 14.83 -71.55
C ILE L 229 29.46 13.55 -70.75
N HIS L 230 29.91 13.66 -69.51
CA HIS L 230 29.77 12.63 -68.49
C HIS L 230 30.22 13.23 -67.18
N VAL L 231 29.88 12.56 -66.09
CA VAL L 231 30.08 13.13 -64.76
C VAL L 231 31.14 12.30 -64.05
N PRO L 232 32.35 12.81 -63.90
CA PRO L 232 33.36 12.08 -63.16
C PRO L 232 33.10 12.17 -61.67
N TYR L 233 33.47 11.11 -60.97
CA TYR L 233 33.30 11.07 -59.53
C TYR L 233 34.11 9.91 -58.99
N THR L 234 34.55 10.06 -57.75
CA THR L 234 35.18 8.99 -57.00
C THR L 234 34.42 8.76 -55.71
N GLN L 235 34.66 7.61 -55.10
CA GLN L 235 33.86 7.23 -53.96
C GLN L 235 34.63 6.20 -53.17
N ALA L 236 34.47 6.24 -51.85
CA ALA L 236 35.12 5.26 -50.99
C ALA L 236 34.62 3.86 -51.32
N VAL L 237 35.51 2.88 -51.17
CA VAL L 237 35.11 1.50 -51.40
C VAL L 237 34.03 1.10 -50.42
N SER L 238 33.16 0.21 -50.88
CA SER L 238 32.01 -0.23 -50.11
C SER L 238 32.42 -0.87 -48.80
N GLY L 239 32.12 -0.21 -47.69
CA GLY L 239 32.57 -0.71 -46.40
C GLY L 239 31.95 -2.05 -46.07
N TYR L 240 30.79 -2.33 -46.64
CA TYR L 240 30.20 -3.66 -46.52
C TYR L 240 31.17 -4.71 -47.06
N GLU L 241 31.78 -4.44 -48.20
CA GLU L 241 32.77 -5.38 -48.73
C GLU L 241 33.97 -5.50 -47.82
N MET L 242 34.44 -4.38 -47.27
CA MET L 242 35.60 -4.45 -46.40
C MET L 242 35.32 -5.32 -45.19
N TRP L 243 34.15 -5.19 -44.60
CA TRP L 243 33.82 -6.07 -43.49
C TRP L 243 33.70 -7.51 -43.95
N LYS L 244 33.17 -7.74 -45.15
CA LYS L 244 33.08 -9.10 -45.66
C LYS L 244 34.45 -9.73 -45.81
N ASN L 245 35.41 -9.00 -46.36
CA ASN L 245 36.74 -9.54 -46.56
C ASN L 245 37.46 -9.78 -45.24
N ASN L 246 37.25 -8.91 -44.25
CA ASN L 246 37.94 -9.00 -42.97
C ASN L 246 37.04 -9.49 -41.85
N SER L 247 36.15 -10.41 -42.16
CA SER L 247 35.11 -10.78 -41.21
C SER L 247 35.66 -11.61 -40.07
N GLY L 248 36.79 -12.26 -40.26
CA GLY L 248 37.25 -13.18 -39.26
C GLY L 248 36.41 -14.44 -39.26
N ARG L 249 36.51 -15.18 -38.17
CA ARG L 249 35.73 -16.41 -38.12
C ARG L 249 34.36 -16.17 -37.51
N PRO L 250 33.36 -16.87 -38.03
CA PRO L 250 32.01 -16.74 -37.50
C PRO L 250 31.88 -17.36 -36.12
N LEU L 251 30.84 -16.95 -35.43
CA LEU L 251 30.61 -17.40 -34.06
C LEU L 251 30.33 -18.88 -33.97
N GLN L 252 29.82 -19.46 -35.06
CA GLN L 252 29.47 -20.90 -35.07
C GLN L 252 30.76 -21.71 -34.83
N GLU L 253 31.91 -21.04 -34.85
CA GLU L 253 33.22 -21.71 -34.63
C GLU L 253 33.95 -21.03 -33.47
N THR L 254 33.28 -20.14 -32.74
CA THR L 254 33.98 -19.38 -31.68
C THR L 254 33.21 -19.48 -30.35
N ALA L 255 31.93 -19.84 -30.39
CA ALA L 255 31.15 -19.88 -29.17
C ALA L 255 31.71 -20.94 -28.23
N PRO L 256 31.98 -20.62 -26.97
CA PRO L 256 32.41 -21.63 -26.02
C PRO L 256 31.27 -22.55 -25.65
N PHE L 257 31.61 -23.58 -24.90
CA PHE L 257 30.68 -24.61 -24.44
C PHE L 257 30.02 -25.37 -25.56
N GLY L 258 30.53 -25.24 -26.78
CA GLY L 258 30.07 -26.03 -27.92
C GLY L 258 28.62 -25.84 -28.29
N CYS L 259 28.12 -24.61 -28.21
CA CYS L 259 26.74 -24.34 -28.52
C CYS L 259 26.57 -24.06 -30.01
N LYS L 260 25.66 -24.79 -30.64
CA LYS L 260 25.35 -24.57 -32.05
C LYS L 260 24.48 -23.33 -32.19
N ILE L 261 25.00 -22.34 -32.90
CA ILE L 261 24.28 -21.09 -33.14
C ILE L 261 23.39 -21.21 -34.36
N GLU L 262 22.12 -20.86 -34.20
CA GLU L 262 21.14 -20.91 -35.27
C GLU L 262 20.43 -19.55 -35.34
N VAL L 263 19.79 -19.30 -36.48
CA VAL L 263 19.16 -18.02 -36.75
C VAL L 263 17.67 -18.21 -36.93
N GLU L 264 16.96 -17.09 -36.91
CA GLU L 264 15.52 -17.08 -37.16
C GLU L 264 14.76 -17.97 -36.19
N PRO L 265 14.72 -17.64 -34.91
CA PRO L 265 15.37 -16.51 -34.25
C PRO L 265 16.81 -16.84 -33.91
N LEU L 266 17.63 -15.82 -33.68
CA LEU L 266 18.98 -16.05 -33.22
C LEU L 266 18.94 -16.74 -31.87
N ARG L 267 19.61 -17.90 -31.78
CA ARG L 267 19.53 -18.67 -30.52
C ARG L 267 20.67 -19.70 -30.44
N ALA L 268 21.05 -20.07 -29.23
CA ALA L 268 22.08 -21.08 -28.99
C ALA L 268 21.45 -22.35 -28.45
N THR L 269 21.56 -23.44 -29.19
CA THR L 269 21.05 -24.73 -28.76
C THR L 269 22.12 -25.60 -28.15
N ASN L 270 21.73 -26.37 -27.13
CA ASN L 270 22.61 -27.31 -26.44
C ASN L 270 23.84 -26.62 -25.85
N CYS L 271 23.60 -25.59 -25.07
CA CYS L 271 24.71 -24.78 -24.55
C CYS L 271 24.96 -25.30 -23.15
N ALA L 272 25.95 -26.17 -23.00
CA ALA L 272 26.16 -26.93 -21.77
C ALA L 272 27.00 -26.14 -20.78
N TYR L 273 26.39 -25.67 -19.70
CA TYR L 273 27.11 -24.91 -18.69
C TYR L 273 26.31 -24.90 -17.39
N GLY L 274 27.00 -25.11 -16.28
CA GLY L 274 26.43 -25.00 -14.95
C GLY L 274 25.37 -26.05 -14.60
N HIS L 275 24.56 -25.70 -13.59
CA HIS L 275 23.45 -26.54 -13.16
C HIS L 275 22.18 -25.71 -13.07
N ILE L 276 21.05 -26.40 -13.19
CA ILE L 276 19.74 -25.79 -13.05
C ILE L 276 19.04 -26.47 -11.87
N PRO L 277 18.49 -25.71 -10.92
CA PRO L 277 17.70 -26.32 -9.86
C PRO L 277 16.31 -26.67 -10.38
N ILE L 278 15.89 -27.90 -10.11
CA ILE L 278 14.57 -28.37 -10.52
C ILE L 278 13.82 -28.92 -9.32
N SER L 279 12.58 -28.47 -9.16
CA SER L 279 11.64 -29.04 -8.22
C SER L 279 10.52 -29.74 -8.99
N ILE L 280 10.30 -31.01 -8.70
CA ILE L 280 9.23 -31.76 -9.32
C ILE L 280 8.26 -32.23 -8.25
N ASP L 281 6.97 -31.96 -8.47
CA ASP L 281 5.88 -32.51 -7.66
C ASP L 281 5.37 -33.76 -8.36
N ILE L 282 5.82 -34.91 -7.90
CA ILE L 282 5.38 -36.18 -8.50
C ILE L 282 3.93 -36.46 -8.08
N PRO L 283 3.07 -36.88 -9.00
CA PRO L 283 1.70 -37.20 -8.62
C PRO L 283 1.66 -38.39 -7.68
N ASP L 284 0.69 -38.35 -6.77
CA ASP L 284 0.60 -39.34 -5.70
C ASP L 284 0.29 -40.75 -6.20
N ALA L 285 -0.24 -40.89 -7.41
CA ALA L 285 -0.55 -42.22 -7.92
C ALA L 285 0.69 -43.06 -8.18
N ALA L 286 1.80 -42.43 -8.55
CA ALA L 286 3.02 -43.18 -8.83
C ALA L 286 3.57 -43.89 -7.61
N PHE L 287 3.54 -43.23 -6.44
CA PHE L 287 4.04 -43.89 -5.24
C PHE L 287 3.15 -45.07 -4.86
N VAL L 288 3.77 -46.05 -4.22
CA VAL L 288 3.08 -47.23 -3.73
C VAL L 288 3.59 -47.51 -2.33
N ARG L 289 2.70 -47.99 -1.46
CA ARG L 289 3.08 -48.15 -0.07
C ARG L 289 4.11 -49.27 0.09
N SER L 290 4.91 -49.14 1.14
CA SER L 290 6.04 -50.04 1.37
C SER L 290 5.64 -51.48 1.59
N SER L 291 4.38 -51.76 1.91
CA SER L 291 3.96 -53.15 2.08
C SER L 291 3.93 -53.93 0.78
N GLU L 292 3.86 -53.26 -0.36
CA GLU L 292 3.70 -53.99 -1.61
C GLU L 292 5.03 -54.30 -2.30
N SER L 293 5.87 -53.31 -2.47
CA SER L 293 7.22 -53.57 -2.95
C SER L 293 7.99 -54.42 -1.94
N PRO L 294 8.75 -55.39 -2.39
CA PRO L 294 9.49 -56.24 -1.46
C PRO L 294 10.65 -55.51 -0.79
N THR L 295 10.56 -55.35 0.53
CA THR L 295 11.74 -55.00 1.30
C THR L 295 12.76 -56.13 1.31
N ILE L 296 14.02 -55.76 1.44
CA ILE L 296 15.14 -56.70 1.46
C ILE L 296 15.72 -56.75 2.87
N LEU L 297 15.96 -57.97 3.36
CA LEU L 297 16.51 -58.12 4.71
C LEU L 297 17.94 -57.59 4.81
N GLU L 298 18.84 -58.03 3.93
CA GLU L 298 20.20 -57.51 3.97
C GLU L 298 20.85 -57.62 2.60
N VAL L 299 21.87 -56.79 2.39
CA VAL L 299 22.61 -56.72 1.14
C VAL L 299 24.08 -56.57 1.43
N SER L 300 24.90 -57.27 0.67
CA SER L 300 26.35 -57.13 0.72
C SER L 300 26.88 -56.87 -0.68
N CYS L 301 27.92 -56.05 -0.74
CA CYS L 301 28.48 -55.59 -2.01
C CYS L 301 29.87 -56.18 -2.22
N THR L 302 30.11 -56.69 -3.43
CA THR L 302 31.43 -57.12 -3.85
C THR L 302 31.74 -56.48 -5.20
N VAL L 303 32.77 -55.64 -5.21
CA VAL L 303 33.13 -54.88 -6.40
C VAL L 303 34.21 -55.61 -7.18
N ALA L 304 33.99 -55.78 -8.47
CA ALA L 304 34.99 -56.39 -9.32
C ALA L 304 36.04 -55.34 -9.70
N ASP L 305 36.84 -55.64 -10.72
CA ASP L 305 37.72 -54.64 -11.32
C ASP L 305 36.96 -53.44 -11.84
N CYS L 306 37.54 -52.26 -11.66
CA CYS L 306 36.95 -51.02 -12.14
C CYS L 306 38.05 -50.08 -12.61
N ILE L 307 37.72 -49.25 -13.59
CA ILE L 307 38.59 -48.17 -14.03
C ILE L 307 37.78 -46.88 -14.08
N TYR L 308 38.31 -45.83 -13.46
CA TYR L 308 37.64 -44.54 -13.48
C TYR L 308 37.79 -43.89 -14.84
N SER L 309 36.66 -43.65 -15.49
CA SER L 309 36.62 -43.19 -16.86
C SER L 309 35.25 -42.60 -17.14
N ALA L 310 35.03 -42.20 -18.38
CA ALA L 310 33.73 -41.67 -18.76
C ALA L 310 32.73 -42.78 -19.09
N ASP L 311 33.20 -43.84 -19.72
CA ASP L 311 32.35 -44.99 -19.93
C ASP L 311 32.08 -45.74 -18.63
N PHE L 312 31.08 -46.60 -18.67
CA PHE L 312 30.69 -47.48 -17.56
C PHE L 312 31.71 -48.61 -17.42
N GLY L 313 32.89 -48.25 -16.93
CA GLY L 313 33.97 -49.21 -16.89
C GLY L 313 34.08 -50.04 -15.64
N GLY L 314 33.32 -49.72 -14.60
CA GLY L 314 33.33 -50.48 -13.37
C GLY L 314 32.18 -51.46 -13.26
N SER L 315 32.40 -52.53 -12.49
CA SER L 315 31.37 -53.52 -12.24
C SER L 315 31.37 -53.97 -10.80
N LEU L 316 30.21 -54.40 -10.32
CA LEU L 316 30.08 -54.95 -8.98
C LEU L 316 28.94 -55.96 -8.94
N THR L 317 28.87 -56.66 -7.83
CA THR L 317 27.85 -57.67 -7.55
C THR L 317 27.23 -57.41 -6.20
N LEU L 318 25.91 -57.54 -6.14
CA LEU L 318 25.15 -57.44 -4.90
C LEU L 318 24.55 -58.78 -4.53
N GLN L 319 24.88 -59.25 -3.33
CA GLN L 319 24.18 -60.37 -2.70
C GLN L 319 23.01 -59.83 -1.91
N TYR L 320 21.79 -60.19 -2.31
CA TYR L 320 20.60 -59.68 -1.67
C TYR L 320 19.75 -60.79 -1.08
N LYS L 321 19.06 -60.46 0.01
CA LYS L 321 18.02 -61.29 0.60
C LYS L 321 16.76 -60.45 0.68
N ALA L 322 15.67 -60.94 0.09
CA ALA L 322 14.42 -60.18 0.05
C ALA L 322 13.25 -61.06 0.51
N ASN L 323 12.05 -60.48 0.55
CA ASN L 323 10.88 -61.20 1.01
C ASN L 323 9.85 -61.47 -0.06
N ARG L 324 9.96 -60.86 -1.23
CA ARG L 324 9.01 -61.14 -2.30
C ARG L 324 9.70 -60.82 -3.61
N GLU L 325 9.15 -61.34 -4.70
CA GLU L 325 9.75 -61.09 -5.99
C GLU L 325 9.17 -59.82 -6.58
N GLY L 326 10.04 -58.88 -6.93
CA GLY L 326 9.58 -57.58 -7.34
C GLY L 326 10.54 -56.84 -8.24
N HIS L 327 10.40 -55.52 -8.27
CA HIS L 327 11.12 -54.67 -9.21
C HIS L 327 11.74 -53.49 -8.46
N CYS L 328 12.61 -53.80 -7.50
CA CYS L 328 13.18 -52.75 -6.66
C CYS L 328 13.99 -51.80 -7.51
N PRO L 329 14.02 -50.53 -7.16
CA PRO L 329 14.95 -49.59 -7.77
C PRO L 329 16.32 -49.64 -7.12
N VAL L 330 17.32 -49.29 -7.90
CA VAL L 330 18.70 -49.21 -7.43
C VAL L 330 19.26 -47.84 -7.71
N HIS L 331 19.97 -47.29 -6.72
CA HIS L 331 20.57 -45.98 -6.85
C HIS L 331 21.93 -45.96 -6.17
N SER L 332 22.73 -44.97 -6.55
CA SER L 332 23.97 -44.65 -5.87
C SER L 332 23.85 -43.29 -5.22
N HIS L 333 24.03 -43.25 -3.91
CA HIS L 333 23.84 -42.03 -3.14
C HIS L 333 25.09 -41.16 -3.11
N SER L 334 26.19 -41.60 -3.68
CA SER L 334 27.37 -40.76 -3.76
C SER L 334 27.27 -39.80 -4.92
N THR L 335 27.97 -38.67 -4.79
CA THR L 335 28.04 -37.72 -5.89
C THR L 335 28.93 -38.24 -7.01
N THR L 336 29.90 -39.08 -6.72
CA THR L 336 30.91 -39.46 -7.70
C THR L 336 30.70 -40.85 -8.26
N ALA L 337 29.46 -41.30 -8.39
CA ALA L 337 29.21 -42.63 -8.93
C ALA L 337 27.78 -42.69 -9.43
N VAL L 338 27.60 -43.25 -10.63
CA VAL L 338 26.27 -43.37 -11.21
C VAL L 338 26.14 -44.77 -11.80
N LEU L 339 24.91 -45.23 -11.92
CA LEU L 339 24.64 -46.60 -12.29
C LEU L 339 23.99 -46.64 -13.65
N LYS L 340 24.36 -47.63 -14.46
CA LYS L 340 23.68 -47.82 -15.74
C LYS L 340 22.25 -48.29 -15.55
N GLU L 341 22.04 -49.24 -14.67
CA GLU L 341 20.70 -49.73 -14.40
C GLU L 341 20.13 -49.00 -13.20
N ALA L 342 18.84 -48.72 -13.26
CA ALA L 342 18.15 -48.14 -12.13
C ALA L 342 17.10 -49.05 -11.53
N THR L 343 16.76 -50.14 -12.19
CA THR L 343 15.65 -50.96 -11.71
C THR L 343 15.82 -52.38 -12.20
N THR L 344 15.87 -53.33 -11.27
CA THR L 344 16.10 -54.72 -11.60
C THR L 344 15.03 -55.56 -10.94
N HIS L 345 14.67 -56.66 -11.58
CA HIS L 345 13.81 -57.62 -10.92
C HIS L 345 14.63 -58.26 -9.80
N VAL L 346 13.97 -58.58 -8.70
CA VAL L 346 14.61 -59.22 -7.55
C VAL L 346 13.80 -60.43 -7.11
N THR L 347 14.51 -61.48 -6.71
CA THR L 347 13.90 -62.70 -6.21
C THR L 347 14.12 -62.79 -4.71
N ALA L 348 13.64 -63.89 -4.13
CA ALA L 348 13.72 -64.05 -2.69
C ALA L 348 15.15 -64.02 -2.18
N THR L 349 16.06 -64.70 -2.87
CA THR L 349 17.47 -64.65 -2.51
C THR L 349 18.30 -64.86 -3.77
N GLY L 350 19.29 -64.01 -3.96
CA GLY L 350 20.12 -64.14 -5.14
C GLY L 350 21.18 -63.06 -5.19
N SER L 351 21.79 -62.97 -6.35
CA SER L 351 22.84 -61.99 -6.63
C SER L 351 22.47 -61.26 -7.91
N ILE L 352 22.78 -59.97 -7.96
CA ILE L 352 22.57 -59.20 -9.18
C ILE L 352 23.88 -58.54 -9.57
N THR L 353 24.26 -58.71 -10.83
CA THR L 353 25.42 -58.09 -11.41
C THR L 353 25.02 -56.80 -12.13
N LEU L 354 25.70 -55.71 -11.82
CA LEU L 354 25.31 -54.41 -12.31
C LEU L 354 26.57 -53.66 -12.75
N HIS L 355 26.41 -52.69 -13.65
CA HIS L 355 27.53 -51.92 -14.15
C HIS L 355 27.40 -50.45 -13.76
N PHE L 356 28.55 -49.81 -13.59
CA PHE L 356 28.59 -48.44 -13.09
C PHE L 356 29.81 -47.73 -13.63
N SER L 357 29.80 -46.41 -13.50
CA SER L 357 30.92 -45.56 -13.82
C SER L 357 31.26 -44.65 -12.64
N THR L 358 32.53 -44.29 -12.55
CA THR L 358 32.96 -43.35 -11.53
C THR L 358 34.10 -42.49 -12.04
N SER L 359 34.54 -41.57 -11.18
CA SER L 359 35.60 -40.65 -11.52
C SER L 359 36.67 -40.54 -10.44
N SER L 360 36.55 -41.24 -9.39
CA SER L 360 37.60 -41.21 -8.38
C SER L 360 38.51 -42.43 -8.56
N PRO L 361 39.77 -42.32 -8.13
CA PRO L 361 40.67 -43.47 -8.26
C PRO L 361 40.19 -44.67 -7.47
N GLN L 362 39.52 -44.47 -6.35
CA GLN L 362 38.96 -45.57 -5.59
C GLN L 362 37.46 -45.34 -5.45
N ALA L 363 36.70 -46.41 -5.58
CA ALA L 363 35.27 -46.33 -5.37
C ALA L 363 34.97 -46.59 -3.91
N ASN L 364 34.43 -45.57 -3.24
CA ASN L 364 34.11 -45.64 -1.82
C ASN L 364 32.70 -45.07 -1.65
N PHE L 365 31.79 -45.66 -2.40
CA PHE L 365 30.47 -45.11 -2.66
C PHE L 365 29.39 -46.05 -2.13
N ILE L 366 28.30 -45.45 -1.65
CA ILE L 366 27.19 -46.19 -1.05
C ILE L 366 26.13 -46.50 -2.10
N VAL L 367 25.97 -47.76 -2.41
CA VAL L 367 24.84 -48.22 -3.23
C VAL L 367 23.64 -48.42 -2.33
N SER L 368 22.45 -48.24 -2.89
CA SER L 368 21.22 -48.44 -2.15
C SER L 368 20.26 -49.27 -2.98
N LEU L 369 19.79 -50.36 -2.39
CA LEU L 369 18.76 -51.19 -2.99
C LEU L 369 17.51 -51.08 -2.15
N CYS L 370 16.45 -50.55 -2.73
CA CYS L 370 15.19 -50.35 -2.03
C CYS L 370 15.40 -49.69 -0.67
N GLY L 371 16.36 -48.78 -0.61
CA GLY L 371 16.63 -48.02 0.59
C GLY L 371 17.63 -48.63 1.56
N LYS L 372 17.97 -49.90 1.44
CA LYS L 372 19.00 -50.44 2.31
C LYS L 372 20.37 -50.11 1.76
N LYS L 373 21.26 -49.65 2.63
CA LYS L 373 22.57 -49.15 2.26
C LYS L 373 23.60 -50.28 2.29
N THR L 374 24.68 -50.08 1.53
CA THR L 374 25.86 -50.95 1.60
C THR L 374 27.05 -50.17 1.11
N THR L 375 28.09 -50.09 1.93
CA THR L 375 29.30 -49.37 1.55
C THR L 375 30.18 -50.26 0.69
N CYS L 376 30.12 -50.04 -0.62
CA CYS L 376 31.06 -50.67 -1.54
C CYS L 376 32.43 -50.00 -1.42
N ASN L 377 33.45 -50.80 -1.11
CA ASN L 377 34.83 -50.34 -1.11
C ASN L 377 35.60 -51.06 -2.21
N ALA L 378 36.29 -50.29 -3.04
CA ALA L 378 37.09 -50.89 -4.11
C ALA L 378 38.21 -49.94 -4.53
N GLU L 379 38.91 -50.32 -5.59
CA GLU L 379 40.13 -49.69 -6.05
C GLU L 379 40.16 -49.71 -7.56
N CYS L 380 40.00 -48.56 -8.20
CA CYS L 380 39.84 -48.50 -9.65
C CYS L 380 41.14 -48.07 -10.29
N LYS L 381 41.55 -48.77 -11.33
CA LYS L 381 42.79 -48.41 -11.99
C LYS L 381 42.58 -47.24 -12.94
N PRO L 382 43.67 -46.55 -13.30
CA PRO L 382 43.57 -45.55 -14.35
C PRO L 382 43.21 -46.19 -15.68
N PRO L 383 42.55 -45.46 -16.56
CA PRO L 383 42.07 -46.08 -17.80
C PRO L 383 43.19 -46.33 -18.77
N ALA L 384 42.86 -47.13 -19.79
CA ALA L 384 43.82 -47.52 -20.81
C ALA L 384 43.84 -46.53 -21.96
N ASP L 385 42.68 -46.28 -22.56
CA ASP L 385 42.57 -45.33 -23.65
C ASP L 385 42.83 -43.91 -23.18
N HIS L 386 43.30 -43.09 -24.10
CA HIS L 386 43.54 -41.69 -23.79
C HIS L 386 42.34 -40.82 -24.13
N ILE L 387 41.60 -41.15 -25.18
CA ILE L 387 40.57 -40.26 -25.71
C ILE L 387 39.30 -41.05 -26.00
N ILE L 388 38.16 -40.52 -25.55
CA ILE L 388 36.88 -41.17 -25.75
C ILE L 388 36.00 -40.26 -26.57
N GLY L 389 35.08 -40.86 -27.32
CA GLY L 389 34.05 -40.08 -28.00
C GLY L 389 32.78 -39.90 -27.20
N GLU L 390 32.88 -40.00 -25.90
CA GLU L 390 31.72 -39.79 -25.04
C GLU L 390 32.09 -38.89 -23.88
N PRO L 391 31.26 -37.93 -23.52
CA PRO L 391 31.57 -37.03 -22.41
C PRO L 391 31.53 -37.76 -21.08
N HIS L 392 32.25 -37.18 -20.12
CA HIS L 392 32.22 -37.67 -18.74
C HIS L 392 30.85 -37.47 -18.10
N LYS L 393 30.39 -38.50 -17.41
CA LYS L 393 29.07 -38.51 -16.80
C LYS L 393 29.07 -38.05 -15.34
N VAL L 394 30.22 -37.78 -14.76
CA VAL L 394 30.29 -37.34 -13.38
C VAL L 394 31.31 -36.23 -13.25
N ASP L 395 31.02 -35.26 -12.41
CA ASP L 395 32.02 -34.24 -12.18
C ASP L 395 33.16 -34.82 -11.36
N GLN L 396 34.30 -34.18 -11.47
CA GLN L 396 35.50 -34.53 -10.72
C GLN L 396 35.61 -33.68 -9.47
N GLU L 397 35.63 -34.32 -8.31
CA GLU L 397 35.77 -33.58 -7.06
C GLU L 397 37.23 -33.57 -6.65
N PHE L 398 37.51 -33.03 -5.47
CA PHE L 398 38.84 -33.04 -4.88
C PHE L 398 38.93 -33.87 -3.61
N GLN L 399 37.96 -33.70 -2.71
CA GLN L 399 37.99 -34.40 -1.42
C GLN L 399 37.95 -35.90 -1.59
N ALA L 400 37.49 -36.39 -2.73
CA ALA L 400 37.45 -37.81 -3.00
C ALA L 400 38.41 -38.27 -4.09
N ALA L 401 38.94 -37.37 -4.91
CA ALA L 401 39.77 -37.80 -6.03
C ALA L 401 41.24 -37.95 -5.64
N VAL L 402 41.49 -38.61 -4.51
CA VAL L 402 42.84 -38.83 -4.01
C VAL L 402 42.90 -40.21 -3.40
N SER L 403 43.83 -41.03 -3.85
CA SER L 403 43.81 -42.43 -3.48
C SER L 403 44.08 -42.60 -1.99
N LYS L 404 43.43 -43.62 -1.41
CA LYS L 404 43.59 -43.88 0.01
C LYS L 404 45.02 -44.20 0.37
N THR L 405 45.75 -44.89 -0.51
CA THR L 405 47.15 -45.11 -0.25
C THR L 405 47.92 -43.80 -0.23
N SER L 406 47.65 -42.94 -1.21
CA SER L 406 48.29 -41.63 -1.23
C SER L 406 47.87 -40.82 -0.02
N TRP L 407 46.60 -40.94 0.38
CA TRP L 407 46.13 -40.26 1.57
C TRP L 407 46.89 -40.72 2.80
N ASN L 408 47.10 -42.04 2.92
CA ASN L 408 47.82 -42.57 4.06
C ASN L 408 49.24 -42.03 4.13
N TRP L 409 49.93 -42.03 2.98
CA TRP L 409 51.28 -41.48 2.96
C TRP L 409 51.27 -40.01 3.34
N LEU L 410 50.37 -39.24 2.75
CA LEU L 410 50.33 -37.81 3.02
C LEU L 410 50.03 -37.53 4.49
N LEU L 411 49.06 -38.23 5.06
CA LEU L 411 48.75 -38.08 6.47
C LEU L 411 49.93 -38.46 7.35
N ALA L 412 50.64 -39.53 7.00
CA ALA L 412 51.80 -39.90 7.81
C ALA L 412 52.86 -38.81 7.80
N LEU L 413 53.21 -38.30 6.62
CA LEU L 413 54.23 -37.27 6.57
C LEU L 413 53.77 -35.93 7.11
N PHE L 414 52.47 -35.69 7.17
CA PHE L 414 52.02 -34.46 7.82
C PHE L 414 51.83 -34.60 9.31
N GLY L 415 51.53 -35.80 9.79
CA GLY L 415 51.31 -36.02 11.21
C GLY L 415 52.58 -36.30 11.99
N GLY L 416 53.62 -36.76 11.30
CA GLY L 416 54.91 -36.94 11.97
C GLY L 416 55.44 -35.64 12.56
N ALA L 417 55.40 -34.56 11.78
CA ALA L 417 55.84 -33.26 12.29
C ALA L 417 54.95 -32.78 13.43
N SER L 418 53.63 -32.98 13.31
CA SER L 418 52.72 -32.58 14.38
C SER L 418 53.01 -33.34 15.67
N SER L 419 53.24 -34.65 15.56
CA SER L 419 53.60 -35.42 16.74
C SER L 419 54.91 -34.94 17.32
N LEU L 420 55.87 -34.61 16.46
CA LEU L 420 57.17 -34.16 16.91
C LEU L 420 57.05 -32.85 17.67
N ILE L 421 56.31 -31.89 17.14
CA ILE L 421 56.14 -30.61 17.81
C ILE L 421 55.37 -30.78 19.12
N VAL L 422 54.41 -31.70 19.14
CA VAL L 422 53.72 -32.00 20.40
C VAL L 422 54.70 -32.53 21.43
N VAL L 423 55.57 -33.45 21.01
CA VAL L 423 56.59 -33.98 21.92
C VAL L 423 57.54 -32.88 22.37
N GLY L 424 57.89 -31.96 21.48
CA GLY L 424 58.75 -30.87 21.87
C GLY L 424 58.14 -29.95 22.91
N LEU L 425 56.86 -29.62 22.74
CA LEU L 425 56.15 -28.85 23.75
C LEU L 425 56.04 -29.62 25.06
N ILE L 426 55.79 -30.92 24.98
CA ILE L 426 55.72 -31.75 26.19
C ILE L 426 57.05 -31.73 26.93
N VAL L 427 58.16 -31.86 26.19
CA VAL L 427 59.48 -31.84 26.82
C VAL L 427 59.75 -30.48 27.43
N LEU L 428 59.38 -29.41 26.75
CA LEU L 428 59.57 -28.08 27.32
C LEU L 428 58.79 -27.91 28.62
N VAL L 429 57.53 -28.35 28.64
CA VAL L 429 56.74 -28.25 29.86
C VAL L 429 57.33 -29.09 30.98
N CYS L 430 57.78 -30.31 30.67
CA CYS L 430 58.39 -31.15 31.69
C CYS L 430 59.66 -30.52 32.24
N SER L 431 60.47 -29.94 31.36
CA SER L 431 61.67 -29.24 31.79
C SER L 431 61.34 -28.04 32.68
N SER L 432 60.29 -27.31 32.33
CA SER L 432 59.88 -26.18 33.16
C SER L 432 59.42 -26.64 34.53
N MET L 433 58.67 -27.74 34.59
CA MET L 433 58.25 -28.28 35.88
C MET L 433 59.45 -28.75 36.71
N LEU L 434 60.42 -29.40 36.08
CA LEU L 434 61.60 -29.85 36.81
C LEU L 434 62.42 -28.68 37.34
N ILE L 435 62.64 -27.66 36.50
CA ILE L 435 63.43 -26.52 36.93
C ILE L 435 62.70 -25.69 37.99
N ASN L 436 61.37 -25.62 37.93
CA ASN L 436 60.61 -24.99 39.00
C ASN L 436 60.72 -25.78 40.30
N THR L 437 60.60 -27.10 40.22
CA THR L 437 60.67 -27.93 41.42
C THR L 437 62.06 -27.89 42.04
N ARG L 438 63.10 -27.95 41.22
CA ARG L 438 64.47 -28.01 41.70
C ARG L 438 65.17 -26.66 41.74
N ARG L 439 64.42 -25.57 41.88
CA ARG L 439 65.04 -24.29 42.19
C ARG L 439 65.04 -24.02 43.70
N PRO M 1 16.16 2.84 -76.03
CA PRO M 1 17.42 2.48 -76.66
C PRO M 1 18.27 3.70 -76.96
N TYR M 2 19.50 3.74 -76.48
CA TYR M 2 20.35 4.90 -76.68
C TYR M 2 21.78 4.47 -76.94
N LEU M 3 22.44 5.17 -77.85
CA LEU M 3 23.89 5.14 -77.90
C LEU M 3 24.47 5.92 -76.74
N GLY M 4 25.72 5.59 -76.39
CA GLY M 4 26.32 6.16 -75.20
C GLY M 4 27.81 5.95 -75.16
N PHE M 5 28.45 6.79 -74.35
CA PHE M 5 29.90 6.93 -74.24
C PHE M 5 30.53 5.74 -73.53
N CYS M 6 31.06 4.79 -74.31
CA CYS M 6 31.82 3.69 -73.75
C CYS M 6 33.24 4.13 -73.38
N PRO M 7 33.72 3.74 -72.21
CA PRO M 7 35.09 4.08 -71.81
C PRO M 7 36.16 3.59 -72.77
N TYR M 8 35.90 2.50 -73.48
CA TYR M 8 36.94 1.87 -74.31
C TYR M 8 36.23 1.13 -75.43
N CYS M 9 36.21 1.75 -76.60
CA CYS M 9 35.53 1.17 -77.76
C CYS M 9 36.40 0.10 -78.41
N ARG M 10 35.88 -0.44 -79.51
CA ARG M 10 36.57 -1.50 -80.24
C ARG M 10 37.90 -1.02 -80.78
N HIS M 11 37.96 0.21 -81.25
CA HIS M 11 39.23 0.92 -81.26
C HIS M 11 39.50 1.46 -79.87
N SER M 12 40.74 1.27 -79.43
CA SER M 12 41.12 1.47 -78.04
C SER M 12 41.09 2.94 -77.67
N ALA M 13 39.92 3.56 -77.79
CA ALA M 13 39.73 4.93 -77.35
C ALA M 13 38.32 5.04 -76.81
N PRO M 14 38.08 5.97 -75.89
CA PRO M 14 36.71 6.27 -75.49
C PRO M 14 35.91 6.83 -76.65
N CYS M 15 34.67 6.37 -76.79
CA CYS M 15 33.85 6.83 -77.91
C CYS M 15 32.40 6.55 -77.60
N PHE M 16 31.54 7.22 -78.37
CA PHE M 16 30.12 6.90 -78.37
C PHE M 16 29.87 5.51 -78.93
N SER M 17 29.05 4.74 -78.24
CA SER M 17 28.87 3.34 -78.58
C SER M 17 27.40 2.99 -78.61
N PRO M 18 27.01 1.99 -79.41
CA PRO M 18 25.61 1.56 -79.42
C PRO M 18 25.27 0.68 -78.26
N ILE M 19 26.24 0.16 -77.53
CA ILE M 19 25.97 -0.82 -76.51
C ILE M 19 26.80 -0.50 -75.28
N LYS M 20 26.58 0.67 -74.71
CA LYS M 20 27.29 1.08 -73.52
C LYS M 20 26.92 0.19 -72.36
N ILE M 21 27.92 -0.24 -71.62
CA ILE M 21 27.71 -1.00 -70.39
C ILE M 21 27.44 -0.07 -69.22
N GLU M 22 26.49 -0.43 -68.38
CA GLU M 22 26.24 0.31 -67.16
C GLU M 22 26.86 -0.32 -65.92
N ASN M 23 26.34 -1.48 -65.53
CA ASN M 23 26.76 -2.14 -64.31
C ASN M 23 27.02 -3.60 -64.57
N VAL M 24 27.79 -4.20 -63.66
CA VAL M 24 28.00 -5.63 -63.65
C VAL M 24 27.83 -6.12 -62.23
N TRP M 25 27.00 -7.14 -62.05
CA TRP M 25 26.80 -7.76 -60.75
C TRP M 25 27.32 -9.18 -60.78
N ASP M 26 27.95 -9.60 -59.70
CA ASP M 26 28.52 -10.94 -59.66
C ASP M 26 28.22 -11.64 -58.33
N GLU M 27 27.04 -11.40 -57.79
CA GLU M 27 26.72 -11.96 -56.48
C GLU M 27 26.33 -13.43 -56.54
N SER M 28 26.16 -14.00 -57.72
CA SER M 28 25.80 -15.41 -57.81
C SER M 28 26.94 -16.32 -57.39
N ASP M 29 26.59 -17.41 -56.73
CA ASP M 29 27.61 -18.34 -56.28
C ASP M 29 28.15 -19.19 -57.42
N ASP M 30 27.40 -19.37 -58.50
CA ASP M 30 27.92 -20.17 -59.60
C ASP M 30 28.76 -19.36 -60.57
N GLY M 31 28.87 -18.06 -60.39
CA GLY M 31 29.66 -17.25 -61.27
C GLY M 31 28.88 -16.61 -62.40
N SER M 32 27.58 -16.84 -62.50
CA SER M 32 26.80 -16.11 -63.47
C SER M 32 26.80 -14.63 -63.14
N ILE M 33 26.88 -13.80 -64.17
CA ILE M 33 26.92 -12.35 -64.06
C ILE M 33 25.72 -11.75 -64.77
N ARG M 34 25.15 -10.73 -64.17
CA ARG M 34 24.07 -9.96 -64.78
C ARG M 34 24.65 -8.66 -65.32
N ILE M 35 24.45 -8.43 -66.62
CA ILE M 35 25.02 -7.29 -67.32
C ILE M 35 23.92 -6.39 -67.86
N GLN M 36 23.95 -5.13 -67.47
CA GLN M 36 23.04 -4.12 -68.00
C GLN M 36 23.76 -3.38 -69.12
N VAL M 37 23.11 -3.23 -70.27
CA VAL M 37 23.69 -2.52 -71.39
C VAL M 37 22.64 -1.67 -72.07
N SER M 38 23.12 -0.77 -72.92
CA SER M 38 22.35 0.31 -73.48
C SER M 38 21.42 -0.13 -74.58
N ALA M 39 21.26 -1.42 -74.82
CA ALA M 39 20.43 -1.90 -75.91
C ALA M 39 19.32 -2.80 -75.36
N GLN M 40 18.22 -2.88 -76.11
CA GLN M 40 17.08 -3.63 -75.67
C GLN M 40 17.05 -4.97 -76.40
N PHE M 41 16.96 -6.05 -75.63
CA PHE M 41 17.04 -7.40 -76.17
C PHE M 41 15.69 -8.10 -76.18
N GLY M 42 15.47 -8.92 -77.20
CA GLY M 42 14.21 -9.64 -77.38
C GLY M 42 13.05 -8.84 -77.90
N TYR M 43 13.29 -7.67 -78.45
CA TYR M 43 12.25 -6.82 -79.00
C TYR M 43 12.68 -6.32 -80.37
N ASN M 44 11.76 -6.35 -81.32
CA ASN M 44 12.04 -5.96 -82.68
C ASN M 44 11.90 -4.44 -82.85
N GLN M 45 11.90 -4.00 -84.11
CA GLN M 45 11.84 -2.58 -84.42
C GLN M 45 10.78 -1.89 -83.59
N ALA M 46 9.54 -2.33 -83.72
CA ALA M 46 8.44 -1.81 -82.94
C ALA M 46 8.49 -2.27 -81.50
N GLY M 47 9.33 -3.26 -81.18
CA GLY M 47 9.45 -3.70 -79.81
C GLY M 47 8.43 -4.74 -79.41
N THR M 48 8.04 -5.61 -80.33
CA THR M 48 7.25 -6.76 -79.97
C THR M 48 8.10 -7.78 -79.23
N ALA M 49 7.44 -8.76 -78.62
CA ALA M 49 8.13 -9.81 -77.88
C ALA M 49 8.59 -10.91 -78.83
N ASP M 50 9.72 -10.65 -79.50
CA ASP M 50 10.32 -11.63 -80.41
C ASP M 50 11.76 -11.90 -79.97
N VAL M 51 11.92 -12.93 -79.13
CA VAL M 51 13.21 -13.30 -78.55
C VAL M 51 14.32 -13.39 -79.59
N THR M 52 13.97 -13.76 -80.81
CA THR M 52 14.94 -13.84 -81.89
C THR M 52 15.74 -12.55 -82.13
N LYS M 53 15.14 -11.39 -81.92
CA LYS M 53 15.81 -10.14 -82.29
C LYS M 53 15.83 -9.12 -81.16
N PHE M 54 16.87 -8.30 -81.17
CA PHE M 54 17.00 -7.13 -80.31
C PHE M 54 17.02 -5.85 -81.14
N ARG M 55 16.87 -4.72 -80.46
CA ARG M 55 16.90 -3.40 -81.10
C ARG M 55 17.92 -2.47 -80.46
N TYR M 56 18.40 -1.51 -81.25
CA TYR M 56 19.42 -0.58 -80.76
C TYR M 56 19.42 0.69 -81.61
N MET M 57 20.05 1.73 -81.05
CA MET M 57 20.12 3.06 -81.68
C MET M 57 21.07 3.11 -82.87
N SER M 58 20.58 3.62 -83.98
CA SER M 58 21.31 3.66 -85.24
C SER M 58 22.40 4.72 -85.22
N TYR M 59 23.42 4.51 -86.05
CA TYR M 59 24.52 5.45 -86.26
C TYR M 59 24.28 6.35 -87.46
N ASP M 60 23.13 7.01 -87.55
CA ASP M 60 22.82 7.86 -88.68
C ASP M 60 22.17 9.15 -88.19
N HIS M 61 22.16 10.15 -89.07
CA HIS M 61 21.54 11.42 -88.74
C HIS M 61 20.06 11.30 -88.50
N ASP M 62 19.41 10.28 -89.04
CA ASP M 62 18.02 10.03 -88.69
C ASP M 62 17.89 9.44 -87.30
N HIS M 63 18.92 8.75 -86.82
CA HIS M 63 18.94 8.05 -85.54
C HIS M 63 17.61 7.37 -85.26
N ASP M 64 17.18 6.57 -86.21
CA ASP M 64 16.07 5.66 -86.01
C ASP M 64 16.58 4.41 -85.28
N ILE M 65 15.72 3.43 -85.13
CA ILE M 65 16.05 2.18 -84.46
C ILE M 65 16.24 1.10 -85.51
N LYS M 66 17.30 0.33 -85.39
CA LYS M 66 17.45 -0.87 -86.20
C LYS M 66 17.33 -2.09 -85.31
N GLU M 67 17.33 -3.26 -85.93
CA GLU M 67 17.25 -4.50 -85.20
C GLU M 67 18.24 -5.51 -85.78
N ASP M 68 18.65 -6.44 -84.93
CA ASP M 68 19.50 -7.54 -85.34
C ASP M 68 19.23 -8.75 -84.45
N SER M 69 19.97 -9.83 -84.70
CA SER M 69 19.68 -11.12 -84.09
C SER M 69 20.73 -11.53 -83.08
N MET M 70 20.32 -12.45 -82.21
CA MET M 70 21.18 -12.98 -81.16
C MET M 70 22.40 -13.70 -81.70
N GLU M 71 22.32 -14.23 -82.92
CA GLU M 71 23.45 -14.95 -83.50
C GLU M 71 24.71 -14.09 -83.53
N LYS M 72 24.57 -12.77 -83.48
CA LYS M 72 25.66 -11.86 -83.78
C LYS M 72 26.24 -11.23 -82.54
N LEU M 73 25.70 -11.55 -81.37
CA LEU M 73 26.19 -11.01 -80.10
C LEU M 73 26.99 -12.06 -79.36
N ALA M 74 27.99 -11.58 -78.63
CA ALA M 74 28.83 -12.47 -77.86
C ALA M 74 29.34 -11.73 -76.64
N ILE M 75 29.72 -12.49 -75.64
CA ILE M 75 30.20 -11.95 -74.38
C ILE M 75 31.49 -12.67 -74.04
N SER M 76 32.44 -11.93 -73.48
CA SER M 76 33.74 -12.50 -73.19
C SER M 76 34.44 -11.69 -72.13
N THR M 77 35.05 -12.40 -71.18
CA THR M 77 35.97 -11.81 -70.23
C THR M 77 37.40 -12.07 -70.65
N SER M 78 37.77 -13.32 -70.70
CA SER M 78 39.07 -13.75 -71.15
C SER M 78 38.99 -14.73 -72.31
N GLY M 79 37.91 -15.51 -72.36
CA GLY M 79 37.56 -16.29 -73.52
C GLY M 79 36.08 -16.12 -73.77
N PRO M 80 35.60 -16.59 -74.90
CA PRO M 80 34.17 -16.47 -75.20
C PRO M 80 33.32 -17.00 -74.06
N CYS M 81 32.48 -16.14 -73.49
CA CYS M 81 31.53 -16.61 -72.49
C CYS M 81 30.43 -17.40 -73.18
N ARG M 82 29.70 -18.16 -72.39
CA ARG M 82 28.50 -18.84 -72.87
C ARG M 82 27.29 -18.01 -72.46
N ARG M 83 26.69 -17.33 -73.43
CA ARG M 83 25.45 -16.58 -73.21
C ARG M 83 24.39 -17.49 -72.64
N LEU M 84 23.63 -16.98 -71.69
CA LEU M 84 22.68 -17.81 -70.99
C LEU M 84 21.25 -17.31 -71.07
N GLY M 85 21.03 -16.00 -71.13
CA GLY M 85 19.68 -15.51 -71.36
C GLY M 85 19.71 -14.02 -71.59
N HIS M 86 18.61 -13.52 -72.14
CA HIS M 86 18.51 -12.09 -72.41
C HIS M 86 17.08 -11.61 -72.29
N LYS M 87 16.92 -10.38 -71.79
CA LYS M 87 15.61 -9.78 -71.60
C LYS M 87 15.77 -8.27 -71.56
N GLY M 88 15.31 -7.61 -72.61
CA GLY M 88 15.34 -6.16 -72.65
C GLY M 88 16.73 -5.59 -72.50
N TYR M 89 16.92 -4.71 -71.54
CA TYR M 89 18.22 -4.12 -71.28
C TYR M 89 19.26 -5.12 -70.78
N PHE M 90 18.84 -6.21 -70.18
CA PHE M 90 19.77 -7.05 -69.44
C PHE M 90 20.20 -8.30 -70.19
N LEU M 91 21.43 -8.72 -69.93
CA LEU M 91 21.96 -10.01 -70.33
C LEU M 91 22.41 -10.79 -69.11
N LEU M 92 22.43 -12.11 -69.25
CA LEU M 92 23.04 -12.96 -68.24
C LEU M 92 23.85 -14.07 -68.89
N ALA M 93 25.05 -14.30 -68.37
CA ALA M 93 25.97 -15.22 -69.01
C ALA M 93 26.90 -15.84 -67.98
N GLN M 94 27.32 -17.07 -68.27
CA GLN M 94 28.39 -17.73 -67.56
C GLN M 94 29.73 -17.41 -68.20
N CYS M 95 30.67 -16.94 -67.39
CA CYS M 95 31.94 -16.49 -67.93
C CYS M 95 33.09 -17.13 -67.18
N PRO M 96 34.23 -17.30 -67.85
CA PRO M 96 35.43 -17.74 -67.16
C PRO M 96 36.03 -16.59 -66.38
N PRO M 97 36.98 -16.85 -65.49
CA PRO M 97 37.64 -15.77 -64.76
C PRO M 97 38.39 -14.85 -65.70
N GLY M 98 38.42 -13.57 -65.33
CA GLY M 98 39.08 -12.57 -66.15
C GLY M 98 39.05 -11.22 -65.48
N ASP M 99 39.42 -10.19 -66.22
CA ASP M 99 39.56 -8.86 -65.65
C ASP M 99 38.72 -7.80 -66.33
N SER M 100 38.36 -7.99 -67.58
CA SER M 100 37.52 -7.06 -68.32
C SER M 100 36.41 -7.86 -68.98
N VAL M 101 35.18 -7.41 -68.82
CA VAL M 101 34.06 -8.06 -69.49
C VAL M 101 33.68 -7.22 -70.70
N THR M 102 33.46 -7.89 -71.82
CA THR M 102 33.23 -7.23 -73.10
C THR M 102 31.96 -7.72 -73.77
N VAL M 103 31.22 -6.80 -74.36
CA VAL M 103 30.06 -7.11 -75.17
C VAL M 103 30.33 -6.61 -76.57
N SER M 104 30.10 -7.47 -77.55
CA SER M 104 30.47 -7.16 -78.92
C SER M 104 29.35 -7.51 -79.90
N ILE M 105 29.26 -6.69 -80.95
CA ILE M 105 28.44 -6.97 -82.12
C ILE M 105 29.38 -7.26 -83.27
N THR M 106 29.11 -8.32 -84.02
CA THR M 106 29.83 -8.57 -85.26
C THR M 106 28.81 -8.49 -86.40
N SER M 107 28.51 -7.27 -86.82
CA SER M 107 27.61 -7.05 -87.95
C SER M 107 28.47 -7.12 -89.20
N GLY M 108 28.62 -8.32 -89.73
CA GLY M 108 29.62 -8.53 -90.76
C GLY M 108 31.00 -8.21 -90.23
N ALA M 109 31.74 -7.40 -91.01
CA ALA M 109 33.05 -6.90 -90.62
C ALA M 109 32.99 -5.62 -89.80
N SER M 110 31.82 -5.01 -89.66
CA SER M 110 31.66 -3.80 -88.85
C SER M 110 31.65 -4.14 -87.37
N GLU M 111 32.75 -4.77 -86.94
CA GLU M 111 32.89 -5.21 -85.57
C GLU M 111 32.80 -4.03 -84.62
N ASN M 112 31.90 -4.13 -83.64
CA ASN M 112 31.65 -3.05 -82.70
C ASN M 112 31.52 -3.64 -81.31
N SER M 113 32.08 -2.96 -80.32
CA SER M 113 32.11 -3.53 -78.99
C SER M 113 32.39 -2.45 -77.96
N CYS M 114 32.09 -2.80 -76.71
CA CYS M 114 32.40 -1.95 -75.57
C CYS M 114 32.97 -2.81 -74.45
N THR M 115 33.85 -2.23 -73.66
CA THR M 115 34.47 -2.91 -72.55
C THR M 115 34.28 -2.09 -71.28
N VAL M 116 34.24 -2.76 -70.14
CA VAL M 116 34.45 -2.10 -68.86
C VAL M 116 35.42 -2.92 -68.04
N GLU M 117 36.31 -2.24 -67.32
CA GLU M 117 37.19 -2.90 -66.38
C GLU M 117 36.36 -3.40 -65.19
N LYS M 118 36.39 -4.71 -64.93
CA LYS M 118 35.67 -5.28 -63.81
C LYS M 118 36.33 -6.54 -63.31
N LYS M 119 36.74 -6.55 -62.04
CA LYS M 119 37.34 -7.73 -61.43
C LYS M 119 36.30 -8.84 -61.34
N ILE M 120 36.47 -9.90 -62.12
CA ILE M 120 35.67 -11.11 -62.01
C ILE M 120 36.58 -12.31 -61.72
N ARG M 121 36.20 -13.12 -60.74
CA ARG M 121 37.05 -14.23 -60.32
C ARG M 121 36.20 -15.47 -60.05
N ARG M 122 36.85 -16.61 -60.15
CA ARG M 122 36.21 -17.88 -59.82
C ARG M 122 35.99 -17.97 -58.32
N LYS M 123 34.75 -18.12 -57.90
CA LYS M 123 34.41 -18.31 -56.49
C LYS M 123 33.70 -19.62 -56.29
N PHE M 124 33.92 -20.23 -55.13
CA PHE M 124 33.24 -21.45 -54.75
C PHE M 124 32.41 -21.18 -53.50
N VAL M 125 31.65 -22.19 -53.08
CA VAL M 125 30.82 -22.10 -51.89
C VAL M 125 31.04 -23.31 -51.00
N GLY M 126 31.12 -23.07 -49.70
CA GLY M 126 31.37 -24.12 -48.75
C GLY M 126 32.74 -23.97 -48.13
N ARG M 127 33.44 -25.08 -47.92
CA ARG M 127 34.66 -25.03 -47.13
C ARG M 127 35.78 -25.78 -47.80
N GLU M 128 35.65 -26.12 -49.07
CA GLU M 128 36.74 -26.72 -49.82
C GLU M 128 36.68 -26.22 -51.25
N GLU M 129 37.75 -25.62 -51.72
CA GLU M 129 37.76 -25.07 -53.07
C GLU M 129 37.65 -26.20 -54.08
N TYR M 130 37.00 -25.92 -55.20
CA TYR M 130 36.93 -26.90 -56.27
C TYR M 130 36.81 -26.21 -57.61
N LEU M 131 37.15 -26.93 -58.66
CA LEU M 131 37.03 -26.37 -60.00
C LEU M 131 35.68 -26.67 -60.59
N PHE M 132 35.16 -27.86 -60.32
CA PHE M 132 33.82 -28.28 -60.67
C PHE M 132 33.11 -28.82 -59.45
N PRO M 133 31.79 -28.75 -59.43
CA PRO M 133 31.06 -29.44 -58.42
C PRO M 133 31.33 -30.93 -58.56
N PRO M 134 31.69 -31.59 -57.47
CA PRO M 134 32.06 -33.00 -57.55
C PRO M 134 30.79 -33.82 -57.71
N VAL M 135 30.98 -35.03 -58.25
CA VAL M 135 29.84 -35.91 -58.39
C VAL M 135 29.34 -36.37 -57.04
N HIS M 136 30.23 -36.61 -56.09
CA HIS M 136 29.82 -37.08 -54.78
C HIS M 136 30.11 -36.07 -53.69
N GLY M 137 29.11 -35.80 -52.87
CA GLY M 137 29.29 -34.87 -51.77
C GLY M 137 27.97 -34.48 -51.14
N LYS M 138 28.09 -33.69 -50.08
CA LYS M 138 26.95 -33.13 -49.38
C LYS M 138 26.27 -32.05 -50.24
N LEU M 139 25.05 -31.72 -49.86
CA LEU M 139 24.32 -30.59 -50.41
C LEU M 139 24.22 -29.45 -49.40
N VAL M 140 24.34 -28.22 -49.89
CA VAL M 140 24.27 -27.03 -49.06
C VAL M 140 23.48 -25.95 -49.78
N LYS M 141 22.85 -25.09 -49.01
CA LYS M 141 22.15 -23.93 -49.56
C LYS M 141 23.11 -22.92 -50.16
N CYS M 142 22.93 -22.65 -51.44
CA CYS M 142 23.64 -21.62 -52.17
C CYS M 142 22.63 -20.66 -52.81
N HIS M 143 23.13 -19.64 -53.52
CA HIS M 143 22.28 -18.72 -54.26
C HIS M 143 22.79 -18.46 -55.68
N VAL M 144 21.85 -18.38 -56.62
CA VAL M 144 22.17 -18.26 -58.04
C VAL M 144 21.12 -17.40 -58.70
N TYR M 145 21.50 -16.74 -59.79
CA TYR M 145 20.56 -16.00 -60.61
C TYR M 145 19.67 -16.95 -61.41
N ASP M 146 18.37 -16.85 -61.20
CA ASP M 146 17.41 -17.63 -61.98
C ASP M 146 17.45 -17.24 -63.45
N HIS M 147 17.42 -18.26 -64.30
CA HIS M 147 17.45 -18.07 -65.75
C HIS M 147 16.14 -17.56 -66.33
N LEU M 148 15.02 -17.68 -65.62
CA LEU M 148 13.73 -17.37 -66.20
C LEU M 148 13.54 -15.87 -66.38
N LYS M 149 13.31 -15.45 -67.62
CA LYS M 149 13.22 -14.05 -68.00
C LYS M 149 12.11 -13.30 -67.29
N GLU M 150 11.26 -13.98 -66.56
CA GLU M 150 10.20 -13.29 -65.85
C GLU M 150 10.34 -13.49 -64.37
N THR M 151 11.50 -13.13 -63.83
CA THR M 151 11.69 -13.06 -62.40
C THR M 151 12.19 -11.68 -62.08
N SER M 152 11.61 -11.06 -61.05
CA SER M 152 11.85 -9.66 -60.74
C SER M 152 12.82 -9.52 -59.58
N ALA M 153 13.93 -8.85 -59.82
CA ALA M 153 14.88 -8.52 -58.76
C ALA M 153 14.61 -7.15 -58.15
N GLY M 154 13.78 -6.36 -58.76
CA GLY M 154 13.48 -5.03 -58.31
C GLY M 154 13.05 -4.18 -59.50
N TYR M 155 13.42 -2.90 -59.49
CA TYR M 155 13.01 -2.04 -60.56
C TYR M 155 14.05 -0.96 -60.76
N ILE M 156 14.08 -0.41 -61.96
CA ILE M 156 14.93 0.72 -62.31
C ILE M 156 14.05 1.84 -62.84
N THR M 157 14.36 3.06 -62.43
CA THR M 157 13.56 4.19 -62.88
C THR M 157 13.72 4.36 -64.38
N MET M 158 12.76 5.03 -64.98
CA MET M 158 12.71 5.18 -66.42
C MET M 158 12.29 6.61 -66.71
N HIS M 159 12.87 7.21 -67.74
CA HIS M 159 12.56 8.61 -67.99
C HIS M 159 12.46 8.86 -69.49
N ARG M 160 12.15 10.07 -69.81
CA ARG M 160 11.86 10.55 -71.14
C ARG M 160 13.05 11.31 -71.71
N PRO M 161 13.23 11.22 -73.02
CA PRO M 161 14.49 11.69 -73.63
C PRO M 161 14.62 13.19 -73.59
N GLY M 162 15.85 13.64 -73.36
CA GLY M 162 16.15 15.04 -73.37
C GLY M 162 16.50 15.46 -74.79
N PRO M 163 16.74 16.76 -74.98
CA PRO M 163 17.08 17.27 -76.31
C PRO M 163 18.38 16.66 -76.79
N HIS M 164 18.30 15.90 -77.88
CA HIS M 164 19.47 15.27 -78.48
C HIS M 164 19.86 16.03 -79.74
N ALA M 165 20.67 17.06 -79.58
CA ALA M 165 20.98 17.95 -80.67
C ALA M 165 21.75 17.23 -81.76
N TYR M 166 21.60 17.70 -82.98
CA TYR M 166 22.31 17.14 -84.11
C TYR M 166 23.00 18.25 -84.88
N LYS M 167 24.28 18.04 -85.20
CA LYS M 167 25.04 19.06 -85.91
C LYS M 167 24.59 19.16 -87.36
N SER M 168 24.33 18.02 -87.98
CA SER M 168 23.93 17.97 -89.39
C SER M 168 22.65 18.74 -89.63
N TYR M 169 21.84 18.95 -88.60
CA TYR M 169 20.63 19.73 -88.77
C TYR M 169 20.93 21.18 -89.12
N LEU M 170 21.96 21.76 -88.52
CA LEU M 170 22.34 23.13 -88.87
C LEU M 170 23.09 23.20 -90.20
N GLU M 171 22.99 24.36 -90.84
CA GLU M 171 23.78 24.68 -92.02
C GLU M 171 24.17 26.16 -91.99
N GLU M 172 25.37 26.45 -92.46
CA GLU M 172 25.85 27.81 -92.64
C GLU M 172 26.23 27.99 -94.11
N ALA M 173 25.79 29.09 -94.71
CA ALA M 173 26.17 29.37 -96.09
C ALA M 173 26.05 30.86 -96.37
N SER M 174 27.14 31.43 -96.89
CA SER M 174 27.20 32.85 -97.28
C SER M 174 26.85 33.78 -96.11
N GLY M 175 27.33 33.45 -94.92
CA GLY M 175 26.96 34.23 -93.76
C GLY M 175 25.49 34.13 -93.43
N GLU M 176 24.85 33.03 -93.79
CA GLU M 176 23.44 32.81 -93.52
C GLU M 176 23.28 31.48 -92.80
N VAL M 177 22.44 31.47 -91.78
CA VAL M 177 22.25 30.29 -90.94
C VAL M 177 20.85 29.74 -91.20
N TYR M 178 20.79 28.46 -91.46
CA TYR M 178 19.60 27.77 -91.92
C TYR M 178 19.42 26.48 -91.13
N ILE M 179 18.20 25.98 -91.13
CA ILE M 179 17.89 24.69 -90.53
C ILE M 179 17.42 23.76 -91.65
N LYS M 180 18.00 22.57 -91.71
CA LYS M 180 17.58 21.57 -92.68
C LYS M 180 16.96 20.41 -91.94
N PRO M 181 15.65 20.38 -91.78
CA PRO M 181 15.02 19.31 -91.03
C PRO M 181 15.14 17.99 -91.78
N PRO M 182 15.06 16.86 -91.06
CA PRO M 182 14.87 15.58 -91.74
C PRO M 182 13.52 15.58 -92.46
N SER M 183 13.48 14.85 -93.56
CA SER M 183 12.32 14.92 -94.45
C SER M 183 11.05 14.48 -93.74
N GLY M 184 10.05 15.35 -93.76
CA GLY M 184 8.75 15.03 -93.23
C GLY M 184 8.62 15.04 -91.73
N LYS M 185 9.66 15.46 -91.02
CA LYS M 185 9.68 15.41 -89.56
C LYS M 185 9.95 16.80 -89.00
N ASN M 186 9.16 17.18 -88.00
CA ASN M 186 9.29 18.51 -87.42
C ASN M 186 10.52 18.59 -86.54
N VAL M 187 11.33 19.61 -86.76
CA VAL M 187 12.52 19.91 -85.95
C VAL M 187 12.24 21.13 -85.09
N THR M 188 12.48 21.01 -83.80
CA THR M 188 12.51 22.16 -82.91
C THR M 188 13.89 22.82 -82.98
N TYR M 189 13.93 24.14 -82.79
CA TYR M 189 15.21 24.82 -82.74
C TYR M 189 15.19 25.96 -81.73
N GLU M 190 16.39 26.33 -81.32
CA GLU M 190 16.64 27.35 -80.32
C GLU M 190 17.94 28.03 -80.69
N CYS M 191 17.92 29.36 -80.78
CA CYS M 191 19.14 30.07 -81.16
C CYS M 191 19.24 31.39 -80.40
N LYS M 192 20.47 31.85 -80.27
CA LYS M 192 20.81 33.07 -79.54
C LYS M 192 21.88 33.81 -80.33
N CYS M 193 21.49 34.91 -80.98
CA CYS M 193 22.43 35.78 -81.68
C CYS M 193 22.27 37.20 -81.18
N GLY M 194 22.27 37.35 -79.86
CA GLY M 194 21.74 38.55 -79.23
C GLY M 194 20.40 38.30 -78.61
N ASP M 195 19.33 38.61 -79.34
CA ASP M 195 18.00 38.20 -78.94
C ASP M 195 17.89 36.68 -78.89
N TYR M 196 17.10 36.20 -77.93
CA TYR M 196 16.90 34.78 -77.71
C TYR M 196 15.67 34.38 -78.51
N SER M 197 15.81 33.38 -79.38
CA SER M 197 14.73 33.04 -80.31
C SER M 197 14.43 31.55 -80.27
N THR M 198 13.15 31.22 -80.43
CA THR M 198 12.67 29.85 -80.48
C THR M 198 11.85 29.64 -81.74
N GLY M 199 11.57 28.39 -82.05
CA GLY M 199 10.57 28.07 -83.04
C GLY M 199 10.65 26.61 -83.43
N ILE M 200 9.76 26.24 -84.34
CA ILE M 200 9.70 24.89 -84.89
C ILE M 200 9.47 24.99 -86.39
N VAL M 201 10.17 24.16 -87.16
CA VAL M 201 9.94 24.11 -88.60
C VAL M 201 9.97 22.66 -89.08
N SER M 202 9.46 22.48 -90.30
CA SER M 202 9.55 21.23 -91.03
C SER M 202 10.19 21.45 -92.39
N THR M 203 10.75 22.62 -92.63
CA THR M 203 11.28 22.99 -93.94
C THR M 203 12.57 23.75 -93.78
N ARG M 204 13.32 23.83 -94.86
CA ARG M 204 14.57 24.57 -94.89
C ARG M 204 14.28 26.03 -94.56
N THR M 205 14.73 26.48 -93.39
CA THR M 205 14.28 27.75 -92.83
C THR M 205 15.48 28.54 -92.32
N LYS M 206 15.36 29.87 -92.38
CA LYS M 206 16.42 30.77 -91.98
C LYS M 206 16.28 31.21 -90.53
N MET M 207 17.40 31.66 -89.97
CA MET M 207 17.44 32.48 -88.76
C MET M 207 18.06 33.81 -89.11
N ASN M 208 17.47 34.88 -88.61
CA ASN M 208 17.98 36.21 -88.92
C ASN M 208 19.09 36.61 -87.96
N GLY M 209 19.98 37.46 -88.44
CA GLY M 209 21.00 38.07 -87.61
C GLY M 209 22.01 37.13 -87.00
N CYS M 210 22.47 36.12 -87.74
CA CYS M 210 23.46 35.21 -87.20
C CYS M 210 24.51 34.90 -88.25
N THR M 211 25.72 34.61 -87.78
CA THR M 211 26.87 34.40 -88.66
C THR M 211 27.72 33.20 -88.29
N LYS M 212 27.58 32.64 -87.10
CA LYS M 212 28.36 31.49 -86.67
C LYS M 212 27.45 30.30 -86.44
N ALA M 213 27.90 29.13 -86.90
CA ALA M 213 27.08 27.94 -86.78
C ALA M 213 26.90 27.50 -85.35
N LYS M 214 27.82 27.86 -84.46
CA LYS M 214 27.71 27.43 -83.08
C LYS M 214 26.78 28.30 -82.27
N GLN M 215 25.86 29.00 -82.91
CA GLN M 215 24.94 29.86 -82.18
C GLN M 215 23.54 29.31 -82.07
N CYS M 216 23.22 28.23 -82.78
CA CYS M 216 21.87 27.68 -82.73
C CYS M 216 21.92 26.18 -82.42
N ILE M 217 20.75 25.62 -82.13
CA ILE M 217 20.59 24.19 -81.90
C ILE M 217 19.32 23.73 -82.60
N ALA M 218 19.34 22.54 -83.18
CA ALA M 218 18.13 21.93 -83.73
C ALA M 218 18.02 20.46 -83.32
N TYR M 219 16.78 20.01 -83.09
CA TYR M 219 16.53 18.60 -82.81
C TYR M 219 15.05 18.28 -82.97
N LYS M 220 14.77 17.09 -83.49
CA LYS M 220 13.40 16.58 -83.59
C LYS M 220 12.87 16.04 -82.27
N ARG M 221 11.58 16.31 -82.01
CA ARG M 221 10.92 15.94 -80.75
C ARG M 221 10.64 14.43 -80.69
N ASP M 222 11.66 13.66 -80.29
CA ASP M 222 11.52 12.21 -80.17
C ASP M 222 10.88 11.86 -78.81
N GLN M 223 9.72 12.44 -78.57
CA GLN M 223 8.97 12.27 -77.34
C GLN M 223 8.26 10.93 -77.23
N THR M 224 8.36 10.08 -78.25
CA THR M 224 7.60 8.83 -78.34
C THR M 224 8.40 7.63 -77.84
N LYS M 225 9.23 7.85 -76.84
CA LYS M 225 10.12 6.84 -76.30
C LYS M 225 10.43 7.17 -74.86
N TRP M 226 11.22 6.30 -74.24
CA TRP M 226 11.69 6.52 -72.89
C TRP M 226 13.14 6.06 -72.84
N VAL M 227 13.82 6.41 -71.76
CA VAL M 227 15.24 6.07 -71.62
C VAL M 227 15.54 5.78 -70.17
N PHE M 228 16.43 4.82 -69.96
CA PHE M 228 17.00 4.59 -68.64
C PHE M 228 17.69 5.84 -68.11
N ASN M 229 17.78 5.91 -66.79
CA ASN M 229 18.38 7.07 -66.16
C ASN M 229 19.87 7.07 -66.36
N SER M 230 20.31 7.22 -67.60
CA SER M 230 21.71 6.95 -67.80
C SER M 230 22.52 8.24 -67.67
N PRO M 231 23.64 8.17 -66.96
CA PRO M 231 24.52 9.34 -66.89
C PRO M 231 25.04 9.76 -68.24
N ASP M 232 24.94 8.92 -69.25
CA ASP M 232 25.42 9.27 -70.56
C ASP M 232 24.53 10.26 -71.31
N LEU M 233 23.33 10.56 -70.80
CA LEU M 233 22.43 11.48 -71.47
C LEU M 233 22.09 12.68 -70.60
N ILE M 234 21.89 13.82 -71.25
CA ILE M 234 21.35 15.01 -70.61
C ILE M 234 19.84 14.91 -70.49
N ARG M 235 19.33 15.13 -69.29
CA ARG M 235 17.93 14.85 -69.05
C ARG M 235 17.04 15.92 -69.65
N HIS M 236 15.80 15.52 -69.92
CA HIS M 236 14.75 16.47 -70.26
C HIS M 236 14.44 17.38 -69.07
N THR M 237 13.81 18.50 -69.38
CA THR M 237 13.49 19.49 -68.36
C THR M 237 12.63 18.89 -67.26
N ASP M 238 11.66 18.08 -67.63
CA ASP M 238 10.85 17.33 -66.67
C ASP M 238 11.43 15.94 -66.51
N HIS M 239 12.39 15.82 -65.59
CA HIS M 239 12.97 14.53 -65.26
C HIS M 239 12.22 13.86 -64.11
N SER M 240 10.90 13.81 -64.20
CA SER M 240 10.15 13.07 -63.22
C SER M 240 10.19 11.57 -63.52
N VAL M 241 9.78 10.79 -62.53
CA VAL M 241 9.68 9.34 -62.65
C VAL M 241 8.59 8.97 -63.64
N GLN M 242 8.98 8.53 -64.83
CA GLN M 242 7.99 8.23 -65.85
C GLN M 242 7.57 6.76 -65.87
N GLY M 243 8.43 5.85 -65.43
CA GLY M 243 8.10 4.44 -65.57
C GLY M 243 9.08 3.58 -64.81
N LYS M 244 8.79 2.28 -64.80
CA LYS M 244 9.65 1.29 -64.14
C LYS M 244 9.67 0.00 -64.93
N LEU M 245 10.86 -0.42 -65.33
CA LEU M 245 11.08 -1.75 -65.87
C LEU M 245 11.21 -2.75 -64.74
N HIS M 246 11.32 -4.02 -65.10
CA HIS M 246 11.67 -5.06 -64.15
C HIS M 246 13.10 -5.52 -64.36
N ILE M 247 13.80 -5.76 -63.24
CA ILE M 247 15.17 -6.25 -63.27
C ILE M 247 15.10 -7.77 -63.35
N PRO M 248 15.46 -8.37 -64.48
CA PRO M 248 15.34 -9.81 -64.64
C PRO M 248 16.39 -10.59 -63.88
N PHE M 249 16.17 -11.90 -63.82
CA PHE M 249 17.07 -12.85 -63.19
C PHE M 249 17.28 -12.56 -61.71
N ARG M 250 16.19 -12.69 -60.96
CA ARG M 250 16.27 -12.49 -59.53
C ARG M 250 17.17 -13.58 -58.93
N LEU M 251 17.92 -13.21 -57.91
CA LEU M 251 18.69 -14.18 -57.16
C LEU M 251 17.80 -14.96 -56.21
N THR M 252 17.85 -16.28 -56.31
CA THR M 252 16.97 -17.14 -55.53
C THR M 252 17.78 -18.16 -54.74
N PRO M 253 17.24 -18.64 -53.62
CA PRO M 253 17.90 -19.71 -52.89
C PRO M 253 17.79 -21.04 -53.60
N THR M 254 18.87 -21.81 -53.57
CA THR M 254 19.03 -23.01 -54.38
C THR M 254 20.03 -23.93 -53.69
N VAL M 255 20.11 -25.15 -54.18
CA VAL M 255 21.02 -26.16 -53.66
C VAL M 255 22.22 -26.35 -54.58
N CYS M 256 23.41 -26.44 -53.98
CA CYS M 256 24.66 -26.71 -54.67
C CYS M 256 25.32 -27.93 -54.04
N PRO M 257 25.97 -28.78 -54.84
CA PRO M 257 26.82 -29.84 -54.28
C PRO M 257 28.19 -29.33 -53.89
N VAL M 258 28.64 -29.70 -52.70
CA VAL M 258 29.98 -29.36 -52.23
C VAL M 258 30.77 -30.62 -51.94
N PRO M 259 32.05 -30.68 -52.27
CA PRO M 259 32.84 -31.88 -52.01
C PRO M 259 33.02 -32.14 -50.54
N LEU M 260 33.21 -33.42 -50.22
CA LEU M 260 33.62 -33.85 -48.90
C LEU M 260 35.09 -34.25 -48.93
N ALA M 261 35.85 -33.67 -48.03
CA ALA M 261 37.28 -33.91 -48.04
C ALA M 261 37.57 -35.30 -47.50
N HIS M 262 38.81 -35.73 -47.66
CA HIS M 262 39.24 -37.02 -47.17
C HIS M 262 39.14 -37.11 -45.66
N THR M 263 38.56 -38.20 -45.17
CA THR M 263 38.34 -38.34 -43.74
C THR M 263 39.68 -38.48 -43.02
N PRO M 264 39.93 -37.71 -41.98
CA PRO M 264 41.25 -37.71 -41.36
C PRO M 264 41.45 -38.94 -40.50
N THR M 265 42.72 -39.23 -40.25
CA THR M 265 43.14 -40.34 -39.40
C THR M 265 43.55 -39.79 -38.04
N VAL M 266 42.91 -40.26 -36.99
CA VAL M 266 43.13 -39.73 -35.65
C VAL M 266 44.10 -40.61 -34.90
N THR M 267 45.15 -40.01 -34.36
CA THR M 267 46.08 -40.70 -33.47
C THR M 267 45.97 -40.07 -32.09
N LYS M 268 45.68 -40.90 -31.09
CA LYS M 268 45.41 -40.38 -29.76
C LYS M 268 46.63 -40.49 -28.86
N TRP M 269 46.78 -39.53 -27.96
CA TRP M 269 47.81 -39.61 -26.94
C TRP M 269 47.35 -38.81 -25.73
N PHE M 270 48.08 -38.96 -24.64
CA PHE M 270 47.67 -38.41 -23.36
C PHE M 270 47.40 -36.92 -23.42
N LYS M 271 46.17 -36.53 -23.15
CA LYS M 271 45.73 -35.14 -23.24
C LYS M 271 46.06 -34.51 -24.59
N GLY M 272 45.79 -35.22 -25.66
CA GLY M 272 45.93 -34.59 -26.96
C GLY M 272 45.77 -35.50 -28.15
N ILE M 273 45.49 -34.91 -29.31
CA ILE M 273 45.22 -35.68 -30.51
C ILE M 273 46.07 -35.13 -31.63
N THR M 274 46.30 -35.96 -32.64
CA THR M 274 47.00 -35.57 -33.85
C THR M 274 46.17 -35.96 -35.06
N LEU M 275 45.73 -34.99 -35.83
CA LEU M 275 45.02 -35.25 -37.07
C LEU M 275 46.01 -35.25 -38.22
N HIS M 276 46.19 -36.41 -38.86
CA HIS M 276 46.85 -36.46 -40.16
C HIS M 276 45.85 -36.14 -41.26
N LEU M 277 46.12 -35.10 -42.03
CA LEU M 277 45.17 -34.60 -43.01
C LEU M 277 45.80 -34.70 -44.38
N THR M 278 44.98 -35.03 -45.37
CA THR M 278 45.43 -34.96 -46.75
C THR M 278 44.38 -34.27 -47.58
N ALA M 279 44.79 -33.27 -48.34
CA ALA M 279 43.87 -32.63 -49.25
C ALA M 279 44.63 -31.96 -50.36
N THR M 280 44.06 -32.01 -51.56
CA THR M 280 44.68 -31.50 -52.76
C THR M 280 44.25 -30.08 -53.10
N ARG M 281 43.22 -29.58 -52.44
CA ARG M 281 42.77 -28.21 -52.58
C ARG M 281 42.64 -27.59 -51.20
N PRO M 282 42.64 -26.27 -51.12
CA PRO M 282 42.48 -25.61 -49.82
C PRO M 282 41.24 -26.07 -49.07
N THR M 283 41.47 -26.66 -47.91
CA THR M 283 40.43 -27.08 -46.99
C THR M 283 40.51 -26.26 -45.71
N LEU M 284 39.36 -25.82 -45.21
CA LEU M 284 39.32 -25.04 -43.95
C LEU M 284 39.13 -25.99 -42.76
N LEU M 285 39.98 -25.88 -41.74
CA LEU M 285 39.81 -26.72 -40.51
C LEU M 285 39.57 -25.80 -39.32
N THR M 286 38.47 -26.03 -38.59
CA THR M 286 38.13 -25.18 -37.42
C THR M 286 37.95 -26.06 -36.18
N THR M 287 38.73 -25.80 -35.12
CA THR M 287 38.60 -26.58 -33.86
C THR M 287 38.45 -25.61 -32.69
N ARG M 288 37.50 -25.88 -31.79
CA ARG M 288 37.30 -25.03 -30.60
C ARG M 288 37.15 -25.91 -29.35
N LYS M 289 37.58 -25.42 -28.19
CA LYS M 289 37.48 -26.20 -26.93
C LYS M 289 36.07 -26.06 -26.36
N LEU M 290 35.68 -26.94 -25.43
CA LEU M 290 34.32 -26.89 -24.91
C LEU M 290 34.29 -26.43 -23.46
N GLY M 291 35.22 -25.58 -23.06
CA GLY M 291 35.29 -25.06 -21.73
C GLY M 291 34.79 -23.63 -21.63
N LEU M 292 35.25 -22.97 -20.57
CA LEU M 292 34.97 -21.54 -20.40
C LEU M 292 35.61 -20.71 -21.50
N ARG M 293 36.82 -21.08 -21.89
CA ARG M 293 37.58 -20.39 -22.92
C ARG M 293 37.55 -21.20 -24.21
N ALA M 294 37.09 -20.57 -25.30
CA ALA M 294 36.92 -21.31 -26.58
C ALA M 294 38.28 -21.70 -27.16
N ASP M 295 39.22 -20.76 -27.20
CA ASP M 295 40.54 -21.03 -27.83
C ASP M 295 40.31 -21.53 -29.26
N ALA M 296 39.41 -20.87 -30.00
CA ALA M 296 39.07 -21.32 -31.36
C ALA M 296 40.31 -21.32 -32.25
N THR M 297 40.51 -22.38 -33.04
CA THR M 297 41.66 -22.44 -33.97
C THR M 297 41.14 -22.57 -35.40
N ALA M 298 41.62 -21.72 -36.31
CA ALA M 298 41.18 -21.77 -37.73
C ALA M 298 42.40 -21.76 -38.64
N GLU M 299 42.39 -22.59 -39.68
CA GLU M 299 43.53 -22.66 -40.60
C GLU M 299 43.05 -23.21 -41.93
N TRP M 300 43.59 -22.66 -43.01
CA TRP M 300 43.41 -23.23 -44.33
C TRP M 300 44.58 -24.15 -44.60
N ILE M 301 44.31 -25.43 -44.78
CA ILE M 301 45.37 -26.40 -44.97
C ILE M 301 45.35 -26.86 -46.41
N THR M 302 46.53 -27.01 -46.98
CA THR M 302 46.67 -27.56 -48.32
C THR M 302 47.78 -28.60 -48.29
N GLY M 303 47.58 -29.69 -49.00
CA GLY M 303 48.60 -30.72 -49.03
C GLY M 303 48.38 -31.75 -47.94
N THR M 304 49.46 -32.40 -47.55
CA THR M 304 49.46 -33.40 -46.50
C THR M 304 50.34 -32.93 -45.35
N THR M 305 49.83 -33.04 -44.14
CA THR M 305 50.55 -32.55 -42.98
C THR M 305 49.96 -33.17 -41.73
N SER M 306 50.37 -32.68 -40.57
CA SER M 306 49.81 -33.11 -39.31
C SER M 306 49.74 -31.93 -38.35
N ARG M 307 48.64 -31.87 -37.61
CA ARG M 307 48.42 -30.78 -36.63
C ARG M 307 48.19 -31.39 -35.24
N ASN M 308 48.81 -30.83 -34.21
CA ASN M 308 48.65 -31.35 -32.82
C ASN M 308 47.72 -30.41 -32.05
N PHE M 309 46.52 -30.90 -31.70
CA PHE M 309 45.55 -30.08 -30.93
C PHE M 309 45.45 -30.61 -29.50
N SER M 310 45.77 -29.77 -28.51
CA SER M 310 45.68 -30.19 -27.09
C SER M 310 44.21 -30.37 -26.70
N VAL M 311 43.92 -31.38 -25.88
CA VAL M 311 42.53 -31.66 -25.51
C VAL M 311 42.42 -31.72 -24.00
N GLY M 312 41.56 -30.85 -23.44
CA GLY M 312 41.25 -30.89 -22.03
C GLY M 312 40.04 -31.74 -21.69
N ARG M 313 39.80 -31.85 -20.38
CA ARG M 313 38.73 -32.68 -19.86
C ARG M 313 37.37 -32.23 -20.36
N GLU M 314 37.19 -30.93 -20.50
CA GLU M 314 35.93 -30.40 -20.99
C GLU M 314 35.61 -30.90 -22.38
N GLY M 315 36.61 -31.21 -23.17
CA GLY M 315 36.41 -31.82 -24.47
C GLY M 315 36.76 -30.86 -25.58
N LEU M 316 36.77 -31.37 -26.82
CA LEU M 316 37.15 -30.54 -27.98
C LEU M 316 36.26 -30.91 -29.18
N GLU M 317 35.91 -29.92 -30.00
CA GLU M 317 35.06 -30.18 -31.19
C GLU M 317 35.79 -29.65 -32.43
N TYR M 318 36.10 -30.53 -33.39
CA TYR M 318 36.85 -30.11 -34.60
C TYR M 318 35.98 -30.32 -35.84
N VAL M 319 36.00 -29.36 -36.76
CA VAL M 319 35.20 -29.47 -38.02
C VAL M 319 36.17 -29.44 -39.20
N TRP M 320 36.36 -30.58 -39.87
CA TRP M 320 37.29 -30.66 -40.99
C TRP M 320 36.50 -30.67 -42.28
N GLY M 321 36.79 -29.70 -43.13
CA GLY M 321 36.10 -29.53 -44.39
C GLY M 321 34.61 -29.35 -44.20
N ASN M 322 33.85 -30.01 -45.07
CA ASN M 322 32.41 -29.99 -45.00
C ASN M 322 31.80 -31.13 -44.22
N HIS M 323 32.60 -31.98 -43.58
CA HIS M 323 32.02 -33.03 -42.76
C HIS M 323 31.29 -32.44 -41.57
N GLU M 324 30.44 -33.26 -40.97
CA GLU M 324 29.82 -32.85 -39.73
C GLU M 324 30.86 -32.74 -38.62
N PRO M 325 30.63 -31.87 -37.66
CA PRO M 325 31.54 -31.74 -36.53
C PRO M 325 31.69 -33.05 -35.79
N VAL M 326 32.89 -33.32 -35.33
CA VAL M 326 33.20 -34.50 -34.54
C VAL M 326 33.59 -34.02 -33.16
N ARG M 327 32.91 -34.53 -32.15
CA ARG M 327 33.17 -34.14 -30.77
C ARG M 327 33.98 -35.23 -30.08
N VAL M 328 34.92 -34.82 -29.25
CA VAL M 328 35.78 -35.78 -28.58
C VAL M 328 36.28 -35.20 -27.26
N TRP M 329 36.40 -36.07 -26.25
CA TRP M 329 36.77 -35.67 -24.90
C TRP M 329 38.05 -36.38 -24.47
N ALA M 330 38.84 -35.68 -23.67
CA ALA M 330 40.04 -36.27 -23.09
C ALA M 330 39.71 -37.10 -21.86
N GLN M 331 40.32 -38.27 -21.76
CA GLN M 331 40.23 -39.12 -20.59
C GLN M 331 41.25 -38.65 -19.56
N GLU M 332 41.41 -39.43 -18.50
CA GLU M 332 42.34 -39.17 -17.42
C GLU M 332 43.44 -40.22 -17.34
N SER M 333 43.89 -40.73 -18.48
CA SER M 333 44.83 -41.85 -18.52
C SER M 333 46.27 -41.37 -18.39
N ALA M 334 46.59 -40.81 -17.25
CA ALA M 334 47.97 -40.44 -17.00
C ALA M 334 48.80 -41.70 -16.75
N PRO M 335 50.05 -41.72 -17.19
CA PRO M 335 50.90 -42.89 -16.96
C PRO M 335 51.36 -42.97 -15.52
N GLY M 336 51.37 -44.19 -15.00
CA GLY M 336 51.78 -44.43 -13.63
C GLY M 336 50.87 -45.34 -12.85
N ASP M 337 50.77 -45.11 -11.54
CA ASP M 337 49.83 -45.88 -10.74
C ASP M 337 49.48 -45.13 -9.46
N PRO M 338 48.19 -44.85 -9.23
CA PRO M 338 47.81 -44.15 -8.01
C PRO M 338 47.83 -45.03 -6.78
N HIS M 339 47.99 -46.33 -6.93
CA HIS M 339 47.99 -47.24 -5.79
C HIS M 339 49.32 -47.95 -5.56
N GLY M 340 50.34 -47.67 -6.35
CA GLY M 340 51.60 -48.37 -6.27
C GLY M 340 52.53 -47.74 -5.27
N TRP M 341 53.83 -47.84 -5.54
CA TRP M 341 54.79 -47.11 -4.74
C TRP M 341 54.72 -45.60 -4.97
N PRO M 342 55.25 -44.82 -4.03
CA PRO M 342 55.20 -43.37 -4.17
C PRO M 342 55.83 -42.83 -5.44
N HIS M 343 56.87 -43.47 -5.95
CA HIS M 343 57.46 -42.98 -7.20
C HIS M 343 56.53 -43.19 -8.38
N GLU M 344 55.48 -43.99 -8.24
CA GLU M 344 54.46 -44.12 -9.27
C GLU M 344 53.32 -43.13 -9.06
N ILE M 345 52.89 -42.98 -7.81
CA ILE M 345 51.86 -42.00 -7.48
C ILE M 345 52.31 -40.60 -7.85
N ILE M 346 53.56 -40.28 -7.59
CA ILE M 346 54.04 -38.93 -7.81
C ILE M 346 53.96 -38.60 -9.29
N ILE M 347 54.52 -39.46 -10.13
CA ILE M 347 54.54 -39.21 -11.57
C ILE M 347 53.11 -39.16 -12.12
N HIS M 348 52.25 -40.05 -11.65
CA HIS M 348 50.86 -40.04 -12.11
C HIS M 348 50.18 -38.71 -11.80
N TYR M 349 50.29 -38.25 -10.56
CA TYR M 349 49.60 -37.01 -10.23
C TYR M 349 50.30 -35.81 -10.82
N TYR M 350 51.59 -35.92 -11.11
CA TYR M 350 52.29 -34.80 -11.72
C TYR M 350 51.87 -34.62 -13.15
N HIS M 351 51.73 -35.72 -13.89
CA HIS M 351 51.18 -35.60 -15.22
C HIS M 351 49.74 -35.12 -15.18
N ARG M 352 48.98 -35.50 -14.16
CA ARG M 352 47.64 -34.96 -14.02
C ARG M 352 47.63 -33.46 -13.72
N HIS M 353 48.32 -33.03 -12.67
CA HIS M 353 48.31 -31.63 -12.27
C HIS M 353 49.65 -31.23 -11.71
N PRO M 354 50.51 -30.70 -12.54
CA PRO M 354 51.89 -30.46 -12.10
C PRO M 354 51.97 -29.42 -11.01
N VAL M 355 51.27 -28.30 -11.18
CA VAL M 355 51.36 -27.20 -10.23
C VAL M 355 50.87 -27.63 -8.84
N TYR M 356 49.73 -28.31 -8.78
CA TYR M 356 49.23 -28.79 -7.49
C TYR M 356 50.17 -29.78 -6.85
N THR M 357 50.73 -30.70 -7.63
CA THR M 357 51.67 -31.67 -7.09
C THR M 357 52.91 -30.98 -6.54
N VAL M 358 53.43 -30.00 -7.26
CA VAL M 358 54.59 -29.27 -6.76
C VAL M 358 54.25 -28.53 -5.47
N ILE M 359 53.07 -27.93 -5.39
CA ILE M 359 52.68 -27.24 -4.17
C ILE M 359 52.58 -28.21 -2.99
N VAL M 360 51.98 -29.36 -3.21
CA VAL M 360 51.87 -30.36 -2.16
C VAL M 360 53.23 -30.86 -1.72
N LEU M 361 54.13 -31.13 -2.66
CA LEU M 361 55.46 -31.58 -2.28
C LEU M 361 56.23 -30.51 -1.53
N CYS M 362 56.11 -29.25 -1.95
CA CYS M 362 56.75 -28.17 -1.20
C CYS M 362 56.19 -28.09 0.22
N GLY M 363 54.88 -28.25 0.36
CA GLY M 363 54.29 -28.24 1.69
C GLY M 363 54.78 -29.37 2.57
N VAL M 364 54.89 -30.57 2.00
CA VAL M 364 55.42 -31.70 2.76
C VAL M 364 56.86 -31.45 3.17
N ALA M 365 57.69 -30.98 2.23
CA ALA M 365 59.08 -30.72 2.56
C ALA M 365 59.20 -29.66 3.64
N LEU M 366 58.38 -28.61 3.54
CA LEU M 366 58.40 -27.56 4.55
C LEU M 366 57.99 -28.09 5.92
N ALA M 367 56.96 -28.94 5.96
CA ALA M 367 56.55 -29.52 7.24
C ALA M 367 57.64 -30.39 7.85
N ILE M 368 58.33 -31.18 7.02
CA ILE M 368 59.43 -31.98 7.51
C ILE M 368 60.56 -31.10 8.05
N LEU M 369 60.90 -30.03 7.33
CA LEU M 369 61.94 -29.14 7.80
C LEU M 369 61.57 -28.45 9.10
N VAL M 370 60.33 -27.98 9.21
CA VAL M 370 59.89 -27.35 10.45
C VAL M 370 59.92 -28.34 11.60
N GLY M 371 59.51 -29.58 11.35
CA GLY M 371 59.57 -30.58 12.40
C GLY M 371 60.99 -30.86 12.85
N THR M 372 61.90 -31.05 11.90
CA THR M 372 63.28 -31.31 12.29
C THR M 372 63.91 -30.14 13.05
N ALA M 373 63.68 -28.90 12.60
CA ALA M 373 64.21 -27.76 13.33
C ALA M 373 63.61 -27.63 14.73
N SER M 374 62.30 -27.84 14.86
CA SER M 374 61.69 -27.78 16.18
C SER M 374 62.22 -28.86 17.10
N SER M 375 62.42 -30.07 16.57
CA SER M 375 62.98 -31.15 17.37
C SER M 375 64.37 -30.78 17.86
N ALA M 376 65.20 -30.26 16.97
CA ALA M 376 66.55 -29.90 17.36
C ALA M 376 66.56 -28.81 18.42
N ALA M 377 65.74 -27.78 18.25
CA ALA M 377 65.66 -26.72 19.25
C ALA M 377 65.16 -27.24 20.59
N CYS M 378 64.11 -28.06 20.59
CA CYS M 378 63.57 -28.57 21.84
C CYS M 378 64.53 -29.50 22.56
N ILE M 379 65.18 -30.41 21.82
CA ILE M 379 66.20 -31.26 22.43
C ILE M 379 67.35 -30.43 22.99
N ALA M 380 67.82 -29.45 22.22
CA ALA M 380 68.94 -28.64 22.68
C ALA M 380 68.58 -27.88 23.94
N LYS M 381 67.40 -27.29 23.97
CA LYS M 381 66.98 -26.54 25.14
C LYS M 381 66.80 -27.46 26.35
N ALA M 382 66.27 -28.66 26.15
CA ALA M 382 66.22 -29.62 27.25
C ALA M 382 67.62 -29.98 27.74
N ARG M 383 68.57 -30.17 26.83
CA ARG M 383 69.94 -30.42 27.26
C ARG M 383 70.47 -29.28 28.11
N ARG M 384 70.33 -28.04 27.63
CA ARG M 384 70.85 -26.91 28.38
C ARG M 384 70.18 -26.80 29.74
N ASP M 385 68.86 -26.97 29.77
CA ASP M 385 68.09 -26.81 31.00
C ASP M 385 68.45 -27.87 32.03
N CYS M 386 68.59 -29.11 31.60
CA CYS M 386 68.80 -30.20 32.54
C CYS M 386 70.26 -30.50 32.79
N LEU M 387 71.17 -29.85 32.07
CA LEU M 387 72.59 -30.06 32.29
C LEU M 387 73.29 -28.85 32.89
N THR M 388 72.74 -27.64 32.74
CA THR M 388 73.32 -26.49 33.42
C THR M 388 73.37 -26.63 34.94
N PRO M 389 72.38 -27.20 35.64
CA PRO M 389 72.48 -27.21 37.11
C PRO M 389 73.54 -28.15 37.60
N TYR M 390 73.90 -29.15 36.80
CA TYR M 390 74.85 -30.17 37.17
C TYR M 390 76.21 -29.89 36.53
N ALA M 391 76.28 -28.86 35.70
CA ALA M 391 77.52 -28.46 35.06
C ALA M 391 78.48 -27.77 36.01
N LEU M 392 77.99 -27.14 37.05
CA LEU M 392 78.84 -26.44 38.00
C LEU M 392 78.89 -27.20 39.32
N ALA M 393 78.96 -28.51 39.25
CA ALA M 393 78.75 -29.27 40.47
C ALA M 393 79.96 -30.10 40.85
N PRO M 394 80.10 -30.39 42.15
CA PRO M 394 81.19 -31.24 42.63
C PRO M 394 80.86 -32.71 42.39
N ASN M 395 81.55 -33.32 41.43
CA ASN M 395 81.44 -34.75 41.19
C ASN M 395 79.98 -35.18 41.08
N ALA M 396 79.32 -34.59 40.08
CA ALA M 396 77.87 -34.56 40.01
C ALA M 396 77.32 -35.97 39.97
N THR M 397 76.53 -36.32 40.99
CA THR M 397 75.89 -37.63 41.06
C THR M 397 74.62 -37.59 40.21
N VAL M 398 74.85 -37.48 38.92
CA VAL M 398 73.76 -37.32 37.95
C VAL M 398 72.91 -38.58 37.94
N PRO M 399 71.60 -38.48 37.91
CA PRO M 399 70.78 -39.65 37.57
C PRO M 399 71.18 -40.15 36.20
N THR M 400 71.74 -41.36 36.15
CA THR M 400 72.51 -41.79 34.99
C THR M 400 71.68 -41.79 33.72
N ALA M 401 70.37 -41.98 33.85
CA ALA M 401 69.49 -41.89 32.69
C ALA M 401 69.56 -40.51 32.07
N LEU M 402 69.56 -39.45 32.88
CA LEU M 402 69.64 -38.10 32.36
C LEU M 402 70.97 -37.84 31.65
N ALA M 403 72.07 -38.31 32.22
CA ALA M 403 73.36 -38.16 31.55
C ALA M 403 73.36 -38.89 30.20
N VAL M 404 72.86 -40.12 30.18
CA VAL M 404 72.81 -40.89 28.94
C VAL M 404 71.94 -40.18 27.90
N LEU M 405 70.81 -39.63 28.35
CA LEU M 405 69.93 -38.90 27.44
C LEU M 405 70.63 -37.68 26.86
N CYS M 406 71.34 -36.94 27.70
CA CYS M 406 71.91 -35.66 27.27
C CYS M 406 73.32 -35.78 26.71
N CYS M 407 73.94 -36.97 26.77
CA CYS M 407 75.29 -37.12 26.24
C CYS M 407 75.31 -37.61 24.80
N ILE M 408 74.16 -37.95 24.24
CA ILE M 408 74.10 -38.51 22.89
C ILE M 408 73.18 -37.66 22.01
N GLN N 1 -62.31 17.22 5.13
CA GLN N 1 -62.48 17.33 3.66
C GLN N 1 -63.98 17.52 3.34
N LEU N 2 -64.30 18.51 2.51
CA LEU N 2 -65.72 18.80 2.17
C LEU N 2 -66.03 18.27 0.76
N HIS N 3 -66.95 17.30 0.66
CA HIS N 3 -67.36 16.78 -0.68
C HIS N 3 -68.46 17.68 -1.24
N TYR N 4 -68.35 18.04 -2.52
CA TYR N 4 -69.37 18.90 -3.18
C TYR N 4 -69.74 18.31 -4.53
N THR N 5 -70.93 18.65 -5.04
CA THR N 5 -71.36 18.18 -6.39
C THR N 5 -71.86 19.39 -7.18
N VAL N 6 -71.69 19.40 -8.51
CA VAL N 6 -72.06 20.61 -9.29
C VAL N 6 -72.41 20.24 -10.73
N GLN N 7 -73.32 20.98 -11.36
CA GLN N 7 -73.65 20.76 -12.75
C GLN N 7 -72.55 21.33 -13.64
N GLU N 8 -72.34 20.72 -14.80
CA GLU N 8 -71.49 21.30 -15.83
C GLU N 8 -72.21 22.39 -16.61
N GLU N 9 -71.42 23.10 -17.44
CA GLU N 9 -71.86 24.21 -18.28
C GLU N 9 -72.51 25.35 -17.51
N GLN N 10 -72.35 25.40 -16.20
CA GLN N 10 -72.89 26.53 -15.46
C GLN N 10 -72.05 27.78 -15.72
N GLU N 11 -72.72 28.92 -15.68
CA GLU N 11 -72.08 30.17 -16.03
C GLU N 11 -71.17 30.68 -14.91
N HIS N 12 -70.23 31.52 -15.32
CA HIS N 12 -69.42 32.30 -14.38
C HIS N 12 -70.31 33.01 -13.36
N GLY N 13 -69.88 32.96 -12.10
CA GLY N 13 -70.63 33.51 -11.00
C GLY N 13 -71.68 32.62 -10.39
N THR N 14 -71.92 31.44 -10.96
CA THR N 14 -72.85 30.50 -10.35
C THR N 14 -72.31 29.99 -9.03
N PHE N 15 -73.01 30.28 -7.94
CA PHE N 15 -72.61 29.78 -6.63
C PHE N 15 -72.79 28.25 -6.55
N VAL N 16 -71.86 27.61 -5.84
CA VAL N 16 -71.91 26.13 -5.68
C VAL N 16 -71.98 25.78 -4.19
N GLY N 17 -70.84 25.84 -3.49
CA GLY N 17 -70.81 25.47 -2.05
C GLY N 17 -70.11 26.51 -1.20
N ASN N 18 -70.57 26.70 0.04
CA ASN N 18 -69.94 27.68 0.96
C ASN N 18 -69.00 26.94 1.92
N ILE N 19 -67.70 26.93 1.60
CA ILE N 19 -66.71 26.16 2.43
C ILE N 19 -66.72 26.68 3.87
N ALA N 20 -66.59 27.99 4.06
CA ALA N 20 -66.49 28.56 5.43
C ALA N 20 -67.72 28.17 6.26
N GLU N 21 -68.92 28.28 5.67
CA GLU N 21 -70.15 27.88 6.39
C GLU N 21 -70.10 26.39 6.72
N ASP N 22 -69.87 25.53 5.72
CA ASP N 22 -69.87 24.07 5.95
C ASP N 22 -68.78 23.69 6.94
N LEU N 23 -67.57 24.26 6.78
CA LEU N 23 -66.46 23.99 7.73
C LEU N 23 -66.83 24.52 9.12
N GLY N 24 -67.63 25.59 9.17
CA GLY N 24 -67.99 26.20 10.47
C GLY N 24 -67.01 27.28 10.85
N LEU N 25 -66.03 27.56 9.97
CA LEU N 25 -65.02 28.63 10.24
C LEU N 25 -65.77 29.95 10.44
N ASP N 26 -65.40 30.73 11.46
CA ASP N 26 -66.03 32.05 11.66
C ASP N 26 -65.90 32.85 10.35
N ILE N 27 -67.04 33.10 9.68
CA ILE N 27 -67.00 33.81 8.38
C ILE N 27 -66.29 35.15 8.58
N THR N 28 -66.53 35.84 9.70
CA THR N 28 -65.92 37.15 9.87
C THR N 28 -64.41 37.07 10.08
N LYS N 29 -63.91 35.96 10.62
CA LYS N 29 -62.49 35.88 10.94
C LYS N 29 -61.62 35.44 9.76
N LEU N 30 -62.24 34.95 8.68
CA LEU N 30 -61.48 34.48 7.52
C LEU N 30 -60.40 35.49 7.11
N SER N 31 -60.79 36.73 6.88
CA SER N 31 -59.84 37.78 6.54
C SER N 31 -58.81 37.97 7.64
N ALA N 32 -59.25 37.97 8.89
CA ALA N 32 -58.32 38.07 10.02
C ALA N 32 -57.33 36.92 10.04
N ARG N 33 -57.75 35.74 9.63
CA ARG N 33 -56.87 34.59 9.52
C ARG N 33 -56.23 34.46 8.14
N GLY N 34 -56.35 35.47 7.29
CA GLY N 34 -55.78 35.44 5.95
C GLY N 34 -56.28 34.31 5.08
N PHE N 35 -57.56 33.98 5.21
CA PHE N 35 -58.15 32.85 4.51
C PHE N 35 -58.02 33.03 3.00
N GLN N 36 -57.53 31.99 2.32
CA GLN N 36 -57.32 32.05 0.88
C GLN N 36 -57.10 30.64 0.35
N THR N 37 -57.17 30.52 -0.97
CA THR N 37 -56.92 29.26 -1.64
C THR N 37 -55.45 28.85 -1.58
N VAL N 38 -55.24 27.57 -1.35
CA VAL N 38 -53.88 27.02 -1.33
C VAL N 38 -53.26 27.13 -2.72
N PRO N 39 -52.09 27.78 -2.83
CA PRO N 39 -51.53 28.08 -4.16
C PRO N 39 -51.43 26.93 -5.15
N ASN N 40 -50.86 25.81 -4.74
CA ASN N 40 -50.68 24.68 -5.66
C ASN N 40 -51.88 23.76 -5.65
N SER N 41 -53.06 24.33 -5.66
CA SER N 41 -54.28 23.54 -5.79
C SER N 41 -55.41 24.29 -6.47
N ARG N 42 -55.18 25.53 -6.89
CA ARG N 42 -56.24 26.31 -7.50
C ARG N 42 -56.57 25.79 -8.90
N THR N 43 -57.83 25.91 -9.26
CA THR N 43 -58.38 25.49 -10.54
C THR N 43 -58.95 26.70 -11.27
N PRO N 44 -58.73 26.78 -12.59
CA PRO N 44 -59.19 27.97 -13.33
C PRO N 44 -60.69 28.05 -13.45
N TYR N 45 -61.41 26.95 -13.26
CA TYR N 45 -62.85 26.92 -13.35
C TYR N 45 -63.55 27.48 -12.12
N LEU N 46 -62.84 27.62 -11.01
CA LEU N 46 -63.47 28.03 -9.75
C LEU N 46 -62.67 29.14 -9.09
N ASP N 47 -63.37 29.96 -8.33
CA ASP N 47 -62.79 31.06 -7.57
C ASP N 47 -63.51 31.19 -6.24
N LEU N 48 -62.83 31.78 -5.26
CA LEU N 48 -63.28 31.82 -3.88
C LEU N 48 -63.53 33.26 -3.44
N ASN N 49 -64.75 33.52 -2.96
CA ASN N 49 -65.09 34.80 -2.34
C ASN N 49 -64.40 34.89 -0.98
N LEU N 50 -63.33 35.71 -0.91
CA LEU N 50 -62.53 35.82 0.30
C LEU N 50 -63.26 36.53 1.44
N GLU N 51 -64.40 37.16 1.17
CA GLU N 51 -65.14 37.81 2.25
C GLU N 51 -65.98 36.82 3.05
N THR N 52 -66.36 35.70 2.44
CA THR N 52 -67.30 34.77 3.06
C THR N 52 -66.92 33.32 2.80
N GLY N 53 -65.76 33.06 2.18
CA GLY N 53 -65.39 31.72 1.78
C GLY N 53 -66.44 31.07 0.91
N VAL N 54 -66.92 31.79 -0.09
CA VAL N 54 -67.98 31.33 -0.97
C VAL N 54 -67.36 30.99 -2.32
N LEU N 55 -67.43 29.72 -2.69
CA LEU N 55 -66.89 29.23 -3.95
C LEU N 55 -67.93 29.32 -5.05
N TYR N 56 -67.50 29.70 -6.25
CA TYR N 56 -68.42 29.88 -7.37
C TYR N 56 -67.73 29.52 -8.67
N VAL N 57 -68.53 29.37 -9.72
CA VAL N 57 -68.04 29.05 -11.05
C VAL N 57 -67.24 30.23 -11.59
N ASN N 58 -65.96 30.00 -11.85
CA ASN N 58 -65.12 30.99 -12.51
C ASN N 58 -65.04 30.81 -14.03
N GLU N 59 -65.03 29.56 -14.51
CA GLU N 59 -65.03 29.30 -15.93
C GLU N 59 -65.89 28.07 -16.24
N LYS N 60 -66.36 28.02 -17.48
CA LYS N 60 -67.41 27.11 -17.88
C LYS N 60 -67.00 25.66 -17.67
N ILE N 61 -67.74 24.98 -16.79
CA ILE N 61 -67.49 23.58 -16.47
C ILE N 61 -67.78 22.69 -17.68
N ASP N 62 -66.89 21.74 -17.93
CA ASP N 62 -66.97 20.93 -19.15
C ASP N 62 -66.20 19.64 -18.91
N ARG N 63 -66.89 18.51 -19.03
CA ARG N 63 -66.27 17.20 -18.88
C ARG N 63 -65.10 16.98 -19.84
N GLU N 64 -65.15 17.60 -21.01
CA GLU N 64 -64.08 17.44 -22.00
C GLU N 64 -62.81 18.20 -21.66
N GLN N 65 -62.85 19.08 -20.66
CA GLN N 65 -61.71 19.94 -20.38
C GLN N 65 -61.32 19.88 -18.91
N ILE N 66 -62.31 19.68 -18.04
CA ILE N 66 -62.03 19.54 -16.58
C ILE N 66 -61.69 18.09 -16.28
N CYS N 67 -62.50 17.15 -16.78
CA CYS N 67 -62.29 15.72 -16.47
C CYS N 67 -61.28 15.11 -17.45
N LYS N 68 -60.50 15.95 -18.13
CA LYS N 68 -59.43 15.44 -19.03
C LYS N 68 -58.48 14.56 -18.21
N GLN N 69 -58.13 15.01 -16.99
CA GLN N 69 -57.21 14.23 -16.12
C GLN N 69 -57.83 12.87 -15.81
N SER N 70 -59.11 12.86 -15.40
CA SER N 70 -59.78 11.58 -15.02
C SER N 70 -61.28 11.66 -15.35
N PRO N 71 -61.84 10.71 -16.14
CA PRO N 71 -63.28 10.69 -16.40
C PRO N 71 -64.04 10.88 -15.09
N SER N 72 -63.61 10.21 -14.02
CA SER N 72 -64.25 10.45 -12.71
C SER N 72 -64.22 11.96 -12.45
N CYS N 73 -65.33 12.64 -12.75
CA CYS N 73 -65.35 14.13 -12.64
C CYS N 73 -65.50 14.55 -11.18
N VAL N 74 -64.39 14.54 -10.43
CA VAL N 74 -64.42 15.01 -9.01
C VAL N 74 -63.31 16.05 -8.84
N LEU N 75 -63.61 17.31 -9.18
CA LEU N 75 -62.60 18.41 -9.04
C LEU N 75 -62.07 18.43 -7.61
N HIS N 76 -60.88 19.00 -7.40
CA HIS N 76 -60.28 18.99 -6.07
C HIS N 76 -59.70 20.36 -5.76
N LEU N 77 -59.83 20.78 -4.51
CA LEU N 77 -59.38 22.11 -4.09
C LEU N 77 -58.96 22.05 -2.63
N GLU N 78 -57.99 22.88 -2.26
CA GLU N 78 -57.55 22.99 -0.88
C GLU N 78 -57.52 24.44 -0.43
N VAL N 79 -57.78 24.64 0.86
CA VAL N 79 -57.84 25.97 1.48
C VAL N 79 -57.16 25.88 2.84
N PHE N 80 -56.66 27.01 3.33
CA PHE N 80 -55.87 27.00 4.56
C PHE N 80 -56.09 28.29 5.35
N LEU N 81 -55.71 28.22 6.62
CA LEU N 81 -55.78 29.33 7.56
C LEU N 81 -54.44 29.51 8.21
N GLU N 82 -54.01 30.77 8.39
CA GLU N 82 -52.66 30.99 8.90
C GLU N 82 -52.61 31.11 10.42
N ASN N 83 -53.52 31.87 11.01
CA ASN N 83 -53.50 32.08 12.45
C ASN N 83 -54.78 31.57 13.09
N PRO N 84 -54.72 30.53 13.92
CA PRO N 84 -53.69 29.50 13.94
C PRO N 84 -53.70 28.70 12.64
N LEU N 85 -52.66 27.88 12.42
CA LEU N 85 -52.52 27.15 11.18
C LEU N 85 -53.59 26.07 11.08
N GLU N 86 -54.37 26.08 10.00
CA GLU N 86 -55.32 25.01 9.72
C GLU N 86 -55.43 24.80 8.22
N LEU N 87 -55.72 23.55 7.84
CA LEU N 87 -55.73 23.12 6.44
C LEU N 87 -56.94 22.24 6.19
N PHE N 88 -57.56 22.42 5.02
CA PHE N 88 -58.80 21.73 4.69
C PHE N 88 -58.81 21.37 3.21
N GLN N 89 -59.61 20.35 2.86
CA GLN N 89 -59.68 19.90 1.44
C GLN N 89 -61.11 20.02 0.94
N VAL N 90 -61.28 20.18 -0.38
CA VAL N 90 -62.65 20.30 -0.98
C VAL N 90 -62.68 19.48 -2.27
N GLU N 91 -63.62 18.54 -2.39
CA GLU N 91 -63.76 17.75 -3.64
C GLU N 91 -65.07 18.14 -4.34
N ILE N 92 -64.98 18.69 -5.55
CA ILE N 92 -66.20 19.16 -6.28
C ILE N 92 -66.53 18.15 -7.37
N GLU N 93 -67.53 17.29 -7.14
CA GLU N 93 -67.88 16.24 -8.13
C GLU N 93 -68.74 16.84 -9.25
N VAL N 94 -68.22 16.84 -10.48
CA VAL N 94 -69.01 17.34 -11.65
C VAL N 94 -70.10 16.31 -11.97
N LEU N 95 -71.37 16.72 -11.88
CA LEU N 95 -72.47 15.81 -12.14
C LEU N 95 -72.64 15.57 -13.64
N ASP N 96 -73.09 14.36 -13.97
CA ASP N 96 -73.84 14.12 -15.20
C ASP N 96 -75.26 14.63 -15.02
N ILE N 97 -75.53 15.82 -15.55
CA ILE N 97 -76.81 16.46 -15.35
C ILE N 97 -77.93 15.63 -15.97
N ASN N 98 -79.05 15.55 -15.27
CA ASN N 98 -80.21 14.81 -15.76
C ASN N 98 -80.77 15.37 -17.05
N ASP N 99 -80.37 16.58 -17.45
CA ASP N 99 -80.75 17.14 -18.75
C ASP N 99 -79.91 16.62 -19.90
N ASN N 100 -78.85 15.87 -19.63
CA ASN N 100 -78.00 15.35 -20.69
C ASN N 100 -78.83 14.41 -21.58
N GLN O 1 17.97 -40.12 -61.23
CA GLN O 1 18.14 -39.57 -62.57
C GLN O 1 17.13 -40.21 -63.50
N LEU O 2 16.57 -39.41 -64.41
CA LEU O 2 15.46 -39.86 -65.24
C LEU O 2 15.65 -39.39 -66.68
N HIS O 3 14.93 -40.04 -67.59
CA HIS O 3 15.00 -39.73 -69.02
C HIS O 3 13.61 -39.76 -69.64
N TYR O 4 13.35 -38.81 -70.54
CA TYR O 4 12.14 -38.77 -71.35
C TYR O 4 12.48 -38.38 -72.78
N THR O 5 11.57 -38.73 -73.70
CA THR O 5 11.62 -38.33 -75.10
C THR O 5 10.33 -37.61 -75.45
N VAL O 6 10.44 -36.43 -76.04
CA VAL O 6 9.29 -35.65 -76.44
C VAL O 6 9.38 -35.34 -77.92
N GLN O 7 8.21 -35.29 -78.58
CA GLN O 7 8.16 -34.87 -79.97
C GLN O 7 8.23 -33.34 -80.04
N GLU O 8 8.11 -32.82 -81.26
CA GLU O 8 8.04 -31.39 -81.49
C GLU O 8 6.62 -30.98 -81.85
N GLU O 9 6.40 -29.67 -81.87
CA GLU O 9 5.10 -29.05 -82.13
C GLU O 9 4.05 -29.44 -81.09
N GLN O 10 4.48 -29.92 -79.93
CA GLN O 10 3.51 -30.32 -78.91
C GLN O 10 2.81 -29.09 -78.34
N GLU O 11 1.50 -29.25 -78.13
CA GLU O 11 0.65 -28.17 -77.64
C GLU O 11 0.84 -27.94 -76.15
N HIS O 12 0.52 -26.71 -75.72
CA HIS O 12 0.51 -26.38 -74.30
C HIS O 12 -0.30 -27.40 -73.52
N GLY O 13 0.28 -27.86 -72.40
CA GLY O 13 -0.34 -28.87 -71.58
C GLY O 13 -0.18 -30.30 -72.06
N THR O 14 0.56 -30.53 -73.15
CA THR O 14 0.83 -31.90 -73.57
C THR O 14 1.62 -32.63 -72.50
N PHE O 15 1.06 -33.72 -72.00
CA PHE O 15 1.74 -34.54 -70.99
C PHE O 15 3.06 -35.08 -71.52
N VAL O 16 4.06 -35.17 -70.63
CA VAL O 16 5.31 -35.84 -70.92
C VAL O 16 5.57 -36.99 -69.94
N GLY O 17 5.39 -36.73 -68.65
CA GLY O 17 5.72 -37.72 -67.64
C GLY O 17 5.44 -37.16 -66.25
N ASN O 18 5.60 -38.03 -65.25
CA ASN O 18 5.58 -37.61 -63.86
C ASN O 18 6.92 -37.96 -63.23
N ILE O 19 7.66 -36.94 -62.81
CA ILE O 19 8.99 -37.17 -62.25
C ILE O 19 8.90 -37.68 -60.82
N ALA O 20 7.98 -37.12 -60.04
CA ALA O 20 7.79 -37.55 -58.65
C ALA O 20 7.34 -39.00 -58.57
N GLU O 21 6.45 -39.40 -59.47
CA GLU O 21 6.05 -40.80 -59.56
C GLU O 21 7.22 -41.68 -59.97
N ASP O 22 7.95 -41.29 -61.01
CA ASP O 22 9.10 -42.09 -61.45
C ASP O 22 10.18 -42.14 -60.37
N LEU O 23 10.33 -41.08 -59.60
CA LEU O 23 11.22 -41.11 -58.44
C LEU O 23 10.59 -41.78 -57.22
N GLY O 24 9.31 -42.10 -57.25
CA GLY O 24 8.69 -42.66 -56.07
C GLY O 24 8.54 -41.69 -54.91
N LEU O 25 8.55 -40.40 -55.20
CA LEU O 25 8.41 -39.39 -54.15
C LEU O 25 6.98 -39.28 -53.66
N ASP O 26 6.84 -38.94 -52.38
CA ASP O 26 5.53 -38.76 -51.77
C ASP O 26 4.89 -37.48 -52.28
N ILE O 27 3.89 -37.63 -53.15
CA ILE O 27 3.19 -36.49 -53.74
C ILE O 27 2.59 -35.59 -52.67
N THR O 28 2.20 -36.15 -51.52
CA THR O 28 1.63 -35.33 -50.46
C THR O 28 2.65 -34.44 -49.78
N LYS O 29 3.93 -34.76 -49.88
CA LYS O 29 4.97 -33.97 -49.20
C LYS O 29 5.64 -32.95 -50.11
N LEU O 30 5.36 -32.99 -51.42
CA LEU O 30 5.95 -32.06 -52.37
C LEU O 30 5.88 -30.62 -51.88
N SER O 31 4.66 -30.16 -51.56
CA SER O 31 4.50 -28.81 -51.01
C SER O 31 5.27 -28.66 -49.71
N ALA O 32 5.20 -29.67 -48.83
CA ALA O 32 5.92 -29.61 -47.57
C ALA O 32 7.43 -29.53 -47.80
N ARG O 33 7.93 -30.22 -48.81
CA ARG O 33 9.35 -30.19 -49.14
C ARG O 33 9.69 -29.14 -50.21
N GLY O 34 8.75 -28.27 -50.54
CA GLY O 34 8.98 -27.22 -51.53
C GLY O 34 9.51 -27.70 -52.85
N PHE O 35 8.94 -28.77 -53.38
CA PHE O 35 9.37 -29.35 -54.64
C PHE O 35 9.25 -28.34 -55.77
N GLN O 36 10.37 -28.02 -56.42
CA GLN O 36 10.34 -27.05 -57.52
C GLN O 36 11.61 -27.18 -58.34
N THR O 37 11.58 -26.57 -59.53
CA THR O 37 12.70 -26.59 -60.44
C THR O 37 13.82 -25.65 -59.98
N VAL O 38 15.05 -26.06 -60.21
CA VAL O 38 16.20 -25.23 -59.84
C VAL O 38 16.26 -24.01 -60.74
N PRO O 39 16.22 -22.82 -60.17
CA PRO O 39 16.24 -21.58 -60.94
C PRO O 39 17.28 -21.45 -62.03
N ASN O 40 18.36 -22.23 -61.97
CA ASN O 40 19.35 -22.21 -63.05
C ASN O 40 19.13 -23.32 -64.07
N SER O 41 17.90 -23.82 -64.20
CA SER O 41 17.64 -24.90 -65.14
C SER O 41 16.25 -24.81 -65.76
N ARG O 42 15.58 -23.67 -65.70
CA ARG O 42 14.21 -23.54 -66.16
C ARG O 42 14.20 -23.14 -67.63
N THR O 43 13.62 -23.98 -68.47
CA THR O 43 13.60 -23.73 -69.90
C THR O 43 12.16 -23.52 -70.38
N PRO O 44 11.95 -22.64 -71.35
CA PRO O 44 10.59 -22.21 -71.70
C PRO O 44 9.72 -23.32 -72.28
N TYR O 45 10.32 -24.37 -72.84
CA TYR O 45 9.54 -25.44 -73.43
C TYR O 45 8.79 -26.28 -72.41
N LEU O 46 9.12 -26.18 -71.12
CA LEU O 46 8.62 -27.14 -70.15
C LEU O 46 8.04 -26.43 -68.93
N ASP O 47 7.00 -27.05 -68.38
CA ASP O 47 6.34 -26.59 -67.17
C ASP O 47 5.95 -27.81 -66.34
N LEU O 48 5.75 -27.59 -65.05
CA LEU O 48 5.67 -28.65 -64.07
C LEU O 48 4.50 -28.42 -63.13
N ASN O 49 3.71 -29.47 -62.91
CA ASN O 49 2.67 -29.44 -61.89
C ASN O 49 3.33 -29.58 -60.53
N LEU O 50 3.40 -28.47 -59.80
CA LEU O 50 4.13 -28.41 -58.53
C LEU O 50 3.47 -29.20 -57.41
N GLU O 51 2.26 -29.73 -57.62
CA GLU O 51 1.59 -30.50 -56.59
C GLU O 51 1.34 -31.95 -56.97
N THR O 52 1.84 -32.40 -58.13
CA THR O 52 1.73 -33.78 -58.54
C THR O 52 2.98 -34.35 -59.18
N GLY O 53 3.89 -33.53 -59.68
CA GLY O 53 5.01 -34.02 -60.45
C GLY O 53 4.70 -34.32 -61.90
N VAL O 54 3.48 -34.05 -62.34
CA VAL O 54 3.15 -34.22 -63.75
C VAL O 54 3.87 -33.15 -64.56
N LEU O 55 4.60 -33.59 -65.57
CA LEU O 55 5.34 -32.72 -66.48
C LEU O 55 4.58 -32.58 -67.79
N TYR O 56 4.51 -31.35 -68.30
CA TYR O 56 3.78 -31.11 -69.54
C TYR O 56 4.49 -30.04 -70.35
N VAL O 57 4.24 -30.08 -71.65
CA VAL O 57 4.82 -29.12 -72.59
C VAL O 57 4.27 -27.72 -72.37
N ASN O 58 5.17 -26.74 -72.39
CA ASN O 58 4.83 -25.34 -72.17
C ASN O 58 4.83 -24.51 -73.45
N GLU O 59 5.68 -24.85 -74.41
CA GLU O 59 5.77 -24.10 -75.66
C GLU O 59 6.09 -25.06 -76.81
N LYS O 60 5.80 -24.62 -78.02
CA LYS O 60 6.30 -25.32 -79.20
C LYS O 60 7.81 -25.15 -79.33
N ILE O 61 8.43 -26.07 -80.06
CA ILE O 61 9.82 -26.44 -79.82
C ILE O 61 10.68 -26.09 -81.03
N ASP O 62 11.86 -25.53 -80.77
CA ASP O 62 12.97 -25.53 -81.71
C ASP O 62 14.11 -26.36 -81.10
N ARG O 63 14.47 -27.44 -81.77
CA ARG O 63 15.50 -28.36 -81.28
C ARG O 63 16.90 -27.85 -81.56
N GLU O 64 17.08 -27.04 -82.60
CA GLU O 64 18.32 -26.98 -83.34
C GLU O 64 19.43 -26.24 -82.60
N GLN O 65 19.10 -25.17 -81.88
CA GLN O 65 20.11 -24.24 -81.40
C GLN O 65 20.80 -24.68 -80.11
N ILE O 66 20.30 -25.70 -79.44
CA ILE O 66 20.49 -25.79 -77.99
C ILE O 66 21.77 -26.52 -77.57
N CYS O 67 22.27 -27.48 -78.35
CA CYS O 67 23.32 -28.38 -77.87
C CYS O 67 24.44 -28.54 -78.88
N LYS O 68 25.69 -28.45 -78.39
CA LYS O 68 26.87 -28.83 -79.14
C LYS O 68 27.95 -29.39 -78.21
N GLN O 69 27.72 -29.31 -76.90
CA GLN O 69 28.65 -29.91 -75.93
C GLN O 69 28.80 -31.41 -76.16
N SER O 70 27.85 -32.00 -76.86
CA SER O 70 27.83 -33.37 -77.33
C SER O 70 27.15 -33.34 -78.70
N PRO O 71 27.23 -34.40 -79.51
CA PRO O 71 26.65 -34.33 -80.86
C PRO O 71 25.14 -34.42 -80.89
N SER O 72 24.54 -35.06 -79.90
CA SER O 72 23.09 -35.08 -79.76
C SER O 72 22.60 -33.74 -79.19
N CYS O 73 21.29 -33.60 -79.04
CA CYS O 73 20.75 -32.49 -78.28
C CYS O 73 19.62 -32.95 -77.37
N VAL O 74 19.67 -32.49 -76.12
CA VAL O 74 18.75 -32.90 -75.07
C VAL O 74 18.51 -31.69 -74.16
N LEU O 75 17.29 -31.54 -73.70
CA LEU O 75 16.98 -30.52 -72.70
C LEU O 75 17.42 -31.00 -71.32
N HIS O 76 18.24 -30.20 -70.65
CA HIS O 76 18.46 -30.37 -69.22
C HIS O 76 17.27 -29.85 -68.43
N LEU O 77 16.90 -30.58 -67.39
CA LEU O 77 15.95 -30.11 -66.38
C LEU O 77 16.37 -30.67 -65.03
N GLU O 78 16.16 -29.88 -63.97
CA GLU O 78 16.45 -30.35 -62.62
C GLU O 78 15.37 -29.92 -61.65
N VAL O 79 15.19 -30.73 -60.61
CA VAL O 79 14.23 -30.49 -59.54
C VAL O 79 14.90 -30.84 -58.23
N PHE O 80 14.43 -30.23 -57.15
CA PHE O 80 15.06 -30.43 -55.85
C PHE O 80 13.99 -30.48 -54.77
N LEU O 81 14.40 -30.98 -53.61
CA LEU O 81 13.57 -31.00 -52.41
C LEU O 81 14.26 -30.30 -51.26
N GLU O 82 13.48 -29.61 -50.44
CA GLU O 82 13.99 -28.68 -49.45
C GLU O 82 14.34 -29.35 -48.14
N ASN O 83 13.58 -30.34 -47.72
CA ASN O 83 13.77 -30.87 -46.37
C ASN O 83 13.44 -32.35 -46.31
N PRO O 84 14.44 -33.20 -46.07
CA PRO O 84 15.87 -32.95 -46.24
C PRO O 84 16.22 -32.60 -47.69
N LEU O 85 17.42 -32.07 -47.91
CA LEU O 85 17.81 -31.62 -49.24
C LEU O 85 18.06 -32.81 -50.15
N GLU O 86 17.43 -32.82 -51.32
CA GLU O 86 17.66 -33.86 -52.32
C GLU O 86 17.55 -33.26 -53.71
N LEU O 87 18.28 -33.85 -54.66
CA LEU O 87 18.40 -33.30 -56.01
C LEU O 87 18.28 -34.39 -57.06
N PHE O 88 17.59 -34.06 -58.16
CA PHE O 88 17.37 -34.99 -59.27
C PHE O 88 17.45 -34.23 -60.59
N GLN O 89 17.89 -34.95 -61.62
CA GLN O 89 18.12 -34.40 -62.96
C GLN O 89 17.24 -35.15 -63.95
N VAL O 90 16.71 -34.43 -64.94
CA VAL O 90 15.81 -35.01 -65.92
C VAL O 90 16.26 -34.62 -67.31
N GLU O 91 16.31 -35.61 -68.21
CA GLU O 91 16.66 -35.42 -69.60
C GLU O 91 15.39 -35.48 -70.44
N ILE O 92 15.14 -34.43 -71.22
CA ILE O 92 14.01 -34.40 -72.13
C ILE O 92 14.57 -34.30 -73.54
N GLU O 93 14.68 -35.45 -74.20
CA GLU O 93 15.18 -35.53 -75.56
C GLU O 93 14.09 -35.08 -76.53
N VAL O 94 14.33 -33.99 -77.24
CA VAL O 94 13.43 -33.58 -78.31
C VAL O 94 13.64 -34.49 -79.51
N LEU O 95 12.60 -35.22 -79.88
CA LEU O 95 12.67 -36.12 -81.02
C LEU O 95 12.49 -35.34 -82.33
N ASP O 96 13.22 -35.76 -83.35
CA ASP O 96 12.75 -35.58 -84.72
C ASP O 96 11.59 -36.52 -85.01
N ILE O 97 10.50 -35.99 -85.55
CA ILE O 97 9.29 -36.79 -85.76
C ILE O 97 9.50 -37.69 -86.96
N ASN O 98 9.56 -39.00 -86.72
CA ASN O 98 9.74 -40.00 -87.77
C ASN O 98 8.49 -40.19 -88.61
N ASP O 99 7.34 -39.71 -88.14
CA ASP O 99 6.11 -39.72 -88.92
C ASP O 99 6.10 -38.70 -90.05
N ASN O 100 7.06 -37.78 -90.08
CA ASN O 100 7.08 -36.74 -91.11
C ASN O 100 7.53 -37.32 -92.44
N GLU P 1 91.05 -14.34 48.42
CA GLU P 1 90.23 -13.47 47.59
C GLU P 1 91.09 -12.76 46.55
N SER P 2 92.14 -12.11 47.07
CA SER P 2 92.92 -11.20 46.25
C SER P 2 93.60 -11.92 45.10
N ASP P 3 94.07 -13.15 45.34
CA ASP P 3 94.79 -13.86 44.30
C ASP P 3 93.87 -14.29 43.17
N LYS P 4 92.68 -14.77 43.51
CA LYS P 4 91.85 -15.47 42.54
C LYS P 4 90.54 -14.75 42.24
N THR P 5 90.51 -13.43 42.28
CA THR P 5 89.25 -12.74 42.06
C THR P 5 89.49 -11.50 41.22
N PHE P 6 88.95 -11.52 40.02
CA PHE P 6 89.30 -10.59 38.98
C PHE P 6 88.15 -9.64 38.66
N PRO P 7 88.38 -8.35 38.72
CA PRO P 7 87.32 -7.41 38.35
C PRO P 7 87.02 -7.45 36.86
N ILE P 8 85.79 -7.08 36.54
CA ILE P 8 85.40 -6.77 35.16
C ILE P 8 85.35 -5.26 35.02
N MET P 9 86.00 -4.75 33.99
CA MET P 9 86.06 -3.33 33.72
C MET P 9 85.02 -2.92 32.70
N LEU P 10 84.72 -1.64 32.69
CA LEU P 10 83.93 -1.04 31.62
C LEU P 10 84.28 0.43 31.57
N ASN P 11 84.86 0.86 30.45
CA ASN P 11 85.33 2.23 30.29
C ASN P 11 86.28 2.60 31.41
N GLY P 12 87.01 1.62 31.92
CA GLY P 12 87.87 1.86 33.06
C GLY P 12 87.17 1.82 34.39
N GLN P 13 85.92 1.38 34.45
CA GLN P 13 85.21 1.25 35.70
C GLN P 13 84.90 -0.21 35.99
N VAL P 14 85.17 -0.62 37.24
CA VAL P 14 84.79 -1.95 37.69
C VAL P 14 83.29 -1.97 37.91
N ASN P 15 82.62 -2.99 37.35
CA ASN P 15 81.19 -3.14 37.55
C ASN P 15 80.85 -4.54 38.04
N GLY P 16 81.84 -5.35 38.35
CA GLY P 16 81.60 -6.65 38.96
C GLY P 16 82.91 -7.35 39.21
N TYR P 17 82.81 -8.58 39.71
CA TYR P 17 83.98 -9.39 39.95
C TYR P 17 83.72 -10.80 39.44
N ALA P 18 84.73 -11.40 38.83
CA ALA P 18 84.67 -12.78 38.38
C ALA P 18 85.52 -13.68 39.26
N CYS P 19 85.08 -14.93 39.38
CA CYS P 19 85.66 -15.89 40.31
C CYS P 19 85.90 -17.21 39.59
N VAL P 20 87.06 -17.81 39.85
CA VAL P 20 87.40 -19.12 39.32
C VAL P 20 87.25 -20.16 40.41
N VAL P 21 86.23 -21.00 40.28
CA VAL P 21 85.85 -21.97 41.29
C VAL P 21 85.82 -23.35 40.66
N GLY P 22 86.39 -24.32 41.36
CA GLY P 22 86.30 -25.70 40.93
C GLY P 22 86.90 -25.95 39.56
N GLY P 23 87.88 -25.15 39.16
CA GLY P 23 88.49 -25.27 37.86
C GLY P 23 87.75 -24.59 36.73
N ARG P 24 86.71 -23.82 37.04
CA ARG P 24 85.94 -23.14 36.01
C ARG P 24 85.70 -21.70 36.43
N LEU P 25 85.75 -20.81 35.45
CA LEU P 25 85.47 -19.41 35.66
C LEU P 25 83.98 -19.13 35.60
N MET P 26 83.53 -18.18 36.43
CA MET P 26 82.15 -17.75 36.38
C MET P 26 82.07 -16.23 36.46
N LYS P 27 81.08 -15.68 35.76
CA LYS P 27 80.84 -14.25 35.65
C LYS P 27 79.34 -14.06 35.58
N PRO P 28 78.80 -12.98 36.16
CA PRO P 28 77.35 -12.78 36.07
C PRO P 28 76.94 -12.04 34.81
N LEU P 29 75.73 -12.39 34.36
CA LEU P 29 75.29 -11.96 33.04
C LEU P 29 74.68 -10.56 33.04
N HIS P 30 74.07 -10.15 34.15
CA HIS P 30 73.51 -8.80 34.20
C HIS P 30 74.59 -7.73 34.09
N VAL P 31 75.81 -8.02 34.51
CA VAL P 31 76.89 -7.04 34.38
C VAL P 31 77.49 -7.15 33.00
N GLU P 32 77.83 -5.99 32.42
CA GLU P 32 78.46 -5.89 31.12
C GLU P 32 79.81 -5.21 31.26
N GLY P 33 80.86 -5.83 30.72
CA GLY P 33 82.17 -5.26 30.88
C GLY P 33 83.26 -6.10 30.26
N LYS P 34 84.50 -5.69 30.54
CA LYS P 34 85.71 -6.37 30.08
C LYS P 34 86.43 -7.00 31.27
N ILE P 35 86.68 -8.31 31.17
CA ILE P 35 87.45 -9.04 32.17
C ILE P 35 88.89 -8.54 32.19
N ASP P 36 89.44 -8.40 33.40
CA ASP P 36 90.79 -7.85 33.54
C ASP P 36 91.85 -8.76 32.93
N ASN P 37 91.85 -10.03 33.31
CA ASN P 37 92.89 -10.94 32.84
C ASN P 37 92.74 -11.23 31.35
N GLU P 38 93.83 -11.10 30.61
CA GLU P 38 93.77 -11.35 29.18
C GLU P 38 93.61 -12.83 28.89
N GLN P 39 94.26 -13.66 29.71
CA GLN P 39 94.22 -15.09 29.47
C GLN P 39 92.81 -15.63 29.58
N LEU P 40 91.99 -15.05 30.46
CA LEU P 40 90.61 -15.49 30.53
C LEU P 40 89.72 -14.80 29.53
N ALA P 41 90.22 -13.77 28.84
CA ALA P 41 89.41 -13.07 27.86
C ALA P 41 89.11 -13.94 26.66
N ALA P 42 89.92 -14.97 26.41
CA ALA P 42 89.74 -15.86 25.27
C ALA P 42 88.87 -17.07 25.59
N VAL P 43 88.40 -17.20 26.83
CA VAL P 43 87.53 -18.32 27.18
C VAL P 43 86.14 -18.09 26.61
N LYS P 44 85.62 -19.07 25.89
CA LYS P 44 84.26 -19.01 25.38
C LYS P 44 83.28 -19.29 26.51
N LEU P 45 82.45 -18.30 26.83
CA LEU P 45 81.61 -18.34 28.02
C LEU P 45 80.25 -18.94 27.69
N LYS P 46 80.05 -20.20 28.08
CA LYS P 46 78.73 -20.81 27.92
C LYS P 46 77.75 -20.17 28.88
N LYS P 47 76.60 -19.76 28.35
CA LYS P 47 75.67 -18.94 29.11
C LYS P 47 74.55 -19.82 29.67
N ALA P 48 74.22 -19.60 30.94
CA ALA P 48 73.08 -20.32 31.56
C ALA P 48 72.07 -19.26 31.99
N SER P 49 71.05 -19.00 31.17
CA SER P 49 70.09 -17.90 31.47
C SER P 49 69.48 -18.05 32.87
N MET P 50 69.08 -19.27 33.25
CA MET P 50 68.38 -19.44 34.55
C MET P 50 69.28 -18.94 35.68
N TYR P 51 70.60 -19.09 35.54
CA TYR P 51 71.52 -18.69 36.63
C TYR P 51 72.09 -17.30 36.35
N ASP P 52 71.64 -16.65 35.27
CA ASP P 52 72.12 -15.28 34.94
C ASP P 52 73.64 -15.26 35.14
N LEU P 53 74.34 -16.26 34.60
CA LEU P 53 75.80 -16.36 34.81
C LEU P 53 76.40 -17.18 33.67
N GLU P 54 77.61 -16.81 33.22
CA GLU P 54 78.28 -17.61 32.17
C GLU P 54 79.45 -18.38 32.81
N TYR P 55 79.68 -19.62 32.39
CA TYR P 55 80.79 -20.40 32.92
C TYR P 55 81.69 -20.85 31.78
N GLY P 56 82.96 -21.02 32.10
CA GLY P 56 83.94 -21.48 31.13
C GLY P 56 85.04 -22.26 31.81
N ASP P 57 85.73 -23.05 31.01
CA ASP P 57 86.83 -23.89 31.49
C ASP P 57 88.15 -23.14 31.38
N VAL P 58 88.80 -22.94 32.51
CA VAL P 58 90.04 -22.17 32.58
C VAL P 58 91.19 -22.98 31.98
N PRO P 59 92.27 -22.33 31.54
CA PRO P 59 93.38 -23.07 30.94
C PRO P 59 94.17 -23.88 31.97
N GLN P 60 95.11 -24.66 31.43
CA GLN P 60 95.86 -25.63 32.23
C GLN P 60 96.63 -24.98 33.37
N ASN P 61 97.27 -23.85 33.11
CA ASN P 61 98.11 -23.24 34.13
C ASN P 61 97.30 -22.87 35.36
N MET P 62 96.09 -22.38 35.15
CA MET P 62 95.29 -21.82 36.24
C MET P 62 94.26 -22.81 36.78
N LYS P 63 94.12 -23.98 36.18
CA LYS P 63 93.13 -24.92 36.67
C LYS P 63 93.56 -25.59 37.95
N SER P 64 94.86 -25.57 38.25
CA SER P 64 95.34 -26.12 39.51
C SER P 64 95.07 -25.19 40.67
N ASP P 65 95.10 -23.88 40.42
CA ASP P 65 94.98 -22.87 41.47
C ASP P 65 93.63 -22.17 41.42
N THR P 66 92.63 -22.75 42.07
CA THR P 66 91.26 -22.25 42.02
C THR P 66 90.65 -22.33 43.41
N LEU P 67 89.58 -21.58 43.63
CA LEU P 67 88.79 -21.73 44.83
C LEU P 67 87.91 -22.97 44.75
N GLN P 68 87.59 -23.51 45.91
CA GLN P 68 86.74 -24.69 46.01
C GLN P 68 85.36 -24.26 46.47
N TYR P 69 84.32 -24.75 45.79
CA TYR P 69 83.00 -24.59 46.37
C TYR P 69 82.80 -25.54 47.54
N THR P 70 81.70 -25.32 48.24
CA THR P 70 81.29 -26.16 49.34
C THR P 70 79.77 -26.28 49.29
N SER P 71 79.28 -27.37 49.86
CA SER P 71 77.86 -27.62 49.97
C SER P 71 77.34 -27.39 51.38
N ASP P 72 78.08 -27.83 52.38
CA ASP P 72 77.63 -27.74 53.75
C ASP P 72 77.66 -26.29 54.22
N LYS P 73 76.55 -25.84 54.82
CA LYS P 73 76.39 -24.46 55.28
C LYS P 73 75.89 -24.45 56.70
N PRO P 74 76.77 -24.60 57.68
CA PRO P 74 76.37 -24.39 59.07
C PRO P 74 75.89 -22.96 59.26
N PRO P 75 74.66 -22.77 59.74
CA PRO P 75 74.11 -21.43 59.87
C PRO P 75 74.92 -20.57 60.84
N GLY P 76 74.95 -19.27 60.55
CA GLY P 76 75.71 -18.35 61.37
C GLY P 76 76.27 -17.14 60.66
N PHE P 77 77.58 -16.93 60.78
CA PHE P 77 78.26 -15.80 60.17
C PHE P 77 79.28 -16.30 59.17
N TYR P 78 79.43 -15.58 58.08
CA TYR P 78 80.35 -15.95 57.01
C TYR P 78 81.16 -14.76 56.56
N ASN P 79 82.37 -15.06 56.10
CA ASN P 79 83.32 -14.05 55.67
C ASN P 79 82.91 -13.44 54.34
N TRP P 80 83.33 -12.20 54.14
CA TRP P 80 83.12 -11.51 52.88
C TRP P 80 84.09 -10.34 52.80
N HIS P 81 84.30 -9.87 51.56
CA HIS P 81 85.23 -8.77 51.32
C HIS P 81 84.91 -7.59 52.21
N HIS P 82 83.63 -7.37 52.46
CA HIS P 82 83.17 -6.27 53.30
C HIS P 82 82.85 -6.75 54.69
N GLY P 83 83.51 -7.82 55.14
CA GLY P 83 83.44 -8.23 56.52
C GLY P 83 82.70 -9.54 56.70
N ALA P 84 81.95 -9.65 57.79
CA ALA P 84 81.21 -10.87 58.07
C ALA P 84 79.79 -10.73 57.52
N VAL P 85 79.35 -11.73 56.77
CA VAL P 85 77.99 -11.81 56.28
C VAL P 85 77.24 -12.90 57.02
N GLN P 86 75.97 -12.64 57.27
CA GLN P 86 75.16 -13.39 58.22
C GLN P 86 74.22 -14.32 57.47
N TYR P 87 74.11 -15.56 57.95
CA TYR P 87 73.25 -16.56 57.35
C TYR P 87 72.32 -17.18 58.37
N GLU P 88 71.02 -17.07 58.12
CA GLU P 88 69.98 -17.76 58.87
C GLU P 88 68.79 -18.01 57.97
N ASN P 89 68.00 -19.02 58.35
CA ASN P 89 66.70 -19.30 57.73
C ASN P 89 66.79 -19.45 56.22
N GLY P 90 67.92 -20.00 55.75
CA GLY P 90 68.12 -20.15 54.29
C GLY P 90 68.12 -18.81 53.58
N ARG P 91 68.76 -17.79 54.18
CA ARG P 91 68.83 -16.44 53.56
C ARG P 91 70.13 -15.75 53.97
N PHE P 92 70.76 -15.00 53.05
CA PHE P 92 72.01 -14.27 53.36
C PHE P 92 71.72 -12.77 53.48
N THR P 93 72.07 -12.14 54.61
CA THR P 93 71.92 -10.71 54.71
C THR P 93 73.22 -10.13 55.20
N VAL P 94 73.29 -8.80 55.15
CA VAL P 94 74.43 -8.03 55.63
C VAL P 94 73.88 -6.83 56.37
N PRO P 95 74.64 -6.27 57.31
CA PRO P 95 74.23 -4.98 57.87
C PRO P 95 73.99 -3.98 56.75
N ARG P 96 72.92 -3.21 56.91
CA ARG P 96 72.47 -2.36 55.82
C ARG P 96 73.51 -1.31 55.48
N GLY P 97 73.56 -0.95 54.21
CA GLY P 97 74.53 0.01 53.74
C GLY P 97 75.88 -0.60 53.41
N VAL P 98 76.04 -1.90 53.58
CA VAL P 98 77.29 -2.58 53.26
C VAL P 98 77.09 -3.32 51.94
N GLY P 99 77.94 -3.05 50.98
CA GLY P 99 77.77 -3.58 49.64
C GLY P 99 76.89 -2.69 48.78
N GLY P 100 77.03 -2.85 47.47
CA GLY P 100 76.26 -2.05 46.56
C GLY P 100 76.52 -2.46 45.13
N LYS P 101 76.17 -1.57 44.21
CA LYS P 101 76.39 -1.85 42.80
C LYS P 101 77.87 -2.00 42.50
N GLY P 102 78.19 -2.92 41.59
CA GLY P 102 79.55 -3.22 41.24
C GLY P 102 80.21 -4.27 42.10
N ASP P 103 79.56 -4.71 43.16
CA ASP P 103 80.06 -5.78 44.01
C ASP P 103 79.58 -7.14 43.57
N SER P 104 78.87 -7.22 42.45
CA SER P 104 78.39 -8.51 41.96
C SER P 104 79.53 -9.44 41.62
N GLY P 105 79.32 -10.72 41.89
CA GLY P 105 80.29 -11.75 41.63
C GLY P 105 81.35 -11.93 42.68
N ARG P 106 81.32 -11.17 43.73
CA ARG P 106 82.26 -11.39 44.81
C ARG P 106 81.81 -12.64 45.57
N PRO P 107 82.68 -13.63 45.74
CA PRO P 107 82.28 -14.87 46.41
C PRO P 107 82.03 -14.67 47.89
N ILE P 108 81.23 -15.58 48.44
CA ILE P 108 81.05 -15.70 49.88
C ILE P 108 81.97 -16.79 50.40
N LEU P 109 82.77 -16.46 51.39
CA LEU P 109 83.81 -17.30 51.94
C LEU P 109 83.38 -17.94 53.25
N ASP P 110 83.94 -19.09 53.56
CA ASP P 110 83.69 -19.72 54.84
C ASP P 110 84.96 -19.74 55.69
N ASN P 111 84.89 -20.44 56.82
CA ASN P 111 85.99 -20.43 57.78
C ASN P 111 87.26 -21.01 57.19
N ARG P 112 87.14 -22.12 56.46
CA ARG P 112 88.28 -22.77 55.84
C ARG P 112 88.63 -22.20 54.48
N GLY P 113 88.11 -21.02 54.16
CA GLY P 113 88.49 -20.41 52.90
C GLY P 113 87.95 -21.16 51.71
N ARG P 114 86.67 -21.53 51.75
CA ARG P 114 86.03 -22.20 50.62
C ARG P 114 84.74 -21.47 50.32
N VAL P 115 84.34 -21.52 49.07
CA VAL P 115 83.21 -20.73 48.61
C VAL P 115 81.90 -21.46 48.86
N VAL P 116 80.91 -20.71 49.34
CA VAL P 116 79.59 -21.26 49.58
C VAL P 116 78.52 -20.59 48.73
N ALA P 117 78.75 -19.37 48.24
CA ALA P 117 77.79 -18.70 47.39
C ALA P 117 78.50 -17.58 46.65
N ILE P 118 77.82 -17.03 45.64
CA ILE P 118 78.30 -15.87 44.92
C ILE P 118 77.22 -14.80 44.93
N VAL P 119 77.58 -13.60 45.39
CA VAL P 119 76.63 -12.50 45.46
C VAL P 119 76.32 -11.99 44.07
N LEU P 120 75.04 -11.80 43.79
CA LEU P 120 74.56 -11.30 42.52
C LEU P 120 73.84 -9.96 42.63
N GLY P 121 73.09 -9.77 43.69
CA GLY P 121 72.36 -8.53 43.88
C GLY P 121 71.95 -8.38 45.33
N GLY P 122 71.17 -7.34 45.59
CA GLY P 122 70.68 -7.10 46.94
C GLY P 122 69.33 -6.45 46.93
N ALA P 123 68.61 -6.63 48.04
CA ALA P 123 67.46 -5.80 48.37
C ALA P 123 67.71 -5.12 49.71
N ASN P 124 67.69 -3.79 49.72
CA ASN P 124 67.86 -3.06 51.01
C ASN P 124 66.55 -3.17 51.82
N GLU P 125 66.59 -3.87 52.95
CA GLU P 125 65.36 -4.08 53.76
C GLU P 125 65.36 -3.14 54.97
N GLY P 126 66.11 -2.03 54.88
CA GLY P 126 66.12 -1.03 55.97
C GLY P 126 67.00 -1.43 57.13
N THR P 127 66.64 -2.50 57.85
CA THR P 127 67.50 -2.97 58.97
C THR P 127 68.75 -3.64 58.39
N ARG P 128 68.58 -4.44 57.33
CA ARG P 128 69.73 -5.17 56.73
C ARG P 128 69.65 -5.06 55.20
N THR P 129 70.43 -5.88 54.49
CA THR P 129 70.36 -5.88 53.01
C THR P 129 70.25 -7.34 52.53
N ALA P 130 69.04 -7.79 52.20
CA ALA P 130 68.85 -9.16 51.68
C ALA P 130 69.69 -9.32 50.42
N LEU P 131 70.44 -10.42 50.30
CA LEU P 131 71.36 -10.57 49.14
C LEU P 131 70.85 -11.68 48.21
N SER P 132 70.54 -11.34 46.95
CA SER P 132 70.15 -12.38 45.97
C SER P 132 71.42 -13.12 45.56
N VAL P 133 71.60 -14.38 45.99
CA VAL P 133 72.89 -15.07 45.72
C VAL P 133 72.64 -16.49 45.21
N VAL P 134 73.52 -16.99 44.34
CA VAL P 134 73.43 -18.38 43.90
C VAL P 134 74.17 -19.24 44.90
N THR P 135 73.60 -20.39 45.23
CA THR P 135 74.14 -21.28 46.24
C THR P 135 74.12 -22.71 45.76
N TRP P 136 74.84 -23.54 46.49
CA TRP P 136 74.87 -24.97 46.28
C TRP P 136 73.82 -25.62 47.17
N ASN P 137 73.78 -26.95 47.19
CA ASN P 137 72.85 -27.65 48.07
C ASN P 137 73.39 -29.03 48.39
N GLN P 138 72.78 -29.65 49.40
CA GLN P 138 73.23 -30.95 49.87
C GLN P 138 73.12 -31.98 48.78
N LYS P 139 72.08 -31.89 47.98
CA LYS P 139 71.90 -32.82 46.88
C LYS P 139 72.68 -32.39 45.65
N GLY P 140 73.71 -31.57 45.82
CA GLY P 140 74.51 -31.12 44.70
C GLY P 140 73.69 -30.29 43.74
N VAL P 141 72.88 -29.40 44.28
CA VAL P 141 71.88 -28.67 43.51
C VAL P 141 72.24 -27.20 43.57
N THR P 142 72.26 -26.56 42.41
CA THR P 142 72.52 -25.13 42.36
C THR P 142 71.21 -24.37 42.37
N ILE P 143 71.07 -23.43 43.31
CA ILE P 143 69.82 -22.72 43.54
C ILE P 143 70.07 -21.22 43.60
N LYS P 144 69.19 -20.45 42.96
CA LYS P 144 69.39 -18.97 42.91
C LYS P 144 68.53 -18.31 43.99
N ASP P 145 69.07 -18.22 45.21
CA ASP P 145 68.32 -17.56 46.32
C ASP P 145 68.11 -16.09 45.95
N THR P 146 66.86 -15.66 45.81
CA THR P 146 66.55 -14.25 45.49
C THR P 146 65.41 -13.75 46.38
N PRO P 147 65.65 -12.80 47.31
CA PRO P 147 64.59 -12.25 48.14
C PRO P 147 63.67 -11.33 47.32
N GLU P 148 62.48 -11.03 47.84
CA GLU P 148 61.54 -10.14 47.13
C GLU P 148 62.19 -8.77 46.94
N GLY P 149 62.02 -8.16 45.76
CA GLY P 149 62.60 -6.83 45.50
C GLY P 149 64.09 -6.91 45.19
N SER P 150 64.57 -8.08 44.77
CA SER P 150 66.01 -8.26 44.48
C SER P 150 66.47 -7.23 43.45
N GLU P 151 67.53 -6.49 43.74
CA GLU P 151 68.10 -5.53 42.76
C GLU P 151 69.46 -6.05 42.31
N PRO P 152 69.62 -6.49 41.03
CA PRO P 152 70.89 -7.08 40.59
C PRO P 152 72.02 -6.08 40.57
N TRP P 153 72.99 -6.22 41.48
CA TRP P 153 74.01 -5.20 41.61
C TRP P 153 74.93 -5.18 40.40
#